data_8QAV
#
_entry.id   8QAV
#
_cell.length_a   1.00
_cell.length_b   1.00
_cell.length_c   1.00
_cell.angle_alpha   90.00
_cell.angle_beta   90.00
_cell.angle_gamma   90.00
#
_symmetry.space_group_name_H-M   'P 1'
#
loop_
_entity.id
_entity.type
_entity.pdbx_description
1 polymer 'Imidazoleglycerol-phosphate dehydratase'
2 non-polymer 'MANGANESE (II) ION'
3 non-polymer '(2S,3S)-2,3-dihydroxy-3-(1H-imidazol-5-yl)propyl dihydrogen phosphate'
4 water water
#
_entity_poly.entity_id   1
_entity_poly.type   'polypeptide(L)'
_entity_poly.pdbx_seq_one_letter_code
;PTFPIDSGARIGEMKRVTKETNVSVKINLDGTGVADNSSGIPFLDHMLDQLASHGLFDVHVKATGDTHIDDHHTNEDVAL
AIGTALLQALGDRKGINRFGNFSAPLDEALVHVSLDLSGRPHLGYDLNIPTQRVGKYDTQLVEHFFQSLVNTSGMTLHIR
QFSGTNSHHIIEATFKAFARALRQATEYDTRRRGTIPSSKGVLSRS
;
_entity_poly.pdbx_strand_id   A,B,C,D,E,F,G,H,I,J,K,L,M,N,O,P,Q,R,S,T,V,W,X,Y
#
loop_
_chem_comp.id
_chem_comp.type
_chem_comp.name
_chem_comp.formula
IG2 non-polymer '(2S,3S)-2,3-dihydroxy-3-(1H-imidazol-5-yl)propyl dihydrogen phosphate' 'C6 H11 N2 O6 P'
MN non-polymer 'MANGANESE (II) ION' 'Mn 2'
#
# COMPACT_ATOMS: atom_id res chain seq x y z
N ALA A 9 -8.70 -32.36 59.00
CA ALA A 9 -7.75 -31.90 57.99
C ALA A 9 -7.82 -32.78 56.74
N ARG A 10 -7.85 -32.15 55.58
CA ARG A 10 -8.00 -32.83 54.31
C ARG A 10 -6.60 -33.11 53.74
N ILE A 11 -6.21 -34.39 53.73
CA ILE A 11 -4.85 -34.79 53.38
C ILE A 11 -4.89 -35.80 52.24
N GLY A 12 -4.12 -35.55 51.18
CA GLY A 12 -4.07 -36.44 50.04
C GLY A 12 -2.66 -36.92 49.76
N GLU A 13 -2.56 -38.13 49.18
CA GLU A 13 -1.31 -38.86 49.03
C GLU A 13 -1.27 -39.55 47.65
N MET A 14 -0.07 -39.85 47.16
CA MET A 14 0.14 -40.52 45.88
C MET A 14 1.58 -41.04 45.78
N LYS A 15 1.75 -42.25 45.24
CA LYS A 15 3.05 -42.81 44.91
C LYS A 15 2.97 -43.45 43.53
N ARG A 16 3.95 -43.18 42.68
CA ARG A 16 3.97 -43.67 41.30
C ARG A 16 5.39 -44.07 40.92
N VAL A 17 5.56 -45.28 40.40
CA VAL A 17 6.86 -45.79 39.96
C VAL A 17 6.74 -46.32 38.54
N THR A 18 7.60 -45.85 37.64
CA THR A 18 7.70 -46.39 36.30
C THR A 18 9.17 -46.65 35.97
N LYS A 19 9.42 -47.05 34.73
CA LYS A 19 10.76 -47.29 34.23
C LYS A 19 11.56 -46.00 34.01
N GLU A 20 10.95 -44.83 34.13
CA GLU A 20 11.64 -43.55 34.03
C GLU A 20 11.90 -42.89 35.39
N THR A 21 10.93 -42.94 36.31
CA THR A 21 10.93 -42.07 37.50
C THR A 21 10.38 -42.82 38.71
N ASN A 22 10.62 -42.25 39.89
CA ASN A 22 10.08 -42.70 41.17
C ASN A 22 9.67 -41.45 41.95
N VAL A 23 8.38 -41.34 42.32
CA VAL A 23 7.79 -40.10 42.85
C VAL A 23 6.91 -40.40 44.07
N SER A 24 7.07 -39.60 45.14
CA SER A 24 6.16 -39.58 46.29
C SER A 24 5.72 -38.15 46.65
N VAL A 25 4.42 -37.95 46.93
CA VAL A 25 3.83 -36.61 47.12
C VAL A 25 2.82 -36.65 48.27
N LYS A 26 2.78 -35.58 49.09
CA LYS A 26 1.77 -35.41 50.15
C LYS A 26 1.37 -33.95 50.34
N ILE A 27 0.05 -33.67 50.39
CA ILE A 27 -0.50 -32.31 50.45
C ILE A 27 -1.55 -32.19 51.56
N ASN A 28 -1.47 -31.12 52.36
CA ASN A 28 -2.46 -30.79 53.40
C ASN A 28 -3.13 -29.46 53.04
N LEU A 29 -4.46 -29.48 52.92
CA LEU A 29 -5.20 -28.27 52.53
C LEU A 29 -5.48 -27.34 53.70
N ASP A 30 -5.30 -27.79 54.94
CA ASP A 30 -5.50 -26.92 56.09
C ASP A 30 -4.21 -26.71 56.87
N GLY A 31 -3.14 -26.25 56.19
CA GLY A 31 -1.81 -26.27 56.76
C GLY A 31 -1.36 -24.93 57.32
N THR A 32 -0.07 -24.89 57.68
CA THR A 32 0.56 -23.68 58.20
C THR A 32 1.75 -23.20 57.37
N GLY A 33 1.92 -23.73 56.16
CA GLY A 33 3.01 -23.29 55.31
C GLY A 33 4.35 -23.99 55.50
N VAL A 34 4.34 -25.30 55.74
CA VAL A 34 5.57 -26.08 55.87
C VAL A 34 5.93 -26.65 54.50
N ALA A 35 7.18 -26.46 54.08
CA ALA A 35 7.65 -26.89 52.76
C ALA A 35 8.85 -27.80 52.89
N ASP A 36 8.85 -28.91 52.14
CA ASP A 36 9.97 -29.85 52.11
C ASP A 36 10.01 -30.50 50.71
N ASN A 37 10.69 -29.84 49.78
CA ASN A 37 10.59 -30.16 48.35
C ASN A 37 11.96 -30.52 47.79
N SER A 38 12.13 -31.77 47.40
CA SER A 38 13.41 -32.27 46.92
C SER A 38 13.13 -33.13 45.68
N SER A 39 12.92 -32.47 44.57
CA SER A 39 12.88 -33.14 43.28
C SER A 39 14.30 -33.13 42.72
N GLY A 40 14.48 -33.62 41.51
CA GLY A 40 15.81 -33.45 40.96
C GLY A 40 16.08 -32.11 40.29
N ILE A 41 15.15 -31.17 40.33
CA ILE A 41 15.17 -29.97 39.51
C ILE A 41 15.17 -28.76 40.44
N PRO A 42 16.30 -28.07 40.59
CA PRO A 42 16.43 -27.03 41.64
C PRO A 42 15.54 -25.81 41.48
N PHE A 43 15.32 -25.33 40.26
CA PHE A 43 14.43 -24.18 40.05
C PHE A 43 12.98 -24.53 40.33
N LEU A 44 12.54 -25.76 40.03
CA LEU A 44 11.18 -26.17 40.35
C LEU A 44 10.96 -26.28 41.86
N ASP A 45 12.00 -26.63 42.63
CA ASP A 45 11.88 -26.62 44.09
C ASP A 45 11.60 -25.22 44.63
N HIS A 46 12.24 -24.20 44.04
CA HIS A 46 12.03 -22.81 44.44
C HIS A 46 10.59 -22.34 44.15
N MET A 47 9.98 -22.80 43.05
CA MET A 47 8.58 -22.44 42.77
C MET A 47 7.59 -23.18 43.69
N LEU A 48 7.86 -24.45 44.02
CA LEU A 48 6.97 -25.17 44.92
C LEU A 48 6.98 -24.61 46.34
N ASP A 49 8.07 -23.96 46.77
CA ASP A 49 8.07 -23.27 48.05
C ASP A 49 7.12 -22.08 48.08
N GLN A 50 6.87 -21.45 46.92
CA GLN A 50 5.92 -20.34 46.87
C GLN A 50 4.51 -20.82 47.11
N LEU A 51 4.20 -22.04 46.69
CA LEU A 51 2.87 -22.59 46.88
C LEU A 51 2.58 -22.81 48.36
N ALA A 52 3.59 -23.18 49.15
CA ALA A 52 3.40 -23.28 50.59
C ALA A 52 3.35 -21.92 51.28
N SER A 53 4.17 -20.98 50.81
CA SER A 53 4.36 -19.73 51.54
C SER A 53 3.19 -18.75 51.34
N HIS A 54 2.63 -18.68 50.14
CA HIS A 54 1.55 -17.75 49.87
C HIS A 54 0.17 -18.39 49.88
N GLY A 55 0.09 -19.71 49.77
CA GLY A 55 -1.20 -20.36 49.89
C GLY A 55 -1.48 -20.99 51.25
N LEU A 56 -0.46 -21.10 52.09
CA LEU A 56 -0.50 -21.71 53.43
C LEU A 56 -0.84 -23.21 53.39
N PHE A 57 -0.49 -23.92 52.32
CA PHE A 57 -0.57 -25.37 52.29
C PHE A 57 0.69 -25.99 52.89
N ASP A 58 0.58 -27.26 53.31
CA ASP A 58 1.75 -28.10 53.59
C ASP A 58 2.03 -28.97 52.35
N VAL A 59 3.26 -28.90 51.82
CA VAL A 59 3.62 -29.55 50.57
C VAL A 59 4.93 -30.33 50.73
N HIS A 60 4.94 -31.60 50.32
CA HIS A 60 6.13 -32.44 50.42
C HIS A 60 6.31 -33.28 49.15
N VAL A 61 7.45 -33.13 48.46
CA VAL A 61 7.76 -33.84 47.21
C VAL A 61 9.13 -34.51 47.31
N LYS A 62 9.21 -35.80 46.91
CA LYS A 62 10.48 -36.51 46.76
C LYS A 62 10.51 -37.24 45.41
N ALA A 63 11.58 -37.04 44.62
CA ALA A 63 11.63 -37.60 43.28
C ALA A 63 13.06 -37.85 42.80
N THR A 64 13.24 -38.96 42.08
CA THR A 64 14.45 -39.23 41.30
C THR A 64 14.05 -39.77 39.92
N GLY A 65 14.87 -39.48 38.91
CA GLY A 65 14.52 -39.79 37.54
C GLY A 65 15.69 -39.89 36.59
N ASP A 66 15.42 -39.64 35.32
CA ASP A 66 16.40 -39.85 34.25
C ASP A 66 16.89 -38.52 33.67
N THR A 67 17.45 -37.69 34.53
CA THR A 67 17.80 -36.33 34.15
C THR A 67 19.05 -36.22 33.27
N HIS A 68 19.71 -37.34 32.92
CA HIS A 68 20.79 -37.23 31.96
C HIS A 68 20.32 -37.23 30.50
N ILE A 69 19.07 -37.62 30.22
CA ILE A 69 18.45 -37.31 28.93
C ILE A 69 18.08 -35.82 28.93
N ASP A 70 16.99 -35.45 29.60
CA ASP A 70 16.72 -34.06 29.99
C ASP A 70 15.84 -34.03 31.24
N ASP A 71 15.21 -32.89 31.53
CA ASP A 71 14.33 -32.74 32.68
C ASP A 71 12.85 -33.03 32.39
N HIS A 72 12.51 -33.41 31.14
CA HIS A 72 11.12 -33.48 30.68
C HIS A 72 10.31 -34.56 31.41
N HIS A 73 10.83 -35.79 31.49
CA HIS A 73 10.03 -36.87 32.08
C HIS A 73 9.84 -36.68 33.59
N THR A 74 10.86 -36.17 34.29
CA THR A 74 10.74 -35.87 35.72
C THR A 74 9.76 -34.72 35.99
N ASN A 75 9.74 -33.69 35.11
CA ASN A 75 8.80 -32.56 35.26
C ASN A 75 7.35 -33.01 35.06
N GLU A 76 7.11 -33.89 34.10
CA GLU A 76 5.77 -34.39 33.81
C GLU A 76 5.23 -35.32 34.92
N ASP A 77 6.05 -36.24 35.43
CA ASP A 77 5.54 -37.20 36.41
C ASP A 77 5.23 -36.55 37.77
N VAL A 78 6.02 -35.55 38.17
CA VAL A 78 5.74 -34.82 39.41
C VAL A 78 4.40 -34.07 39.32
N ALA A 79 4.15 -33.43 38.18
CA ALA A 79 2.90 -32.67 37.99
C ALA A 79 1.67 -33.58 38.02
N LEU A 80 1.75 -34.77 37.41
CA LEU A 80 0.64 -35.72 37.46
C LEU A 80 0.36 -36.18 38.89
N ALA A 81 1.40 -36.37 39.70
CA ALA A 81 1.22 -36.86 41.06
C ALA A 81 0.53 -35.81 41.95
N ILE A 82 0.85 -34.53 41.77
CA ILE A 82 0.23 -33.45 42.54
C ILE A 82 -1.27 -33.33 42.20
N GLY A 83 -1.65 -33.53 40.93
CA GLY A 83 -3.06 -33.46 40.57
C GLY A 83 -3.91 -34.54 41.21
N THR A 84 -3.37 -35.77 41.26
CA THR A 84 -4.07 -36.90 41.87
C THR A 84 -4.28 -36.68 43.38
N ALA A 85 -3.24 -36.20 44.08
CA ALA A 85 -3.32 -35.98 45.52
C ALA A 85 -4.30 -34.87 45.90
N LEU A 86 -4.43 -33.85 45.05
CA LEU A 86 -5.40 -32.79 45.28
C LEU A 86 -6.83 -33.30 45.13
N LEU A 87 -7.07 -34.16 44.13
CA LEU A 87 -8.41 -34.73 43.94
C LEU A 87 -8.81 -35.66 45.09
N GLN A 88 -7.85 -36.36 45.69
CA GLN A 88 -8.14 -37.22 46.84
C GLN A 88 -8.38 -36.39 48.11
N ALA A 89 -7.67 -35.28 48.28
CA ALA A 89 -7.87 -34.44 49.45
C ALA A 89 -9.23 -33.74 49.46
N LEU A 90 -9.80 -33.43 48.29
CA LEU A 90 -11.03 -32.64 48.23
C LEU A 90 -12.28 -33.47 48.50
N GLY A 91 -12.35 -34.70 48.01
CA GLY A 91 -13.45 -35.58 48.36
C GLY A 91 -14.79 -35.18 47.77
N ASP A 92 -15.79 -35.05 48.65
CA ASP A 92 -17.16 -34.78 48.22
C ASP A 92 -17.33 -33.37 47.66
N ARG A 93 -16.56 -32.40 48.21
CA ARG A 93 -16.58 -30.96 47.88
C ARG A 93 -17.86 -30.27 48.38
N LYS A 94 -18.35 -30.67 49.54
CA LYS A 94 -19.55 -30.07 50.13
C LYS A 94 -19.17 -28.82 50.92
N GLY A 95 -19.83 -27.70 50.62
CA GLY A 95 -19.67 -26.49 51.42
C GLY A 95 -18.48 -25.60 51.14
N ILE A 96 -17.79 -25.76 50.01
CA ILE A 96 -16.62 -24.93 49.72
C ILE A 96 -17.01 -23.75 48.83
N ASN A 97 -16.10 -22.78 48.70
CA ASN A 97 -16.33 -21.61 47.85
C ASN A 97 -16.36 -21.97 46.36
N ARG A 98 -15.53 -22.93 45.95
CA ARG A 98 -15.43 -23.54 44.61
C ARG A 98 -14.78 -22.64 43.54
N PHE A 99 -14.84 -21.31 43.65
CA PHE A 99 -14.24 -20.37 42.68
C PHE A 99 -13.14 -19.53 43.35
N GLY A 100 -12.13 -19.12 42.58
CA GLY A 100 -11.07 -18.25 43.07
C GLY A 100 -10.49 -17.36 41.99
N ASN A 101 -9.96 -16.20 42.40
CA ASN A 101 -9.60 -15.11 41.49
C ASN A 101 -8.61 -14.15 42.14
N PHE A 102 -7.48 -13.85 41.47
CA PHE A 102 -6.45 -12.96 42.03
C PHE A 102 -5.43 -12.48 40.98
N SER A 103 -4.94 -11.24 41.14
CA SER A 103 -3.83 -10.70 40.33
C SER A 103 -2.66 -10.28 41.22
N ALA A 104 -1.44 -10.67 40.83
CA ALA A 104 -0.22 -10.47 41.66
C ALA A 104 0.99 -9.92 40.90
N PRO A 105 1.64 -8.88 41.43
CA PRO A 105 2.86 -8.34 40.78
C PRO A 105 4.19 -8.79 41.39
N LEU A 106 5.26 -8.66 40.61
CA LEU A 106 6.64 -8.76 41.11
C LEU A 106 7.49 -7.79 40.28
N ASP A 107 7.81 -6.63 40.88
CA ASP A 107 8.38 -5.46 40.20
C ASP A 107 7.55 -5.06 38.99
N GLU A 108 8.11 -5.18 37.77
CA GLU A 108 7.44 -4.74 36.55
C GLU A 108 6.51 -5.79 35.92
N ALA A 109 6.43 -7.01 36.45
CA ALA A 109 5.53 -8.05 35.94
C ALA A 109 4.19 -8.06 36.67
N LEU A 110 3.14 -8.52 35.97
CA LEU A 110 1.79 -8.69 36.53
C LEU A 110 1.00 -9.75 35.76
N VAL A 111 0.40 -10.71 36.50
CA VAL A 111 -0.33 -11.87 35.96
C VAL A 111 -1.69 -12.02 36.67
N HIS A 112 -2.74 -12.34 35.91
CA HIS A 112 -4.12 -12.53 36.39
C HIS A 112 -4.50 -14.02 36.28
N VAL A 113 -5.11 -14.57 37.34
CA VAL A 113 -5.50 -15.98 37.43
C VAL A 113 -6.95 -16.12 37.87
N SER A 114 -7.75 -16.97 37.19
CA SER A 114 -9.03 -17.43 37.74
C SER A 114 -9.29 -18.91 37.42
N LEU A 115 -9.95 -19.60 38.35
CA LEU A 115 -10.14 -21.05 38.29
C LEU A 115 -11.48 -21.48 38.89
N ASP A 116 -11.89 -22.72 38.60
CA ASP A 116 -13.15 -23.31 39.09
C ASP A 116 -12.99 -24.81 39.23
N LEU A 117 -13.31 -25.33 40.42
CA LEU A 117 -13.10 -26.75 40.73
C LEU A 117 -14.33 -27.56 40.28
N SER A 118 -14.37 -27.82 38.98
CA SER A 118 -15.60 -28.20 38.29
C SER A 118 -15.77 -29.68 38.02
N GLY A 119 -14.69 -30.44 37.84
CA GLY A 119 -14.74 -31.77 37.30
C GLY A 119 -14.53 -31.84 35.80
N ARG A 120 -14.34 -30.72 35.12
CA ARG A 120 -14.12 -30.65 33.67
C ARG A 120 -12.75 -30.00 33.41
N PRO A 121 -11.79 -30.73 32.84
CA PRO A 121 -10.44 -30.17 32.63
C PRO A 121 -10.34 -29.24 31.43
N HIS A 122 -9.64 -28.12 31.60
CA HIS A 122 -9.35 -27.18 30.52
C HIS A 122 -8.24 -26.21 30.94
N LEU A 123 -7.32 -25.91 30.02
CA LEU A 123 -6.28 -24.92 30.25
C LEU A 123 -6.30 -23.83 29.18
N GLY A 124 -6.36 -22.58 29.60
CA GLY A 124 -6.09 -21.42 28.75
C GLY A 124 -4.81 -20.72 29.17
N TYR A 125 -3.82 -20.65 28.29
CA TYR A 125 -2.46 -20.23 28.62
C TYR A 125 -2.02 -19.12 27.69
N ASP A 126 -1.61 -18.00 28.26
CA ASP A 126 -1.31 -16.80 27.51
C ASP A 126 -0.16 -16.03 28.19
N LEU A 127 1.05 -16.57 28.10
CA LEU A 127 2.26 -15.94 28.61
C LEU A 127 3.26 -15.74 27.48
N ASN A 128 4.18 -14.81 27.67
CA ASN A 128 5.19 -14.52 26.65
C ASN A 128 6.57 -14.43 27.30
N ILE A 129 7.27 -15.55 27.39
CA ILE A 129 8.53 -15.67 28.13
C ILE A 129 9.69 -15.44 27.15
N PRO A 130 10.50 -14.41 27.34
CA PRO A 130 11.42 -13.95 26.29
C PRO A 130 12.78 -14.64 26.17
N THR A 131 13.18 -15.57 27.05
CA THR A 131 14.42 -16.33 26.87
C THR A 131 14.15 -17.82 26.92
N GLN A 132 15.14 -18.62 26.53
CA GLN A 132 14.95 -20.07 26.42
C GLN A 132 15.35 -20.84 27.69
N ARG A 133 16.23 -20.29 28.52
CA ARG A 133 16.69 -20.93 29.75
C ARG A 133 16.74 -19.90 30.88
N VAL A 134 16.38 -20.32 32.10
CA VAL A 134 16.48 -19.39 33.22
C VAL A 134 17.79 -19.67 33.96
N GLY A 135 17.97 -20.86 34.49
CA GLY A 135 19.29 -21.28 34.92
C GLY A 135 19.69 -22.48 34.09
N LYS A 136 19.50 -23.67 34.63
CA LYS A 136 19.50 -24.88 33.80
C LYS A 136 18.10 -25.29 33.33
N TYR A 137 17.02 -24.64 33.79
CA TYR A 137 15.64 -25.05 33.53
C TYR A 137 15.13 -24.55 32.17
N ASP A 138 14.53 -25.44 31.40
CA ASP A 138 13.97 -25.16 30.07
C ASP A 138 12.60 -24.50 30.18
N THR A 139 12.38 -23.39 29.46
CA THR A 139 11.17 -22.57 29.67
C THR A 139 9.89 -23.09 29.00
N GLN A 140 9.97 -24.03 28.04
CA GLN A 140 8.77 -24.72 27.55
C GLN A 140 8.14 -25.64 28.60
N LEU A 141 8.84 -25.97 29.69
CA LEU A 141 8.28 -26.88 30.68
C LEU A 141 7.28 -26.21 31.63
N VAL A 142 7.19 -24.87 31.64
CA VAL A 142 6.19 -24.18 32.46
C VAL A 142 4.78 -24.52 31.98
N GLU A 143 4.55 -24.45 30.67
CA GLU A 143 3.24 -24.80 30.13
C GLU A 143 2.92 -26.29 30.28
N HIS A 144 3.92 -27.18 30.14
CA HIS A 144 3.68 -28.61 30.28
C HIS A 144 3.32 -28.97 31.74
N PHE A 145 3.87 -28.23 32.71
CA PHE A 145 3.56 -28.49 34.12
C PHE A 145 2.07 -28.26 34.42
N PHE A 146 1.52 -27.12 33.97
CA PHE A 146 0.14 -26.78 34.25
C PHE A 146 -0.85 -27.66 33.47
N GLN A 147 -0.50 -28.12 32.27
CA GLN A 147 -1.39 -29.00 31.50
C GLN A 147 -1.54 -30.39 32.12
N SER A 148 -0.44 -30.96 32.66
CA SER A 148 -0.53 -32.23 33.38
C SER A 148 -1.29 -32.10 34.71
N LEU A 149 -1.19 -30.96 35.40
CA LEU A 149 -1.89 -30.77 36.66
C LEU A 149 -3.41 -30.69 36.47
N VAL A 150 -3.89 -30.00 35.43
CA VAL A 150 -5.34 -29.93 35.26
C VAL A 150 -5.94 -31.24 34.73
N ASN A 151 -5.15 -32.11 34.08
CA ASN A 151 -5.72 -33.35 33.54
C ASN A 151 -6.02 -34.37 34.64
N THR A 152 -5.19 -34.46 35.69
CA THR A 152 -5.48 -35.40 36.76
C THR A 152 -6.41 -34.84 37.82
N SER A 153 -6.42 -33.53 38.06
CA SER A 153 -7.28 -32.92 39.07
C SER A 153 -8.67 -32.55 38.56
N GLY A 154 -8.87 -32.40 37.26
CA GLY A 154 -10.16 -31.97 36.73
C GLY A 154 -10.58 -30.54 36.98
N MET A 155 -9.69 -29.57 36.82
CA MET A 155 -10.05 -28.18 37.05
C MET A 155 -10.03 -27.35 35.76
N THR A 156 -10.84 -26.29 35.75
CA THR A 156 -10.83 -25.25 34.72
C THR A 156 -9.86 -24.13 35.16
N LEU A 157 -8.89 -23.79 34.31
CA LEU A 157 -7.85 -22.82 34.68
C LEU A 157 -7.54 -21.84 33.55
N HIS A 158 -7.48 -20.54 33.87
CA HIS A 158 -7.12 -19.48 32.92
C HIS A 158 -5.98 -18.63 33.50
N ILE A 159 -4.93 -18.38 32.69
CA ILE A 159 -3.72 -17.64 33.08
C ILE A 159 -3.43 -16.58 32.00
N ARG A 160 -3.31 -15.30 32.40
CA ARG A 160 -3.14 -14.22 31.42
C ARG A 160 -2.18 -13.11 31.88
N GLN A 161 -1.22 -12.73 31.03
CA GLN A 161 -0.17 -11.75 31.37
C GLN A 161 -0.60 -10.32 31.01
N PHE A 162 -0.42 -9.40 31.95
CA PHE A 162 -0.71 -7.97 31.77
C PHE A 162 0.52 -7.12 31.44
N SER A 163 1.71 -7.43 31.99
CA SER A 163 2.97 -6.74 31.68
C SER A 163 4.14 -7.60 32.17
N GLY A 164 5.35 -7.21 31.81
CA GLY A 164 6.56 -7.85 32.32
C GLY A 164 7.63 -8.06 31.26
N THR A 165 8.89 -8.07 31.72
CA THR A 165 10.09 -8.14 30.89
C THR A 165 11.10 -9.23 31.33
N ASN A 166 11.41 -9.35 32.63
CA ASN A 166 12.38 -10.33 33.12
C ASN A 166 11.73 -11.72 33.26
N SER A 167 12.42 -12.77 32.77
CA SER A 167 11.84 -14.12 32.74
C SER A 167 11.67 -14.73 34.14
N HIS A 168 12.63 -14.51 35.04
CA HIS A 168 12.50 -14.98 36.42
C HIS A 168 11.31 -14.31 37.12
N HIS A 169 11.09 -13.03 36.86
CA HIS A 169 9.98 -12.32 37.50
C HIS A 169 8.61 -12.83 37.01
N ILE A 170 8.48 -13.13 35.71
CA ILE A 170 7.20 -13.56 35.12
C ILE A 170 6.74 -14.91 35.67
N ILE A 171 7.65 -15.89 35.74
CA ILE A 171 7.29 -17.22 36.22
C ILE A 171 6.95 -17.20 37.71
N GLU A 172 7.74 -16.48 38.53
CA GLU A 172 7.49 -16.45 39.97
C GLU A 172 6.19 -15.72 40.31
N ALA A 173 5.76 -14.76 39.49
CA ALA A 173 4.48 -14.09 39.73
C ALA A 173 3.28 -14.96 39.37
N THR A 174 3.43 -15.85 38.38
CA THR A 174 2.40 -16.83 38.07
C THR A 174 2.14 -17.76 39.26
N PHE A 175 3.21 -18.31 39.85
CA PHE A 175 3.06 -19.23 40.99
C PHE A 175 2.56 -18.53 42.27
N LYS A 176 2.76 -17.22 42.41
CA LYS A 176 2.19 -16.49 43.53
C LYS A 176 0.68 -16.28 43.38
N ALA A 177 0.24 -15.82 42.20
CA ALA A 177 -1.19 -15.61 41.95
C ALA A 177 -1.99 -16.92 41.97
N PHE A 178 -1.43 -18.01 41.41
CA PHE A 178 -2.07 -19.33 41.47
C PHE A 178 -2.29 -19.79 42.92
N ALA A 179 -1.31 -19.54 43.81
CA ALA A 179 -1.43 -19.96 45.21
C ALA A 179 -2.56 -19.24 45.93
N ARG A 180 -2.72 -17.94 45.70
CA ARG A 180 -3.76 -17.19 46.39
C ARG A 180 -5.15 -17.51 45.83
N ALA A 181 -5.26 -17.81 44.54
CA ALA A 181 -6.57 -18.18 43.99
C ALA A 181 -6.98 -19.59 44.42
N LEU A 182 -6.03 -20.52 44.58
CA LEU A 182 -6.39 -21.85 45.04
C LEU A 182 -6.79 -21.86 46.52
N ARG A 183 -6.17 -20.99 47.34
CA ARG A 183 -6.54 -20.89 48.75
C ARG A 183 -7.98 -20.41 48.91
N GLN A 184 -8.42 -19.49 48.04
CA GLN A 184 -9.78 -18.99 48.09
C GLN A 184 -10.81 -20.08 47.75
N ALA A 185 -10.53 -20.91 46.75
CA ALA A 185 -11.51 -21.87 46.27
C ALA A 185 -11.69 -23.08 47.18
N THR A 186 -10.72 -23.42 48.03
CA THR A 186 -10.80 -24.58 48.91
C THR A 186 -11.28 -24.25 50.32
N GLU A 187 -11.50 -22.99 50.65
CA GLU A 187 -11.97 -22.65 51.99
C GLU A 187 -13.48 -22.80 52.12
N TYR A 188 -13.92 -23.04 53.37
CA TYR A 188 -15.34 -23.23 53.65
C TYR A 188 -16.11 -21.92 53.57
N ASP A 189 -17.25 -21.98 52.89
CA ASP A 189 -18.16 -20.84 52.74
C ASP A 189 -19.14 -20.82 53.90
N THR A 190 -18.84 -20.03 54.93
CA THR A 190 -19.83 -19.71 55.95
C THR A 190 -20.91 -18.83 55.31
N ARG A 191 -22.17 -19.28 55.37
CA ARG A 191 -23.16 -18.81 54.41
C ARG A 191 -23.60 -17.38 54.69
N ARG A 192 -24.37 -16.84 53.75
CA ARG A 192 -24.87 -15.49 53.88
C ARG A 192 -25.99 -15.40 54.93
N ALA B 9 59.90 17.61 26.57
CA ALA B 9 58.97 17.75 25.46
C ALA B 9 58.98 16.51 24.58
N ARG B 10 57.80 16.04 24.21
CA ARG B 10 57.64 14.82 23.44
C ARG B 10 57.59 15.19 21.95
N ILE B 11 58.64 14.83 21.21
CA ILE B 11 58.80 15.26 19.82
C ILE B 11 58.98 14.04 18.92
N GLY B 12 58.20 13.94 17.85
CA GLY B 12 58.28 12.83 16.93
C GLY B 12 58.55 13.31 15.51
N GLU B 13 59.23 12.44 14.73
CA GLU B 13 59.77 12.78 13.42
C GLU B 13 59.56 11.60 12.45
N MET B 14 59.55 11.89 11.15
CA MET B 14 59.38 10.89 10.10
C MET B 14 59.79 11.48 8.74
N LYS B 15 60.48 10.68 7.92
CA LYS B 15 60.79 11.00 6.54
C LYS B 15 60.53 9.78 5.68
N ARG B 16 59.84 9.96 4.55
CA ARG B 16 59.47 8.86 3.66
C ARG B 16 59.61 9.31 2.21
N VAL B 17 60.32 8.53 1.40
CA VAL B 17 60.52 8.81 -0.02
C VAL B 17 60.15 7.58 -0.83
N THR B 18 59.28 7.75 -1.82
CA THR B 18 58.96 6.71 -2.78
C THR B 18 59.03 7.27 -4.19
N LYS B 19 58.65 6.44 -5.16
CA LYS B 19 58.60 6.85 -6.56
C LYS B 19 57.43 7.78 -6.87
N GLU B 20 56.52 8.03 -5.93
CA GLU B 20 55.43 8.98 -6.10
C GLU B 20 55.66 10.30 -5.39
N THR B 21 56.20 10.28 -4.17
CA THR B 21 56.16 11.44 -3.26
C THR B 21 57.45 11.53 -2.45
N ASN B 22 57.65 12.70 -1.84
CA ASN B 22 58.74 12.98 -0.90
C ASN B 22 58.15 13.80 0.25
N VAL B 23 58.24 13.30 1.49
CA VAL B 23 57.50 13.84 2.64
C VAL B 23 58.42 13.95 3.87
N SER B 24 58.37 15.10 4.57
CA SER B 24 58.98 15.29 5.89
C SER B 24 58.00 15.90 6.89
N VAL B 25 57.96 15.38 8.13
CA VAL B 25 56.96 15.74 9.14
C VAL B 25 57.62 15.85 10.52
N LYS B 26 57.20 16.84 11.33
CA LYS B 26 57.64 16.97 12.73
C LYS B 26 56.53 17.52 13.63
N ILE B 27 56.30 16.87 14.79
CA ILE B 27 55.20 17.20 15.71
C ILE B 27 55.71 17.31 17.15
N ASN B 28 55.28 18.37 17.86
CA ASN B 28 55.57 18.58 19.28
C ASN B 28 54.26 18.54 20.07
N LEU B 29 54.18 17.64 21.05
CA LEU B 29 52.94 17.49 21.83
C LEU B 29 52.83 18.50 22.97
N ASP B 30 53.91 19.20 23.32
CA ASP B 30 53.84 20.21 24.37
C ASP B 30 54.14 21.60 23.82
N GLY B 31 53.41 22.03 22.78
CA GLY B 31 53.77 23.20 22.02
C GLY B 31 53.00 24.46 22.40
N THR B 32 53.20 25.50 21.58
CA THR B 32 52.52 26.78 21.76
C THR B 32 51.68 27.19 20.55
N GLY B 33 51.43 26.28 19.62
CA GLY B 33 50.62 26.60 18.45
C GLY B 33 51.33 27.23 17.28
N VAL B 34 52.54 26.78 16.97
CA VAL B 34 53.29 27.26 15.80
C VAL B 34 52.99 26.34 14.63
N ALA B 35 52.63 26.93 13.48
CA ALA B 35 52.24 26.18 12.29
C ALA B 35 53.09 26.57 11.10
N ASP B 36 53.58 25.59 10.35
CA ASP B 36 54.37 25.83 9.13
C ASP B 36 54.11 24.66 8.16
N ASN B 37 53.05 24.78 7.37
CA ASN B 37 52.50 23.66 6.60
C ASN B 37 52.51 23.98 5.11
N SER B 38 53.32 23.25 4.36
CA SER B 38 53.50 23.51 2.93
C SER B 38 53.49 22.15 2.22
N SER B 39 52.31 21.61 2.04
CA SER B 39 52.13 20.45 1.18
C SER B 39 51.85 20.96 -0.22
N GLY B 40 51.56 20.08 -1.16
CA GLY B 40 51.14 20.63 -2.43
C GLY B 40 49.67 20.97 -2.55
N ILE B 41 48.90 20.86 -1.48
CA ILE B 41 47.44 20.90 -1.52
C ILE B 41 46.97 22.05 -0.63
N PRO B 42 46.51 23.16 -1.22
CA PRO B 42 46.25 24.39 -0.43
C PRO B 42 45.14 24.30 0.60
N PHE B 43 44.04 23.60 0.30
CA PHE B 43 42.96 23.44 1.27
C PHE B 43 43.37 22.57 2.45
N LEU B 44 44.20 21.55 2.22
CA LEU B 44 44.69 20.73 3.32
C LEU B 44 45.63 21.50 4.24
N ASP B 45 46.38 22.47 3.71
CA ASP B 45 47.20 23.34 4.56
C ASP B 45 46.34 24.16 5.53
N HIS B 46 45.19 24.65 5.06
CA HIS B 46 44.26 25.41 5.90
C HIS B 46 43.68 24.56 7.04
N MET B 47 43.43 23.26 6.80
CA MET B 47 42.93 22.39 7.87
C MET B 47 44.04 22.03 8.88
N LEU B 48 45.27 21.83 8.41
CA LEU B 48 46.37 21.52 9.34
C LEU B 48 46.71 22.69 10.26
N ASP B 49 46.44 23.94 9.84
CA ASP B 49 46.60 25.08 10.73
C ASP B 49 45.61 25.05 11.89
N GLN B 50 44.43 24.45 11.70
CA GLN B 50 43.47 24.35 12.79
C GLN B 50 43.97 23.41 13.87
N LEU B 51 44.73 22.39 13.48
CA LEU B 51 45.26 21.44 14.45
C LEU B 51 46.27 22.11 15.37
N ALA B 52 47.04 23.07 14.86
CA ALA B 52 47.94 23.83 15.72
C ALA B 52 47.21 24.86 16.57
N SER B 53 46.18 25.50 16.00
CA SER B 53 45.57 26.66 16.64
C SER B 53 44.63 26.26 17.78
N HIS B 54 43.88 25.18 17.63
CA HIS B 54 42.93 24.77 18.65
C HIS B 54 43.43 23.63 19.53
N GLY B 55 44.45 22.91 19.10
CA GLY B 55 45.03 21.89 19.96
C GLY B 55 46.31 22.30 20.67
N LEU B 56 46.90 23.42 20.26
CA LEU B 56 48.16 23.97 20.78
C LEU B 56 49.36 23.04 20.53
N PHE B 57 49.35 22.25 19.47
CA PHE B 57 50.53 21.52 19.04
C PHE B 57 51.41 22.39 18.14
N ASP B 58 52.69 22.01 18.02
CA ASP B 58 53.57 22.52 16.96
C ASP B 58 53.59 21.50 15.81
N VAL B 59 53.26 21.95 14.60
CA VAL B 59 53.09 21.07 13.44
C VAL B 59 53.85 21.62 12.24
N HIS B 60 54.66 20.78 11.59
CA HIS B 60 55.45 21.19 10.42
C HIS B 60 55.42 20.10 9.35
N VAL B 61 54.93 20.43 8.14
CA VAL B 61 54.82 19.49 7.01
C VAL B 61 55.46 20.09 5.76
N LYS B 62 56.29 19.30 5.06
CA LYS B 62 56.82 19.65 3.74
C LYS B 62 56.66 18.48 2.78
N ALA B 63 56.07 18.72 1.60
CA ALA B 63 55.77 17.63 0.67
C ALA B 63 55.75 18.09 -0.78
N THR B 64 56.25 17.22 -1.67
CA THR B 64 56.06 17.34 -3.11
C THR B 64 55.71 15.97 -3.69
N GLY B 65 54.92 15.96 -4.76
CA GLY B 65 54.39 14.72 -5.30
C GLY B 65 53.96 14.79 -6.75
N ASP B 66 53.03 13.92 -7.11
CA ASP B 66 52.62 13.74 -8.51
C ASP B 66 51.21 14.29 -8.75
N THR B 67 51.02 15.57 -8.47
CA THR B 67 49.69 16.16 -8.49
C THR B 67 49.14 16.41 -9.89
N HIS B 68 49.87 16.08 -10.96
CA HIS B 68 49.27 16.18 -12.28
C HIS B 68 48.43 14.96 -12.66
N ILE B 69 48.56 13.83 -11.96
CA ILE B 69 47.56 12.76 -12.03
C ILE B 69 46.32 13.22 -11.24
N ASP B 70 46.38 13.15 -9.91
CA ASP B 70 45.45 13.87 -9.03
C ASP B 70 46.11 14.14 -7.67
N ASP B 71 45.32 14.46 -6.66
CA ASP B 71 45.82 14.73 -5.31
C ASP B 71 45.87 13.50 -4.40
N HIS B 72 45.46 12.32 -4.90
CA HIS B 72 45.22 11.13 -4.07
C HIS B 72 46.51 10.61 -3.41
N HIS B 73 47.58 10.41 -4.19
CA HIS B 73 48.78 9.80 -3.61
C HIS B 73 49.48 10.75 -2.62
N THR B 74 49.48 12.06 -2.89
CA THR B 74 50.04 13.03 -1.95
C THR B 74 49.22 13.13 -0.66
N ASN B 75 47.88 13.03 -0.76
CA ASN B 75 47.01 13.06 0.43
C ASN B 75 47.23 11.84 1.33
N GLU B 76 47.40 10.67 0.72
CA GLU B 76 47.63 9.43 1.47
C GLU B 76 49.00 9.38 2.16
N ASP B 77 50.07 9.79 1.47
CA ASP B 77 51.41 9.67 2.05
C ASP B 77 51.64 10.64 3.21
N VAL B 78 51.06 11.85 3.14
CA VAL B 78 51.16 12.80 4.24
C VAL B 78 50.45 12.27 5.50
N ALA B 79 49.27 11.67 5.32
CA ALA B 79 48.51 11.13 6.46
C ALA B 79 49.25 9.97 7.14
N LEU B 80 49.88 9.09 6.37
CA LEU B 80 50.66 8.01 6.95
C LEU B 80 51.85 8.53 7.76
N ALA B 81 52.49 9.61 7.29
CA ALA B 81 53.66 10.14 7.98
C ALA B 81 53.29 10.77 9.33
N ILE B 82 52.14 11.44 9.41
CA ILE B 82 51.67 12.04 10.66
C ILE B 82 51.34 10.96 11.71
N GLY B 83 50.78 9.82 11.28
CA GLY B 83 50.48 8.76 12.23
C GLY B 83 51.72 8.14 12.87
N THR B 84 52.77 7.95 12.07
CA THR B 84 54.03 7.39 12.55
C THR B 84 54.70 8.33 13.57
N ALA B 85 54.72 9.64 13.27
CA ALA B 85 55.36 10.61 14.16
C ALA B 85 54.64 10.76 15.49
N LEU B 86 53.31 10.61 15.49
CA LEU B 86 52.55 10.65 16.74
C LEU B 86 52.86 9.44 17.61
N LEU B 87 52.99 8.25 17.00
CA LEU B 87 53.31 7.04 17.77
C LEU B 87 54.72 7.11 18.36
N GLN B 88 55.67 7.77 17.68
CA GLN B 88 57.01 7.92 18.23
C GLN B 88 57.05 8.97 19.35
N ALA B 89 56.24 10.03 19.24
CA ALA B 89 56.21 11.05 20.29
C ALA B 89 55.61 10.53 21.60
N LEU B 90 54.68 9.57 21.54
CA LEU B 90 53.96 9.14 22.74
C LEU B 90 54.77 8.17 23.59
N GLY B 91 55.51 7.24 22.99
CA GLY B 91 56.40 6.39 23.74
C GLY B 91 55.70 5.36 24.63
N ASP B 92 56.08 5.38 25.91
CA ASP B 92 55.57 4.38 26.86
C ASP B 92 54.09 4.57 27.17
N ARG B 93 53.62 5.83 27.17
CA ARG B 93 52.25 6.28 27.51
C ARG B 93 51.93 6.12 29.00
N LYS B 94 52.91 6.38 29.86
CA LYS B 94 52.72 6.30 31.30
C LYS B 94 52.15 7.62 31.83
N GLY B 95 51.05 7.53 32.56
CA GLY B 95 50.51 8.69 33.26
C GLY B 95 49.64 9.65 32.47
N ILE B 96 49.15 9.29 31.29
CA ILE B 96 48.33 10.20 30.50
C ILE B 96 46.84 9.93 30.74
N ASN B 97 45.99 10.85 30.27
CA ASN B 97 44.54 10.71 30.41
C ASN B 97 43.99 9.57 29.54
N ARG B 98 44.57 9.36 28.35
CA ARG B 98 44.31 8.29 27.39
C ARG B 98 42.99 8.42 26.61
N PHE B 99 41.95 9.06 27.16
CA PHE B 99 40.65 9.25 26.50
C PHE B 99 40.36 10.73 26.26
N GLY B 100 39.61 11.05 25.21
CA GLY B 100 39.19 12.42 24.91
C GLY B 100 37.86 12.49 24.19
N ASN B 101 37.15 13.61 24.38
CA ASN B 101 35.74 13.75 23.99
C ASN B 101 35.34 15.22 23.86
N PHE B 102 34.74 15.62 22.72
CA PHE B 102 34.35 17.03 22.50
C PHE B 102 33.39 17.19 21.31
N SER B 103 32.47 18.17 21.42
CA SER B 103 31.59 18.58 20.32
C SER B 103 31.77 20.06 19.99
N ALA B 104 31.91 20.39 18.69
CA ALA B 104 32.24 21.75 18.23
C ALA B 104 31.39 22.27 17.06
N PRO B 105 30.85 23.49 17.17
CA PRO B 105 30.06 24.07 16.06
C PRO B 105 30.80 25.07 15.18
N LEU B 106 30.29 25.29 13.97
CA LEU B 106 30.68 26.41 13.11
C LEU B 106 29.43 26.85 12.33
N ASP B 107 28.81 27.95 12.78
CA ASP B 107 27.49 28.42 12.37
C ASP B 107 26.46 27.31 12.53
N GLU B 108 25.88 26.82 11.42
CA GLU B 108 24.80 25.82 11.46
C GLU B 108 25.29 24.37 11.52
N ALA B 109 26.60 24.10 11.45
CA ALA B 109 27.13 22.75 11.53
C ALA B 109 27.53 22.39 12.97
N LEU B 110 27.49 21.08 13.29
CA LEU B 110 27.91 20.53 14.58
C LEU B 110 28.33 19.06 14.46
N VAL B 111 29.53 18.72 14.99
CA VAL B 111 30.16 17.40 14.89
C VAL B 111 30.66 16.95 16.29
N HIS B 112 30.47 15.67 16.62
CA HIS B 112 30.85 15.04 17.88
C HIS B 112 32.00 14.05 17.65
N VAL B 113 33.05 14.10 18.48
CA VAL B 113 34.25 13.27 18.36
C VAL B 113 34.59 12.61 19.69
N SER B 114 34.87 11.29 19.67
CA SER B 114 35.54 10.64 20.81
C SER B 114 36.57 9.59 20.37
N LEU B 115 37.65 9.46 21.14
CA LEU B 115 38.81 8.64 20.77
C LEU B 115 39.47 8.01 21.99
N ASP B 116 40.32 6.99 21.75
CA ASP B 116 41.04 6.27 22.79
C ASP B 116 42.37 5.77 22.24
N LEU B 117 43.47 6.09 22.94
CA LEU B 117 44.82 5.77 22.46
C LEU B 117 45.19 4.35 22.93
N SER B 118 44.68 3.37 22.20
CA SER B 118 44.57 2.00 22.69
C SER B 118 45.63 1.04 22.18
N GLY B 119 46.18 1.25 20.99
CA GLY B 119 46.96 0.25 20.31
C GLY B 119 46.18 -0.62 19.35
N ARG B 120 44.87 -0.41 19.22
CA ARG B 120 44.00 -1.17 18.31
C ARG B 120 43.35 -0.21 17.31
N PRO B 121 43.66 -0.31 16.02
CA PRO B 121 43.11 0.64 15.04
C PRO B 121 41.66 0.36 14.65
N HIS B 122 40.85 1.42 14.56
CA HIS B 122 39.47 1.34 14.08
C HIS B 122 38.94 2.73 13.75
N LEU B 123 38.20 2.84 12.66
CA LEU B 123 37.52 4.09 12.28
C LEU B 123 36.02 3.89 12.11
N GLY B 124 35.22 4.69 12.79
CA GLY B 124 33.80 4.85 12.53
C GLY B 124 33.50 6.23 11.97
N TYR B 125 32.96 6.30 10.76
CA TYR B 125 32.84 7.53 10.00
C TYR B 125 31.40 7.72 9.54
N ASP B 126 30.81 8.86 9.88
CA ASP B 126 29.40 9.11 9.65
C ASP B 126 29.18 10.61 9.36
N LEU B 127 29.60 11.05 8.18
CA LEU B 127 29.41 12.41 7.70
C LEU B 127 28.62 12.39 6.39
N ASN B 128 27.98 13.50 6.07
CA ASN B 128 27.19 13.61 4.85
C ASN B 128 27.52 14.92 4.13
N ILE B 129 28.51 14.88 3.25
CA ILE B 129 29.05 16.08 2.59
C ILE B 129 28.34 16.27 1.26
N PRO B 130 27.62 17.37 1.06
CA PRO B 130 26.67 17.47 -0.06
C PRO B 130 27.19 17.92 -1.42
N THR B 131 28.47 18.30 -1.59
CA THR B 131 29.02 18.60 -2.91
C THR B 131 30.27 17.77 -3.17
N GLN B 132 30.73 17.77 -4.42
CA GLN B 132 31.86 16.92 -4.81
C GLN B 132 33.22 17.62 -4.72
N ARG B 133 33.26 18.94 -4.81
CA ARG B 133 34.49 19.73 -4.75
C ARG B 133 34.29 20.95 -3.86
N VAL B 134 35.32 21.32 -3.09
CA VAL B 134 35.20 22.53 -2.28
C VAL B 134 35.87 23.68 -3.02
N GLY B 135 37.16 23.58 -3.28
CA GLY B 135 37.78 24.48 -4.24
C GLY B 135 38.30 23.64 -5.38
N LYS B 136 39.59 23.32 -5.36
CA LYS B 136 40.11 22.24 -6.18
C LYS B 136 40.15 20.88 -5.47
N TYR B 137 39.85 20.82 -4.16
CA TYR B 137 40.01 19.61 -3.34
C TYR B 137 38.81 18.66 -3.48
N ASP B 138 39.10 17.38 -3.70
CA ASP B 138 38.10 16.32 -3.86
C ASP B 138 37.59 15.85 -2.49
N THR B 139 36.26 15.76 -2.32
CA THR B 139 35.68 15.53 -0.99
C THR B 139 35.69 14.07 -0.50
N GLN B 140 35.92 13.07 -1.38
CA GLN B 140 36.18 11.71 -0.91
C GLN B 140 37.52 11.56 -0.18
N LEU B 141 38.42 12.54 -0.27
CA LEU B 141 39.72 12.41 0.38
C LEU B 141 39.69 12.73 1.88
N VAL B 142 38.59 13.28 2.40
CA VAL B 142 38.46 13.51 3.84
C VAL B 142 38.44 12.18 4.59
N GLU B 143 37.63 11.23 4.12
CA GLU B 143 37.58 9.92 4.76
C GLU B 143 38.88 9.13 4.58
N HIS B 144 39.55 9.25 3.43
CA HIS B 144 40.81 8.54 3.22
C HIS B 144 41.93 9.09 4.14
N PHE B 145 41.88 10.38 4.45
CA PHE B 145 42.89 10.98 5.34
C PHE B 145 42.83 10.36 6.74
N PHE B 146 41.62 10.26 7.32
CA PHE B 146 41.48 9.74 8.67
C PHE B 146 41.74 8.23 8.75
N GLN B 147 41.45 7.47 7.70
CA GLN B 147 41.70 6.02 7.72
C GLN B 147 43.20 5.69 7.69
N SER B 148 43.99 6.44 6.91
CA SER B 148 45.45 6.27 6.93
C SER B 148 46.08 6.71 8.26
N LEU B 149 45.54 7.74 8.91
CA LEU B 149 46.08 8.21 10.19
C LEU B 149 45.87 7.19 11.31
N VAL B 150 44.70 6.54 11.38
CA VAL B 150 44.51 5.57 12.46
C VAL B 150 45.28 4.26 12.22
N ASN B 151 45.64 3.93 10.97
CA ASN B 151 46.35 2.67 10.72
C ASN B 151 47.80 2.72 11.19
N THR B 152 48.49 3.87 11.05
CA THR B 152 49.86 3.93 11.52
C THR B 152 49.98 4.30 12.99
N SER B 153 49.03 5.05 13.56
CA SER B 153 49.09 5.44 14.96
C SER B 153 48.46 4.43 15.92
N GLY B 154 47.59 3.55 15.45
CA GLY B 154 46.91 2.61 16.33
C GLY B 154 45.87 3.18 17.28
N MET B 155 45.00 4.06 16.81
CA MET B 155 43.98 4.63 17.69
C MET B 155 42.56 4.20 17.27
N THR B 156 41.66 4.17 18.26
CA THR B 156 40.22 4.01 18.07
C THR B 156 39.57 5.39 17.90
N LEU B 157 38.83 5.60 16.81
CA LEU B 157 38.27 6.92 16.51
C LEU B 157 36.83 6.84 16.01
N HIS B 158 35.94 7.68 16.56
CA HIS B 158 34.54 7.78 16.14
C HIS B 158 34.19 9.24 15.83
N ILE B 159 33.55 9.49 14.66
CA ILE B 159 33.19 10.81 14.16
C ILE B 159 31.72 10.79 13.72
N ARG B 160 30.90 11.70 14.26
CA ARG B 160 29.45 11.68 13.98
C ARG B 160 28.83 13.07 13.84
N GLN B 161 28.05 13.30 12.76
CA GLN B 161 27.46 14.60 12.44
C GLN B 161 26.07 14.76 13.07
N PHE B 162 25.85 15.91 13.73
CA PHE B 162 24.57 16.26 14.34
C PHE B 162 23.70 17.20 13.48
N SER B 163 24.30 18.14 12.72
CA SER B 163 23.58 19.03 11.80
C SER B 163 24.60 19.68 10.84
N GLY B 164 24.10 20.37 9.83
CA GLY B 164 24.95 21.15 8.93
C GLY B 164 24.55 21.03 7.47
N THR B 165 24.84 22.10 6.71
CA THR B 165 24.45 22.27 5.31
C THR B 165 25.63 22.67 4.38
N ASN B 166 26.47 23.64 4.77
CA ASN B 166 27.58 24.10 3.93
C ASN B 166 28.79 23.15 4.05
N SER B 167 29.39 22.78 2.90
CA SER B 167 30.47 21.79 2.89
C SER B 167 31.76 22.30 3.54
N HIS B 168 32.12 23.57 3.33
CA HIS B 168 33.28 24.15 3.99
C HIS B 168 33.10 24.18 5.51
N HIS B 169 31.89 24.46 5.99
CA HIS B 169 31.65 24.52 7.43
C HIS B 169 31.76 23.12 8.08
N ILE B 170 31.26 22.07 7.40
CA ILE B 170 31.25 20.71 7.97
C ILE B 170 32.66 20.16 8.16
N ILE B 171 33.53 20.32 7.15
CA ILE B 171 34.89 19.79 7.25
C ILE B 171 35.71 20.55 8.29
N GLU B 172 35.60 21.89 8.33
CA GLU B 172 36.39 22.67 9.28
C GLU B 172 35.95 22.43 10.73
N ALA B 173 34.68 22.07 10.96
CA ALA B 173 34.24 21.75 12.32
C ALA B 173 34.72 20.39 12.79
N THR B 174 34.89 19.43 11.86
CA THR B 174 35.50 18.15 12.19
C THR B 174 36.94 18.32 12.69
N PHE B 175 37.75 19.11 11.97
CA PHE B 175 39.14 19.33 12.37
C PHE B 175 39.28 20.16 13.66
N LYS B 176 38.29 20.98 14.01
CA LYS B 176 38.31 21.68 15.29
C LYS B 176 38.02 20.75 16.47
N ALA B 177 36.96 19.93 16.36
CA ALA B 177 36.62 18.99 17.43
C ALA B 177 37.69 17.91 17.63
N PHE B 178 38.28 17.40 16.54
CA PHE B 178 39.38 16.44 16.63
C PHE B 178 40.58 17.02 17.40
N ALA B 179 40.90 18.30 17.18
CA ALA B 179 42.03 18.93 17.85
C ALA B 179 41.83 19.03 19.35
N ARG B 180 40.62 19.38 19.79
CA ARG B 180 40.37 19.53 21.22
C ARG B 180 40.28 18.17 21.92
N ALA B 181 39.80 17.13 21.24
CA ALA B 181 39.76 15.81 21.86
C ALA B 181 41.15 15.19 21.94
N LEU B 182 42.03 15.45 20.97
CA LEU B 182 43.39 14.91 21.04
C LEU B 182 44.22 15.61 22.12
N ARG B 183 43.98 16.91 22.34
CA ARG B 183 44.69 17.63 23.40
C ARG B 183 44.35 17.07 24.78
N GLN B 184 43.09 16.66 24.98
CA GLN B 184 42.67 16.08 26.25
C GLN B 184 43.35 14.74 26.52
N ALA B 185 43.48 13.89 25.50
CA ALA B 185 43.97 12.53 25.71
C ALA B 185 45.49 12.45 25.91
N THR B 186 46.26 13.44 25.48
CA THR B 186 47.72 13.42 25.61
C THR B 186 48.24 14.18 26.82
N GLU B 187 47.38 14.84 27.59
CA GLU B 187 47.85 15.56 28.76
C GLU B 187 48.01 14.65 29.98
N TYR B 188 48.91 15.07 30.89
CA TYR B 188 49.19 14.28 32.09
C TYR B 188 48.05 14.36 33.09
N ASP B 189 47.68 13.20 33.62
CA ASP B 189 46.64 13.06 34.64
C ASP B 189 47.26 13.22 36.02
N THR B 190 47.19 14.42 36.58
CA THR B 190 47.49 14.61 37.99
C THR B 190 46.38 13.95 38.80
N ARG B 191 46.75 13.01 39.68
CA ARG B 191 45.80 11.99 40.12
C ARG B 191 44.76 12.55 41.09
N ARG B 192 43.77 11.73 41.39
CA ARG B 192 42.72 12.13 42.30
C ARG B 192 43.22 12.14 43.76
N ALA C 9 1.99 61.96 -27.58
CA ALA C 9 1.21 60.74 -27.38
C ALA C 9 1.74 59.61 -28.26
N ARG C 10 1.89 58.44 -27.68
CA ARG C 10 2.45 57.28 -28.36
C ARG C 10 1.30 56.46 -28.96
N ILE C 11 1.20 56.47 -30.29
CA ILE C 11 0.07 55.88 -30.99
C ILE C 11 0.57 54.86 -32.01
N GLY C 12 0.02 53.64 -31.97
CA GLY C 12 0.41 52.60 -32.89
C GLY C 12 -0.78 52.07 -33.68
N GLU C 13 -0.49 51.59 -34.90
CA GLU C 13 -1.50 51.23 -35.89
C GLU C 13 -1.09 49.94 -36.62
N MET C 14 -2.06 49.24 -37.19
CA MET C 14 -1.84 48.00 -37.94
C MET C 14 -3.08 47.65 -38.77
N LYS C 15 -2.87 47.18 -40.00
CA LYS C 15 -3.92 46.64 -40.85
C LYS C 15 -3.40 45.36 -41.50
N ARG C 16 -4.21 44.30 -41.48
CA ARG C 16 -3.82 43.00 -42.02
C ARG C 16 -5.01 42.36 -42.73
N VAL C 17 -4.80 41.92 -43.97
CA VAL C 17 -5.84 41.26 -44.77
C VAL C 17 -5.29 39.95 -45.30
N THR C 18 -6.02 38.86 -45.07
CA THR C 18 -5.70 37.57 -45.66
C THR C 18 -6.97 36.96 -46.26
N LYS C 19 -6.85 35.73 -46.74
CA LYS C 19 -7.97 34.98 -47.29
C LYS C 19 -8.95 34.50 -46.22
N GLU C 20 -8.64 34.65 -44.93
CA GLU C 20 -9.55 34.31 -43.84
C GLU C 20 -10.23 35.52 -43.21
N THR C 21 -9.50 36.62 -43.01
CA THR C 21 -9.94 37.71 -42.13
C THR C 21 -9.53 39.07 -42.69
N ASN C 22 -10.14 40.12 -42.15
CA ASN C 22 -9.81 41.52 -42.42
C ASN C 22 -9.85 42.27 -41.09
N VAL C 23 -8.73 42.89 -40.68
CA VAL C 23 -8.54 43.42 -39.33
C VAL C 23 -7.92 44.82 -39.38
N SER C 24 -8.46 45.76 -38.60
CA SER C 24 -7.85 47.07 -38.34
C SER C 24 -7.82 47.39 -36.84
N VAL C 25 -6.68 47.92 -36.34
CA VAL C 25 -6.43 48.12 -34.90
C VAL C 25 -5.72 49.46 -34.68
N LYS C 26 -6.09 50.17 -33.60
CA LYS C 26 -5.40 51.40 -33.17
C LYS C 26 -5.36 51.55 -31.65
N ILE C 27 -4.17 51.86 -31.09
CA ILE C 27 -3.95 51.92 -29.64
C ILE C 27 -3.21 53.21 -29.25
N ASN C 28 -3.70 53.89 -28.20
CA ASN C 28 -3.05 55.07 -27.62
C ASN C 28 -2.60 54.75 -26.19
N LEU C 29 -1.31 54.92 -25.92
CA LEU C 29 -0.77 54.59 -24.59
C LEU C 29 -0.95 55.71 -23.58
N ASP C 30 -1.31 56.93 -24.02
CA ASP C 30 -1.55 58.02 -23.08
C ASP C 30 -3.00 58.48 -23.14
N GLY C 31 -3.96 57.57 -22.95
CA GLY C 31 -5.35 57.84 -23.24
C GLY C 31 -6.18 58.19 -22.02
N THR C 32 -7.50 58.27 -22.25
CA THR C 32 -8.47 58.55 -21.19
C THR C 32 -9.51 57.45 -21.02
N GLY C 33 -9.30 56.28 -21.61
CA GLY C 33 -10.24 55.17 -21.47
C GLY C 33 -11.41 55.15 -22.43
N VAL C 34 -11.19 55.49 -23.69
CA VAL C 34 -12.22 55.42 -24.72
C VAL C 34 -12.14 54.06 -25.40
N ALA C 35 -13.28 53.38 -25.51
CA ALA C 35 -13.35 52.03 -26.08
C ALA C 35 -14.33 51.98 -27.23
N ASP C 36 -13.93 51.34 -28.33
CA ASP C 36 -14.80 51.16 -29.50
C ASP C 36 -14.40 49.84 -30.19
N ASN C 37 -14.96 48.73 -29.72
CA ASN C 37 -14.50 47.39 -30.07
C ASN C 37 -15.61 46.59 -30.73
N SER C 38 -15.41 46.27 -32.00
CA SER C 38 -16.42 45.58 -32.79
C SER C 38 -15.71 44.50 -33.62
N SER C 39 -15.40 43.40 -32.96
CA SER C 39 -14.94 42.22 -33.65
C SER C 39 -16.16 41.38 -33.98
N GLY C 40 -15.97 40.19 -34.53
CA GLY C 40 -17.15 39.37 -34.68
C GLY C 40 -17.54 38.55 -33.46
N ILE C 41 -16.86 38.71 -32.34
CA ILE C 41 -16.94 37.80 -31.20
C ILE C 41 -17.40 38.61 -29.98
N PRO C 42 -18.66 38.46 -29.55
CA PRO C 42 -19.23 39.37 -28.54
C PRO C 42 -18.60 39.30 -27.15
N PHE C 43 -18.22 38.12 -26.68
CA PHE C 43 -17.57 38.00 -25.37
C PHE C 43 -16.17 38.61 -25.38
N LEU C 44 -15.44 38.51 -26.49
CA LEU C 44 -14.12 39.14 -26.58
C LEU C 44 -14.22 40.66 -26.59
N ASP C 45 -15.31 41.23 -27.14
CA ASP C 45 -15.52 42.68 -27.05
C ASP C 45 -15.66 43.14 -25.60
N HIS C 46 -16.35 42.36 -24.77
CA HIS C 46 -16.53 42.67 -23.35
C HIS C 46 -15.20 42.66 -22.59
N MET C 47 -14.27 41.75 -22.94
CA MET C 47 -12.96 41.74 -22.29
C MET C 47 -12.06 42.89 -22.76
N LEU C 48 -12.13 43.27 -24.04
CA LEU C 48 -11.33 44.39 -24.53
C LEU C 48 -11.76 45.72 -23.93
N ASP C 49 -13.03 45.86 -23.52
CA ASP C 49 -13.46 47.06 -22.81
C ASP C 49 -12.81 47.18 -21.44
N GLN C 50 -12.45 46.06 -20.80
CA GLN C 50 -11.77 46.11 -19.51
C GLN C 50 -10.37 46.68 -19.67
N LEU C 51 -9.73 46.44 -20.80
CA LEU C 51 -8.39 46.95 -21.03
C LEU C 51 -8.39 48.47 -21.13
N ALA C 52 -9.46 49.05 -21.69
CA ALA C 52 -9.57 50.51 -21.70
C ALA C 52 -9.95 51.07 -20.34
N SER C 53 -10.83 50.36 -19.61
CA SER C 53 -11.43 50.94 -18.41
C SER C 53 -10.48 50.91 -17.21
N HIS C 54 -9.70 49.85 -17.06
CA HIS C 54 -8.80 49.73 -15.92
C HIS C 54 -7.36 50.09 -16.24
N GLY C 55 -6.98 50.10 -17.51
CA GLY C 55 -5.64 50.54 -17.86
C GLY C 55 -5.54 51.97 -18.36
N LEU C 56 -6.68 52.59 -18.66
CA LEU C 56 -6.81 53.95 -19.21
C LEU C 56 -6.16 54.11 -20.59
N PHE C 57 -6.11 53.05 -21.39
CA PHE C 57 -5.72 53.15 -22.80
C PHE C 57 -6.93 53.52 -23.67
N ASP C 58 -6.66 54.07 -24.86
CA ASP C 58 -7.66 54.16 -25.92
C ASP C 58 -7.47 52.97 -26.88
N VAL C 59 -8.54 52.20 -27.10
CA VAL C 59 -8.47 50.95 -27.85
C VAL C 59 -9.59 50.90 -28.89
N HIS C 60 -9.25 50.60 -30.15
CA HIS C 60 -10.23 50.52 -31.23
C HIS C 60 -9.94 49.31 -32.13
N VAL C 61 -10.91 48.39 -32.26
CA VAL C 61 -10.78 47.17 -33.07
C VAL C 61 -11.97 47.04 -34.02
N LYS C 62 -11.69 46.73 -35.30
CA LYS C 62 -12.71 46.37 -36.28
C LYS C 62 -12.30 45.11 -37.05
N ALA C 63 -13.18 44.11 -37.11
CA ALA C 63 -12.82 42.83 -37.72
C ALA C 63 -14.02 42.09 -38.30
N THR C 64 -13.80 41.44 -39.44
CA THR C 64 -14.72 40.45 -40.00
C THR C 64 -13.93 39.24 -40.48
N GLY C 65 -14.54 38.06 -40.42
CA GLY C 65 -13.84 36.82 -40.69
C GLY C 65 -14.74 35.66 -41.08
N ASP C 66 -14.24 34.45 -40.83
CA ASP C 66 -14.90 33.22 -41.28
C ASP C 66 -15.52 32.45 -40.12
N THR C 67 -16.41 33.11 -39.40
CA THR C 67 -16.94 32.55 -38.16
C THR C 67 -17.96 31.42 -38.36
N HIS C 68 -18.28 31.03 -39.61
CA HIS C 68 -19.12 29.86 -39.78
C HIS C 68 -18.35 28.54 -39.72
N ILE C 69 -17.02 28.56 -39.84
CA ILE C 69 -16.20 27.40 -39.44
C ILE C 69 -16.17 27.36 -37.91
N ASP C 70 -15.35 28.21 -37.28
CA ASP C 70 -15.46 28.54 -35.86
C ASP C 70 -14.91 29.94 -35.59
N ASP C 71 -14.62 30.25 -34.33
CA ASP C 71 -14.06 31.54 -33.95
C ASP C 71 -12.53 31.59 -33.92
N HIS C 72 -11.85 30.48 -34.25
CA HIS C 72 -10.40 30.32 -34.03
C HIS C 72 -9.57 31.29 -34.87
N HIS C 73 -9.82 31.36 -36.18
CA HIS C 73 -8.97 32.19 -37.04
C HIS C 73 -9.16 33.69 -36.77
N THR C 74 -10.40 34.12 -36.47
CA THR C 74 -10.66 35.52 -36.10
C THR C 74 -10.02 35.88 -34.75
N ASN C 75 -10.03 34.95 -33.78
CA ASN C 75 -9.40 35.19 -32.47
C ASN C 75 -7.88 35.34 -32.58
N GLU C 76 -7.26 34.52 -33.42
CA GLU C 76 -5.81 34.57 -33.63
C GLU C 76 -5.34 35.83 -34.37
N ASP C 77 -6.05 36.24 -35.43
CA ASP C 77 -5.58 37.38 -36.22
C ASP C 77 -5.72 38.71 -35.48
N VAL C 78 -6.77 38.86 -34.66
CA VAL C 78 -6.93 40.07 -33.85
C VAL C 78 -5.79 40.19 -32.82
N ALA C 79 -5.43 39.08 -32.18
CA ALA C 79 -4.36 39.09 -31.17
C ALA C 79 -3.00 39.45 -31.79
N LEU C 80 -2.70 38.94 -32.98
CA LEU C 80 -1.46 39.29 -33.66
C LEU C 80 -1.40 40.78 -34.00
N ALA C 81 -2.54 41.38 -34.39
CA ALA C 81 -2.56 42.78 -34.78
C ALA C 81 -2.32 43.70 -33.58
N ILE C 82 -2.85 43.36 -32.40
CA ILE C 82 -2.65 44.14 -31.19
C ILE C 82 -1.17 44.12 -30.75
N GLY C 83 -0.49 42.98 -30.90
CA GLY C 83 0.92 42.92 -30.53
C GLY C 83 1.81 43.80 -31.38
N THR C 84 1.54 43.84 -32.69
CA THR C 84 2.31 44.67 -33.61
C THR C 84 2.12 46.17 -33.31
N ALA C 85 0.89 46.59 -33.04
CA ALA C 85 0.60 48.00 -32.76
C ALA C 85 1.22 48.48 -31.45
N LEU C 86 1.31 47.59 -30.46
CA LEU C 86 1.97 47.94 -29.20
C LEU C 86 3.47 48.13 -29.40
N LEU C 87 4.10 47.28 -30.21
CA LEU C 87 5.54 47.41 -30.47
C LEU C 87 5.85 48.69 -31.25
N GLN C 88 4.95 49.14 -32.13
CA GLN C 88 5.16 50.39 -32.86
C GLN C 88 4.93 51.61 -31.96
N ALA C 89 3.98 51.54 -31.02
CA ALA C 89 3.74 52.65 -30.12
C ALA C 89 4.89 52.89 -29.13
N LEU C 90 5.62 51.83 -28.75
CA LEU C 90 6.65 51.97 -27.71
C LEU C 90 7.95 52.56 -28.23
N GLY C 91 8.38 52.20 -29.44
CA GLY C 91 9.54 52.85 -30.04
C GLY C 91 10.86 52.51 -29.37
N ASP C 92 11.59 53.57 -29.00
CA ASP C 92 12.93 53.41 -28.44
C ASP C 92 12.93 52.79 -27.05
N ARG C 93 11.87 53.07 -26.26
CA ARG C 93 11.66 52.65 -24.85
C ARG C 93 12.63 53.35 -23.88
N LYS C 94 12.92 54.62 -24.13
CA LYS C 94 13.81 55.38 -23.26
C LYS C 94 13.01 55.98 -22.09
N GLY C 95 13.47 55.73 -20.87
CA GLY C 95 12.90 56.38 -19.70
C GLY C 95 11.64 55.78 -19.10
N ILE C 96 11.26 54.55 -19.45
CA ILE C 96 10.04 53.96 -18.91
C ILE C 96 10.37 53.08 -17.70
N ASN C 97 9.32 52.68 -16.96
CA ASN C 97 9.48 51.80 -15.80
C ASN C 97 9.92 50.39 -16.20
N ARG C 98 9.42 49.89 -17.33
CA ARG C 98 9.75 48.62 -17.99
C ARG C 98 9.18 47.36 -17.30
N PHE C 99 8.93 47.37 -15.98
CA PHE C 99 8.37 46.23 -15.24
C PHE C 99 7.01 46.58 -14.64
N GLY C 100 6.13 45.59 -14.49
CA GLY C 100 4.83 45.77 -13.85
C GLY C 100 4.33 44.53 -13.15
N ASN C 101 3.49 44.72 -12.12
CA ASN C 101 3.13 43.67 -11.17
C ASN C 101 1.83 44.02 -10.43
N PHE C 102 0.84 43.11 -10.41
CA PHE C 102 -0.44 43.37 -9.75
C PHE C 102 -1.28 42.09 -9.55
N SER C 103 -2.04 42.04 -8.44
CA SER C 103 -3.03 40.99 -8.18
C SER C 103 -4.43 41.57 -8.00
N ALA C 104 -5.43 40.96 -8.68
CA ALA C 104 -6.82 41.50 -8.71
C ALA C 104 -7.93 40.47 -8.47
N PRO C 105 -8.88 40.76 -7.57
CA PRO C 105 -10.01 39.84 -7.34
C PRO C 105 -11.31 40.18 -8.06
N LEU C 106 -12.19 39.18 -8.21
CA LEU C 106 -13.59 39.40 -8.58
C LEU C 106 -14.41 38.34 -7.86
N ASP C 107 -15.09 38.76 -6.77
CA ASP C 107 -15.74 37.89 -5.78
C ASP C 107 -14.76 36.84 -5.26
N GLU C 108 -14.99 35.55 -5.53
CA GLU C 108 -14.18 34.46 -5.00
C GLU C 108 -12.93 34.13 -5.84
N ALA C 109 -12.72 34.76 -7.00
CA ALA C 109 -11.55 34.53 -7.83
C ALA C 109 -10.42 35.52 -7.51
N LEU C 110 -9.17 35.10 -7.75
CA LEU C 110 -7.97 35.94 -7.60
C LEU C 110 -6.82 35.44 -8.49
N VAL C 111 -6.22 36.37 -9.27
CA VAL C 111 -5.17 36.09 -10.26
C VAL C 111 -4.00 37.08 -10.08
N HIS C 112 -2.76 36.59 -10.19
CA HIS C 112 -1.51 37.34 -10.04
C HIS C 112 -0.80 37.45 -11.40
N VAL C 113 -0.35 38.65 -11.78
CA VAL C 113 0.30 38.93 -13.07
C VAL C 113 1.61 39.69 -12.87
N SER C 114 2.69 39.24 -13.54
CA SER C 114 3.88 40.09 -13.69
C SER C 114 4.52 39.95 -15.08
N LEU C 115 5.09 41.05 -15.58
CA LEU C 115 5.57 41.15 -16.96
C LEU C 115 6.81 42.05 -17.06
N ASP C 116 7.53 41.95 -18.19
CA ASP C 116 8.73 42.73 -18.46
C ASP C 116 8.86 42.97 -19.96
N LEU C 117 9.03 44.24 -20.35
CA LEU C 117 9.05 44.62 -21.78
C LEU C 117 10.49 44.50 -22.30
N SER C 118 10.87 43.26 -22.60
CA SER C 118 12.27 42.88 -22.72
C SER C 118 12.80 42.76 -24.14
N GLY C 119 11.97 42.44 -25.11
CA GLY C 119 12.42 42.02 -26.42
C GLY C 119 12.57 40.52 -26.59
N ARG C 120 12.29 39.73 -25.56
CA ARG C 120 12.38 38.27 -25.60
C ARG C 120 11.02 37.67 -25.28
N PRO C 121 10.37 36.99 -26.22
CA PRO C 121 9.02 36.45 -25.98
C PRO C 121 8.99 35.18 -25.13
N HIS C 122 8.05 35.11 -24.19
CA HIS C 122 7.81 33.92 -23.38
C HIS C 122 6.47 34.02 -22.66
N LEU C 123 5.74 32.92 -22.61
CA LEU C 123 4.48 32.83 -21.85
C LEU C 123 4.52 31.70 -20.82
N GLY C 124 4.22 32.03 -19.58
CA GLY C 124 3.91 31.05 -18.54
C GLY C 124 2.45 31.14 -18.13
N TYR C 125 1.69 30.06 -18.31
CA TYR C 125 0.24 30.06 -18.19
C TYR C 125 -0.21 28.97 -17.23
N ASP C 126 -0.97 29.35 -16.21
CA ASP C 126 -1.34 28.45 -15.13
C ASP C 126 -2.74 28.82 -14.61
N LEU C 127 -3.76 28.52 -15.41
CA LEU C 127 -5.16 28.72 -15.05
C LEU C 127 -5.90 27.39 -15.11
N ASN C 128 -7.01 27.30 -14.40
CA ASN C 128 -7.81 26.08 -14.38
C ASN C 128 -9.29 26.42 -14.57
N ILE C 129 -9.74 26.45 -15.82
CA ILE C 129 -11.08 26.92 -16.19
C ILE C 129 -12.01 25.71 -16.25
N PRO C 130 -13.05 25.64 -15.42
CA PRO C 130 -13.79 24.39 -15.22
C PRO C 130 -14.92 24.04 -16.19
N THR C 131 -15.30 24.89 -17.15
CA THR C 131 -16.28 24.52 -18.17
C THR C 131 -15.72 24.75 -19.57
N GLN C 132 -16.41 24.23 -20.58
CA GLN C 132 -15.90 24.27 -21.96
C GLN C 132 -16.40 25.50 -22.74
N ARG C 133 -17.54 26.08 -22.38
CA ARG C 133 -18.12 27.23 -23.06
C ARG C 133 -18.63 28.24 -22.03
N VAL C 134 -18.47 29.53 -22.32
CA VAL C 134 -19.01 30.53 -21.40
C VAL C 134 -20.36 31.00 -21.93
N GLY C 135 -20.40 31.58 -23.11
CA GLY C 135 -21.67 31.76 -23.80
C GLY C 135 -21.61 30.96 -25.08
N LYS C 136 -21.31 31.63 -26.19
CA LYS C 136 -20.87 30.92 -27.39
C LYS C 136 -19.34 30.78 -27.50
N TYR C 137 -18.56 31.40 -26.61
CA TYR C 137 -17.09 31.47 -26.71
C TYR C 137 -16.42 30.21 -26.16
N ASP C 138 -15.49 29.66 -26.93
CA ASP C 138 -14.72 28.46 -26.58
C ASP C 138 -13.57 28.80 -25.62
N THR C 139 -13.43 28.05 -24.52
CA THR C 139 -12.50 28.44 -23.44
C THR C 139 -11.03 28.09 -23.69
N GLN C 140 -10.70 27.22 -24.66
CA GLN C 140 -9.30 27.05 -25.08
C GLN C 140 -8.74 28.27 -25.81
N LEU C 141 -9.57 29.22 -26.24
CA LEU C 141 -9.07 30.38 -26.97
C LEU C 141 -8.47 31.47 -26.06
N VAL C 142 -8.67 31.37 -24.73
CA VAL C 142 -8.04 32.33 -23.82
C VAL C 142 -6.52 32.18 -23.85
N GLU C 143 -6.02 30.94 -23.78
CA GLU C 143 -4.58 30.72 -23.84
C GLU C 143 -4.00 31.05 -25.23
N HIS C 144 -4.74 30.78 -26.31
CA HIS C 144 -4.24 31.09 -27.65
C HIS C 144 -4.15 32.61 -27.87
N PHE C 145 -5.03 33.38 -27.24
CA PHE C 145 -5.00 34.84 -27.37
C PHE C 145 -3.70 35.43 -26.81
N PHE C 146 -3.31 35.00 -25.59
CA PHE C 146 -2.12 35.54 -24.95
C PHE C 146 -0.83 35.06 -25.62
N GLN C 147 -0.80 33.86 -26.19
CA GLN C 147 0.41 33.36 -26.87
C GLN C 147 0.69 34.11 -28.17
N SER C 148 -0.35 34.45 -28.94
CA SER C 148 -0.16 35.28 -30.14
C SER C 148 0.24 36.72 -29.80
N LEU C 149 -0.25 37.28 -28.69
CA LEU C 149 0.11 38.64 -28.30
C LEU C 149 1.58 38.77 -27.90
N VAL C 150 2.13 37.80 -27.16
CA VAL C 150 3.53 37.93 -26.77
C VAL C 150 4.49 37.64 -27.94
N ASN C 151 4.06 36.91 -28.99
CA ASN C 151 4.98 36.61 -30.09
C ASN C 151 5.23 37.83 -30.97
N THR C 152 4.23 38.68 -31.20
CA THR C 152 4.47 39.86 -32.02
C THR C 152 5.00 41.04 -31.23
N SER C 153 4.69 41.17 -29.94
CA SER C 153 5.16 42.28 -29.13
C SER C 153 6.52 42.05 -28.48
N GLY C 154 6.96 40.81 -28.33
CA GLY C 154 8.22 40.53 -27.65
C GLY C 154 8.26 40.75 -26.15
N MET C 155 7.25 40.32 -25.41
CA MET C 155 7.26 40.51 -23.96
C MET C 155 7.34 39.18 -23.21
N THR C 156 7.91 39.25 -21.99
CA THR C 156 7.90 38.16 -21.02
C THR C 156 6.65 38.29 -20.12
N LEU C 157 5.84 37.23 -20.04
CA LEU C 157 4.57 37.30 -19.31
C LEU C 157 4.32 36.06 -18.46
N HIS C 158 3.92 36.25 -17.20
CA HIS C 158 3.56 35.16 -16.28
C HIS C 158 2.17 35.41 -15.67
N ILE C 159 1.30 34.39 -15.69
CA ILE C 159 -0.09 34.46 -15.23
C ILE C 159 -0.35 33.26 -14.30
N ARG C 160 -0.82 33.52 -13.07
CA ARG C 160 -0.99 32.43 -12.08
C ARG C 160 -2.23 32.60 -11.20
N GLN C 161 -3.05 31.54 -11.07
CA GLN C 161 -4.32 31.57 -10.34
C GLN C 161 -4.13 31.19 -8.86
N PHE C 162 -4.70 32.00 -7.96
CA PHE C 162 -4.69 31.76 -6.51
C PHE C 162 -5.96 31.12 -5.97
N SER C 163 -7.15 31.43 -6.51
CA SER C 163 -8.42 30.81 -6.13
C SER C 163 -9.47 31.12 -7.21
N GLY C 164 -10.63 30.48 -7.11
CA GLY C 164 -11.76 30.78 -7.98
C GLY C 164 -12.50 29.54 -8.46
N THR C 165 -13.80 29.72 -8.73
CA THR C 165 -14.75 28.67 -9.10
C THR C 165 -15.57 28.98 -10.37
N ASN C 166 -16.13 30.19 -10.50
CA ASN C 166 -16.96 30.55 -11.66
C ASN C 166 -16.08 30.94 -12.87
N SER C 167 -16.41 30.40 -14.05
CA SER C 167 -15.58 30.60 -15.25
C SER C 167 -15.60 32.05 -15.76
N HIS C 168 -16.76 32.71 -15.72
CA HIS C 168 -16.83 34.12 -16.11
C HIS C 168 -16.00 34.99 -15.17
N HIS C 169 -16.00 34.69 -13.88
CA HIS C 169 -15.23 35.48 -12.92
C HIS C 169 -13.71 35.33 -13.13
N ILE C 170 -13.24 34.11 -13.44
CA ILE C 170 -11.80 33.84 -13.59
C ILE C 170 -11.20 34.58 -14.79
N ILE C 171 -11.88 34.54 -15.94
CA ILE C 171 -11.36 35.19 -17.14
C ILE C 171 -11.38 36.72 -17.00
N GLU C 172 -12.46 37.29 -16.45
CA GLU C 172 -12.54 38.74 -16.31
C GLU C 172 -11.53 39.29 -15.30
N ALA C 173 -11.14 38.49 -14.30
CA ALA C 173 -10.12 38.94 -13.35
C ALA C 173 -8.71 38.92 -13.94
N THR C 174 -8.45 37.99 -14.88
CA THR C 174 -7.19 37.98 -15.62
C THR C 174 -7.01 39.27 -16.43
N PHE C 175 -8.05 39.67 -17.18
CA PHE C 175 -7.97 40.88 -18.00
C PHE C 175 -7.92 42.18 -17.17
N LYS C 176 -8.42 42.17 -15.93
CA LYS C 176 -8.27 43.32 -15.05
C LYS C 176 -6.85 43.47 -14.52
N ALA C 177 -6.26 42.37 -14.02
CA ALA C 177 -4.89 42.41 -13.50
C ALA C 177 -3.86 42.71 -14.60
N PHE C 178 -4.04 42.13 -15.81
CA PHE C 178 -3.17 42.43 -16.95
C PHE C 178 -3.19 43.92 -17.30
N ALA C 179 -4.36 44.57 -17.24
CA ALA C 179 -4.47 45.99 -17.57
C ALA C 179 -3.71 46.87 -16.60
N ARG C 180 -3.77 46.57 -15.31
CA ARG C 180 -3.09 47.40 -14.32
C ARG C 180 -1.58 47.17 -14.34
N ALA C 181 -1.12 45.96 -14.66
CA ALA C 181 0.32 45.73 -14.75
C ALA C 181 0.91 46.35 -16.01
N LEU C 182 0.16 46.39 -17.12
CA LEU C 182 0.68 47.02 -18.33
C LEU C 182 0.74 48.54 -18.20
N ARG C 183 -0.22 49.14 -17.46
CA ARG C 183 -0.19 50.58 -17.23
C ARG C 183 1.05 51.00 -16.44
N GLN C 184 1.47 50.17 -15.48
CA GLN C 184 2.65 50.46 -14.69
C GLN C 184 3.93 50.43 -15.53
N ALA C 185 4.05 49.47 -16.44
CA ALA C 185 5.30 49.28 -17.17
C ALA C 185 5.52 50.31 -18.28
N THR C 186 4.48 50.95 -18.80
CA THR C 186 4.60 51.93 -19.88
C THR C 186 4.68 53.37 -19.41
N GLU C 187 4.55 53.64 -18.11
CA GLU C 187 4.63 55.01 -17.64
C GLU C 187 6.07 55.47 -17.44
N TYR C 188 6.27 56.80 -17.54
CA TYR C 188 7.60 57.38 -17.40
C TYR C 188 8.08 57.36 -15.96
N ASP C 189 9.32 56.94 -15.78
CA ASP C 189 9.98 56.89 -14.48
C ASP C 189 10.66 58.23 -14.20
N THR C 190 9.98 59.10 -13.46
CA THR C 190 10.64 60.27 -12.89
C THR C 190 11.62 59.80 -11.82
N ARG C 191 12.90 60.16 -11.98
CA ARG C 191 13.96 59.39 -11.34
C ARG C 191 14.02 59.63 -9.83
N ARG C 192 14.85 58.84 -9.17
CA ARG C 192 15.02 58.96 -7.74
C ARG C 192 15.84 60.20 -7.37
N ALA D 9 -46.79 -40.23 -28.21
CA ALA D 9 -46.38 -39.47 -27.04
C ALA D 9 -45.25 -40.20 -26.30
N ARG D 10 -44.24 -39.45 -25.91
CA ARG D 10 -43.05 -40.00 -25.27
C ARG D 10 -43.25 -39.93 -23.75
N ILE D 11 -43.42 -41.09 -23.11
CA ILE D 11 -43.78 -41.17 -21.70
C ILE D 11 -42.76 -42.03 -20.96
N GLY D 12 -42.22 -41.51 -19.86
CA GLY D 12 -41.25 -42.23 -19.07
C GLY D 12 -41.70 -42.38 -17.63
N GLU D 13 -41.24 -43.47 -16.99
CA GLU D 13 -41.72 -43.92 -15.68
C GLU D 13 -40.54 -44.42 -14.84
N MET D 14 -40.71 -44.41 -13.51
CA MET D 14 -39.69 -44.87 -12.57
C MET D 14 -40.31 -45.08 -11.18
N LYS D 15 -39.92 -46.16 -10.50
CA LYS D 15 -40.27 -46.42 -9.11
C LYS D 15 -39.02 -46.89 -8.37
N ARG D 16 -38.77 -46.33 -7.19
CA ARG D 16 -37.58 -46.65 -6.40
C ARG D 16 -37.94 -46.70 -4.93
N VAL D 17 -37.57 -47.79 -4.25
CA VAL D 17 -37.83 -47.98 -2.83
C VAL D 17 -36.53 -48.35 -2.13
N THR D 18 -36.18 -47.61 -1.08
CA THR D 18 -35.05 -47.96 -0.22
C THR D 18 -35.49 -47.89 1.24
N LYS D 19 -34.53 -48.08 2.13
CA LYS D 19 -34.76 -47.99 3.57
C LYS D 19 -34.96 -46.55 4.05
N GLU D 20 -34.78 -45.54 3.21
CA GLU D 20 -35.05 -44.15 3.55
C GLU D 20 -36.35 -43.63 2.97
N THR D 21 -36.68 -43.96 1.72
CA THR D 21 -37.72 -43.27 0.95
C THR D 21 -38.49 -44.25 0.07
N ASN D 22 -39.64 -43.78 -0.42
CA ASN D 22 -40.49 -44.48 -1.39
C ASN D 22 -40.97 -43.44 -2.40
N VAL D 23 -40.66 -43.63 -3.70
CA VAL D 23 -40.83 -42.60 -4.73
C VAL D 23 -41.46 -43.21 -5.99
N SER D 24 -42.47 -42.53 -6.56
CA SER D 24 -43.02 -42.82 -7.89
C SER D 24 -43.13 -41.56 -8.75
N VAL D 25 -42.74 -41.66 -10.04
CA VAL D 25 -42.61 -40.50 -10.94
C VAL D 25 -43.12 -40.87 -12.33
N LYS D 26 -43.81 -39.93 -13.01
CA LYS D 26 -44.24 -40.09 -14.41
C LYS D 26 -44.22 -38.77 -15.17
N ILE D 27 -43.61 -38.76 -16.38
CA ILE D 27 -43.41 -37.56 -17.19
C ILE D 27 -43.85 -37.78 -18.64
N ASN D 28 -44.60 -36.81 -19.20
CA ASN D 28 -45.01 -36.81 -20.61
C ASN D 28 -44.37 -35.61 -21.31
N LEU D 29 -43.61 -35.87 -22.37
CA LEU D 29 -42.92 -34.80 -23.09
C LEU D 29 -43.80 -34.08 -24.11
N ASP D 30 -44.97 -34.63 -24.44
CA ASP D 30 -45.87 -33.96 -25.37
C ASP D 30 -47.19 -33.59 -24.69
N GLY D 31 -47.13 -32.86 -23.57
CA GLY D 31 -48.28 -32.68 -22.71
C GLY D 31 -49.00 -31.36 -22.90
N THR D 32 -49.95 -31.11 -21.99
CA THR D 32 -50.73 -29.87 -21.99
C THR D 32 -50.59 -29.07 -20.69
N GLY D 33 -49.62 -29.41 -19.85
CA GLY D 33 -49.41 -28.67 -18.61
C GLY D 33 -50.24 -29.12 -17.42
N VAL D 34 -50.44 -30.41 -17.23
CA VAL D 34 -51.15 -30.95 -16.07
C VAL D 34 -50.13 -31.26 -14.99
N ALA D 35 -50.39 -30.79 -13.76
CA ALA D 35 -49.47 -30.95 -12.63
C ALA D 35 -50.16 -31.63 -11.47
N ASP D 36 -49.51 -32.61 -10.86
CA ASP D 36 -50.04 -33.30 -9.68
C ASP D 36 -48.83 -33.76 -8.83
N ASN D 37 -48.36 -32.88 -7.96
CA ASN D 37 -47.07 -33.04 -7.28
C ASN D 37 -47.26 -33.04 -5.77
N SER D 38 -46.99 -34.18 -5.15
CA SER D 38 -47.21 -34.37 -3.72
C SER D 38 -45.99 -35.11 -3.16
N SER D 39 -44.92 -34.37 -2.96
CA SER D 39 -43.77 -34.88 -2.23
C SER D 39 -43.99 -34.53 -0.76
N GLY D 40 -43.02 -34.82 0.09
CA GLY D 40 -43.20 -34.33 1.44
C GLY D 40 -42.76 -32.89 1.68
N ILE D 41 -42.34 -32.17 0.66
CA ILE D 41 -41.65 -30.90 0.79
C ILE D 41 -42.46 -29.82 0.07
N PRO D 42 -43.15 -28.95 0.80
CA PRO D 42 -44.14 -28.04 0.16
C PRO D 42 -43.57 -27.01 -0.80
N PHE D 43 -42.40 -26.43 -0.50
CA PHE D 43 -41.79 -25.47 -1.42
C PHE D 43 -41.31 -26.13 -2.71
N LEU D 44 -40.83 -27.37 -2.65
CA LEU D 44 -40.43 -28.08 -3.86
C LEU D 44 -41.63 -28.41 -4.74
N ASP D 45 -42.81 -28.64 -4.16
CA ASP D 45 -44.02 -28.83 -4.96
C ASP D 45 -44.36 -27.58 -5.78
N HIS D 46 -44.17 -26.39 -5.19
CA HIS D 46 -44.43 -25.13 -5.88
C HIS D 46 -43.47 -24.92 -7.06
N MET D 47 -42.21 -25.36 -6.95
CA MET D 47 -41.28 -25.25 -8.08
C MET D 47 -41.58 -26.27 -9.19
N LEU D 48 -41.99 -27.49 -8.83
CA LEU D 48 -42.33 -28.48 -9.85
C LEU D 48 -43.57 -28.10 -10.65
N ASP D 49 -44.49 -27.31 -10.08
CA ASP D 49 -45.61 -26.79 -10.85
C ASP D 49 -45.17 -25.82 -11.95
N GLN D 50 -44.05 -25.11 -11.75
CA GLN D 50 -43.54 -24.21 -12.78
C GLN D 50 -43.05 -24.99 -13.98
N LEU D 51 -42.53 -26.19 -13.76
CA LEU D 51 -42.03 -27.01 -14.86
C LEU D 51 -43.17 -27.46 -15.76
N ALA D 52 -44.35 -27.71 -15.19
CA ALA D 52 -45.51 -28.02 -16.03
C ALA D 52 -46.09 -26.79 -16.71
N SER D 53 -46.09 -25.64 -16.01
CA SER D 53 -46.83 -24.48 -16.48
C SER D 53 -46.09 -23.74 -17.60
N HIS D 54 -44.77 -23.64 -17.52
CA HIS D 54 -44.01 -22.91 -18.51
C HIS D 54 -43.33 -23.81 -19.54
N GLY D 55 -43.19 -25.09 -19.26
CA GLY D 55 -42.65 -26.00 -20.25
C GLY D 55 -43.68 -26.83 -21.00
N LEU D 56 -44.93 -26.83 -20.51
CA LEU D 56 -46.06 -27.59 -21.05
C LEU D 56 -45.85 -29.11 -20.97
N PHE D 57 -45.09 -29.61 -20.00
CA PHE D 57 -45.01 -31.03 -19.73
C PHE D 57 -46.15 -31.47 -18.79
N ASP D 58 -46.45 -32.77 -18.80
CA ASP D 58 -47.27 -33.39 -17.75
C ASP D 58 -46.33 -34.03 -16.72
N VAL D 59 -46.48 -33.66 -15.45
CA VAL D 59 -45.56 -34.07 -14.39
C VAL D 59 -46.34 -34.59 -13.18
N HIS D 60 -45.98 -35.78 -12.68
CA HIS D 60 -46.65 -36.37 -11.53
C HIS D 60 -45.62 -37.00 -10.57
N VAL D 61 -45.59 -36.55 -9.31
CA VAL D 61 -44.65 -37.04 -8.29
C VAL D 61 -45.41 -37.43 -7.02
N LYS D 62 -45.10 -38.62 -6.47
CA LYS D 62 -45.58 -39.04 -5.15
C LYS D 62 -44.43 -39.59 -4.31
N ALA D 63 -44.27 -39.09 -3.08
CA ALA D 63 -43.12 -39.46 -2.26
C ALA D 63 -43.41 -39.37 -0.76
N THR D 64 -42.86 -40.33 -0.01
CA THR D 64 -42.78 -40.27 1.45
C THR D 64 -41.38 -40.70 1.89
N GLY D 65 -40.91 -40.14 3.01
CA GLY D 65 -39.54 -40.34 3.44
C GLY D 65 -39.30 -40.10 4.91
N ASP D 66 -38.06 -39.76 5.24
CA ASP D 66 -37.61 -39.64 6.62
C ASP D 66 -37.36 -38.18 7.01
N THR D 67 -38.39 -37.36 6.88
CA THR D 67 -38.24 -35.92 7.06
C THR D 67 -38.10 -35.48 8.51
N HIS D 68 -38.10 -36.39 9.49
CA HIS D 68 -37.80 -35.96 10.84
C HIS D 68 -36.31 -35.88 11.14
N ILE D 69 -35.44 -36.47 10.31
CA ILE D 69 -34.01 -36.13 10.33
C ILE D 69 -33.84 -34.75 9.68
N ASP D 70 -33.89 -34.69 8.34
CA ASP D 70 -34.10 -33.44 7.61
C ASP D 70 -34.76 -33.73 6.25
N ASP D 71 -34.71 -32.78 5.33
CA ASP D 71 -35.27 -32.94 3.99
C ASP D 71 -34.29 -33.48 2.95
N HIS D 72 -33.03 -33.77 3.34
CA HIS D 72 -31.94 -34.05 2.40
C HIS D 72 -32.17 -35.35 1.61
N HIS D 73 -32.48 -36.45 2.30
CA HIS D 73 -32.59 -37.73 1.58
C HIS D 73 -33.82 -37.76 0.66
N THR D 74 -34.94 -37.15 1.07
CA THR D 74 -36.12 -37.05 0.21
C THR D 74 -35.88 -36.16 -1.01
N ASN D 75 -35.11 -35.06 -0.85
CA ASN D 75 -34.79 -34.16 -1.97
C ASN D 75 -33.89 -34.86 -3.00
N GLU D 76 -32.93 -35.65 -2.54
CA GLU D 76 -32.02 -36.37 -3.43
C GLU D 76 -32.70 -37.51 -4.20
N ASP D 77 -33.55 -38.30 -3.54
CA ASP D 77 -34.15 -39.45 -4.22
C ASP D 77 -35.17 -39.05 -5.28
N VAL D 78 -35.93 -37.97 -5.04
CA VAL D 78 -36.87 -37.46 -6.04
C VAL D 78 -36.13 -36.97 -7.30
N ALA D 79 -35.02 -36.27 -7.11
CA ALA D 79 -34.24 -35.75 -8.25
C ALA D 79 -33.65 -36.89 -9.10
N LEU D 80 -33.16 -37.95 -8.47
CA LEU D 80 -32.65 -39.10 -9.21
C LEU D 80 -33.74 -39.77 -10.03
N ALA D 81 -34.97 -39.86 -9.49
CA ALA D 81 -36.06 -40.53 -10.19
C ALA D 81 -36.49 -39.75 -11.43
N ILE D 82 -36.51 -38.42 -11.37
CA ILE D 82 -36.87 -37.58 -12.51
C ILE D 82 -35.84 -37.72 -13.65
N GLY D 83 -34.55 -37.84 -13.32
CA GLY D 83 -33.54 -38.00 -14.36
C GLY D 83 -33.66 -39.30 -15.13
N THR D 84 -33.97 -40.39 -14.42
CA THR D 84 -34.15 -41.70 -15.05
C THR D 84 -35.36 -41.71 -15.99
N ALA D 85 -36.48 -41.12 -15.56
CA ALA D 85 -37.70 -41.09 -16.37
C ALA D 85 -37.55 -40.25 -17.63
N LEU D 86 -36.75 -39.18 -17.57
CA LEU D 86 -36.48 -38.37 -18.75
C LEU D 86 -35.64 -39.13 -19.77
N LEU D 87 -34.65 -39.90 -19.30
CA LEU D 87 -33.81 -40.69 -20.21
C LEU D 87 -34.61 -41.80 -20.88
N GLN D 88 -35.61 -42.38 -20.20
CA GLN D 88 -36.45 -43.40 -20.80
C GLN D 88 -37.44 -42.80 -21.81
N ALA D 89 -37.96 -41.59 -21.54
CA ALA D 89 -38.88 -40.95 -22.46
C ALA D 89 -38.22 -40.54 -23.78
N LEU D 90 -36.92 -40.21 -23.77
CA LEU D 90 -36.26 -39.68 -24.96
C LEU D 90 -35.88 -40.76 -25.96
N GLY D 91 -35.41 -41.92 -25.51
CA GLY D 91 -35.17 -43.03 -26.41
C GLY D 91 -34.00 -42.84 -27.34
N ASP D 92 -34.26 -43.01 -28.64
CA ASP D 92 -33.22 -42.96 -29.66
C ASP D 92 -32.66 -41.56 -29.86
N ARG D 93 -33.52 -40.53 -29.69
CA ARG D 93 -33.24 -39.09 -29.89
C ARG D 93 -33.04 -38.73 -31.37
N LYS D 94 -33.81 -39.36 -32.25
CA LYS D 94 -33.73 -39.08 -33.68
C LYS D 94 -34.61 -37.88 -34.03
N GLY D 95 -34.03 -36.89 -34.70
CA GLY D 95 -34.81 -35.78 -35.23
C GLY D 95 -35.16 -34.64 -34.29
N ILE D 96 -34.53 -34.51 -33.13
CA ILE D 96 -34.85 -33.45 -32.19
C ILE D 96 -33.89 -32.27 -32.37
N ASN D 97 -34.24 -31.14 -31.75
CA ASN D 97 -33.40 -29.94 -31.80
C ASN D 97 -32.08 -30.12 -31.03
N ARG D 98 -32.12 -30.85 -29.91
CA ARG D 98 -31.01 -31.25 -29.05
C ARG D 98 -30.40 -30.13 -28.19
N PHE D 99 -30.48 -28.86 -28.60
CA PHE D 99 -29.95 -27.71 -27.84
C PHE D 99 -31.07 -26.76 -27.42
N GLY D 100 -30.90 -26.07 -26.30
CA GLY D 100 -31.86 -25.07 -25.83
C GLY D 100 -31.22 -23.95 -25.02
N ASN D 101 -31.84 -22.77 -25.04
CA ASN D 101 -31.23 -21.53 -24.55
C ASN D 101 -32.29 -20.48 -24.24
N PHE D 102 -32.27 -19.88 -23.03
CA PHE D 102 -33.27 -18.88 -22.63
C PHE D 102 -32.86 -18.10 -21.38
N SER D 103 -33.25 -16.81 -21.32
CA SER D 103 -33.10 -15.97 -20.13
C SER D 103 -34.46 -15.44 -19.65
N ALA D 104 -34.72 -15.53 -18.34
CA ALA D 104 -36.04 -15.20 -17.75
C ALA D 104 -35.99 -14.33 -16.48
N PRO D 105 -36.78 -13.26 -16.43
CA PRO D 105 -36.81 -12.42 -15.21
C PRO D 105 -37.99 -12.66 -14.28
N LEU D 106 -37.85 -12.24 -13.02
CA LEU D 106 -38.96 -12.12 -12.07
C LEU D 106 -38.67 -10.91 -11.18
N ASP D 107 -39.35 -9.79 -11.46
CA ASP D 107 -39.06 -8.45 -10.92
C ASP D 107 -37.60 -8.09 -11.13
N GLU D 108 -36.81 -7.95 -10.05
CA GLU D 108 -35.42 -7.51 -10.13
C GLU D 108 -34.41 -8.64 -10.38
N ALA D 109 -34.83 -9.90 -10.41
CA ALA D 109 -33.93 -11.02 -10.68
C ALA D 109 -33.90 -11.38 -12.17
N LEU D 110 -32.77 -11.96 -12.63
CA LEU D 110 -32.59 -12.46 -14.00
C LEU D 110 -31.52 -13.55 -14.06
N VAL D 111 -31.86 -14.69 -14.69
CA VAL D 111 -31.03 -15.90 -14.78
C VAL D 111 -30.98 -16.40 -16.25
N HIS D 112 -29.80 -16.83 -16.70
CA HIS D 112 -29.52 -17.33 -18.05
C HIS D 112 -29.23 -18.84 -18.00
N VAL D 113 -29.84 -19.63 -18.88
CA VAL D 113 -29.72 -21.10 -18.92
C VAL D 113 -29.40 -21.57 -20.34
N SER D 114 -28.40 -22.46 -20.49
CA SER D 114 -28.24 -23.23 -21.73
C SER D 114 -27.82 -24.68 -21.47
N LEU D 115 -28.30 -25.60 -22.31
CA LEU D 115 -28.15 -27.04 -22.10
C LEU D 115 -28.00 -27.79 -23.43
N ASP D 116 -27.54 -29.05 -23.35
CA ASP D 116 -27.34 -29.91 -24.51
C ASP D 116 -27.53 -31.37 -24.10
N LEU D 117 -28.40 -32.09 -24.83
CA LEU D 117 -28.77 -33.46 -24.48
C LEU D 117 -27.76 -34.43 -25.12
N SER D 118 -26.61 -34.55 -24.47
CA SER D 118 -25.40 -35.07 -25.09
C SER D 118 -25.07 -36.52 -24.76
N GLY D 119 -25.45 -37.02 -23.59
CA GLY D 119 -24.93 -38.26 -23.07
C GLY D 119 -23.73 -38.12 -22.16
N ARG D 120 -23.25 -36.90 -21.93
CA ARG D 120 -22.10 -36.61 -21.06
C ARG D 120 -22.55 -35.69 -19.93
N PRO D 121 -22.53 -36.13 -18.67
CA PRO D 121 -23.01 -35.30 -17.56
C PRO D 121 -22.02 -34.23 -17.11
N HIS D 122 -22.53 -33.02 -16.86
CA HIS D 122 -21.74 -31.93 -16.31
C HIS D 122 -22.66 -30.82 -15.80
N LEU D 123 -22.32 -30.23 -14.64
CA LEU D 123 -23.04 -29.09 -14.10
C LEU D 123 -22.10 -27.91 -13.86
N GLY D 124 -22.44 -26.75 -14.39
CA GLY D 124 -21.85 -25.47 -14.02
C GLY D 124 -22.85 -24.59 -13.30
N TYR D 125 -22.58 -24.22 -12.05
CA TYR D 125 -23.53 -23.59 -11.16
C TYR D 125 -22.95 -22.30 -10.60
N ASP D 126 -23.66 -21.20 -10.78
CA ASP D 126 -23.16 -19.88 -10.43
C ASP D 126 -24.33 -18.99 -9.97
N LEU D 127 -24.83 -19.26 -8.78
CA LEU D 127 -25.89 -18.48 -8.14
C LEU D 127 -25.40 -17.95 -6.80
N ASN D 128 -26.02 -16.89 -6.32
CA ASN D 128 -25.64 -16.28 -5.04
C ASN D 128 -26.89 -16.00 -4.21
N ILE D 129 -27.30 -16.97 -3.40
CA ILE D 129 -28.57 -16.93 -2.66
C ILE D 129 -28.29 -16.36 -1.27
N PRO D 130 -28.86 -15.22 -0.91
CA PRO D 130 -28.41 -14.47 0.28
C PRO D 130 -28.97 -14.85 1.65
N THR D 131 -29.92 -15.78 1.78
CA THR D 131 -30.38 -16.26 3.09
C THR D 131 -30.27 -17.77 3.17
N GLN D 132 -30.42 -18.31 4.38
CA GLN D 132 -30.22 -19.74 4.61
C GLN D 132 -31.52 -20.57 4.51
N ARG D 133 -32.67 -19.96 4.73
CA ARG D 133 -33.97 -20.63 4.69
C ARG D 133 -34.98 -19.76 3.95
N VAL D 134 -35.86 -20.38 3.16
CA VAL D 134 -36.89 -19.60 2.49
C VAL D 134 -38.18 -19.70 3.31
N GLY D 135 -38.73 -20.88 3.47
CA GLY D 135 -39.74 -21.08 4.49
C GLY D 135 -39.21 -22.07 5.50
N LYS D 136 -39.58 -23.34 5.36
CA LYS D 136 -38.85 -24.41 6.02
C LYS D 136 -37.75 -25.03 5.16
N TYR D 137 -37.62 -24.66 3.89
CA TYR D 137 -36.71 -25.30 2.93
C TYR D 137 -35.28 -24.75 3.03
N ASP D 138 -34.31 -25.65 3.10
CA ASP D 138 -32.88 -25.33 3.20
C ASP D 138 -32.30 -24.97 1.83
N THR D 139 -31.57 -23.84 1.73
CA THR D 139 -31.17 -23.31 0.43
C THR D 139 -29.95 -23.99 -0.22
N GLN D 140 -29.14 -24.77 0.53
CA GLN D 140 -28.12 -25.62 -0.10
C GLN D 140 -28.71 -26.77 -0.92
N LEU D 141 -30.00 -27.07 -0.78
CA LEU D 141 -30.58 -28.19 -1.52
C LEU D 141 -30.93 -27.84 -2.97
N VAL D 142 -30.89 -26.56 -3.36
CA VAL D 142 -31.12 -26.19 -4.76
C VAL D 142 -30.00 -26.74 -5.65
N GLU D 143 -28.75 -26.56 -5.23
CA GLU D 143 -27.63 -27.09 -6.01
C GLU D 143 -27.59 -28.62 -6.00
N HIS D 144 -27.96 -29.27 -4.88
CA HIS D 144 -27.95 -30.73 -4.83
C HIS D 144 -29.04 -31.32 -5.75
N PHE D 145 -30.16 -30.62 -5.93
CA PHE D 145 -31.23 -31.09 -6.80
C PHE D 145 -30.76 -31.20 -8.26
N PHE D 146 -30.10 -30.14 -8.76
CA PHE D 146 -29.67 -30.12 -10.15
C PHE D 146 -28.50 -31.08 -10.41
N GLN D 147 -27.62 -31.32 -9.43
CA GLN D 147 -26.50 -32.25 -9.62
C GLN D 147 -26.97 -33.70 -9.72
N SER D 148 -27.97 -34.10 -8.92
CA SER D 148 -28.54 -35.45 -9.05
C SER D 148 -29.33 -35.63 -10.36
N LEU D 149 -29.98 -34.58 -10.86
CA LEU D 149 -30.73 -34.68 -12.11
C LEU D 149 -29.82 -34.89 -13.32
N VAL D 150 -28.68 -34.19 -13.39
CA VAL D 150 -27.82 -34.38 -14.55
C VAL D 150 -27.05 -35.71 -14.50
N ASN D 151 -26.87 -36.33 -13.32
CA ASN D 151 -26.11 -37.58 -13.26
C ASN D 151 -26.92 -38.76 -13.81
N THR D 152 -28.24 -38.81 -13.59
CA THR D 152 -29.01 -39.91 -14.13
C THR D 152 -29.48 -39.67 -15.56
N SER D 153 -29.69 -38.42 -15.98
CA SER D 153 -30.15 -38.12 -17.34
C SER D 153 -29.02 -37.98 -18.36
N GLY D 154 -27.80 -37.71 -17.93
CA GLY D 154 -26.70 -37.49 -18.87
C GLY D 154 -26.73 -36.21 -19.68
N MET D 155 -27.03 -35.07 -19.06
CA MET D 155 -27.06 -33.81 -19.81
C MET D 155 -25.96 -32.85 -19.36
N THR D 156 -25.55 -31.98 -20.28
CA THR D 156 -24.68 -30.84 -20.02
C THR D 156 -25.54 -29.61 -19.66
N LEU D 157 -25.28 -28.99 -18.51
CA LEU D 157 -26.12 -27.88 -18.04
C LEU D 157 -25.30 -26.73 -17.45
N HIS D 158 -25.62 -25.50 -17.85
CA HIS D 158 -24.98 -24.28 -17.33
C HIS D 158 -26.05 -23.29 -16.84
N ILE D 159 -25.87 -22.75 -15.63
CA ILE D 159 -26.80 -21.84 -14.96
C ILE D 159 -26.02 -20.62 -14.44
N ARG D 160 -26.43 -19.41 -14.82
CA ARG D 160 -25.67 -18.20 -14.45
C ARG D 160 -26.55 -16.99 -14.12
N GLN D 161 -26.29 -16.32 -12.98
CA GLN D 161 -27.11 -15.21 -12.48
C GLN D 161 -26.60 -13.85 -13.00
N PHE D 162 -27.51 -13.04 -13.52
CA PHE D 162 -27.22 -11.69 -14.01
C PHE D 162 -27.55 -10.57 -13.00
N SER D 163 -28.60 -10.70 -12.18
CA SER D 163 -28.96 -9.75 -11.12
C SER D 163 -29.97 -10.42 -10.17
N GLY D 164 -30.25 -9.76 -9.06
CA GLY D 164 -31.29 -10.20 -8.14
C GLY D 164 -30.90 -10.07 -6.67
N THR D 165 -31.92 -9.88 -5.82
CA THR D 165 -31.79 -9.62 -4.39
C THR D 165 -32.66 -10.54 -3.50
N ASN D 166 -33.94 -10.74 -3.83
CA ASN D 166 -34.85 -11.57 -3.02
C ASN D 166 -34.63 -13.07 -3.32
N SER D 167 -34.54 -13.89 -2.26
CA SER D 167 -34.22 -15.32 -2.42
C SER D 167 -35.35 -16.11 -3.09
N HIS D 168 -36.60 -15.82 -2.76
CA HIS D 168 -37.74 -16.47 -3.43
C HIS D 168 -37.76 -16.14 -4.92
N HIS D 169 -37.44 -14.89 -5.28
CA HIS D 169 -37.45 -14.50 -6.70
C HIS D 169 -36.35 -15.20 -7.50
N ILE D 170 -35.15 -15.37 -6.92
CA ILE D 170 -34.00 -15.96 -7.63
C ILE D 170 -34.24 -17.44 -7.96
N ILE D 171 -34.75 -18.22 -7.00
CA ILE D 171 -34.97 -19.64 -7.23
C ILE D 171 -36.11 -19.87 -8.24
N GLU D 172 -37.21 -19.11 -8.13
CA GLU D 172 -38.34 -19.30 -9.04
C GLU D 172 -38.00 -18.89 -10.47
N ALA D 173 -37.08 -17.94 -10.66
CA ALA D 173 -36.66 -17.56 -12.01
C ALA D 173 -35.75 -18.60 -12.66
N THR D 174 -34.96 -19.32 -11.86
CA THR D 174 -34.17 -20.44 -12.36
C THR D 174 -35.07 -21.54 -12.93
N PHE D 175 -36.11 -21.94 -12.18
CA PHE D 175 -37.02 -22.99 -12.64
C PHE D 175 -37.89 -22.57 -13.84
N LYS D 176 -38.12 -21.27 -14.04
CA LYS D 176 -38.82 -20.80 -15.22
C LYS D 176 -37.95 -20.88 -16.48
N ALA D 177 -36.70 -20.38 -16.39
CA ALA D 177 -35.79 -20.42 -17.53
C ALA D 177 -35.40 -21.86 -17.92
N PHE D 178 -35.18 -22.74 -16.93
CA PHE D 178 -34.91 -24.16 -17.19
C PHE D 178 -36.05 -24.82 -17.96
N ALA D 179 -37.31 -24.49 -17.63
CA ALA D 179 -38.47 -25.09 -18.30
C ALA D 179 -38.54 -24.70 -19.76
N ARG D 180 -38.27 -23.44 -20.09
CA ARG D 180 -38.36 -23.00 -21.47
C ARG D 180 -37.19 -23.51 -22.31
N ALA D 181 -36.01 -23.68 -21.71
CA ALA D 181 -34.88 -24.22 -22.48
C ALA D 181 -35.05 -25.73 -22.71
N LEU D 182 -35.65 -26.46 -21.77
CA LEU D 182 -35.86 -27.89 -21.98
C LEU D 182 -36.95 -28.15 -23.03
N ARG D 183 -37.97 -27.28 -23.09
CA ARG D 183 -39.02 -27.43 -24.11
C ARG D 183 -38.45 -27.26 -25.52
N GLN D 184 -37.48 -26.35 -25.69
CA GLN D 184 -36.85 -26.13 -26.98
C GLN D 184 -36.04 -27.35 -27.44
N ALA D 185 -35.31 -27.99 -26.53
CA ALA D 185 -34.40 -29.06 -26.91
C ALA D 185 -35.10 -30.38 -27.22
N THR D 186 -36.31 -30.62 -26.72
CA THR D 186 -37.02 -31.87 -26.95
C THR D 186 -38.02 -31.81 -28.10
N GLU D 187 -38.21 -30.66 -28.74
CA GLU D 187 -39.14 -30.59 -29.86
C GLU D 187 -38.51 -31.05 -31.17
N TYR D 188 -39.37 -31.52 -32.08
CA TYR D 188 -38.91 -32.01 -33.38
C TYR D 188 -38.48 -30.89 -34.29
N ASP D 189 -37.32 -31.08 -34.92
CA ASP D 189 -36.75 -30.14 -35.88
C ASP D 189 -37.28 -30.45 -37.27
N THR D 190 -38.32 -29.74 -37.69
CA THR D 190 -38.72 -29.74 -39.09
C THR D 190 -37.64 -29.03 -39.90
N ARG D 191 -37.07 -29.71 -40.89
CA ARG D 191 -35.75 -29.35 -41.37
C ARG D 191 -35.78 -28.07 -42.21
N ARG D 192 -34.59 -27.58 -42.54
CA ARG D 192 -34.46 -26.38 -43.34
C ARG D 192 -34.81 -26.64 -44.80
N ALA E 9 -52.80 25.74 33.95
CA ALA E 9 -51.38 25.83 33.67
C ALA E 9 -50.61 24.72 34.39
N ARG E 10 -49.71 24.08 33.67
CA ARG E 10 -48.95 22.95 34.19
C ARG E 10 -47.63 23.48 34.77
N ILE E 11 -47.50 23.42 36.10
CA ILE E 11 -46.38 24.04 36.80
C ILE E 11 -45.68 23.00 37.67
N GLY E 12 -44.36 22.88 37.53
CA GLY E 12 -43.59 21.92 38.30
C GLY E 12 -42.50 22.61 39.10
N GLU E 13 -42.15 21.99 40.25
CA GLU E 13 -41.27 22.58 41.26
C GLU E 13 -40.32 21.51 41.81
N MET E 14 -39.19 21.94 42.37
CA MET E 14 -38.18 21.06 42.96
C MET E 14 -37.21 21.87 43.82
N LYS E 15 -36.83 21.33 44.98
CA LYS E 15 -35.78 21.87 45.83
C LYS E 15 -34.90 20.73 46.30
N ARG E 16 -33.58 20.91 46.22
CA ARG E 16 -32.61 19.87 46.59
C ARG E 16 -31.43 20.51 47.30
N VAL E 17 -31.07 19.98 48.47
CA VAL E 17 -29.93 20.47 49.25
C VAL E 17 -29.04 19.29 49.61
N THR E 18 -27.75 19.41 49.30
CA THR E 18 -26.75 18.44 49.73
C THR E 18 -25.56 19.17 50.33
N LYS E 19 -24.53 18.41 50.67
CA LYS E 19 -23.28 18.96 51.21
C LYS E 19 -22.45 19.67 50.15
N GLU E 20 -22.81 19.62 48.87
CA GLU E 20 -22.13 20.36 47.81
C GLU E 20 -22.88 21.61 47.36
N THR E 21 -24.20 21.55 47.24
CA THR E 21 -24.99 22.55 46.51
C THR E 21 -26.33 22.80 47.19
N ASN E 22 -26.96 23.91 46.80
CA ASN E 22 -28.32 24.29 47.19
C ASN E 22 -29.03 24.83 45.96
N VAL E 23 -30.15 24.21 45.56
CA VAL E 23 -30.79 24.45 44.26
C VAL E 23 -32.31 24.59 44.43
N SER E 24 -32.90 25.62 43.78
CA SER E 24 -34.35 25.76 43.63
C SER E 24 -34.74 26.05 42.17
N VAL E 25 -35.80 25.38 41.67
CA VAL E 25 -36.18 25.42 40.25
C VAL E 25 -37.71 25.49 40.12
N LYS E 26 -38.21 26.27 39.15
CA LYS E 26 -39.65 26.33 38.82
C LYS E 26 -39.89 26.53 37.33
N ILE E 27 -40.78 25.71 36.72
CA ILE E 27 -41.04 25.71 35.28
C ILE E 27 -42.55 25.75 34.99
N ASN E 28 -42.95 26.61 34.05
CA ASN E 28 -44.34 26.70 33.56
C ASN E 28 -44.37 26.31 32.08
N LEU E 29 -45.18 25.30 31.75
CA LEU E 29 -45.25 24.82 30.37
C LEU E 29 -46.19 25.64 29.49
N ASP E 30 -47.04 26.49 30.08
CA ASP E 30 -47.92 27.34 29.28
C ASP E 30 -47.59 28.82 29.48
N GLY E 31 -46.34 29.22 29.26
CA GLY E 31 -45.86 30.52 29.66
C GLY E 31 -45.82 31.55 28.54
N THR E 32 -45.21 32.70 28.86
CA THR E 32 -45.04 33.79 27.90
C THR E 32 -43.58 34.17 27.68
N GLY E 33 -42.64 33.34 28.12
CA GLY E 33 -41.22 33.63 27.92
C GLY E 33 -40.56 34.52 28.94
N VAL E 34 -40.88 34.36 30.22
CA VAL E 34 -40.24 35.12 31.30
C VAL E 34 -39.07 34.30 31.82
N ALA E 35 -37.90 34.94 31.93
CA ALA E 35 -36.66 34.27 32.35
C ALA E 35 -36.05 34.97 33.55
N ASP E 36 -35.63 34.20 34.55
CA ASP E 36 -34.97 34.73 35.74
C ASP E 36 -33.99 33.66 36.25
N ASN E 37 -32.78 33.66 35.72
CA ASN E 37 -31.83 32.55 35.88
C ASN E 37 -30.54 33.05 36.52
N SER E 38 -30.28 32.59 37.73
CA SER E 38 -29.13 33.04 38.51
C SER E 38 -28.50 31.80 39.16
N SER E 39 -27.75 31.06 38.37
CA SER E 39 -26.91 30.01 38.89
C SER E 39 -25.55 30.61 39.21
N GLY E 40 -24.59 29.81 39.62
CA GLY E 40 -23.28 30.41 39.75
C GLY E 40 -22.46 30.47 38.47
N ILE E 41 -23.00 30.08 37.34
CA ILE E 41 -22.25 29.84 36.11
C ILE E 41 -22.80 30.76 35.02
N PRO E 42 -22.07 31.82 34.66
CA PRO E 42 -22.64 32.87 33.79
C PRO E 42 -22.98 32.44 32.37
N PHE E 43 -22.17 31.59 31.74
CA PHE E 43 -22.48 31.10 30.40
C PHE E 43 -23.70 30.20 30.38
N LEU E 44 -23.91 29.39 31.43
CA LEU E 44 -25.10 28.55 31.50
C LEU E 44 -26.37 29.39 31.68
N ASP E 45 -26.28 30.54 32.35
CA ASP E 45 -27.44 31.45 32.43
C ASP E 45 -27.86 31.96 31.05
N HIS E 46 -26.89 32.26 30.19
CA HIS E 46 -27.16 32.72 28.83
C HIS E 46 -27.86 31.64 27.99
N MET E 47 -27.51 30.36 28.18
CA MET E 47 -28.20 29.29 27.45
C MET E 47 -29.62 29.03 27.98
N LEU E 48 -29.82 29.14 29.30
CA LEU E 48 -31.17 28.94 29.85
C LEU E 48 -32.14 30.04 29.43
N ASP E 49 -31.65 31.25 29.12
CA ASP E 49 -32.51 32.29 28.57
C ASP E 49 -33.04 31.93 27.18
N GLN E 50 -32.28 31.13 26.41
CA GLN E 50 -32.75 30.71 25.09
C GLN E 50 -33.93 29.77 25.22
N LEU E 51 -33.97 28.97 26.28
CA LEU E 51 -35.06 28.04 26.48
C LEU E 51 -36.37 28.78 26.75
N ALA E 52 -36.31 29.92 27.43
CA ALA E 52 -37.51 30.74 27.60
C ALA E 52 -37.89 31.49 26.33
N SER E 53 -36.89 31.99 25.60
CA SER E 53 -37.16 32.91 24.50
C SER E 53 -37.68 32.21 23.24
N HIS E 54 -37.17 31.03 22.94
CA HIS E 54 -37.59 30.32 21.74
C HIS E 54 -38.59 29.21 22.00
N GLY E 55 -38.72 28.75 23.24
CA GLY E 55 -39.74 27.77 23.55
C GLY E 55 -40.99 28.33 24.20
N LEU E 56 -40.94 29.59 24.63
CA LEU E 56 -42.02 30.31 25.33
C LEU E 56 -42.39 29.68 26.68
N PHE E 57 -41.45 29.04 27.36
CA PHE E 57 -41.65 28.60 28.73
C PHE E 57 -41.31 29.72 29.72
N ASP E 58 -41.84 29.62 30.94
CA ASP E 58 -41.36 30.42 32.07
C ASP E 58 -40.36 29.57 32.87
N VAL E 59 -39.14 30.09 33.08
CA VAL E 59 -38.05 29.33 33.69
C VAL E 59 -37.38 30.17 34.78
N HIS E 60 -37.22 29.58 35.97
CA HIS E 60 -36.59 30.28 37.10
C HIS E 60 -35.63 29.34 37.84
N VAL E 61 -34.35 29.71 37.94
CA VAL E 61 -33.30 28.90 38.60
C VAL E 61 -32.54 29.77 39.60
N LYS E 62 -32.33 29.24 40.82
CA LYS E 62 -31.45 29.84 41.82
C LYS E 62 -30.52 28.78 42.42
N ALA E 63 -29.21 29.04 42.43
CA ALA E 63 -28.25 28.03 42.87
C ALA E 63 -26.97 28.65 43.44
N THR E 64 -26.45 28.01 44.49
CA THR E 64 -25.10 28.26 45.00
C THR E 64 -24.42 26.93 45.29
N GLY E 65 -23.09 26.89 45.14
CA GLY E 65 -22.35 25.64 45.23
C GLY E 65 -20.88 25.80 45.55
N ASP E 66 -20.10 24.81 45.13
CA ASP E 66 -18.68 24.72 45.49
C ASP E 66 -17.78 25.01 44.29
N THR E 67 -17.94 26.18 43.70
CA THR E 67 -17.27 26.50 42.45
C THR E 67 -15.78 26.81 42.60
N HIS E 68 -15.21 26.75 43.81
CA HIS E 68 -13.76 26.89 43.91
C HIS E 68 -13.01 25.58 43.66
N ILE E 69 -13.68 24.42 43.69
CA ILE E 69 -13.12 23.19 43.12
C ILE E 69 -13.19 23.31 41.59
N ASP E 70 -14.38 23.09 41.01
CA ASP E 70 -14.69 23.50 39.64
C ASP E 70 -16.19 23.74 39.49
N ASP E 71 -16.69 23.77 38.26
CA ASP E 71 -18.11 23.97 37.98
C ASP E 71 -18.92 22.68 37.86
N HIS E 72 -18.27 21.51 38.03
CA HIS E 72 -18.87 20.20 37.70
C HIS E 72 -20.07 19.87 38.59
N HIS E 73 -19.92 19.98 39.92
CA HIS E 73 -21.02 19.55 40.80
C HIS E 73 -22.23 20.49 40.70
N THR E 74 -22.01 21.80 40.53
CA THR E 74 -23.11 22.75 40.33
C THR E 74 -23.83 22.53 39.00
N ASN E 75 -23.08 22.18 37.93
CA ASN E 75 -23.68 21.90 36.62
C ASN E 75 -24.56 20.64 36.65
N GLU E 76 -24.11 19.61 37.36
CA GLU E 76 -24.87 18.36 37.47
C GLU E 76 -26.14 18.50 38.32
N ASP E 77 -26.07 19.19 39.46
CA ASP E 77 -27.24 19.26 40.34
C ASP E 77 -28.37 20.12 39.75
N VAL E 78 -28.03 21.19 39.03
CA VAL E 78 -29.04 22.01 38.36
C VAL E 78 -29.78 21.20 37.28
N ALA E 79 -29.04 20.41 36.50
CA ALA E 79 -29.65 19.60 35.44
C ALA E 79 -30.60 18.53 36.00
N LEU E 80 -30.24 17.89 37.11
CA LEU E 80 -31.12 16.92 37.75
C LEU E 80 -32.41 17.56 38.24
N ALA E 81 -32.33 18.79 38.76
CA ALA E 81 -33.51 19.46 39.30
C ALA E 81 -34.50 19.84 38.19
N ILE E 82 -34.01 20.26 37.03
CA ILE E 82 -34.88 20.60 35.89
C ILE E 82 -35.61 19.36 35.36
N GLY E 83 -34.96 18.19 35.35
CA GLY E 83 -35.63 16.98 34.88
C GLY E 83 -36.79 16.55 35.77
N THR E 84 -36.61 16.67 37.09
CA THR E 84 -37.65 16.31 38.05
C THR E 84 -38.87 17.24 37.92
N ALA E 85 -38.64 18.55 37.77
CA ALA E 85 -39.72 19.52 37.67
C ALA E 85 -40.53 19.36 36.38
N LEU E 86 -39.87 18.95 35.30
CA LEU E 86 -40.58 18.69 34.04
C LEU E 86 -41.48 17.47 34.16
N LEU E 87 -41.01 16.42 34.84
CA LEU E 87 -41.82 15.21 35.02
C LEU E 87 -43.04 15.48 35.91
N GLN E 88 -42.92 16.39 36.89
CA GLN E 88 -44.06 16.74 37.73
C GLN E 88 -45.06 17.63 36.99
N ALA E 89 -44.58 18.52 36.11
CA ALA E 89 -45.48 19.38 35.35
C ALA E 89 -46.31 18.60 34.33
N LEU E 90 -45.80 17.49 33.79
CA LEU E 90 -46.49 16.79 32.71
C LEU E 90 -47.62 15.90 33.21
N GLY E 91 -47.45 15.21 34.34
CA GLY E 91 -48.55 14.47 34.93
C GLY E 91 -48.96 13.24 34.15
N ASP E 92 -50.26 13.16 33.85
CA ASP E 92 -50.83 11.98 33.19
C ASP E 92 -50.37 11.84 31.75
N ARG E 93 -50.15 12.98 31.05
CA ARG E 93 -49.77 13.10 29.63
C ARG E 93 -50.91 12.71 28.68
N LYS E 94 -52.14 13.05 29.04
CA LYS E 94 -53.30 12.76 28.21
C LYS E 94 -53.48 13.87 27.17
N GLY E 95 -53.58 13.48 25.90
CA GLY E 95 -53.92 14.42 24.84
C GLY E 95 -52.82 15.28 24.27
N ILE E 96 -51.55 14.97 24.49
CA ILE E 96 -50.45 15.79 23.97
C ILE E 96 -49.93 15.20 22.66
N ASN E 97 -49.12 16.00 21.95
CA ASN E 97 -48.51 15.55 20.70
C ASN E 97 -47.48 14.43 20.91
N ARG E 98 -46.73 14.49 22.01
CA ARG E 98 -45.75 13.51 22.50
C ARG E 98 -44.43 13.46 21.72
N PHE E 99 -44.39 13.82 20.43
CA PHE E 99 -43.18 13.83 19.60
C PHE E 99 -42.84 15.25 19.13
N GLY E 100 -41.55 15.53 18.93
CA GLY E 100 -41.10 16.81 18.40
C GLY E 100 -39.82 16.71 17.60
N ASN E 101 -39.63 17.64 16.65
CA ASN E 101 -38.60 17.54 15.62
C ASN E 101 -38.30 18.91 15.01
N PHE E 102 -37.02 19.32 14.95
CA PHE E 102 -36.64 20.64 14.40
C PHE E 102 -35.14 20.75 14.11
N SER E 103 -34.79 21.51 13.06
CA SER E 103 -33.39 21.87 12.75
C SER E 103 -33.21 23.39 12.72
N ALA E 104 -32.15 23.89 13.38
CA ALA E 104 -31.92 25.33 13.57
C ALA E 104 -30.49 25.81 13.29
N PRO E 105 -30.32 26.88 12.50
CA PRO E 105 -28.97 27.42 12.24
C PRO E 105 -28.58 28.64 13.06
N LEU E 106 -27.27 28.90 13.15
CA LEU E 106 -26.73 30.17 13.64
C LEU E 106 -25.44 30.44 12.85
N ASP E 107 -25.54 31.35 11.87
CA ASP E 107 -24.52 31.59 10.83
C ASP E 107 -24.14 30.29 10.14
N GLU E 108 -22.89 29.82 10.28
CA GLU E 108 -22.39 28.64 9.59
C GLU E 108 -22.67 27.31 10.31
N ALA E 109 -23.25 27.32 11.51
CA ALA E 109 -23.58 26.09 12.23
C ALA E 109 -25.02 25.65 11.95
N LEU E 110 -25.27 24.33 12.07
CA LEU E 110 -26.60 23.73 11.94
C LEU E 110 -26.69 22.39 12.69
N VAL E 111 -27.74 22.24 13.53
CA VAL E 111 -27.96 21.09 14.41
C VAL E 111 -29.42 20.58 14.27
N HIS E 112 -29.60 19.26 14.24
CA HIS E 112 -30.88 18.57 14.11
C HIS E 112 -31.25 17.86 15.42
N VAL E 113 -32.49 18.01 15.90
CA VAL E 113 -32.97 17.45 17.17
C VAL E 113 -34.29 16.72 16.97
N SER E 114 -34.41 15.49 17.52
CA SER E 114 -35.72 14.86 17.68
C SER E 114 -35.84 14.09 19.01
N LEU E 115 -37.04 14.08 19.59
CA LEU E 115 -37.28 13.56 20.93
C LEU E 115 -38.67 12.93 21.05
N ASP E 116 -38.87 12.13 22.12
CA ASP E 116 -40.13 11.45 22.39
C ASP E 116 -40.30 11.29 23.90
N LEU E 117 -41.46 11.73 24.42
CA LEU E 117 -41.71 11.74 25.87
C LEU E 117 -42.29 10.38 26.29
N SER E 118 -41.39 9.41 26.42
CA SER E 118 -41.75 8.00 26.41
C SER E 118 -41.83 7.33 27.77
N GLY E 119 -41.07 7.78 28.76
CA GLY E 119 -40.85 7.05 29.99
C GLY E 119 -39.62 6.17 29.98
N ARG E 120 -38.87 6.13 28.89
CA ARG E 120 -37.65 5.32 28.76
C ARG E 120 -36.47 6.25 28.46
N PRO E 121 -35.48 6.37 29.36
CA PRO E 121 -34.36 7.30 29.15
C PRO E 121 -33.31 6.79 28.18
N HIS E 122 -32.84 7.67 27.29
CA HIS E 122 -31.75 7.37 26.37
C HIS E 122 -31.21 8.66 25.76
N LEU E 123 -29.88 8.76 25.63
CA LEU E 123 -29.24 9.89 24.96
C LEU E 123 -28.35 9.41 23.81
N GLY E 124 -28.55 9.96 22.63
CA GLY E 124 -27.62 9.86 21.51
C GLY E 124 -26.99 11.21 21.20
N TYR E 125 -25.67 11.33 21.32
CA TYR E 125 -24.95 12.60 21.29
C TYR E 125 -23.85 12.55 20.25
N ASP E 126 -23.87 13.50 19.32
CA ASP E 126 -22.97 13.49 18.18
C ASP E 126 -22.62 14.95 17.79
N LEU E 127 -21.80 15.59 18.61
CA LEU E 127 -21.30 16.94 18.37
C LEU E 127 -19.78 16.92 18.33
N ASN E 128 -19.19 17.92 17.69
CA ASN E 128 -17.73 18.01 17.58
C ASN E 128 -17.28 19.43 17.91
N ILE E 129 -17.00 19.70 19.17
CA ILE E 129 -16.71 21.05 19.67
C ILE E 129 -15.20 21.26 19.66
N PRO E 130 -14.68 22.20 18.90
CA PRO E 130 -13.24 22.25 18.60
C PRO E 130 -12.31 22.95 19.60
N THR E 131 -12.80 23.59 20.67
CA THR E 131 -11.92 24.15 21.71
C THR E 131 -12.31 23.62 23.08
N GLN E 132 -11.45 23.86 24.07
CA GLN E 132 -11.66 23.30 25.41
C GLN E 132 -12.42 24.24 26.36
N ARG E 133 -12.38 25.54 26.13
CA ARG E 133 -13.04 26.54 26.96
C ARG E 133 -13.72 27.58 26.09
N VAL E 134 -14.90 28.06 26.50
CA VAL E 134 -15.56 29.11 25.73
C VAL E 134 -15.25 30.45 26.40
N GLY E 135 -15.66 30.64 27.63
CA GLY E 135 -15.13 31.75 28.41
C GLY E 135 -14.40 31.17 29.60
N LYS E 136 -15.05 31.12 30.75
CA LYS E 136 -14.59 30.26 31.83
C LYS E 136 -15.22 28.86 31.84
N TYR E 137 -16.20 28.59 30.97
CA TYR E 137 -16.99 27.34 30.98
C TYR E 137 -16.27 26.20 30.26
N ASP E 138 -16.21 25.04 30.90
CA ASP E 138 -15.58 23.82 30.37
C ASP E 138 -16.50 23.10 29.39
N THR E 139 -16.00 22.74 28.21
CA THR E 139 -16.86 22.24 27.13
C THR E 139 -17.29 20.77 27.24
N GLN E 140 -16.63 19.94 28.09
CA GLN E 140 -17.16 18.61 28.40
C GLN E 140 -18.45 18.65 29.21
N LEU E 141 -18.83 19.79 29.80
CA LEU E 141 -20.03 19.84 30.62
C LEU E 141 -21.33 19.96 29.80
N VAL E 142 -21.23 20.22 28.48
CA VAL E 142 -22.43 20.25 27.64
C VAL E 142 -23.06 18.86 27.55
N GLU E 143 -22.24 17.83 27.32
CA GLU E 143 -22.76 16.47 27.27
C GLU E 143 -23.25 15.98 28.64
N HIS E 144 -22.58 16.36 29.73
CA HIS E 144 -23.01 15.94 31.07
C HIS E 144 -24.37 16.59 31.45
N PHE E 145 -24.63 17.80 30.96
CA PHE E 145 -25.90 18.47 31.25
C PHE E 145 -27.09 17.70 30.67
N PHE E 146 -26.99 17.29 29.39
CA PHE E 146 -28.09 16.59 28.74
C PHE E 146 -28.28 15.17 29.27
N GLN E 147 -27.22 14.49 29.70
CA GLN E 147 -27.35 13.13 30.24
C GLN E 147 -28.06 13.11 31.60
N SER E 148 -27.78 14.09 32.47
CA SER E 148 -28.51 14.21 33.74
C SER E 148 -29.99 14.60 33.53
N LEU E 149 -30.29 15.42 32.52
CA LEU E 149 -31.67 15.83 32.26
C LEU E 149 -32.54 14.66 31.78
N VAL E 150 -32.02 13.79 30.91
CA VAL E 150 -32.86 12.68 30.45
C VAL E 150 -33.01 11.59 31.52
N ASN E 151 -32.11 11.48 32.50
CA ASN E 151 -32.23 10.42 33.50
C ASN E 151 -33.36 10.71 34.50
N THR E 152 -33.58 11.97 34.88
CA THR E 152 -34.67 12.25 35.81
C THR E 152 -36.01 12.46 35.12
N SER E 153 -36.04 12.93 33.87
CA SER E 153 -37.29 13.16 33.15
C SER E 153 -37.81 11.94 32.40
N GLY E 154 -36.97 10.97 32.09
CA GLY E 154 -37.39 9.81 31.31
C GLY E 154 -37.70 10.04 29.84
N MET E 155 -36.87 10.79 29.12
CA MET E 155 -37.13 11.04 27.71
C MET E 155 -36.07 10.39 26.81
N THR E 156 -36.48 10.07 25.58
CA THR E 156 -35.60 9.65 24.49
C THR E 156 -35.15 10.89 23.70
N LEU E 157 -33.83 11.08 23.55
CA LEU E 157 -33.31 12.29 22.91
C LEU E 157 -32.15 11.99 21.95
N HIS E 158 -32.20 12.56 20.75
CA HIS E 158 -31.14 12.43 19.73
C HIS E 158 -30.71 13.82 19.25
N ILE E 159 -29.39 14.08 19.21
CA ILE E 159 -28.78 15.36 18.85
C ILE E 159 -27.67 15.10 17.81
N ARG E 160 -27.74 15.76 16.65
CA ARG E 160 -26.78 15.49 15.56
C ARG E 160 -26.36 16.74 14.78
N GLN E 161 -25.04 16.93 14.59
CA GLN E 161 -24.48 18.12 13.95
C GLN E 161 -24.34 17.93 12.43
N PHE E 162 -24.81 18.92 11.66
CA PHE E 162 -24.70 18.95 10.20
C PHE E 162 -23.54 19.79 9.67
N SER E 163 -23.18 20.91 10.31
CA SER E 163 -22.04 21.75 9.95
C SER E 163 -21.71 22.69 11.12
N GLY E 164 -20.59 23.39 11.03
CA GLY E 164 -20.23 24.42 12.00
C GLY E 164 -18.76 24.40 12.38
N THR E 165 -18.25 25.58 12.75
CA THR E 165 -16.84 25.85 13.06
C THR E 165 -16.62 26.57 14.41
N ASN E 166 -17.38 27.64 14.70
CA ASN E 166 -17.20 28.41 15.95
C ASN E 166 -17.90 27.71 17.13
N SER E 167 -17.19 27.60 18.27
CA SER E 167 -17.71 26.85 19.42
C SER E 167 -18.92 27.52 20.08
N HIS E 168 -18.91 28.85 20.20
CA HIS E 168 -20.07 29.57 20.74
C HIS E 168 -21.30 29.38 19.84
N HIS E 169 -21.12 29.36 18.53
CA HIS E 169 -22.25 29.19 17.62
C HIS E 169 -22.87 27.78 17.72
N ILE E 170 -22.03 26.74 17.86
CA ILE E 170 -22.51 25.35 17.89
C ILE E 170 -23.36 25.07 19.13
N ILE E 171 -22.91 25.51 20.31
CA ILE E 171 -23.66 25.25 21.53
C ILE E 171 -24.98 26.03 21.56
N GLU E 172 -24.97 27.30 21.14
CA GLU E 172 -26.20 28.11 21.16
C GLU E 172 -27.23 27.61 20.16
N ALA E 173 -26.81 26.99 19.06
CA ALA E 173 -27.77 26.43 18.10
C ALA E 173 -28.41 25.14 18.60
N THR E 174 -27.68 24.35 19.41
CA THR E 174 -28.26 23.19 20.06
C THR E 174 -29.40 23.57 20.99
N PHE E 175 -29.19 24.59 21.85
CA PHE E 175 -30.22 25.03 22.79
C PHE E 175 -31.42 25.71 22.10
N LYS E 176 -31.23 26.27 20.90
CA LYS E 176 -32.36 26.80 20.14
C LYS E 176 -33.24 25.70 19.55
N ALA E 177 -32.61 24.71 18.89
CA ALA E 177 -33.37 23.60 18.30
C ALA E 177 -34.07 22.74 19.36
N PHE E 178 -33.40 22.48 20.50
CA PHE E 178 -34.02 21.75 21.61
C PHE E 178 -35.28 22.46 22.12
N ALA E 179 -35.26 23.80 22.20
CA ALA E 179 -36.41 24.56 22.70
C ALA E 179 -37.61 24.43 21.78
N ARG E 180 -37.40 24.49 20.47
CA ARG E 180 -38.52 24.41 19.54
C ARG E 180 -39.08 22.99 19.44
N ALA E 181 -38.24 21.96 19.60
CA ALA E 181 -38.75 20.59 19.57
C ALA E 181 -39.51 20.25 20.85
N LEU E 182 -39.09 20.79 22.00
CA LEU E 182 -39.82 20.53 23.24
C LEU E 182 -41.17 21.24 23.27
N ARG E 183 -41.26 22.44 22.66
CA ARG E 183 -42.54 23.15 22.59
C ARG E 183 -43.57 22.37 21.77
N GLN E 184 -43.12 21.71 20.70
CA GLN E 184 -44.01 20.91 19.87
C GLN E 184 -44.57 19.70 20.63
N ALA E 185 -43.74 19.02 21.42
CA ALA E 185 -44.16 17.77 22.04
C ALA E 185 -45.08 17.97 23.25
N THR E 186 -45.09 19.13 23.89
CA THR E 186 -45.92 19.38 25.06
C THR E 186 -47.24 20.08 24.74
N GLU E 187 -47.49 20.46 23.50
CA GLU E 187 -48.75 21.12 23.17
C GLU E 187 -49.88 20.12 22.94
N TYR E 188 -51.11 20.59 23.16
CA TYR E 188 -52.29 19.74 23.00
C TYR E 188 -52.60 19.48 21.54
N ASP E 189 -52.87 18.21 21.24
CA ASP E 189 -53.23 17.75 19.90
C ASP E 189 -54.75 17.86 19.73
N THR E 190 -55.21 18.95 19.13
CA THR E 190 -56.58 19.02 18.66
C THR E 190 -56.74 18.05 17.48
N ARG E 191 -57.68 17.12 17.59
CA ARG E 191 -57.58 15.89 16.81
C ARG E 191 -57.92 16.12 15.34
N ARG E 192 -57.68 15.08 14.54
CA ARG E 192 -57.96 15.15 13.12
C ARG E 192 -59.47 15.10 12.84
N ALA F 9 -3.62 10.63 -66.91
CA ALA F 9 -4.07 11.04 -65.59
C ALA F 9 -5.07 10.02 -65.03
N ARG F 10 -4.89 9.66 -63.77
CA ARG F 10 -5.71 8.65 -63.12
C ARG F 10 -6.87 9.35 -62.40
N ILE F 11 -8.09 9.16 -62.92
CA ILE F 11 -9.26 9.90 -62.44
C ILE F 11 -10.35 8.92 -62.03
N GLY F 12 -10.88 9.08 -60.82
CA GLY F 12 -11.92 8.21 -60.32
C GLY F 12 -13.16 8.99 -59.93
N GLU F 13 -14.33 8.33 -60.04
CA GLU F 13 -15.64 8.95 -59.92
C GLU F 13 -16.59 8.03 -59.13
N MET F 14 -17.63 8.61 -58.54
CA MET F 14 -18.63 7.88 -57.77
C MET F 14 -19.87 8.76 -57.54
N LYS F 15 -21.06 8.16 -57.66
CA LYS F 15 -22.32 8.80 -57.30
C LYS F 15 -23.17 7.80 -56.52
N ARG F 16 -23.75 8.25 -55.40
CA ARG F 16 -24.53 7.38 -54.52
C ARG F 16 -25.74 8.15 -54.00
N VAL F 17 -26.93 7.57 -54.14
CA VAL F 17 -28.18 8.17 -53.66
C VAL F 17 -28.92 7.16 -52.80
N THR F 18 -29.29 7.56 -51.59
CA THR F 18 -30.15 6.77 -50.73
C THR F 18 -31.27 7.64 -50.18
N LYS F 19 -32.07 7.07 -49.30
CA LYS F 19 -33.15 7.77 -48.62
C LYS F 19 -32.66 8.76 -47.57
N GLU F 20 -31.36 8.79 -47.25
CA GLU F 20 -30.78 9.77 -46.34
C GLU F 20 -30.03 10.89 -47.04
N THR F 21 -29.26 10.59 -48.09
CA THR F 21 -28.25 11.51 -48.63
C THR F 21 -28.18 11.40 -50.15
N ASN F 22 -27.54 12.40 -50.76
CA ASN F 22 -27.22 12.45 -52.19
C ASN F 22 -25.80 12.99 -52.32
N VAL F 23 -24.88 12.21 -52.94
CA VAL F 23 -23.44 12.48 -52.91
C VAL F 23 -22.84 12.30 -54.31
N SER F 24 -21.99 13.25 -54.74
CA SER F 24 -21.14 13.13 -55.93
C SER F 24 -19.69 13.51 -55.62
N VAL F 25 -18.72 12.71 -56.13
CA VAL F 25 -17.30 12.84 -55.78
C VAL F 25 -16.44 12.62 -57.03
N LYS F 26 -15.35 13.40 -57.17
CA LYS F 26 -14.35 13.21 -58.24
C LYS F 26 -12.93 13.54 -57.77
N ILE F 27 -11.96 12.64 -58.05
CA ILE F 27 -10.58 12.76 -57.58
C ILE F 27 -9.58 12.54 -58.73
N ASN F 28 -8.57 13.41 -58.82
CA ASN F 28 -7.46 13.28 -59.78
C ASN F 28 -6.16 13.07 -59.01
N LEU F 29 -5.46 11.97 -59.30
CA LEU F 29 -4.22 11.65 -58.58
C LEU F 29 -3.00 12.37 -59.15
N ASP F 30 -3.10 12.96 -60.34
CA ASP F 30 -1.98 13.71 -60.91
C ASP F 30 -2.32 15.19 -61.06
N GLY F 31 -2.75 15.85 -59.98
CA GLY F 31 -3.35 17.16 -60.07
C GLY F 31 -2.40 18.30 -59.73
N THR F 32 -2.98 19.51 -59.64
CA THR F 32 -2.24 20.71 -59.28
C THR F 32 -2.77 21.40 -58.03
N GLY F 33 -3.62 20.73 -57.26
CA GLY F 33 -4.14 21.31 -56.02
C GLY F 33 -5.37 22.19 -56.16
N VAL F 34 -6.32 21.81 -57.01
CA VAL F 34 -7.58 22.54 -57.16
C VAL F 34 -8.60 21.92 -56.22
N ALA F 35 -9.28 22.76 -55.43
CA ALA F 35 -10.25 22.30 -54.43
C ALA F 35 -11.59 22.96 -54.65
N ASP F 36 -12.67 22.17 -54.59
CA ASP F 36 -14.04 22.67 -54.73
C ASP F 36 -14.96 21.76 -53.90
N ASN F 37 -15.09 22.07 -52.61
CA ASN F 37 -15.70 21.15 -51.63
C ASN F 37 -16.89 21.81 -50.97
N SER F 38 -18.07 21.27 -51.22
CA SER F 38 -19.32 21.84 -50.72
C SER F 38 -20.19 20.69 -50.22
N SER F 39 -19.87 20.21 -49.03
CA SER F 39 -20.73 19.28 -48.33
C SER F 39 -21.68 20.10 -47.47
N GLY F 40 -22.50 19.46 -46.67
CA GLY F 40 -23.27 20.29 -45.76
C GLY F 40 -22.57 20.66 -44.46
N ILE F 41 -21.30 20.31 -44.29
CA ILE F 41 -20.61 20.37 -43.01
C ILE F 41 -19.40 21.28 -43.16
N PRO F 42 -19.45 22.51 -42.61
CA PRO F 42 -18.42 23.52 -42.92
C PRO F 42 -17.01 23.20 -42.43
N PHE F 43 -16.87 22.60 -41.25
CA PHE F 43 -15.54 22.23 -40.76
C PHE F 43 -14.91 21.11 -41.57
N LEU F 44 -15.71 20.16 -42.07
CA LEU F 44 -15.18 19.11 -42.92
C LEU F 44 -14.72 19.64 -44.27
N ASP F 45 -15.35 20.71 -44.79
CA ASP F 45 -14.86 21.35 -46.01
C ASP F 45 -13.46 21.93 -45.82
N HIS F 46 -13.19 22.52 -44.65
CA HIS F 46 -11.87 23.08 -44.34
C HIS F 46 -10.79 21.99 -44.28
N MET F 47 -11.12 20.79 -43.79
CA MET F 47 -10.14 19.69 -43.77
C MET F 47 -9.90 19.11 -45.17
N LEU F 48 -10.94 19.00 -46.01
CA LEU F 48 -10.76 18.49 -47.36
C LEU F 48 -9.92 19.41 -48.23
N ASP F 49 -9.90 20.72 -47.95
CA ASP F 49 -9.00 21.63 -48.65
C ASP F 49 -7.54 21.35 -48.35
N GLN F 50 -7.23 20.81 -47.15
CA GLN F 50 -5.85 20.47 -46.82
C GLN F 50 -5.37 19.30 -47.67
N LEU F 51 -6.27 18.39 -48.02
CA LEU F 51 -5.90 17.24 -48.83
C LEU F 51 -5.49 17.67 -50.23
N ALA F 52 -6.12 18.72 -50.77
CA ALA F 52 -5.68 19.26 -52.06
C ALA F 52 -4.40 20.07 -51.95
N SER F 53 -4.25 20.83 -50.86
CA SER F 53 -3.17 21.81 -50.78
C SER F 53 -1.82 21.18 -50.45
N HIS F 54 -1.79 20.16 -49.61
CA HIS F 54 -0.54 19.53 -49.22
C HIS F 54 -0.26 18.22 -49.94
N GLY F 55 -1.28 17.61 -50.54
CA GLY F 55 -1.03 16.42 -51.33
C GLY F 55 -0.98 16.64 -52.83
N LEU F 56 -1.40 17.83 -53.28
CA LEU F 56 -1.47 18.23 -54.70
C LEU F 56 -2.46 17.38 -55.51
N PHE F 57 -3.51 16.86 -54.89
CA PHE F 57 -4.61 16.22 -55.62
C PHE F 57 -5.64 17.27 -56.06
N ASP F 58 -6.43 16.93 -57.07
CA ASP F 58 -7.66 17.66 -57.39
C ASP F 58 -8.85 16.94 -56.73
N VAL F 59 -9.63 17.65 -55.92
CA VAL F 59 -10.69 17.06 -55.12
C VAL F 59 -11.98 17.87 -55.27
N HIS F 60 -13.10 17.20 -55.57
CA HIS F 60 -14.39 17.86 -55.73
C HIS F 60 -15.50 17.04 -55.06
N VAL F 61 -16.22 17.65 -54.10
CA VAL F 61 -17.31 16.99 -53.35
C VAL F 61 -18.56 17.86 -53.38
N LYS F 62 -19.72 17.24 -53.67
CA LYS F 62 -21.03 17.88 -53.54
C LYS F 62 -22.00 16.96 -52.80
N ALA F 63 -22.66 17.47 -51.75
CA ALA F 63 -23.52 16.63 -50.92
C ALA F 63 -24.64 17.41 -50.25
N THR F 64 -25.81 16.77 -50.16
CA THR F 64 -26.92 17.22 -49.32
C THR F 64 -27.50 16.01 -48.58
N GLY F 65 -28.03 16.25 -47.37
CA GLY F 65 -28.46 15.18 -46.50
C GLY F 65 -29.46 15.58 -45.45
N ASP F 66 -29.48 14.82 -44.36
CA ASP F 66 -30.49 14.97 -43.31
C ASP F 66 -29.90 15.57 -42.03
N THR F 67 -29.31 16.75 -42.16
CA THR F 67 -28.56 17.34 -41.07
C THR F 67 -29.42 17.91 -39.94
N HIS F 68 -30.76 17.83 -40.03
CA HIS F 68 -31.56 18.23 -38.88
C HIS F 68 -31.71 17.14 -37.82
N ILE F 69 -31.39 15.88 -38.14
CA ILE F 69 -31.17 14.86 -37.10
C ILE F 69 -29.80 15.14 -36.46
N ASP F 70 -28.71 14.76 -37.14
CA ASP F 70 -27.37 15.26 -36.84
C ASP F 70 -26.49 15.22 -38.10
N ASP F 71 -25.18 15.30 -37.94
CA ASP F 71 -24.24 15.25 -39.05
C ASP F 71 -23.73 13.84 -39.38
N HIS F 72 -24.18 12.81 -38.65
CA HIS F 72 -23.59 11.46 -38.70
C HIS F 72 -23.77 10.79 -40.06
N HIS F 73 -25.01 10.77 -40.60
CA HIS F 73 -25.23 10.04 -41.85
C HIS F 73 -24.55 10.72 -43.04
N THR F 74 -24.52 12.06 -43.07
CA THR F 74 -23.81 12.80 -44.13
C THR F 74 -22.29 12.60 -44.05
N ASN F 75 -21.73 12.53 -42.82
CA ASN F 75 -20.29 12.30 -42.64
C ASN F 75 -19.88 10.90 -43.11
N GLU F 76 -20.70 9.90 -42.84
CA GLU F 76 -20.43 8.52 -43.24
C GLU F 76 -20.53 8.30 -44.76
N ASP F 77 -21.56 8.86 -45.40
CA ASP F 77 -21.75 8.59 -46.83
C ASP F 77 -20.69 9.27 -47.70
N VAL F 78 -20.23 10.46 -47.31
CA VAL F 78 -19.16 11.14 -48.04
C VAL F 78 -17.85 10.34 -47.96
N ALA F 79 -17.53 9.81 -46.78
CA ALA F 79 -16.30 9.02 -46.60
C ALA F 79 -16.31 7.73 -47.44
N LEU F 80 -17.46 7.05 -47.51
CA LEU F 80 -17.56 5.85 -48.34
C LEU F 80 -17.36 6.17 -49.82
N ALA F 81 -17.86 7.32 -50.28
CA ALA F 81 -17.75 7.68 -51.69
C ALA F 81 -16.30 7.98 -52.09
N ILE F 82 -15.53 8.62 -51.21
CA ILE F 82 -14.13 8.93 -51.47
C ILE F 82 -13.29 7.63 -51.56
N GLY F 83 -13.59 6.63 -50.73
CA GLY F 83 -12.85 5.38 -50.80
C GLY F 83 -13.04 4.62 -52.11
N THR F 84 -14.28 4.61 -52.61
CA THR F 84 -14.60 3.95 -53.87
C THR F 84 -13.89 4.62 -55.06
N ALA F 85 -13.89 5.96 -55.09
CA ALA F 85 -13.27 6.70 -56.19
C ALA F 85 -11.75 6.55 -56.21
N LEU F 86 -11.12 6.41 -55.04
CA LEU F 86 -9.68 6.16 -54.98
C LEU F 86 -9.34 4.78 -55.53
N LEU F 87 -10.15 3.77 -55.21
CA LEU F 87 -9.90 2.41 -55.71
C LEU F 87 -10.07 2.33 -57.23
N GLN F 88 -10.99 3.12 -57.80
CA GLN F 88 -11.16 3.14 -59.25
C GLN F 88 -10.02 3.90 -59.95
N ALA F 89 -9.51 4.97 -59.32
CA ALA F 89 -8.41 5.71 -59.92
C ALA F 89 -7.10 4.92 -59.96
N LEU F 90 -6.88 4.00 -59.01
CA LEU F 90 -5.59 3.31 -58.91
C LEU F 90 -5.46 2.16 -59.90
N GLY F 91 -6.52 1.39 -60.14
CA GLY F 91 -6.49 0.38 -61.19
C GLY F 91 -5.60 -0.80 -60.88
N ASP F 92 -4.70 -1.10 -61.82
CA ASP F 92 -3.84 -2.28 -61.72
C ASP F 92 -2.80 -2.16 -60.61
N ARG F 93 -2.32 -0.92 -60.34
CA ARG F 93 -1.27 -0.56 -59.36
C ARG F 93 0.12 -1.05 -59.79
N LYS F 94 0.41 -1.00 -61.08
CA LYS F 94 1.71 -1.41 -61.60
C LYS F 94 2.70 -0.25 -61.51
N GLY F 95 3.85 -0.49 -60.89
CA GLY F 95 4.93 0.48 -60.89
C GLY F 95 4.88 1.60 -59.88
N ILE F 96 4.06 1.52 -58.84
CA ILE F 96 3.97 2.60 -57.85
C ILE F 96 4.85 2.29 -56.65
N ASN F 97 5.07 3.30 -55.80
CA ASN F 97 5.86 3.14 -54.58
C ASN F 97 5.17 2.23 -53.55
N ARG F 98 3.84 2.30 -53.46
CA ARG F 98 2.94 1.48 -52.65
C ARG F 98 2.97 1.79 -51.14
N PHE F 99 4.07 2.30 -50.57
CA PHE F 99 4.19 2.64 -49.14
C PHE F 99 4.42 4.14 -48.96
N GLY F 100 3.96 4.70 -47.84
CA GLY F 100 4.19 6.10 -47.49
C GLY F 100 4.25 6.35 -46.00
N ASN F 101 4.98 7.40 -45.61
CA ASN F 101 5.36 7.63 -44.21
C ASN F 101 5.74 9.09 -43.98
N PHE F 102 5.16 9.75 -42.96
CA PHE F 102 5.44 11.17 -42.68
C PHE F 102 4.94 11.61 -41.29
N SER F 103 5.68 12.54 -40.66
CA SER F 103 5.26 13.21 -39.42
C SER F 103 5.18 14.72 -39.60
N ALA F 104 4.08 15.34 -39.13
CA ALA F 104 3.79 16.77 -39.36
C ALA F 104 3.33 17.55 -38.12
N PRO F 105 3.93 18.71 -37.85
CA PRO F 105 3.48 19.53 -36.71
C PRO F 105 2.57 20.70 -37.05
N LEU F 106 1.84 21.20 -36.04
CA LEU F 106 1.14 22.49 -36.11
C LEU F 106 1.18 23.10 -34.70
N ASP F 107 2.08 24.08 -34.52
CA ASP F 107 2.48 24.63 -33.22
C ASP F 107 2.91 23.53 -32.26
N GLU F 108 2.16 23.30 -31.17
CA GLU F 108 2.53 22.33 -30.14
C GLU F 108 2.05 20.90 -30.42
N ALA F 109 1.29 20.65 -31.49
CA ALA F 109 0.84 19.31 -31.83
C ALA F 109 1.79 18.62 -32.82
N LEU F 110 1.82 17.28 -32.78
CA LEU F 110 2.60 16.44 -33.71
C LEU F 110 2.00 15.04 -33.83
N VAL F 111 1.79 14.58 -35.09
CA VAL F 111 1.14 13.31 -35.44
C VAL F 111 1.98 12.55 -36.49
N HIS F 112 2.11 11.23 -36.33
CA HIS F 112 2.86 10.32 -37.19
C HIS F 112 1.91 9.41 -37.96
N VAL F 113 2.10 9.26 -39.28
CA VAL F 113 1.24 8.47 -40.16
C VAL F 113 2.07 7.51 -41.02
N SER F 114 1.66 6.23 -41.10
CA SER F 114 2.17 5.33 -42.15
C SER F 114 1.08 4.41 -42.70
N LEU F 115 1.17 4.10 -44.00
CA LEU F 115 0.12 3.38 -44.72
C LEU F 115 0.71 2.48 -45.81
N ASP F 116 -0.11 1.54 -46.31
CA ASP F 116 0.27 0.59 -47.36
C ASP F 116 -0.95 0.22 -48.19
N LEU F 117 -0.84 0.36 -49.52
CA LEU F 117 -1.98 0.15 -50.43
C LEU F 117 -2.04 -1.33 -50.81
N SER F 118 -2.60 -2.12 -49.89
CA SER F 118 -2.40 -3.56 -49.86
C SER F 118 -3.54 -4.39 -50.43
N GLY F 119 -4.78 -3.92 -50.36
CA GLY F 119 -5.95 -4.73 -50.59
C GLY F 119 -6.55 -5.35 -49.35
N ARG F 120 -5.97 -5.11 -48.18
CA ARG F 120 -6.45 -5.64 -46.89
C ARG F 120 -6.78 -4.47 -45.97
N PRO F 121 -8.05 -4.27 -45.59
CA PRO F 121 -8.42 -3.12 -44.76
C PRO F 121 -8.09 -3.30 -43.28
N HIS F 122 -7.56 -2.24 -42.66
CA HIS F 122 -7.30 -2.20 -41.22
C HIS F 122 -7.04 -0.77 -40.77
N LEU F 123 -7.59 -0.40 -39.61
CA LEU F 123 -7.33 0.91 -39.00
C LEU F 123 -6.77 0.76 -37.59
N GLY F 124 -5.63 1.40 -37.32
CA GLY F 124 -5.13 1.61 -35.97
C GLY F 124 -5.18 3.08 -35.60
N TYR F 125 -5.93 3.44 -34.55
CA TYR F 125 -6.27 4.82 -34.23
C TYR F 125 -5.91 5.12 -32.79
N ASP F 126 -5.10 6.15 -32.58
CA ASP F 126 -4.55 6.45 -31.27
C ASP F 126 -4.40 7.98 -31.12
N LEU F 127 -5.52 8.67 -30.97
CA LEU F 127 -5.56 10.11 -30.74
C LEU F 127 -6.29 10.40 -29.43
N ASN F 128 -6.02 11.56 -28.85
CA ASN F 128 -6.65 11.95 -27.58
C ASN F 128 -7.16 13.39 -27.68
N ILE F 129 -8.41 13.55 -28.12
CA ILE F 129 -8.99 14.86 -28.42
C ILE F 129 -9.73 15.36 -27.18
N PRO F 130 -9.33 16.47 -26.59
CA PRO F 130 -9.79 16.84 -25.24
C PRO F 130 -11.12 17.58 -25.10
N THR F 131 -11.81 17.98 -26.17
CA THR F 131 -13.15 18.58 -26.05
C THR F 131 -14.15 17.82 -26.92
N GLN F 132 -15.43 18.10 -26.72
CA GLN F 132 -16.49 17.36 -27.41
C GLN F 132 -16.95 18.01 -28.72
N ARG F 133 -16.78 19.32 -28.87
CA ARG F 133 -17.19 20.06 -30.06
C ARG F 133 -16.09 21.04 -30.46
N VAL F 134 -15.87 21.22 -31.77
CA VAL F 134 -14.89 22.21 -32.20
C VAL F 134 -15.62 23.50 -32.56
N GLY F 135 -16.50 23.45 -33.54
CA GLY F 135 -17.44 24.54 -33.73
C GLY F 135 -18.84 23.98 -33.54
N LYS F 136 -19.51 23.66 -34.64
CA LYS F 136 -20.68 22.79 -34.57
C LYS F 136 -20.36 21.31 -34.78
N TYR F 137 -19.12 20.95 -35.13
CA TYR F 137 -18.74 19.58 -35.52
C TYR F 137 -18.45 18.69 -34.30
N ASP F 138 -19.03 17.50 -34.29
CA ASP F 138 -18.88 16.51 -33.22
C ASP F 138 -17.56 15.74 -33.37
N THR F 139 -16.78 15.63 -32.29
CA THR F 139 -15.41 15.10 -32.39
C THR F 139 -15.29 13.57 -32.47
N GLN F 140 -16.34 12.80 -32.13
CA GLN F 140 -16.34 11.36 -32.42
C GLN F 140 -16.41 11.04 -33.92
N LEU F 141 -16.74 12.01 -34.77
CA LEU F 141 -16.86 11.73 -36.20
C LEU F 141 -15.52 11.69 -36.92
N VAL F 142 -14.42 12.12 -36.28
CA VAL F 142 -13.09 12.01 -36.90
C VAL F 142 -12.70 10.54 -37.07
N GLU F 143 -12.89 9.73 -36.03
CA GLU F 143 -12.58 8.31 -36.14
C GLU F 143 -13.53 7.57 -37.09
N HIS F 144 -14.82 7.95 -37.14
CA HIS F 144 -15.75 7.29 -38.04
C HIS F 144 -15.42 7.61 -39.52
N PHE F 145 -14.88 8.80 -39.79
CA PHE F 145 -14.50 9.17 -41.16
C PHE F 145 -13.41 8.25 -41.71
N PHE F 146 -12.34 8.02 -40.92
CA PHE F 146 -11.23 7.21 -41.38
C PHE F 146 -11.58 5.72 -41.47
N GLN F 147 -12.48 5.22 -40.62
CA GLN F 147 -12.88 3.80 -40.68
C GLN F 147 -13.71 3.48 -41.93
N SER F 148 -14.61 4.39 -42.33
CA SER F 148 -15.35 4.21 -43.59
C SER F 148 -14.45 4.33 -44.83
N LEU F 149 -13.42 5.18 -44.79
CA LEU F 149 -12.52 5.34 -45.92
C LEU F 149 -11.66 4.09 -46.16
N VAL F 150 -11.15 3.45 -45.10
CA VAL F 150 -10.33 2.26 -45.34
C VAL F 150 -11.18 1.04 -45.73
N ASN F 151 -12.48 1.00 -45.41
CA ASN F 151 -13.28 -0.18 -45.76
C ASN F 151 -13.59 -0.24 -47.25
N THR F 152 -13.83 0.90 -47.92
CA THR F 152 -14.10 0.85 -49.34
C THR F 152 -12.84 0.87 -50.19
N SER F 153 -11.74 1.47 -49.73
CA SER F 153 -10.50 1.53 -50.50
C SER F 153 -9.58 0.33 -50.30
N GLY F 154 -9.72 -0.41 -49.21
CA GLY F 154 -8.82 -1.52 -48.93
C GLY F 154 -7.40 -1.19 -48.54
N MET F 155 -7.19 -0.21 -47.67
CA MET F 155 -5.83 0.15 -47.27
C MET F 155 -5.56 -0.17 -45.79
N THR F 156 -4.29 -0.42 -45.47
CA THR F 156 -3.78 -0.52 -44.11
C THR F 156 -3.32 0.87 -43.63
N LEU F 157 -3.84 1.33 -42.49
CA LEU F 157 -3.55 2.69 -42.01
C LEU F 157 -3.29 2.73 -40.51
N HIS F 158 -2.22 3.43 -40.11
CA HIS F 158 -1.86 3.63 -38.69
C HIS F 158 -1.67 5.13 -38.41
N ILE F 159 -2.29 5.64 -37.33
CA ILE F 159 -2.28 7.05 -36.94
C ILE F 159 -1.92 7.14 -35.44
N ARG F 160 -0.88 7.90 -35.09
CA ARG F 160 -0.41 7.96 -33.70
C ARG F 160 0.05 9.35 -33.25
N GLN F 161 -0.43 9.82 -32.09
CA GLN F 161 -0.16 11.17 -31.58
C GLN F 161 1.09 11.20 -30.69
N PHE F 162 1.99 12.15 -30.95
CA PHE F 162 3.21 12.37 -30.17
C PHE F 162 3.09 13.49 -29.12
N SER F 163 2.34 14.57 -29.38
CA SER F 163 2.09 15.66 -28.43
C SER F 163 0.90 16.49 -28.93
N GLY F 164 0.42 17.40 -28.10
CA GLY F 164 -0.60 18.36 -28.49
C GLY F 164 -1.67 18.58 -27.43
N THR F 165 -2.25 19.80 -27.45
CA THR F 165 -3.21 20.29 -26.46
C THR F 165 -4.50 20.88 -27.09
N ASN F 166 -4.39 21.73 -28.11
CA ASN F 166 -5.56 22.37 -28.74
C ASN F 166 -6.24 21.41 -29.73
N SER F 167 -7.58 21.31 -29.66
CA SER F 167 -8.32 20.34 -30.47
C SER F 167 -8.31 20.68 -31.97
N HIS F 168 -8.41 21.96 -32.33
CA HIS F 168 -8.32 22.36 -33.73
C HIS F 168 -6.93 22.04 -34.30
N HIS F 169 -5.88 22.22 -33.52
CA HIS F 169 -4.53 21.94 -34.00
C HIS F 169 -4.30 20.44 -34.24
N ILE F 170 -4.83 19.57 -33.36
CA ILE F 170 -4.61 18.12 -33.46
C ILE F 170 -5.26 17.53 -34.71
N ILE F 171 -6.51 17.91 -35.00
CA ILE F 171 -7.21 17.36 -36.16
C ILE F 171 -6.58 17.86 -37.47
N GLU F 172 -6.23 19.15 -37.56
CA GLU F 172 -5.65 19.69 -38.79
C GLU F 172 -4.26 19.12 -39.07
N ALA F 173 -3.51 18.73 -38.04
CA ALA F 173 -2.20 18.11 -38.26
C ALA F 173 -2.31 16.67 -38.75
N THR F 174 -3.37 15.95 -38.34
CA THR F 174 -3.65 14.62 -38.88
C THR F 174 -3.89 14.67 -40.38
N PHE F 175 -4.75 15.59 -40.84
CA PHE F 175 -5.06 15.71 -42.27
C PHE F 175 -3.87 16.22 -43.11
N LYS F 176 -2.92 16.94 -42.51
CA LYS F 176 -1.71 17.33 -43.22
C LYS F 176 -0.76 16.15 -43.43
N ALA F 177 -0.49 15.39 -42.36
CA ALA F 177 0.41 14.24 -42.45
C ALA F 177 -0.16 13.13 -43.35
N PHE F 178 -1.48 12.87 -43.28
CA PHE F 178 -2.13 11.91 -44.17
C PHE F 178 -1.96 12.29 -45.65
N ALA F 179 -2.05 13.59 -45.97
CA ALA F 179 -1.92 14.05 -47.36
C ALA F 179 -0.53 13.80 -47.91
N ARG F 180 0.51 14.05 -47.12
CA ARG F 180 1.87 13.86 -47.60
C ARG F 180 2.24 12.38 -47.70
N ALA F 181 1.70 11.53 -46.83
CA ALA F 181 1.99 10.10 -46.94
C ALA F 181 1.24 9.46 -48.11
N LEU F 182 0.04 9.94 -48.44
CA LEU F 182 -0.68 9.38 -49.59
C LEU F 182 -0.04 9.81 -50.91
N ARG F 183 0.52 11.03 -50.96
CA ARG F 183 1.21 11.49 -52.18
C ARG F 183 2.43 10.62 -52.48
N GLN F 184 3.15 10.19 -51.43
CA GLN F 184 4.32 9.34 -51.60
C GLN F 184 3.95 7.96 -52.16
N ALA F 185 2.85 7.37 -51.68
CA ALA F 185 2.52 6.00 -52.05
C ALA F 185 1.93 5.86 -53.46
N THR F 186 1.37 6.91 -54.04
CA THR F 186 0.76 6.85 -55.36
C THR F 186 1.68 7.31 -56.49
N GLU F 187 2.89 7.79 -56.19
CA GLU F 187 3.79 8.21 -57.25
C GLU F 187 4.56 7.05 -57.86
N TYR F 188 4.97 7.24 -59.12
CA TYR F 188 5.69 6.20 -59.85
C TYR F 188 7.12 6.05 -59.36
N ASP F 189 7.52 4.81 -59.15
CA ASP F 189 8.87 4.45 -58.71
C ASP F 189 9.76 4.27 -59.93
N THR F 190 10.51 5.32 -60.29
CA THR F 190 11.60 5.18 -61.24
C THR F 190 12.70 4.34 -60.58
N ARG F 191 13.08 3.23 -61.22
CA ARG F 191 13.71 2.15 -60.48
C ARG F 191 15.16 2.48 -60.11
N ARG F 192 15.74 1.61 -59.30
CA ARG F 192 17.12 1.80 -58.87
C ARG F 192 18.10 1.48 -60.00
N ALA G 9 47.91 -44.98 -16.87
CA ALA G 9 46.68 -44.31 -17.26
C ALA G 9 45.49 -44.88 -16.49
N ARG G 10 44.64 -44.00 -15.99
CA ARG G 10 43.50 -44.37 -15.17
C ARG G 10 42.28 -44.53 -16.08
N ILE G 11 41.82 -45.77 -16.26
CA ILE G 11 40.77 -46.08 -17.23
C ILE G 11 39.63 -46.81 -16.53
N GLY G 12 38.40 -46.33 -16.71
CA GLY G 12 37.24 -46.93 -16.10
C GLY G 12 36.21 -47.34 -17.14
N GLU G 13 35.43 -48.39 -16.81
CA GLU G 13 34.54 -49.07 -17.73
C GLU G 13 33.22 -49.43 -17.03
N MET G 14 32.15 -49.61 -17.80
CA MET G 14 30.83 -49.97 -17.29
C MET G 14 29.94 -50.46 -18.43
N LYS G 15 29.16 -51.51 -18.18
CA LYS G 15 28.12 -52.00 -19.08
C LYS G 15 26.87 -52.30 -18.27
N ARG G 16 25.71 -51.85 -18.75
CA ARG G 16 24.44 -52.02 -18.05
C ARG G 16 23.34 -52.32 -19.05
N VAL G 17 22.58 -53.38 -18.81
CA VAL G 17 21.46 -53.79 -19.67
C VAL G 17 20.22 -53.97 -18.82
N THR G 18 19.13 -53.32 -19.19
CA THR G 18 17.83 -53.53 -18.57
C THR G 18 16.78 -53.73 -19.66
N LYS G 19 15.52 -53.83 -19.23
CA LYS G 19 14.39 -53.96 -20.13
C LYS G 19 14.06 -52.66 -20.87
N GLU G 20 14.70 -51.54 -20.54
CA GLU G 20 14.52 -50.28 -21.25
C GLU G 20 15.67 -49.95 -22.20
N THR G 21 16.92 -50.20 -21.80
CA THR G 21 18.10 -49.63 -22.47
C THR G 21 19.25 -50.63 -22.47
N ASN G 22 20.24 -50.35 -23.32
CA ASN G 22 21.51 -51.08 -23.41
C ASN G 22 22.62 -50.04 -23.58
N VAL G 23 23.59 -50.01 -22.65
CA VAL G 23 24.57 -48.92 -22.53
C VAL G 23 25.98 -49.49 -22.33
N SER G 24 26.97 -48.95 -23.06
CA SER G 24 28.39 -49.19 -22.83
C SER G 24 29.19 -47.88 -22.79
N VAL G 25 30.11 -47.74 -21.82
CA VAL G 25 30.83 -46.48 -21.55
C VAL G 25 32.30 -46.78 -21.22
N LYS G 26 33.22 -45.92 -21.71
CA LYS G 26 34.65 -45.99 -21.36
C LYS G 26 35.29 -44.61 -21.28
N ILE G 27 36.05 -44.34 -20.18
CA ILE G 27 36.63 -43.03 -19.90
C ILE G 27 38.12 -43.16 -19.53
N ASN G 28 38.97 -42.30 -20.12
CA ASN G 28 40.40 -42.21 -19.79
C ASN G 28 40.68 -40.84 -19.19
N LEU G 29 41.24 -40.81 -17.98
CA LEU G 29 41.51 -39.55 -17.29
C LEU G 29 42.82 -38.90 -17.72
N ASP G 30 43.70 -39.63 -18.42
CA ASP G 30 44.94 -39.04 -18.90
C ASP G 30 45.00 -39.02 -20.42
N GLY G 31 43.99 -38.43 -21.08
CA GLY G 31 43.81 -38.59 -22.50
C GLY G 31 44.32 -37.42 -23.33
N THR G 32 44.00 -37.47 -24.63
CA THR G 32 44.37 -36.42 -25.57
C THR G 32 43.17 -35.77 -26.25
N GLY G 33 41.96 -36.00 -25.76
CA GLY G 33 40.77 -35.40 -26.35
C GLY G 33 40.15 -36.12 -27.52
N VAL G 34 40.10 -37.45 -27.48
CA VAL G 34 39.45 -38.25 -28.52
C VAL G 34 38.00 -38.49 -28.10
N ALA G 35 37.06 -38.22 -29.01
CA ALA G 35 35.63 -38.34 -28.74
C ALA G 35 34.96 -39.27 -29.73
N ASP G 36 34.11 -40.17 -29.24
CA ASP G 36 33.35 -41.09 -30.10
C ASP G 36 32.02 -41.40 -29.38
N ASN G 37 31.03 -40.55 -29.60
CA ASN G 37 29.80 -40.53 -28.79
C ASN G 37 28.58 -40.76 -29.68
N SER G 38 27.92 -41.88 -29.48
CA SER G 38 26.78 -42.28 -30.31
C SER G 38 25.70 -42.82 -29.37
N SER G 39 24.99 -41.92 -28.73
CA SER G 39 23.79 -42.28 -28.00
C SER G 39 22.61 -42.15 -28.97
N GLY G 40 21.40 -42.35 -28.49
CA GLY G 40 20.32 -42.07 -29.40
C GLY G 40 19.88 -40.61 -29.47
N ILE G 41 20.56 -39.70 -28.79
CA ILE G 41 20.09 -38.35 -28.56
C ILE G 41 21.11 -37.37 -29.15
N PRO G 42 20.81 -36.75 -30.29
CA PRO G 42 21.85 -35.98 -31.03
C PRO G 42 22.39 -34.75 -30.32
N PHE G 43 21.56 -34.00 -29.60
CA PHE G 43 22.04 -32.83 -28.86
C PHE G 43 22.93 -33.22 -27.69
N LEU G 44 22.65 -34.35 -27.03
CA LEU G 44 23.51 -34.81 -25.95
C LEU G 44 24.88 -35.27 -26.46
N ASP G 45 24.95 -35.79 -27.69
CA ASP G 45 26.25 -36.11 -28.29
C ASP G 45 27.12 -34.87 -28.47
N HIS G 46 26.51 -33.75 -28.87
CA HIS G 46 27.22 -32.48 -29.04
C HIS G 46 27.78 -31.95 -27.71
N MET G 47 27.06 -32.15 -26.60
CA MET G 47 27.58 -31.72 -25.29
C MET G 47 28.70 -32.64 -24.78
N LEU G 48 28.61 -33.96 -25.02
CA LEU G 48 29.66 -34.86 -24.60
C LEU G 48 30.97 -34.64 -25.35
N ASP G 49 30.92 -34.11 -26.58
CA ASP G 49 32.14 -33.74 -27.28
C ASP G 49 32.87 -32.58 -26.60
N GLN G 50 32.14 -31.70 -25.91
CA GLN G 50 32.78 -30.60 -25.20
C GLN G 50 33.59 -31.12 -24.02
N LEU G 51 33.14 -32.20 -23.41
CA LEU G 51 33.86 -32.77 -22.28
C LEU G 51 35.21 -33.33 -22.71
N ALA G 52 35.30 -33.87 -23.92
CA ALA G 52 36.60 -34.30 -24.44
C ALA G 52 37.47 -33.13 -24.88
N SER G 53 36.86 -32.11 -25.48
CA SER G 53 37.63 -31.06 -26.14
C SER G 53 38.23 -30.06 -25.15
N HIS G 54 37.50 -29.72 -24.10
CA HIS G 54 37.99 -28.74 -23.14
C HIS G 54 38.56 -29.35 -21.87
N GLY G 55 38.24 -30.61 -21.59
CA GLY G 55 38.85 -31.27 -20.45
C GLY G 55 40.01 -32.19 -20.78
N LEU G 56 40.20 -32.49 -22.06
CA LEU G 56 41.24 -33.40 -22.59
C LEU G 56 41.08 -34.84 -22.09
N PHE G 57 39.86 -35.29 -21.81
CA PHE G 57 39.59 -36.69 -21.54
C PHE G 57 39.34 -37.45 -22.85
N ASP G 58 39.51 -38.78 -22.81
CA ASP G 58 39.00 -39.67 -23.86
C ASP G 58 37.65 -40.23 -23.41
N VAL G 59 36.61 -40.05 -24.23
CA VAL G 59 35.24 -40.40 -23.86
C VAL G 59 34.58 -41.20 -24.99
N HIS G 60 33.97 -42.34 -24.64
CA HIS G 60 33.31 -43.19 -25.64
C HIS G 60 31.98 -43.72 -25.08
N VAL G 61 30.86 -43.42 -25.76
CA VAL G 61 29.51 -43.83 -25.34
C VAL G 61 28.79 -44.52 -26.50
N LYS G 62 28.16 -45.67 -26.23
CA LYS G 62 27.26 -46.34 -27.17
C LYS G 62 25.96 -46.74 -26.48
N ALA G 63 24.80 -46.37 -27.04
CA ALA G 63 23.52 -46.61 -26.38
C ALA G 63 22.37 -46.76 -27.36
N THR G 64 21.45 -47.67 -27.04
CA THR G 64 20.14 -47.77 -27.68
C THR G 64 19.07 -47.97 -26.61
N GLY G 65 17.86 -47.46 -26.87
CA GLY G 65 16.81 -47.44 -25.88
C GLY G 65 15.41 -47.33 -26.43
N ASP G 66 14.51 -46.80 -25.61
CA ASP G 66 13.08 -46.76 -25.93
C ASP G 66 12.61 -45.34 -26.24
N THR G 67 13.23 -44.73 -27.24
CA THR G 67 13.00 -43.32 -27.52
C THR G 67 11.66 -43.02 -28.19
N HIS G 68 10.82 -44.03 -28.47
CA HIS G 68 9.48 -43.72 -28.96
C HIS G 68 8.49 -43.38 -27.86
N ILE G 69 8.78 -43.68 -26.59
CA ILE G 69 8.06 -43.08 -25.46
C ILE G 69 8.54 -41.62 -25.33
N ASP G 70 9.72 -41.42 -24.74
CA ASP G 70 10.45 -40.15 -24.85
C ASP G 70 11.96 -40.40 -24.69
N ASP G 71 12.73 -39.36 -24.42
CA ASP G 71 14.17 -39.46 -24.23
C ASP G 71 14.60 -39.67 -22.77
N HIS G 72 13.64 -39.75 -21.83
CA HIS G 72 13.92 -39.70 -20.38
C HIS G 72 14.72 -40.91 -19.90
N HIS G 73 14.29 -42.14 -20.25
CA HIS G 73 14.98 -43.31 -19.70
C HIS G 73 16.38 -43.48 -20.29
N THR G 74 16.58 -43.15 -21.57
CA THR G 74 17.91 -43.18 -22.19
C THR G 74 18.84 -42.12 -21.60
N ASN G 75 18.31 -40.92 -21.29
CA ASN G 75 19.12 -39.85 -20.68
C ASN G 75 19.58 -40.23 -19.26
N GLU G 76 18.71 -40.86 -18.49
CA GLU G 76 19.04 -41.28 -17.12
C GLU G 76 20.06 -42.43 -17.08
N ASP G 77 19.91 -43.45 -17.92
CA ASP G 77 20.80 -44.60 -17.84
C ASP G 77 22.22 -44.28 -18.30
N VAL G 78 22.38 -43.41 -19.30
CA VAL G 78 23.71 -42.98 -19.73
C VAL G 78 24.44 -42.22 -18.62
N ALA G 79 23.72 -41.33 -17.92
CA ALA G 79 24.33 -40.54 -16.84
C ALA G 79 24.78 -41.43 -15.67
N LEU G 80 23.99 -42.44 -15.32
CA LEU G 80 24.39 -43.37 -14.26
C LEU G 80 25.66 -44.14 -14.64
N ALA G 81 25.79 -44.53 -15.92
CA ALA G 81 26.94 -45.31 -16.35
C ALA G 81 28.23 -44.49 -16.30
N ILE G 82 28.17 -43.21 -16.65
CA ILE G 82 29.35 -42.33 -16.60
C ILE G 82 29.82 -42.12 -15.15
N GLY G 83 28.90 -42.02 -14.19
CA GLY G 83 29.30 -41.86 -12.80
C GLY G 83 30.05 -43.06 -12.24
N THR G 84 29.59 -44.26 -12.59
CA THR G 84 30.23 -45.50 -12.14
C THR G 84 31.65 -45.63 -12.71
N ALA G 85 31.82 -45.33 -14.00
CA ALA G 85 33.13 -45.45 -14.65
C ALA G 85 34.15 -44.45 -14.11
N LEU G 86 33.69 -43.26 -13.71
CA LEU G 86 34.58 -42.27 -13.10
C LEU G 86 35.06 -42.74 -11.73
N LEU G 87 34.16 -43.34 -10.94
CA LEU G 87 34.55 -43.83 -9.61
C LEU G 87 35.54 -45.00 -9.71
N GLN G 88 35.44 -45.83 -10.75
CA GLN G 88 36.38 -46.92 -10.94
C GLN G 88 37.74 -46.41 -11.44
N ALA G 89 37.75 -45.37 -12.28
CA ALA G 89 39.01 -44.82 -12.76
C ALA G 89 39.82 -44.13 -11.67
N LEU G 90 39.17 -43.56 -10.65
CA LEU G 90 39.88 -42.77 -9.64
C LEU G 90 40.57 -43.63 -8.59
N GLY G 91 39.95 -44.72 -8.14
CA GLY G 91 40.62 -45.65 -7.25
C GLY G 91 40.85 -45.10 -5.84
N ASP G 92 42.12 -45.18 -5.42
CA ASP G 92 42.48 -44.80 -4.05
C ASP G 92 42.37 -43.31 -3.81
N ARG G 93 42.65 -42.49 -4.85
CA ARG G 93 42.67 -41.01 -4.85
C ARG G 93 43.86 -40.45 -4.05
N LYS G 94 45.00 -41.10 -4.14
CA LYS G 94 46.21 -40.64 -3.45
C LYS G 94 46.94 -39.61 -4.31
N GLY G 95 47.23 -38.45 -3.73
CA GLY G 95 48.06 -37.46 -4.38
C GLY G 95 47.41 -36.54 -5.39
N ILE G 96 46.09 -36.43 -5.44
CA ILE G 96 45.43 -35.57 -6.41
C ILE G 96 45.10 -34.21 -5.78
N ASN G 97 44.72 -33.25 -6.63
CA ASN G 97 44.35 -31.91 -6.17
C ASN G 97 43.03 -31.92 -5.38
N ARG G 98 42.08 -32.77 -5.79
CA ARG G 98 40.79 -33.05 -5.16
C ARG G 98 39.73 -31.94 -5.32
N PHE G 99 40.11 -30.66 -5.48
CA PHE G 99 39.18 -29.54 -5.66
C PHE G 99 39.37 -28.88 -7.03
N GLY G 100 38.30 -28.31 -7.58
CA GLY G 100 38.36 -27.58 -8.84
C GLY G 100 37.34 -26.47 -8.94
N ASN G 101 37.65 -25.43 -9.74
CA ASN G 101 36.92 -24.16 -9.73
C ASN G 101 37.16 -23.39 -11.03
N PHE G 102 36.10 -22.95 -11.73
CA PHE G 102 36.24 -22.22 -13.00
C PHE G 102 34.94 -21.52 -13.43
N SER G 103 35.08 -20.35 -14.08
CA SER G 103 33.96 -19.65 -14.73
C SER G 103 34.21 -19.45 -16.22
N ALA G 104 33.20 -19.75 -17.05
CA ALA G 104 33.34 -19.75 -18.53
C ALA G 104 32.20 -19.05 -19.29
N PRO G 105 32.54 -18.17 -20.23
CA PRO G 105 31.49 -17.50 -21.04
C PRO G 105 31.26 -18.08 -22.43
N LEU G 106 30.10 -17.79 -23.01
CA LEU G 106 29.82 -18.01 -24.43
C LEU G 106 28.89 -16.88 -24.89
N ASP G 107 29.47 -15.88 -25.58
CA ASP G 107 28.84 -14.60 -25.91
C ASP G 107 28.30 -13.93 -24.65
N GLU G 108 26.97 -13.77 -24.54
CA GLU G 108 26.35 -13.06 -23.42
C GLU G 108 26.07 -13.93 -22.19
N ALA G 109 26.32 -15.24 -22.23
CA ALA G 109 26.12 -16.12 -21.09
C ALA G 109 27.41 -16.29 -20.27
N LEU G 110 27.25 -16.57 -18.96
CA LEU G 110 28.35 -16.86 -18.04
C LEU G 110 27.88 -17.71 -16.85
N VAL G 111 28.61 -18.81 -16.57
CA VAL G 111 28.29 -19.81 -15.55
C VAL G 111 29.54 -20.12 -14.69
N HIS G 112 29.35 -20.24 -13.37
CA HIS G 112 30.39 -20.52 -12.37
C HIS G 112 30.21 -21.93 -11.80
N VAL G 113 31.29 -22.72 -11.72
CA VAL G 113 31.28 -24.11 -11.26
C VAL G 113 32.35 -24.34 -10.20
N SER G 114 31.99 -25.00 -9.08
CA SER G 114 33.00 -25.57 -8.17
C SER G 114 32.57 -26.93 -7.61
N LEU G 115 33.55 -27.82 -7.39
CA LEU G 115 33.30 -29.21 -7.04
C LEU G 115 34.39 -29.76 -6.11
N ASP G 116 34.10 -30.90 -5.46
CA ASP G 116 35.02 -31.56 -4.54
C ASP G 116 34.77 -33.07 -4.57
N LEU G 117 35.84 -33.85 -4.78
CA LEU G 117 35.72 -35.31 -4.95
C LEU G 117 35.78 -35.97 -3.57
N SER G 118 34.65 -35.93 -2.88
CA SER G 118 34.60 -36.13 -1.43
C SER G 118 34.16 -37.51 -0.98
N GLY G 119 33.33 -38.22 -1.75
CA GLY G 119 32.63 -39.39 -1.27
C GLY G 119 31.24 -39.11 -0.73
N ARG G 120 30.80 -37.87 -0.71
CA ARG G 120 29.47 -37.47 -0.22
C ARG G 120 28.71 -36.79 -1.35
N PRO G 121 27.60 -37.37 -1.83
CA PRO G 121 26.87 -36.79 -2.97
C PRO G 121 25.99 -35.61 -2.59
N HIS G 122 26.01 -34.56 -3.42
CA HIS G 122 25.13 -33.40 -3.27
C HIS G 122 25.13 -32.56 -4.54
N LEU G 123 23.96 -32.07 -4.94
CA LEU G 123 23.83 -31.15 -6.07
C LEU G 123 23.15 -29.85 -5.67
N GLY G 124 23.78 -28.73 -5.97
CA GLY G 124 23.16 -27.41 -5.93
C GLY G 124 23.02 -26.83 -7.33
N TYR G 125 21.79 -26.56 -7.78
CA TYR G 125 21.48 -26.25 -9.17
C TYR G 125 20.70 -24.95 -9.24
N ASP G 126 21.20 -23.99 -10.01
CA ASP G 126 20.64 -22.66 -10.05
C ASP G 126 20.81 -22.07 -11.47
N LEU G 127 20.03 -22.58 -12.41
CA LEU G 127 19.99 -22.10 -13.78
C LEU G 127 18.58 -21.65 -14.13
N ASN G 128 18.46 -20.79 -15.13
CA ASN G 128 17.15 -20.28 -15.56
C ASN G 128 17.05 -20.36 -17.08
N ILE G 129 16.55 -21.48 -17.60
CA ILE G 129 16.53 -21.77 -19.04
C ILE G 129 15.18 -21.33 -19.60
N PRO G 130 15.15 -20.37 -20.52
CA PRO G 130 13.89 -19.69 -20.87
C PRO G 130 12.98 -20.34 -21.92
N THR G 131 13.34 -21.45 -22.57
CA THR G 131 12.43 -22.16 -23.48
C THR G 131 12.31 -23.62 -23.08
N GLN G 132 11.34 -24.32 -23.67
CA GLN G 132 11.05 -25.70 -23.27
C GLN G 132 11.78 -26.74 -24.14
N ARG G 133 12.16 -26.41 -25.36
CA ARG G 133 12.84 -27.31 -26.28
C ARG G 133 13.98 -26.58 -26.98
N VAL G 134 15.10 -27.26 -27.21
CA VAL G 134 16.19 -26.62 -27.94
C VAL G 134 16.11 -27.06 -29.40
N GLY G 135 16.24 -28.34 -29.67
CA GLY G 135 15.87 -28.86 -30.98
C GLY G 135 14.74 -29.84 -30.78
N LYS G 136 15.05 -31.13 -30.74
CA LYS G 136 14.12 -32.11 -30.19
C LYS G 136 14.32 -32.39 -28.70
N TYR G 137 15.37 -31.86 -28.06
CA TYR G 137 15.76 -32.18 -26.69
C TYR G 137 14.95 -31.38 -25.65
N ASP G 138 14.42 -32.07 -24.66
CA ASP G 138 13.63 -31.49 -23.57
C ASP G 138 14.53 -30.86 -22.50
N THR G 139 14.25 -29.61 -22.10
CA THR G 139 15.18 -28.86 -21.25
C THR G 139 15.14 -29.20 -19.75
N GLN G 140 14.10 -29.90 -19.25
CA GLN G 140 14.15 -30.44 -17.89
C GLN G 140 15.16 -31.58 -17.73
N LEU G 141 15.68 -32.15 -18.82
CA LEU G 141 16.62 -33.26 -18.70
C LEU G 141 18.05 -32.82 -18.38
N VAL G 142 18.36 -31.52 -18.46
CA VAL G 142 19.69 -31.03 -18.06
C VAL G 142 19.92 -31.24 -16.57
N GLU G 143 18.93 -30.87 -15.75
CA GLU G 143 19.05 -31.08 -14.30
C GLU G 143 19.04 -32.56 -13.92
N HIS G 144 18.25 -33.39 -14.61
CA HIS G 144 18.21 -34.82 -14.31
C HIS G 144 19.56 -35.51 -14.65
N PHE G 145 20.25 -35.01 -15.68
CA PHE G 145 21.55 -35.59 -16.06
C PHE G 145 22.58 -35.42 -14.93
N PHE G 146 22.69 -34.20 -14.38
CA PHE G 146 23.68 -33.93 -13.35
C PHE G 146 23.34 -34.60 -12.01
N GLN G 147 22.06 -34.78 -11.69
CA GLN G 147 21.67 -35.45 -10.43
C GLN G 147 22.00 -36.94 -10.44
N SER G 148 21.80 -37.62 -11.58
CA SER G 148 22.20 -39.03 -11.70
C SER G 148 23.73 -39.21 -11.69
N LEU G 149 24.49 -38.25 -12.25
CA LEU G 149 25.94 -38.35 -12.26
C LEU G 149 26.55 -38.22 -10.86
N VAL G 150 26.04 -37.31 -10.02
CA VAL G 150 26.63 -37.19 -8.69
C VAL G 150 26.21 -38.34 -7.76
N ASN G 151 25.10 -39.05 -8.03
CA ASN G 151 24.68 -40.13 -7.13
C ASN G 151 25.56 -41.36 -7.28
N THR G 152 26.03 -41.70 -8.49
CA THR G 152 26.89 -42.86 -8.63
C THR G 152 28.36 -42.55 -8.41
N SER G 153 28.82 -41.32 -8.66
CA SER G 153 30.22 -40.96 -8.47
C SER G 153 30.56 -40.47 -7.07
N GLY G 154 29.58 -40.03 -6.29
CA GLY G 154 29.85 -39.48 -4.96
C GLY G 154 30.55 -38.15 -4.89
N MET G 155 30.16 -37.17 -5.70
CA MET G 155 30.82 -35.87 -5.66
C MET G 155 29.87 -34.76 -5.17
N THR G 156 30.47 -33.72 -4.57
CA THR G 156 29.80 -32.47 -4.22
C THR G 156 29.91 -31.49 -5.41
N LEU G 157 28.78 -30.97 -5.89
CA LEU G 157 28.77 -30.12 -7.08
C LEU G 157 27.85 -28.91 -6.93
N HIS G 158 28.35 -27.72 -7.29
CA HIS G 158 27.57 -26.47 -7.27
C HIS G 158 27.67 -25.78 -8.64
N ILE G 159 26.52 -25.36 -9.20
CA ILE G 159 26.39 -24.74 -10.52
C ILE G 159 25.54 -23.46 -10.38
N ARG G 160 26.07 -22.31 -10.83
CA ARG G 160 25.36 -21.03 -10.64
C ARG G 160 25.51 -20.07 -11.82
N GLN G 161 24.39 -19.51 -12.30
CA GLN G 161 24.34 -18.64 -13.48
C GLN G 161 24.54 -17.17 -13.11
N PHE G 162 25.43 -16.48 -13.83
CA PHE G 162 25.70 -15.05 -13.66
C PHE G 162 24.98 -14.15 -14.67
N SER G 163 24.79 -14.59 -15.93
CA SER G 163 24.04 -13.86 -16.96
C SER G 163 23.71 -14.82 -18.12
N GLY G 164 22.88 -14.36 -19.04
CA GLY G 164 22.60 -15.11 -20.26
C GLY G 164 21.13 -15.08 -20.66
N THR G 165 20.89 -15.20 -21.97
CA THR G 165 19.58 -15.08 -22.61
C THR G 165 19.24 -16.26 -23.57
N ASN G 166 20.17 -16.66 -24.44
CA ASN G 166 19.91 -17.75 -25.41
C ASN G 166 20.08 -19.12 -24.75
N SER G 167 19.12 -20.03 -24.98
CA SER G 167 19.11 -21.34 -24.31
C SER G 167 20.26 -22.25 -24.76
N HIS G 168 20.59 -22.25 -26.05
CA HIS G 168 21.73 -23.03 -26.54
C HIS G 168 23.04 -22.53 -25.92
N HIS G 169 23.19 -21.21 -25.76
CA HIS G 169 24.42 -20.67 -25.18
C HIS G 169 24.58 -21.05 -23.70
N ILE G 170 23.48 -21.04 -22.93
CA ILE G 170 23.53 -21.31 -21.48
C ILE G 170 23.95 -22.75 -21.18
N ILE G 171 23.37 -23.72 -21.89
CA ILE G 171 23.69 -25.12 -21.64
C ILE G 171 25.13 -25.45 -22.07
N GLU G 172 25.57 -24.94 -23.23
CA GLU G 172 26.93 -25.24 -23.71
C GLU G 172 28.00 -24.60 -22.83
N ALA G 173 27.70 -23.48 -22.17
CA ALA G 173 28.67 -22.87 -21.26
C ALA G 173 28.79 -23.62 -19.94
N THR G 174 27.70 -24.26 -19.49
CA THR G 174 27.76 -25.14 -18.33
C THR G 174 28.71 -26.32 -18.56
N PHE G 175 28.57 -27.00 -19.71
CA PHE G 175 29.43 -28.14 -20.02
C PHE G 175 30.90 -27.76 -20.28
N LYS G 176 31.17 -26.51 -20.69
CA LYS G 176 32.55 -26.06 -20.81
C LYS G 176 33.21 -25.81 -19.45
N ALA G 177 32.52 -25.09 -18.55
CA ALA G 177 33.06 -24.82 -17.22
C ALA G 177 33.21 -26.09 -16.38
N PHE G 178 32.25 -27.03 -16.46
CA PHE G 178 32.35 -28.32 -15.78
C PHE G 178 33.59 -29.10 -16.23
N ALA G 179 33.92 -29.06 -17.53
CA ALA G 179 35.08 -29.80 -18.05
C ALA G 179 36.39 -29.26 -17.50
N ARG G 180 36.53 -27.94 -17.41
CA ARG G 180 37.77 -27.36 -16.92
C ARG G 180 37.92 -27.53 -15.41
N ALA G 181 36.82 -27.53 -14.65
CA ALA G 181 36.93 -27.75 -13.21
C ALA G 181 37.23 -29.22 -12.89
N LEU G 182 36.71 -30.16 -13.68
CA LEU G 182 37.02 -31.57 -13.43
C LEU G 182 38.46 -31.91 -13.79
N ARG G 183 39.02 -31.26 -14.83
CA ARG G 183 40.42 -31.48 -15.19
C ARG G 183 41.36 -31.05 -14.07
N GLN G 184 41.03 -29.95 -13.39
CA GLN G 184 41.83 -29.46 -12.28
C GLN G 184 41.84 -30.43 -11.10
N ALA G 185 40.69 -31.02 -10.76
CA ALA G 185 40.58 -31.83 -9.56
C ALA G 185 41.20 -33.22 -9.71
N THR G 186 41.37 -33.75 -10.91
CA THR G 186 41.93 -35.08 -11.12
C THR G 186 43.43 -35.08 -11.42
N GLU G 187 44.07 -33.93 -11.54
CA GLU G 187 45.50 -33.90 -11.81
C GLU G 187 46.33 -34.07 -10.55
N TYR G 188 47.55 -34.59 -10.73
CA TYR G 188 48.45 -34.82 -9.61
C TYR G 188 49.03 -33.53 -9.06
N ASP G 189 49.01 -33.42 -7.74
CA ASP G 189 49.54 -32.27 -7.01
C ASP G 189 51.02 -32.52 -6.72
N THR G 190 51.90 -31.98 -7.56
CA THR G 190 53.31 -31.89 -7.22
C THR G 190 53.47 -30.89 -6.09
N ARG G 191 54.07 -31.33 -4.97
CA ARG G 191 53.83 -30.65 -3.70
C ARG G 191 54.56 -29.31 -3.62
N ARG G 192 54.26 -28.57 -2.57
CA ARG G 192 54.88 -27.28 -2.36
C ARG G 192 56.34 -27.43 -1.89
N ALA H 9 -66.60 11.99 4.85
CA ALA H 9 -65.51 11.09 5.16
C ALA H 9 -65.06 10.33 3.91
N ARG H 10 -63.76 10.25 3.70
CA ARG H 10 -63.19 9.63 2.51
C ARG H 10 -62.88 8.16 2.83
N ILE H 11 -63.64 7.25 2.23
CA ILE H 11 -63.58 5.83 2.56
C ILE H 11 -63.30 5.02 1.30
N GLY H 12 -62.30 4.15 1.35
CA GLY H 12 -61.94 3.32 0.22
C GLY H 12 -61.99 1.84 0.57
N GLU H 13 -62.28 1.01 -0.45
CA GLU H 13 -62.57 -0.40 -0.29
C GLU H 13 -61.91 -1.21 -1.42
N MET H 14 -61.68 -2.50 -1.18
CA MET H 14 -61.08 -3.41 -2.16
C MET H 14 -61.29 -4.86 -1.72
N LYS H 15 -61.60 -5.74 -2.68
CA LYS H 15 -61.66 -7.18 -2.48
C LYS H 15 -60.96 -7.87 -3.65
N ARG H 16 -60.10 -8.84 -3.36
CA ARG H 16 -59.32 -9.54 -4.38
C ARG H 16 -59.22 -11.02 -4.02
N VAL H 17 -59.56 -11.89 -4.97
CA VAL H 17 -59.50 -13.34 -4.78
C VAL H 17 -58.70 -13.95 -5.93
N THR H 18 -57.69 -14.75 -5.60
CA THR H 18 -56.96 -15.53 -6.59
C THR H 18 -56.83 -16.96 -6.10
N LYS H 19 -56.09 -17.76 -6.85
CA LYS H 19 -55.81 -19.15 -6.50
C LYS H 19 -54.82 -19.29 -5.34
N GLU H 20 -54.21 -18.20 -4.87
CA GLU H 20 -53.33 -18.22 -3.71
C GLU H 20 -53.99 -17.68 -2.44
N THR H 21 -54.77 -16.60 -2.53
CA THR H 21 -55.17 -15.81 -1.37
C THR H 21 -56.60 -15.29 -1.54
N ASN H 22 -57.17 -14.83 -0.42
CA ASN H 22 -58.47 -14.16 -0.35
C ASN H 22 -58.33 -12.99 0.61
N VAL H 23 -58.59 -11.75 0.15
CA VAL H 23 -58.25 -10.52 0.88
C VAL H 23 -59.42 -9.53 0.82
N SER H 24 -59.76 -8.93 1.98
CA SER H 24 -60.68 -7.79 2.07
C SER H 24 -60.09 -6.66 2.92
N VAL H 25 -60.23 -5.40 2.46
CA VAL H 25 -59.56 -4.24 3.07
C VAL H 25 -60.52 -3.04 3.08
N LYS H 26 -60.51 -2.24 4.16
CA LYS H 26 -61.26 -0.98 4.25
C LYS H 26 -60.52 0.08 5.06
N ILE H 27 -60.42 1.32 4.51
CA ILE H 27 -59.65 2.41 5.11
C ILE H 27 -60.48 3.71 5.16
N ASN H 28 -60.44 4.39 6.31
CA ASN H 28 -61.08 5.71 6.49
C ASN H 28 -59.99 6.75 6.77
N LEU H 29 -59.94 7.80 5.95
CA LEU H 29 -58.91 8.83 6.10
C LEU H 29 -59.26 9.88 7.15
N ASP H 30 -60.52 9.94 7.60
CA ASP H 30 -60.89 10.89 8.64
C ASP H 30 -61.34 10.18 9.91
N GLY H 31 -60.51 9.29 10.46
CA GLY H 31 -60.93 8.37 11.50
C GLY H 31 -60.54 8.80 12.90
N THR H 32 -60.77 7.88 13.85
CA THR H 32 -60.42 8.09 15.25
C THR H 32 -59.44 7.05 15.79
N GLY H 33 -58.81 6.27 14.93
CA GLY H 33 -57.84 5.28 15.38
C GLY H 33 -58.39 3.93 15.79
N VAL H 34 -59.39 3.41 15.08
CA VAL H 34 -59.94 2.08 15.34
C VAL H 34 -59.20 1.07 14.47
N ALA H 35 -58.73 -0.01 15.08
CA ALA H 35 -57.94 -1.04 14.40
C ALA H 35 -58.57 -2.41 14.55
N ASP H 36 -58.66 -3.16 13.46
CA ASP H 36 -59.20 -4.53 13.48
C ASP H 36 -58.49 -5.32 12.36
N ASN H 37 -57.34 -5.89 12.68
CA ASN H 37 -56.41 -6.43 11.68
C ASN H 37 -56.15 -7.91 11.95
N SER H 38 -56.61 -8.75 11.03
CA SER H 38 -56.51 -10.20 11.19
C SER H 38 -56.07 -10.78 9.84
N SER H 39 -54.79 -10.67 9.57
CA SER H 39 -54.19 -11.37 8.46
C SER H 39 -53.72 -12.72 8.97
N GLY H 40 -53.05 -13.51 8.14
CA GLY H 40 -52.48 -14.70 8.72
C GLY H 40 -51.13 -14.54 9.38
N ILE H 41 -50.60 -13.32 9.48
CA ILE H 41 -49.22 -13.06 9.83
C ILE H 41 -49.20 -12.19 11.09
N PRO H 42 -48.87 -12.76 12.25
CA PRO H 42 -49.05 -12.04 13.53
C PRO H 42 -48.20 -10.80 13.73
N PHE H 43 -46.94 -10.81 13.28
CA PHE H 43 -46.09 -9.62 13.40
C PHE H 43 -46.57 -8.49 12.49
N LEU H 44 -47.09 -8.80 11.31
CA LEU H 44 -47.63 -7.76 10.44
C LEU H 44 -48.89 -7.12 11.02
N ASP H 45 -49.69 -7.88 11.78
CA ASP H 45 -50.84 -7.29 12.48
C ASP H 45 -50.41 -6.23 13.50
N HIS H 46 -49.30 -6.49 14.21
CA HIS H 46 -48.77 -5.54 15.19
C HIS H 46 -48.29 -4.24 14.53
N MET H 47 -47.72 -4.32 13.31
CA MET H 47 -47.31 -3.09 12.61
C MET H 47 -48.51 -2.31 12.05
N LEU H 48 -49.55 -3.00 11.56
CA LEU H 48 -50.72 -2.31 11.05
C LEU H 48 -51.49 -1.58 12.15
N ASP H 49 -51.40 -2.04 13.41
CA ASP H 49 -51.99 -1.30 14.52
C ASP H 49 -51.30 0.04 14.75
N GLN H 50 -50.01 0.16 14.42
CA GLN H 50 -49.31 1.43 14.57
C GLN H 50 -49.83 2.45 13.58
N LEU H 51 -50.26 2.00 12.41
CA LEU H 51 -50.78 2.91 11.40
C LEU H 51 -52.08 3.55 11.86
N ALA H 52 -52.91 2.80 12.60
CA ALA H 52 -54.11 3.40 13.18
C ALA H 52 -53.82 4.29 14.37
N SER H 53 -52.84 3.90 15.20
CA SER H 53 -52.65 4.55 16.49
C SER H 53 -51.92 5.90 16.35
N HIS H 54 -50.95 5.99 15.45
CA HIS H 54 -50.18 7.21 15.30
C HIS H 54 -50.62 8.06 14.11
N GLY H 55 -51.34 7.49 13.16
CA GLY H 55 -51.87 8.29 12.08
C GLY H 55 -53.33 8.68 12.21
N LEU H 56 -54.04 8.07 13.17
CA LEU H 56 -55.47 8.27 13.44
C LEU H 56 -56.37 7.85 12.26
N PHE H 57 -55.96 6.88 11.46
CA PHE H 57 -56.83 6.28 10.47
C PHE H 57 -57.65 5.14 11.08
N ASP H 58 -58.77 4.80 10.43
CA ASP H 58 -59.47 3.54 10.70
C ASP H 58 -59.03 2.50 9.66
N VAL H 59 -58.54 1.34 10.13
CA VAL H 59 -57.94 0.33 9.27
C VAL H 59 -58.52 -1.05 9.60
N HIS H 60 -58.98 -1.78 8.58
CA HIS H 60 -59.54 -3.12 8.77
C HIS H 60 -59.05 -4.07 7.67
N VAL H 61 -58.39 -5.17 8.06
CA VAL H 61 -57.84 -6.17 7.13
C VAL H 61 -58.30 -7.57 7.53
N LYS H 62 -58.77 -8.36 6.55
CA LYS H 62 -59.06 -9.79 6.73
C LYS H 62 -58.45 -10.59 5.59
N ALA H 63 -57.67 -11.64 5.91
CA ALA H 63 -56.96 -12.40 4.88
C ALA H 63 -56.71 -13.85 5.29
N THR H 64 -56.81 -14.74 4.30
CA THR H 64 -56.34 -16.12 4.41
C THR H 64 -55.59 -16.50 3.13
N GLY H 65 -54.60 -17.38 3.25
CA GLY H 65 -53.72 -17.69 2.15
C GLY H 65 -53.00 -19.02 2.26
N ASP H 66 -51.85 -19.11 1.60
CA ASP H 66 -51.11 -20.37 1.47
C ASP H 66 -49.83 -20.36 2.31
N THR H 67 -49.99 -20.15 3.61
CA THR H 67 -48.83 -19.94 4.48
C THR H 67 -48.05 -21.21 4.80
N HIS H 68 -48.44 -22.38 4.27
CA HIS H 68 -47.60 -23.55 4.46
C HIS H 68 -46.46 -23.64 3.44
N ILE H 69 -46.50 -22.89 2.33
CA ILE H 69 -45.31 -22.67 1.51
C ILE H 69 -44.40 -21.68 2.26
N ASP H 70 -44.74 -20.39 2.23
CA ASP H 70 -44.20 -19.40 3.16
C ASP H 70 -45.18 -18.23 3.33
N ASP H 71 -44.72 -17.11 3.85
CA ASP H 71 -45.55 -15.92 4.05
C ASP H 71 -45.54 -14.94 2.87
N HIS H 72 -44.80 -15.25 1.79
CA HIS H 72 -44.51 -14.29 0.72
C HIS H 72 -45.77 -13.87 -0.06
N HIS H 73 -46.58 -14.84 -0.51
CA HIS H 73 -47.72 -14.48 -1.35
C HIS H 73 -48.80 -13.74 -0.55
N THR H 74 -49.02 -14.10 0.72
CA THR H 74 -49.96 -13.39 1.58
C THR H 74 -49.49 -11.96 1.90
N ASN H 75 -48.18 -11.77 2.10
CA ASN H 75 -47.61 -10.43 2.36
C ASN H 75 -47.76 -9.51 1.15
N GLU H 76 -47.55 -10.03 -0.05
CA GLU H 76 -47.67 -9.25 -1.28
C GLU H 76 -49.12 -8.87 -1.61
N ASP H 77 -50.07 -9.80 -1.47
CA ASP H 77 -51.45 -9.49 -1.86
C ASP H 77 -52.12 -8.49 -0.93
N VAL H 78 -51.81 -8.54 0.37
CA VAL H 78 -52.35 -7.56 1.32
C VAL H 78 -51.84 -6.14 1.00
N ALA H 79 -50.55 -6.02 0.67
CA ALA H 79 -49.97 -4.71 0.36
C ALA H 79 -50.58 -4.10 -0.92
N LEU H 80 -50.83 -4.92 -1.94
CA LEU H 80 -51.48 -4.43 -3.15
C LEU H 80 -52.89 -3.93 -2.87
N ALA H 81 -53.63 -4.61 -1.98
CA ALA H 81 -55.00 -4.22 -1.70
C ALA H 81 -55.07 -2.88 -0.96
N ILE H 82 -54.14 -2.62 -0.04
CA ILE H 82 -54.09 -1.35 0.69
C ILE H 82 -53.79 -0.17 -0.26
N GLY H 83 -52.92 -0.38 -1.26
CA GLY H 83 -52.62 0.70 -2.19
C GLY H 83 -53.81 1.11 -3.04
N THR H 84 -54.60 0.12 -3.49
CA THR H 84 -55.79 0.39 -4.30
C THR H 84 -56.85 1.15 -3.50
N ALA H 85 -57.08 0.76 -2.24
CA ALA H 85 -58.09 1.41 -1.40
C ALA H 85 -57.72 2.85 -1.05
N LEU H 86 -56.43 3.14 -0.91
CA LEU H 86 -55.98 4.51 -0.66
C LEU H 86 -56.22 5.39 -1.87
N LEU H 87 -55.96 4.86 -3.08
CA LEU H 87 -56.19 5.64 -4.30
C LEU H 87 -57.67 5.93 -4.53
N GLN H 88 -58.56 5.01 -4.12
CA GLN H 88 -60.00 5.25 -4.24
C GLN H 88 -60.50 6.25 -3.19
N ALA H 89 -59.93 6.23 -1.98
CA ALA H 89 -60.34 7.17 -0.95
C ALA H 89 -59.95 8.61 -1.27
N LEU H 90 -58.85 8.83 -2.01
CA LEU H 90 -58.34 10.19 -2.23
C LEU H 90 -59.10 10.93 -3.33
N GLY H 91 -59.47 10.26 -4.41
CA GLY H 91 -60.32 10.88 -5.42
C GLY H 91 -59.64 11.96 -6.23
N ASP H 92 -60.27 13.14 -6.26
CA ASP H 92 -59.80 14.25 -7.08
C ASP H 92 -58.50 14.85 -6.56
N ARG H 93 -58.31 14.85 -5.22
CA ARG H 93 -57.17 15.42 -4.48
C ARG H 93 -57.17 16.95 -4.50
N LYS H 94 -58.34 17.56 -4.44
CA LYS H 94 -58.46 19.02 -4.43
C LYS H 94 -58.31 19.54 -3.00
N GLY H 95 -57.40 20.50 -2.82
CA GLY H 95 -57.28 21.19 -1.54
C GLY H 95 -56.48 20.53 -0.44
N ILE H 96 -55.68 19.51 -0.72
CA ILE H 96 -54.91 18.83 0.31
C ILE H 96 -53.49 19.40 0.39
N ASN H 97 -52.77 19.04 1.46
CA ASN H 97 -51.39 19.49 1.64
C ASN H 97 -50.44 18.85 0.62
N ARG H 98 -50.68 17.59 0.26
CA ARG H 98 -50.00 16.79 -0.76
C ARG H 98 -48.59 16.30 -0.38
N PHE H 99 -47.86 17.00 0.50
CA PHE H 99 -46.51 16.61 0.95
C PHE H 99 -46.49 16.32 2.45
N GLY H 100 -45.61 15.42 2.89
CA GLY H 100 -45.43 15.11 4.30
C GLY H 100 -44.02 14.68 4.65
N ASN H 101 -43.61 14.91 5.90
CA ASN H 101 -42.22 14.82 6.33
C ASN H 101 -42.11 14.65 7.85
N PHE H 102 -41.37 13.64 8.34
CA PHE H 102 -41.24 13.38 9.78
C PHE H 102 -40.10 12.42 10.12
N SER H 103 -39.45 12.64 11.27
CA SER H 103 -38.46 11.71 11.83
C SER H 103 -38.87 11.23 13.23
N ALA H 104 -38.78 9.91 13.47
CA ALA H 104 -39.27 9.28 14.71
C ALA H 104 -38.31 8.28 15.36
N PRO H 105 -38.08 8.40 16.67
CA PRO H 105 -37.20 7.43 17.37
C PRO H 105 -37.92 6.33 18.15
N LEU H 106 -37.21 5.24 18.44
CA LEU H 106 -37.63 4.23 19.41
C LEU H 106 -36.36 3.70 20.09
N ASP H 107 -36.10 4.18 21.32
CA ASP H 107 -34.84 4.01 22.05
C ASP H 107 -33.66 4.47 21.21
N GLU H 108 -32.76 3.55 20.81
CA GLU H 108 -31.54 3.90 20.08
C GLU H 108 -31.72 3.97 18.56
N ALA H 109 -32.89 3.65 18.01
CA ALA H 109 -33.14 3.73 16.57
C ALA H 109 -33.75 5.08 16.18
N LEU H 110 -33.51 5.51 14.93
CA LEU H 110 -34.09 6.72 14.34
C LEU H 110 -34.16 6.63 12.82
N VAL H 111 -35.34 6.93 12.24
CA VAL H 111 -35.65 6.81 10.81
C VAL H 111 -36.34 8.10 10.31
N HIS H 112 -35.96 8.57 9.12
CA HIS H 112 -36.47 9.78 8.46
C HIS H 112 -37.32 9.39 7.23
N VAL H 113 -38.51 9.98 7.08
CA VAL H 113 -39.46 9.68 6.00
C VAL H 113 -39.94 10.96 5.32
N SER H 114 -39.92 10.99 3.97
CA SER H 114 -40.67 12.02 3.24
C SER H 114 -41.34 11.46 1.97
N LEU H 115 -42.52 11.99 1.63
CA LEU H 115 -43.37 11.46 0.56
C LEU H 115 -44.13 12.56 -0.16
N ASP H 116 -44.68 12.24 -1.34
CA ASP H 116 -45.44 13.16 -2.17
C ASP H 116 -46.48 12.39 -2.97
N LEU H 117 -47.75 12.82 -2.88
CA LEU H 117 -48.87 12.09 -3.51
C LEU H 117 -49.03 12.59 -4.95
N SER H 118 -48.17 12.07 -5.82
CA SER H 118 -47.89 12.68 -7.11
C SER H 118 -48.59 12.04 -8.30
N GLY H 119 -48.89 10.75 -8.26
CA GLY H 119 -49.28 9.99 -9.43
C GLY H 119 -48.14 9.29 -10.13
N ARG H 120 -46.91 9.42 -9.65
CA ARG H 120 -45.72 8.79 -10.23
C ARG H 120 -45.09 7.87 -9.18
N PRO H 121 -45.06 6.56 -9.39
CA PRO H 121 -44.52 5.63 -8.38
C PRO H 121 -43.00 5.58 -8.35
N HIS H 122 -42.43 5.57 -7.14
CA HIS H 122 -40.99 5.40 -6.93
C HIS H 122 -40.70 5.08 -5.47
N LEU H 123 -39.77 4.15 -5.23
CA LEU H 123 -39.32 3.83 -3.88
C LEU H 123 -37.80 3.99 -3.75
N GLY H 124 -37.37 4.75 -2.77
CA GLY H 124 -35.98 4.78 -2.31
C GLY H 124 -35.85 4.19 -0.92
N TYR H 125 -35.08 3.11 -0.77
CA TYR H 125 -35.06 2.29 0.44
C TYR H 125 -33.63 2.13 0.92
N ASP H 126 -33.38 2.49 2.17
CA ASP H 126 -32.04 2.54 2.72
C ASP H 126 -32.08 2.18 4.22
N LEU H 127 -32.31 0.91 4.51
CA LEU H 127 -32.30 0.37 5.87
C LEU H 127 -31.26 -0.74 5.98
N ASN H 128 -30.81 -1.01 7.19
CA ASN H 128 -29.81 -2.05 7.42
C ASN H 128 -30.24 -2.92 8.60
N ILE H 129 -30.98 -3.99 8.32
CA ILE H 129 -31.60 -4.83 9.35
C ILE H 129 -30.67 -6.00 9.64
N PRO H 130 -30.17 -6.13 10.86
CA PRO H 130 -29.03 -7.04 11.13
C PRO H 130 -29.33 -8.51 11.41
N THR H 131 -30.58 -8.97 11.49
CA THR H 131 -30.88 -10.40 11.62
C THR H 131 -31.84 -10.85 10.52
N GLN H 132 -32.01 -12.16 10.38
CA GLN H 132 -32.81 -12.71 9.28
C GLN H 132 -34.28 -12.96 9.67
N ARG H 133 -34.57 -13.16 10.95
CA ARG H 133 -35.92 -13.43 11.44
C ARG H 133 -36.18 -12.61 12.71
N VAL H 134 -37.41 -12.11 12.87
CA VAL H 134 -37.72 -11.39 14.10
C VAL H 134 -38.44 -12.35 15.05
N GLY H 135 -39.59 -12.86 14.66
CA GLY H 135 -40.15 -14.00 15.36
C GLY H 135 -40.23 -15.15 14.39
N LYS H 136 -41.40 -15.37 13.80
CA LYS H 136 -41.48 -16.19 12.60
C LYS H 136 -41.40 -15.39 11.29
N TYR H 137 -41.38 -14.05 11.34
CA TYR H 137 -41.46 -13.19 10.16
C TYR H 137 -40.09 -12.99 9.49
N ASP H 138 -40.05 -13.17 8.17
CA ASP H 138 -38.85 -13.02 7.35
C ASP H 138 -38.56 -11.55 7.05
N THR H 139 -37.32 -11.10 7.27
CA THR H 139 -37.01 -9.66 7.22
C THR H 139 -36.83 -9.07 5.81
N GLN H 140 -36.65 -9.89 4.76
CA GLN H 140 -36.71 -9.38 3.38
C GLN H 140 -38.12 -8.93 2.97
N LEU H 141 -39.16 -9.29 3.72
CA LEU H 141 -40.52 -8.92 3.33
C LEU H 141 -40.88 -7.47 3.70
N VAL H 142 -40.06 -6.78 4.50
CA VAL H 142 -40.31 -5.37 4.80
C VAL H 142 -40.17 -4.52 3.54
N GLU H 143 -39.10 -4.74 2.77
CA GLU H 143 -38.92 -4.00 1.53
C GLU H 143 -39.96 -4.37 0.47
N HIS H 144 -40.37 -5.64 0.39
CA HIS H 144 -41.37 -6.06 -0.59
C HIS H 144 -42.76 -5.44 -0.27
N PHE H 145 -43.05 -5.23 1.02
CA PHE H 145 -44.33 -4.62 1.41
C PHE H 145 -44.46 -3.19 0.87
N PHE H 146 -43.41 -2.37 1.05
CA PHE H 146 -43.46 -0.98 0.63
C PHE H 146 -43.41 -0.83 -0.90
N GLN H 147 -42.75 -1.73 -1.62
CA GLN H 147 -42.69 -1.65 -3.08
C GLN H 147 -44.05 -1.96 -3.73
N SER H 148 -44.79 -2.95 -3.20
CA SER H 148 -46.14 -3.22 -3.69
C SER H 148 -47.13 -2.09 -3.35
N LEU H 149 -46.97 -1.43 -2.21
CA LEU H 149 -47.86 -0.33 -1.83
C LEU H 149 -47.70 0.89 -2.74
N VAL H 150 -46.47 1.25 -3.11
CA VAL H 150 -46.32 2.42 -3.97
C VAL H 150 -46.73 2.13 -5.43
N ASN H 151 -46.73 0.87 -5.88
CA ASN H 151 -47.08 0.59 -7.27
C ASN H 151 -48.58 0.73 -7.52
N THR H 152 -49.45 0.36 -6.56
CA THR H 152 -50.87 0.53 -6.79
C THR H 152 -51.38 1.90 -6.40
N SER H 153 -50.76 2.59 -5.45
CA SER H 153 -51.21 3.92 -5.02
C SER H 153 -50.62 5.07 -5.83
N GLY H 154 -49.50 4.86 -6.52
CA GLY H 154 -48.85 5.94 -7.26
C GLY H 154 -48.18 7.03 -6.44
N MET H 155 -47.43 6.68 -5.40
CA MET H 155 -46.77 7.70 -4.60
C MET H 155 -45.24 7.63 -4.72
N THR H 156 -44.60 8.79 -4.51
CA THR H 156 -43.15 8.91 -4.36
C THR H 156 -42.78 8.77 -2.87
N LEU H 157 -41.88 7.84 -2.54
CA LEU H 157 -41.55 7.56 -1.14
C LEU H 157 -40.05 7.38 -0.92
N HIS H 158 -39.51 8.03 0.11
CA HIS H 158 -38.09 7.90 0.51
C HIS H 158 -38.00 7.55 2.00
N ILE H 159 -37.18 6.53 2.34
CA ILE H 159 -37.01 6.01 3.69
C ILE H 159 -35.50 5.89 3.98
N ARG H 160 -35.02 6.51 5.07
CA ARG H 160 -33.58 6.54 5.36
C ARG H 160 -33.24 6.42 6.85
N GLN H 161 -32.31 5.51 7.20
CA GLN H 161 -31.95 5.21 8.59
C GLN H 161 -30.80 6.11 9.08
N PHE H 162 -30.97 6.70 10.27
CA PHE H 162 -29.96 7.53 10.92
C PHE H 162 -29.14 6.80 12.00
N SER H 163 -29.74 5.86 12.75
CA SER H 163 -29.04 5.03 13.75
C SER H 163 -29.93 3.84 14.12
N GLY H 164 -29.38 2.90 14.87
CA GLY H 164 -30.15 1.78 15.41
C GLY H 164 -29.42 0.45 15.33
N THR H 165 -29.75 -0.44 16.28
CA THR H 165 -29.11 -1.74 16.48
C THR H 165 -30.11 -2.92 16.58
N ASN H 166 -31.19 -2.79 17.36
CA ASN H 166 -32.17 -3.88 17.53
C ASN H 166 -33.15 -3.94 16.34
N SER H 167 -33.38 -5.15 15.81
CA SER H 167 -34.21 -5.31 14.60
C SER H 167 -35.69 -4.98 14.84
N HIS H 168 -36.24 -5.37 15.99
CA HIS H 168 -37.62 -5.01 16.32
C HIS H 168 -37.79 -3.50 16.44
N HIS H 169 -36.80 -2.81 17.00
CA HIS H 169 -36.90 -1.35 17.16
C HIS H 169 -36.86 -0.63 15.80
N ILE H 170 -36.02 -1.10 14.86
CA ILE H 170 -35.85 -0.43 13.56
C ILE H 170 -37.12 -0.50 12.72
N ILE H 171 -37.76 -1.67 12.64
CA ILE H 171 -38.96 -1.82 11.83
C ILE H 171 -40.14 -1.04 12.43
N GLU H 172 -40.32 -1.08 13.75
CA GLU H 172 -41.44 -0.38 14.38
C GLU H 172 -41.29 1.14 14.29
N ALA H 173 -40.06 1.66 14.23
CA ALA H 173 -39.87 3.10 14.06
C ALA H 173 -40.15 3.57 12.64
N THR H 174 -39.91 2.71 11.64
CA THR H 174 -40.30 3.01 10.27
C THR H 174 -41.81 3.19 10.13
N PHE H 175 -42.60 2.25 10.70
CA PHE H 175 -44.05 2.33 10.62
C PHE H 175 -44.65 3.49 11.44
N LYS H 176 -43.94 3.97 12.47
CA LYS H 176 -44.39 5.15 13.19
C LYS H 176 -44.19 6.44 12.39
N ALA H 177 -42.98 6.62 11.82
CA ALA H 177 -42.69 7.81 11.02
C ALA H 177 -43.53 7.88 9.74
N PHE H 178 -43.75 6.73 9.07
CA PHE H 178 -44.62 6.67 7.89
C PHE H 178 -46.05 7.12 8.22
N ALA H 179 -46.57 6.73 9.39
CA ALA H 179 -47.94 7.10 9.78
C ALA H 179 -48.09 8.60 9.98
N ARG H 180 -47.11 9.25 10.60
CA ARG H 180 -47.22 10.68 10.85
C ARG H 180 -47.01 11.49 9.57
N ALA H 181 -46.18 11.02 8.64
CA ALA H 181 -46.01 11.74 7.38
C ALA H 181 -47.22 11.58 6.47
N LEU H 182 -47.90 10.42 6.49
CA LEU H 182 -49.09 10.26 5.67
C LEU H 182 -50.27 11.08 6.20
N ARG H 183 -50.36 11.24 7.54
CA ARG H 183 -51.42 12.06 8.12
C ARG H 183 -51.29 13.52 7.69
N GLN H 184 -50.05 14.02 7.58
CA GLN H 184 -49.81 15.38 7.15
C GLN H 184 -50.24 15.62 5.70
N ALA H 185 -49.95 14.67 4.81
CA ALA H 185 -50.19 14.88 3.39
C ALA H 185 -51.66 14.77 2.98
N THR H 186 -52.51 14.10 3.75
CA THR H 186 -53.92 13.93 3.42
C THR H 186 -54.84 14.94 4.09
N GLU H 187 -54.33 15.82 4.95
CA GLU H 187 -55.19 16.80 5.58
C GLU H 187 -55.42 18.03 4.70
N TYR H 188 -56.56 18.69 4.94
CA TYR H 188 -56.93 19.87 4.16
C TYR H 188 -56.09 21.08 4.52
N ASP H 189 -55.61 21.76 3.49
CA ASP H 189 -54.81 22.98 3.62
C ASP H 189 -55.74 24.19 3.68
N THR H 190 -56.05 24.65 4.89
CA THR H 190 -56.68 25.95 5.06
C THR H 190 -55.67 27.02 4.68
N ARG H 191 -56.02 27.88 3.72
CA ARG H 191 -55.01 28.58 2.95
C ARG H 191 -54.34 29.70 3.77
N ARG H 192 -53.29 30.27 3.19
CA ARG H 192 -52.58 31.35 3.84
C ARG H 192 -53.37 32.66 3.80
N ALA I 9 59.19 -14.47 -29.85
CA ALA I 9 58.39 -13.47 -29.15
C ALA I 9 57.30 -12.92 -30.09
N ARG I 10 56.08 -12.81 -29.56
CA ARG I 10 54.93 -12.39 -30.34
C ARG I 10 54.77 -10.88 -30.18
N ILE I 11 55.04 -10.13 -31.26
CA ILE I 11 55.08 -8.67 -31.20
C ILE I 11 54.13 -8.09 -32.24
N GLY I 12 53.26 -7.17 -31.81
CA GLY I 12 52.30 -6.54 -32.70
C GLY I 12 52.45 -5.03 -32.70
N GLU I 13 52.10 -4.42 -33.85
CA GLU I 13 52.36 -3.01 -34.13
C GLU I 13 51.15 -2.39 -34.85
N MET I 14 51.02 -1.07 -34.76
CA MET I 14 49.93 -0.32 -35.40
C MET I 14 50.27 1.18 -35.42
N LYS I 15 49.96 1.85 -36.54
CA LYS I 15 50.04 3.30 -36.66
C LYS I 15 48.79 3.80 -37.37
N ARG I 16 48.17 4.85 -36.84
CA ARG I 16 46.93 5.39 -37.38
C ARG I 16 46.96 6.91 -37.31
N VAL I 17 46.69 7.58 -38.42
CA VAL I 17 46.65 9.04 -38.50
C VAL I 17 45.34 9.48 -39.12
N THR I 18 44.62 10.37 -38.45
CA THR I 18 43.43 11.00 -39.01
C THR I 18 43.51 12.51 -38.79
N LYS I 19 42.44 13.20 -39.16
CA LYS I 19 42.32 14.64 -38.97
C LYS I 19 42.11 15.03 -37.51
N GLU I 20 41.91 14.09 -36.59
CA GLU I 20 41.80 14.36 -35.17
C GLU I 20 43.07 14.03 -34.38
N THR I 21 43.73 12.91 -34.69
CA THR I 21 44.74 12.31 -33.81
C THR I 21 45.87 11.70 -34.62
N ASN I 22 46.98 11.42 -33.93
CA ASN I 22 48.15 10.70 -34.45
C ASN I 22 48.61 9.74 -33.37
N VAL I 23 48.64 8.43 -33.67
CA VAL I 23 48.82 7.37 -32.66
C VAL I 23 49.83 6.32 -33.16
N SER I 24 50.77 5.92 -32.29
CA SER I 24 51.65 4.77 -32.50
C SER I 24 51.68 3.85 -31.28
N VAL I 25 51.61 2.52 -31.51
CA VAL I 25 51.45 1.52 -30.43
C VAL I 25 52.32 0.29 -30.73
N LYS I 26 52.93 -0.29 -29.69
CA LYS I 26 53.68 -1.55 -29.80
C LYS I 26 53.55 -2.42 -28.54
N ILE I 27 53.24 -3.72 -28.71
CA ILE I 27 52.97 -4.65 -27.61
C ILE I 27 53.76 -5.95 -27.78
N ASN I 28 54.40 -6.42 -26.69
CA ASN I 28 55.10 -7.71 -26.64
C ASN I 28 54.40 -8.62 -25.64
N LEU I 29 53.97 -9.80 -26.10
CA LEU I 29 53.24 -10.72 -25.23
C LEU I 29 54.15 -11.59 -24.37
N ASP I 30 55.46 -11.63 -24.66
CA ASP I 30 56.38 -12.40 -23.84
C ASP I 30 57.41 -11.50 -23.17
N GLY I 31 56.96 -10.48 -22.43
CA GLY I 31 57.82 -9.41 -21.97
C GLY I 31 58.28 -9.55 -20.53
N THR I 32 58.93 -8.49 -20.04
CA THR I 32 59.41 -8.43 -18.66
C THR I 32 58.82 -7.26 -17.87
N GLY I 33 57.79 -6.61 -18.38
CA GLY I 33 57.16 -5.50 -17.67
C GLY I 33 57.78 -4.13 -17.87
N VAL I 34 58.20 -3.81 -19.09
CA VAL I 34 58.73 -2.49 -19.42
C VAL I 34 57.59 -1.61 -19.91
N ALA I 35 57.46 -0.41 -19.35
CA ALA I 35 56.37 0.51 -19.67
C ALA I 35 56.91 1.85 -20.14
N ASP I 36 56.36 2.39 -21.22
CA ASP I 36 56.75 3.71 -21.74
C ASP I 36 55.51 4.32 -22.42
N ASN I 37 54.68 5.00 -21.63
CA ASN I 37 53.33 5.40 -22.05
C ASN I 37 53.18 6.92 -21.96
N SER I 38 53.02 7.55 -23.11
CA SER I 38 52.96 9.01 -23.19
C SER I 38 51.82 9.36 -24.17
N SER I 39 50.61 9.27 -23.68
CA SER I 39 49.46 9.79 -24.40
C SER I 39 49.27 11.24 -23.96
N GLY I 40 48.22 11.89 -24.43
CA GLY I 40 47.99 13.20 -23.86
C GLY I 40 47.22 13.23 -22.55
N ILE I 41 46.90 12.08 -21.97
CA ILE I 41 45.94 11.97 -20.89
C ILE I 41 46.65 11.34 -19.69
N PRO I 42 46.97 12.13 -18.65
CA PRO I 42 47.86 11.64 -17.57
C PRO I 42 47.31 10.50 -16.72
N PHE I 43 46.02 10.50 -16.41
CA PHE I 43 45.43 9.40 -15.64
C PHE I 43 45.40 8.09 -16.44
N LEU I 44 45.18 8.16 -17.75
CA LEU I 44 45.22 6.95 -18.57
C LEU I 44 46.63 6.36 -18.66
N ASP I 45 47.67 7.20 -18.60
CA ASP I 45 49.04 6.68 -18.54
C ASP I 45 49.29 5.86 -17.28
N HIS I 46 48.73 6.29 -16.14
CA HIS I 46 48.86 5.57 -14.88
C HIS I 46 48.17 4.20 -14.93
N MET I 47 47.03 4.09 -15.63
CA MET I 47 46.37 2.78 -15.77
C MET I 47 47.12 1.85 -16.73
N LEU I 48 47.69 2.39 -17.82
CA LEU I 48 48.44 1.54 -18.75
C LEU I 48 49.72 0.99 -18.13
N ASP I 49 50.30 1.67 -17.13
CA ASP I 49 51.43 1.11 -16.41
C ASP I 49 51.05 -0.13 -15.60
N GLN I 50 49.79 -0.23 -15.15
CA GLN I 50 49.35 -1.41 -14.42
C GLN I 50 49.31 -2.62 -15.33
N LEU I 51 49.01 -2.42 -16.61
CA LEU I 51 48.95 -3.52 -17.55
C LEU I 51 50.33 -4.13 -17.77
N ALA I 52 51.39 -3.31 -17.73
CA ALA I 52 52.74 -3.85 -17.81
C ALA I 52 53.18 -4.50 -16.50
N SER I 53 52.80 -3.91 -15.37
CA SER I 53 53.36 -4.32 -14.08
C SER I 53 52.75 -5.62 -13.56
N HIS I 54 51.45 -5.82 -13.75
CA HIS I 54 50.79 -7.01 -13.25
C HIS I 54 50.56 -8.08 -14.30
N GLY I 55 50.63 -7.73 -15.58
CA GLY I 55 50.53 -8.74 -16.61
C GLY I 55 51.85 -9.18 -17.22
N LEU I 56 52.92 -8.45 -16.93
CA LEU I 56 54.28 -8.67 -17.44
C LEU I 56 54.38 -8.52 -18.97
N PHE I 57 53.55 -7.69 -19.58
CA PHE I 57 53.71 -7.32 -20.98
C PHE I 57 54.67 -6.14 -21.12
N ASP I 58 55.24 -5.98 -22.32
CA ASP I 58 55.91 -4.73 -22.71
C ASP I 58 54.92 -3.87 -23.51
N VAL I 59 54.70 -2.63 -23.07
CA VAL I 59 53.68 -1.76 -23.64
C VAL I 59 54.26 -0.37 -23.93
N HIS I 60 54.05 0.13 -25.15
CA HIS I 60 54.57 1.45 -25.54
C HIS I 60 53.51 2.22 -26.35
N VAL I 61 53.11 3.40 -25.87
CA VAL I 61 52.09 4.24 -26.52
C VAL I 61 52.62 5.67 -26.69
N LYS I 62 52.44 6.24 -27.90
CA LYS I 62 52.70 7.66 -28.16
C LYS I 62 51.52 8.28 -28.92
N ALA I 63 50.99 9.41 -28.42
CA ALA I 63 49.80 10.00 -29.02
C ALA I 63 49.73 11.51 -28.81
N THR I 64 49.23 12.21 -29.84
CA THR I 64 48.82 13.61 -29.74
C THR I 64 47.48 13.79 -30.46
N GLY I 65 46.67 14.73 -29.98
CA GLY I 65 45.31 14.88 -30.47
C GLY I 65 44.71 16.25 -30.23
N ASP I 66 43.38 16.28 -30.16
CA ASP I 66 42.62 17.53 -30.10
C ASP I 66 42.00 17.74 -28.72
N THR I 67 42.84 17.76 -27.70
CA THR I 67 42.35 17.78 -26.32
C THR I 67 41.81 19.12 -25.87
N HIS I 68 41.78 20.15 -26.72
CA HIS I 68 41.11 21.38 -26.32
C HIS I 68 39.60 21.35 -26.56
N ILE I 69 39.08 20.41 -27.36
CA ILE I 69 37.65 20.10 -27.35
C ILE I 69 37.34 19.32 -26.06
N ASP I 70 37.67 18.02 -26.04
CA ASP I 70 37.78 17.25 -24.80
C ASP I 70 38.76 16.09 -24.98
N ASP I 71 38.72 15.10 -24.10
CA ASP I 71 39.58 13.93 -24.17
C ASP I 71 38.99 12.75 -24.95
N HIS I 72 37.77 12.90 -25.50
CA HIS I 72 36.99 11.77 -26.05
C HIS I 72 37.65 11.16 -27.29
N HIS I 73 38.03 11.98 -28.28
CA HIS I 73 38.56 11.41 -29.52
C HIS I 73 39.94 10.77 -29.31
N THR I 74 40.79 11.35 -28.45
CA THR I 74 42.09 10.75 -28.13
C THR I 74 41.94 9.44 -27.35
N ASN I 75 40.94 9.35 -26.44
CA ASN I 75 40.69 8.12 -25.68
C ASN I 75 40.21 6.98 -26.59
N GLU I 76 39.36 7.29 -27.55
CA GLU I 76 38.83 6.30 -28.49
C GLU I 76 39.90 5.78 -29.47
N ASP I 77 40.72 6.67 -30.04
CA ASP I 77 41.68 6.22 -31.05
C ASP I 77 42.81 5.37 -30.47
N VAL I 78 43.25 5.67 -29.24
CA VAL I 78 44.26 4.85 -28.57
C VAL I 78 43.75 3.44 -28.31
N ALA I 79 42.49 3.32 -27.86
CA ALA I 79 41.89 2.01 -27.57
C ALA I 79 41.75 1.15 -28.83
N LEU I 80 41.37 1.75 -29.96
CA LEU I 80 41.28 1.02 -31.21
C LEU I 80 42.65 0.50 -31.65
N ALA I 81 43.71 1.29 -31.45
CA ALA I 81 45.04 0.89 -31.89
C ALA I 81 45.57 -0.30 -31.07
N ILE I 82 45.29 -0.34 -29.77
CA ILE I 82 45.72 -1.46 -28.92
C ILE I 82 45.02 -2.76 -29.31
N GLY I 83 43.74 -2.70 -29.70
CA GLY I 83 43.04 -3.91 -30.12
C GLY I 83 43.60 -4.53 -31.39
N THR I 84 43.96 -3.68 -32.36
CA THR I 84 44.54 -4.15 -33.61
C THR I 84 45.90 -4.82 -33.39
N ALA I 85 46.75 -4.21 -32.55
CA ALA I 85 48.09 -4.75 -32.29
C ALA I 85 48.05 -6.08 -31.55
N LEU I 86 47.06 -6.27 -30.68
CA LEU I 86 46.89 -7.55 -29.98
C LEU I 86 46.48 -8.65 -30.95
N LEU I 87 45.59 -8.34 -31.89
CA LEU I 87 45.15 -9.33 -32.88
C LEU I 87 46.30 -9.73 -33.82
N GLN I 88 47.21 -8.81 -34.13
CA GLN I 88 48.36 -9.14 -34.97
C GLN I 88 49.40 -9.96 -34.19
N ALA I 89 49.58 -9.69 -32.89
CA ALA I 89 50.53 -10.45 -32.10
C ALA I 89 50.11 -11.91 -31.89
N LEU I 90 48.80 -12.19 -31.86
CA LEU I 90 48.33 -13.54 -31.53
C LEU I 90 48.41 -14.50 -32.70
N GLY I 91 48.10 -14.06 -33.92
CA GLY I 91 48.30 -14.90 -35.09
C GLY I 91 47.35 -16.07 -35.18
N ASP I 92 47.93 -17.27 -35.34
CA ASP I 92 47.15 -18.48 -35.56
C ASP I 92 46.37 -18.91 -34.32
N ARG I 93 46.93 -18.65 -33.12
CA ARG I 93 46.41 -19.02 -31.79
C ARG I 93 46.47 -20.53 -31.53
N LYS I 94 47.53 -21.18 -32.00
CA LYS I 94 47.71 -22.61 -31.80
C LYS I 94 48.38 -22.86 -30.45
N GLY I 95 47.77 -23.72 -29.63
CA GLY I 95 48.40 -24.16 -28.39
C GLY I 95 48.29 -23.27 -27.18
N ILE I 96 47.41 -22.28 -27.15
CA ILE I 96 47.28 -21.37 -26.01
C ILE I 96 46.16 -21.85 -25.09
N ASN I 97 46.13 -21.27 -23.87
CA ASN I 97 45.08 -21.60 -22.90
C ASN I 97 43.70 -21.11 -23.34
N ARG I 98 43.64 -19.95 -24.00
CA ARG I 98 42.47 -19.31 -24.61
C ARG I 98 41.47 -18.68 -23.62
N PHE I 99 41.36 -19.17 -22.38
CA PHE I 99 40.45 -18.64 -21.35
C PHE I 99 41.23 -18.07 -20.16
N GLY I 100 40.68 -17.07 -19.49
CA GLY I 100 41.28 -16.50 -18.29
C GLY I 100 40.26 -15.93 -17.31
N ASN I 101 40.61 -15.92 -16.03
CA ASN I 101 39.66 -15.67 -14.93
C ASN I 101 40.39 -15.23 -13.66
N PHE I 102 39.98 -14.10 -13.05
CA PHE I 102 40.63 -13.59 -11.83
C PHE I 102 39.80 -12.52 -11.11
N SER I 103 39.90 -12.49 -9.77
CA SER I 103 39.31 -11.42 -8.94
C SER I 103 40.39 -10.72 -8.11
N ALA I 104 40.37 -9.38 -8.10
CA ALA I 104 41.42 -8.56 -7.46
C ALA I 104 40.91 -7.40 -6.59
N PRO I 105 41.43 -7.28 -5.36
CA PRO I 105 41.02 -6.15 -4.49
C PRO I 105 41.99 -4.97 -4.44
N LEU I 106 41.49 -3.81 -4.01
CA LEU I 106 42.32 -2.66 -3.62
C LEU I 106 41.58 -1.95 -2.48
N ASP I 107 42.07 -2.18 -1.24
CA ASP I 107 41.39 -1.82 0.01
C ASP I 107 39.97 -2.36 0.04
N GLU I 108 38.95 -1.48 0.04
CA GLU I 108 37.55 -1.89 0.16
C GLU I 108 36.87 -2.24 -1.17
N ALA I 109 37.55 -2.09 -2.32
CA ALA I 109 36.98 -2.45 -3.62
C ALA I 109 37.36 -3.88 -4.02
N LEU I 110 36.51 -4.51 -4.85
CA LEU I 110 36.74 -5.84 -5.42
C LEU I 110 35.96 -6.03 -6.73
N VAL I 111 36.67 -6.49 -7.79
CA VAL I 111 36.14 -6.65 -9.15
C VAL I 111 36.52 -8.04 -9.70
N HIS I 112 35.58 -8.70 -10.40
CA HIS I 112 35.72 -10.03 -11.00
C HIS I 112 35.75 -9.92 -12.53
N VAL I 113 36.70 -10.59 -13.19
CA VAL I 113 36.89 -10.53 -14.65
C VAL I 113 37.00 -11.94 -15.23
N SER I 114 36.26 -12.22 -16.32
CA SER I 114 36.55 -13.40 -17.15
C SER I 114 36.39 -13.11 -18.65
N LEU I 115 37.22 -13.77 -19.47
CA LEU I 115 37.33 -13.47 -20.90
C LEU I 115 37.65 -14.73 -21.71
N ASP I 116 37.44 -14.66 -23.03
CA ASP I 116 37.69 -15.76 -23.96
C ASP I 116 38.09 -15.20 -25.32
N LEU I 117 39.23 -15.67 -25.86
CA LEU I 117 39.79 -15.13 -27.11
C LEU I 117 39.17 -15.89 -28.29
N SER I 118 37.95 -15.49 -28.64
CA SER I 118 37.05 -16.30 -29.44
C SER I 118 36.96 -15.93 -30.91
N GLY I 119 37.16 -14.67 -31.27
CA GLY I 119 36.82 -14.17 -32.58
C GLY I 119 35.44 -13.54 -32.67
N ARG I 120 34.68 -13.52 -31.58
CA ARG I 120 33.33 -12.93 -31.53
C ARG I 120 33.32 -11.81 -30.49
N PRO I 121 33.11 -10.55 -30.88
CA PRO I 121 33.16 -9.43 -29.93
C PRO I 121 31.89 -9.30 -29.09
N HIS I 122 32.07 -9.04 -27.79
CA HIS I 122 30.96 -8.76 -26.88
C HIS I 122 31.49 -8.16 -25.57
N LEU I 123 30.79 -7.15 -25.04
CA LEU I 123 31.12 -6.57 -23.75
C LEU I 123 29.93 -6.62 -22.80
N GLY I 124 30.13 -7.17 -21.61
CA GLY I 124 29.22 -7.04 -20.48
C GLY I 124 29.83 -6.20 -19.38
N TYR I 125 29.21 -5.07 -19.03
CA TYR I 125 29.80 -4.05 -18.17
C TYR I 125 28.85 -3.73 -17.04
N ASP I 126 29.34 -3.85 -15.80
CA ASP I 126 28.51 -3.72 -14.62
C ASP I 126 29.33 -3.10 -13.48
N LEU I 127 29.61 -1.81 -13.59
CA LEU I 127 30.31 -1.03 -12.57
C LEU I 127 29.44 0.13 -12.12
N ASN I 128 29.70 0.64 -10.93
CA ASN I 128 28.93 1.76 -10.38
C ASN I 128 29.88 2.81 -9.80
N ILE I 129 30.29 3.76 -10.63
CA ILE I 129 31.33 4.74 -10.28
C ILE I 129 30.64 5.99 -9.74
N PRO I 130 30.87 6.37 -8.49
CA PRO I 130 30.02 7.37 -7.81
C PRO I 130 30.33 8.85 -8.02
N THR I 131 31.41 9.25 -8.71
CA THR I 131 31.65 10.66 -9.03
C THR I 131 31.84 10.85 -10.52
N GLN I 132 31.83 12.10 -10.97
CA GLN I 132 31.89 12.39 -12.40
C GLN I 132 33.31 12.64 -12.92
N ARG I 133 34.24 13.05 -12.07
CA ARG I 133 35.62 13.33 -12.44
C ARG I 133 36.57 12.74 -11.40
N VAL I 134 37.72 12.21 -11.83
CA VAL I 134 38.68 11.71 -10.86
C VAL I 134 39.75 12.78 -10.65
N GLY I 135 40.48 13.15 -11.67
CA GLY I 135 41.26 14.37 -11.61
C GLY I 135 40.74 15.32 -12.66
N LYS I 136 41.39 15.37 -13.81
CA LYS I 136 40.77 15.95 -15.00
C LYS I 136 40.03 14.94 -15.88
N TYR I 137 40.12 13.64 -15.58
CA TYR I 137 39.60 12.56 -16.45
C TYR I 137 38.10 12.32 -16.22
N ASP I 138 37.34 12.26 -17.31
CA ASP I 138 35.89 12.03 -17.31
C ASP I 138 35.57 10.55 -17.14
N THR I 139 34.66 10.21 -16.20
CA THR I 139 34.45 8.81 -15.82
C THR I 139 33.58 7.98 -16.77
N GLN I 140 32.81 8.60 -17.69
CA GLN I 140 32.15 7.85 -18.76
C GLN I 140 33.13 7.26 -19.78
N LEU I 141 34.40 7.69 -19.79
CA LEU I 141 35.34 7.19 -20.77
C LEU I 141 35.93 5.82 -20.40
N VAL I 142 35.71 5.32 -19.18
CA VAL I 142 36.15 3.97 -18.81
C VAL I 142 35.40 2.92 -19.62
N GLU I 143 34.08 3.06 -19.71
CA GLU I 143 33.29 2.11 -20.50
C GLU I 143 33.57 2.24 -22.01
N HIS I 144 33.81 3.45 -22.52
CA HIS I 144 34.10 3.62 -23.94
C HIS I 144 35.46 3.00 -24.31
N PHE I 145 36.42 3.01 -23.38
CA PHE I 145 37.73 2.42 -23.64
C PHE I 145 37.63 0.91 -23.89
N PHE I 146 36.89 0.19 -23.03
CA PHE I 146 36.78 -1.25 -23.15
C PHE I 146 35.92 -1.68 -24.35
N GLN I 147 34.92 -0.88 -24.74
CA GLN I 147 34.09 -1.22 -25.91
C GLN I 147 34.86 -1.11 -27.23
N SER I 148 35.72 -0.09 -27.37
CA SER I 148 36.57 0.02 -28.55
C SER I 148 37.65 -1.08 -28.61
N LEU I 149 38.17 -1.52 -27.46
CA LEU I 149 39.18 -2.57 -27.43
C LEU I 149 38.62 -3.93 -27.87
N VAL I 150 37.40 -4.29 -27.45
CA VAL I 150 36.88 -5.59 -27.86
C VAL I 150 36.41 -5.58 -29.33
N ASN I 151 36.11 -4.42 -29.93
CA ASN I 151 35.63 -4.42 -31.32
C ASN I 151 36.77 -4.69 -32.31
N THR I 152 37.99 -4.19 -32.05
CA THR I 152 39.07 -4.47 -32.98
C THR I 152 39.79 -5.78 -32.69
N SER I 153 39.82 -6.26 -31.44
CA SER I 153 40.49 -7.51 -31.10
C SER I 153 39.62 -8.75 -31.24
N GLY I 154 38.30 -8.61 -31.23
CA GLY I 154 37.42 -9.77 -31.29
C GLY I 154 37.35 -10.65 -30.07
N MET I 155 37.26 -10.09 -28.87
CA MET I 155 37.20 -10.91 -27.66
C MET I 155 35.85 -10.78 -26.95
N THR I 156 35.48 -11.84 -26.22
CA THR I 156 34.35 -11.85 -25.29
C THR I 156 34.84 -11.43 -23.89
N LEU I 157 34.21 -10.41 -23.31
CA LEU I 157 34.68 -9.86 -22.02
C LEU I 157 33.53 -9.56 -21.07
N HIS I 158 33.66 -9.98 -19.81
CA HIS I 158 32.68 -9.71 -18.74
C HIS I 158 33.39 -9.09 -17.53
N ILE I 159 32.84 -7.99 -17.00
CA ILE I 159 33.39 -7.22 -15.88
C ILE I 159 32.28 -6.97 -14.85
N ARG I 160 32.50 -7.36 -13.59
CA ARG I 160 31.44 -7.25 -12.56
C ARG I 160 31.96 -6.85 -11.18
N GLN I 161 31.32 -5.85 -10.55
CA GLN I 161 31.75 -5.28 -9.27
C GLN I 161 31.10 -6.01 -8.08
N PHE I 162 31.91 -6.38 -7.09
CA PHE I 162 31.46 -7.02 -5.85
C PHE I 162 31.32 -6.07 -4.67
N SER I 163 32.17 -5.04 -4.53
CA SER I 163 32.08 -4.02 -3.49
C SER I 163 32.97 -2.82 -3.89
N GLY I 164 32.86 -1.74 -3.14
CA GLY I 164 33.74 -0.58 -3.31
C GLY I 164 33.01 0.75 -3.22
N THR I 165 33.75 1.78 -2.78
CA THR I 165 33.26 3.13 -2.50
C THR I 165 34.08 4.25 -3.18
N ASN I 166 35.42 4.21 -3.10
CA ASN I 166 36.28 5.26 -3.68
C ASN I 166 36.45 5.04 -5.20
N SER I 167 36.30 6.12 -5.98
CA SER I 167 36.33 6.02 -7.45
C SER I 167 37.72 5.66 -8.00
N HIS I 168 38.78 6.22 -7.42
CA HIS I 168 40.14 5.86 -7.83
C HIS I 168 40.43 4.38 -7.55
N HIS I 169 39.94 3.86 -6.43
CA HIS I 169 40.18 2.45 -6.09
C HIS I 169 39.45 1.50 -7.05
N ILE I 170 38.22 1.83 -7.45
CA ILE I 170 37.41 0.95 -8.31
C ILE I 170 38.01 0.80 -9.71
N ILE I 171 38.45 1.90 -10.32
CA ILE I 171 39.01 1.83 -11.67
C ILE I 171 40.36 1.11 -11.67
N GLU I 172 41.23 1.39 -10.69
CA GLU I 172 42.55 0.75 -10.65
C GLU I 172 42.45 -0.75 -10.37
N ALA I 173 41.42 -1.21 -9.66
CA ALA I 173 41.24 -2.64 -9.43
C ALA I 173 40.74 -3.38 -10.67
N THR I 174 39.95 -2.70 -11.52
CA THR I 174 39.55 -3.26 -12.80
C THR I 174 40.76 -3.54 -13.70
N PHE I 175 41.67 -2.56 -13.83
CA PHE I 175 42.85 -2.73 -14.67
C PHE I 175 43.86 -3.75 -14.10
N LYS I 176 43.85 -4.01 -12.79
CA LYS I 176 44.68 -5.06 -12.22
C LYS I 176 44.14 -6.45 -12.54
N ALA I 177 42.83 -6.67 -12.32
CA ALA I 177 42.22 -7.97 -12.60
C ALA I 177 42.24 -8.31 -14.10
N PHE I 178 42.00 -7.31 -14.98
CA PHE I 178 42.09 -7.51 -16.42
C PHE I 178 43.49 -7.97 -16.85
N ALA I 179 44.54 -7.41 -16.24
CA ALA I 179 45.92 -7.77 -16.59
C ALA I 179 46.23 -9.22 -16.24
N ARG I 180 45.78 -9.70 -15.08
CA ARG I 180 46.08 -11.06 -14.68
C ARG I 180 45.26 -12.08 -15.47
N ALA I 181 44.04 -11.73 -15.87
CA ALA I 181 43.25 -12.66 -16.68
C ALA I 181 43.77 -12.73 -18.12
N LEU I 182 44.28 -11.63 -18.67
CA LEU I 182 44.83 -11.68 -20.02
C LEU I 182 46.15 -12.45 -20.07
N ARG I 183 46.96 -12.37 -19.00
CA ARG I 183 48.21 -13.14 -18.94
C ARG I 183 47.94 -14.64 -18.96
N GLN I 184 46.87 -15.08 -18.29
CA GLN I 184 46.51 -16.49 -18.26
C GLN I 184 46.10 -17.00 -19.64
N ALA I 185 45.33 -16.22 -20.40
CA ALA I 185 44.77 -16.69 -21.65
C ALA I 185 45.78 -16.74 -22.80
N THR I 186 46.87 -15.99 -22.74
CA THR I 186 47.86 -15.96 -23.81
C THR I 186 49.06 -16.88 -23.58
N GLU I 187 49.14 -17.55 -22.44
CA GLU I 187 50.26 -18.45 -22.20
C GLU I 187 50.04 -19.82 -22.83
N TYR I 188 51.16 -20.50 -23.13
CA TYR I 188 51.11 -21.81 -23.76
C TYR I 188 50.67 -22.89 -22.79
N ASP I 189 49.75 -23.72 -23.25
CA ASP I 189 49.21 -24.85 -22.48
C ASP I 189 50.09 -26.08 -22.73
N THR I 190 51.03 -26.33 -21.82
CA THR I 190 51.72 -27.61 -21.78
C THR I 190 50.72 -28.68 -21.35
N ARG I 191 50.54 -29.71 -22.18
CA ARG I 191 49.32 -30.48 -22.13
C ARG I 191 49.26 -31.40 -20.91
N ARG I 192 48.09 -32.01 -20.71
CA ARG I 192 47.90 -32.91 -19.59
C ARG I 192 48.62 -34.25 -19.82
N ALA J 9 16.02 -65.34 8.85
CA ALA J 9 16.08 -63.98 9.39
C ALA J 9 17.11 -63.15 8.64
N ARG J 10 16.74 -61.93 8.29
CA ARG J 10 17.59 -61.04 7.51
C ARG J 10 18.38 -60.16 8.47
N ILE J 11 19.70 -60.39 8.54
CA ILE J 11 20.56 -59.74 9.54
C ILE J 11 21.71 -59.03 8.84
N GLY J 12 21.92 -57.76 9.15
CA GLY J 12 22.98 -56.98 8.55
C GLY J 12 23.91 -56.41 9.60
N GLU J 13 25.18 -56.22 9.21
CA GLU J 13 26.28 -55.88 10.11
C GLU J 13 27.20 -54.84 9.45
N MET J 14 27.94 -54.09 10.27
CA MET J 14 28.88 -53.07 9.80
C MET J 14 29.82 -52.67 10.94
N LYS J 15 31.11 -52.48 10.62
CA LYS J 15 32.10 -51.92 11.53
C LYS J 15 32.94 -50.90 10.77
N ARG J 16 33.15 -49.73 11.37
CA ARG J 16 33.88 -48.63 10.73
C ARG J 16 34.76 -47.94 11.77
N VAL J 17 36.05 -47.78 11.46
CA VAL J 17 37.00 -47.11 12.34
C VAL J 17 37.73 -46.03 11.55
N THR J 18 37.74 -44.80 12.06
CA THR J 18 38.53 -43.72 11.51
C THR J 18 39.29 -43.03 12.63
N LYS J 19 39.98 -41.95 12.27
CA LYS J 19 40.71 -41.13 13.22
C LYS J 19 39.80 -40.29 14.11
N GLU J 20 38.49 -40.25 13.87
CA GLU J 20 37.53 -39.55 14.72
C GLU J 20 36.75 -40.49 15.63
N THR J 21 36.31 -41.65 15.12
CA THR J 21 35.27 -42.46 15.78
C THR J 21 35.56 -43.95 15.60
N ASN J 22 34.87 -44.76 16.41
CA ASN J 22 34.87 -46.22 16.34
C ASN J 22 33.44 -46.69 16.55
N VAL J 23 32.87 -47.41 15.57
CA VAL J 23 31.43 -47.71 15.51
C VAL J 23 31.20 -49.19 15.16
N SER J 24 30.29 -49.86 15.89
CA SER J 24 29.77 -51.18 15.53
C SER J 24 28.24 -51.22 15.59
N VAL J 25 27.60 -51.85 14.59
CA VAL J 25 26.13 -51.81 14.41
C VAL J 25 25.63 -53.19 13.96
N LYS J 26 24.46 -53.62 14.48
CA LYS J 26 23.79 -54.85 14.03
C LYS J 26 22.27 -54.72 14.06
N ILE J 27 21.59 -55.12 12.96
CA ILE J 27 20.15 -54.96 12.78
C ILE J 27 19.50 -56.27 12.31
N ASN J 28 18.37 -56.64 12.93
CA ASN J 28 17.56 -57.79 12.52
C ASN J 28 16.19 -57.30 12.06
N LEU J 29 15.82 -57.64 10.82
CA LEU J 29 14.54 -57.17 10.27
C LEU J 29 13.35 -58.04 10.68
N ASP J 30 13.59 -59.23 11.24
CA ASP J 30 12.49 -60.07 11.70
C ASP J 30 12.54 -60.27 13.21
N GLY J 31 12.58 -59.19 13.98
CA GLY J 31 12.89 -59.26 15.39
C GLY J 31 11.67 -59.22 16.31
N THR J 32 11.96 -59.10 17.61
CA THR J 32 10.93 -59.01 18.63
C THR J 32 11.01 -57.73 19.46
N GLY J 33 11.78 -56.75 19.02
CA GLY J 33 11.89 -55.48 19.75
C GLY J 33 12.90 -55.43 20.87
N VAL J 34 14.07 -56.03 20.69
CA VAL J 34 15.16 -55.97 21.67
C VAL J 34 16.06 -54.80 21.32
N ALA J 35 16.35 -53.95 22.32
CA ALA J 35 17.15 -52.74 22.12
C ALA J 35 18.34 -52.73 23.05
N ASP J 36 19.52 -52.39 22.52
CA ASP J 36 20.75 -52.27 23.31
C ASP J 36 21.64 -51.19 22.65
N ASN J 37 21.41 -49.94 23.02
CA ASN J 37 21.96 -48.79 22.30
C ASN J 37 22.82 -47.94 23.23
N SER J 38 24.11 -47.90 22.96
CA SER J 38 25.06 -47.20 23.80
C SER J 38 26.02 -46.43 22.89
N SER J 39 25.56 -45.31 22.39
CA SER J 39 26.42 -44.37 21.71
C SER J 39 26.96 -43.40 22.75
N GLY J 40 27.70 -42.39 22.33
CA GLY J 40 28.06 -41.41 23.33
C GLY J 40 27.03 -40.33 23.59
N ILE J 41 25.86 -40.39 22.97
CA ILE J 41 24.90 -39.30 22.92
C ILE J 41 23.59 -39.77 23.54
N PRO J 42 23.27 -39.32 24.76
CA PRO J 42 22.14 -39.92 25.51
C PRO J 42 20.75 -39.71 24.91
N PHE J 43 20.48 -38.54 24.33
CA PHE J 43 19.18 -38.31 23.70
C PHE J 43 19.00 -39.14 22.44
N LEU J 44 20.07 -39.38 21.67
CA LEU J 44 19.97 -40.23 20.50
C LEU J 44 19.72 -41.69 20.87
N ASP J 45 20.21 -42.15 22.03
CA ASP J 45 19.88 -43.50 22.51
C ASP J 45 18.38 -43.66 22.77
N HIS J 46 17.74 -42.62 23.32
CA HIS J 46 16.31 -42.63 23.58
C HIS J 46 15.49 -42.71 22.29
N MET J 47 15.94 -42.06 21.21
CA MET J 47 15.23 -42.16 19.92
C MET J 47 15.44 -43.53 19.25
N LEU J 48 16.63 -44.11 19.36
CA LEU J 48 16.87 -45.43 18.76
C LEU J 48 16.07 -46.53 19.45
N ASP J 49 15.71 -46.36 20.73
CA ASP J 49 14.83 -47.31 21.39
C ASP J 49 13.42 -47.30 20.80
N GLN J 50 12.97 -46.16 20.26
CA GLN J 50 11.66 -46.09 19.62
C GLN J 50 11.63 -46.92 18.35
N LEU J 51 12.76 -47.00 17.66
CA LEU J 51 12.82 -47.78 16.42
C LEU J 51 12.65 -49.26 16.70
N ALA J 52 13.15 -49.74 17.85
CA ALA J 52 12.91 -51.13 18.23
C ALA J 52 11.49 -51.36 18.74
N SER J 53 10.95 -50.39 19.49
CA SER J 53 9.70 -50.61 20.21
C SER J 53 8.47 -50.53 19.30
N HIS J 54 8.47 -49.62 18.33
CA HIS J 54 7.33 -49.46 17.46
C HIS J 54 7.49 -50.11 16.10
N GLY J 55 8.72 -50.43 15.70
CA GLY J 55 8.91 -51.15 14.46
C GLY J 55 9.15 -52.65 14.61
N LEU J 56 9.40 -53.10 15.84
CA LEU J 56 9.70 -54.49 16.20
C LEU J 56 10.99 -55.01 15.57
N PHE J 57 11.97 -54.15 15.31
CA PHE J 57 13.30 -54.58 14.91
C PHE J 57 14.16 -54.88 16.15
N ASP J 58 15.22 -55.67 15.95
CA ASP J 58 16.31 -55.78 16.93
C ASP J 58 17.44 -54.84 16.50
N VAL J 59 17.86 -53.94 17.40
CA VAL J 59 18.82 -52.89 17.09
C VAL J 59 19.91 -52.83 18.16
N HIS J 60 21.18 -52.84 17.74
CA HIS J 60 22.31 -52.78 18.66
C HIS J 60 23.39 -51.83 18.14
N VAL J 61 23.74 -50.79 18.92
CA VAL J 61 24.74 -49.78 18.54
C VAL J 61 25.77 -49.62 19.66
N LYS J 62 27.06 -49.62 19.31
CA LYS J 62 28.15 -49.27 20.23
C LYS J 62 29.10 -48.27 19.57
N ALA J 63 29.39 -47.15 20.25
CA ALA J 63 30.19 -46.09 19.64
C ALA J 63 30.96 -45.27 20.68
N THR J 64 32.19 -44.89 20.31
CA THR J 64 32.96 -43.87 21.03
C THR J 64 33.60 -42.93 20.01
N GLY J 65 33.79 -41.66 20.40
CA GLY J 65 34.23 -40.64 19.48
C GLY J 65 34.87 -39.44 20.13
N ASP J 66 34.81 -38.31 19.43
CA ASP J 66 35.51 -37.09 19.83
C ASP J 66 34.53 -36.02 20.33
N THR J 67 33.76 -36.36 21.35
CA THR J 67 32.68 -35.50 21.79
C THR J 67 33.13 -34.27 22.58
N HIS J 68 34.44 -34.07 22.79
CA HIS J 68 34.86 -32.81 23.40
C HIS J 68 35.00 -31.67 22.40
N ILE J 69 35.04 -31.93 21.09
CA ILE J 69 34.80 -30.89 20.09
C ILE J 69 33.30 -30.57 20.08
N ASP J 70 32.49 -31.43 19.45
CA ASP J 70 31.04 -31.46 19.65
C ASP J 70 30.50 -32.86 19.37
N ASP J 71 29.19 -32.99 19.17
CA ASP J 71 28.55 -34.26 18.87
C ASP J 71 28.43 -34.58 17.37
N HIS J 72 28.92 -33.68 16.50
CA HIS J 72 28.64 -33.74 15.05
C HIS J 72 29.26 -34.98 14.39
N HIS J 73 30.55 -35.24 14.62
CA HIS J 73 31.19 -36.36 13.91
C HIS J 73 30.67 -37.72 14.39
N THR J 74 30.37 -37.87 15.69
CA THR J 74 29.77 -39.10 16.21
C THR J 74 28.35 -39.32 15.68
N ASN J 75 27.56 -38.24 15.54
CA ASN J 75 26.19 -38.34 14.99
C ASN J 75 26.20 -38.77 13.52
N GLU J 76 27.13 -38.25 12.74
CA GLU J 76 27.24 -38.59 11.32
C GLU J 76 27.72 -40.03 11.08
N ASP J 77 28.73 -40.49 11.83
CA ASP J 77 29.29 -41.82 11.56
C ASP J 77 28.32 -42.95 11.96
N VAL J 78 27.56 -42.76 13.04
CA VAL J 78 26.55 -43.75 13.43
C VAL J 78 25.45 -43.88 12.36
N ALA J 79 25.00 -42.75 11.81
CA ALA J 79 23.95 -42.77 10.79
C ALA J 79 24.42 -43.47 9.50
N LEU J 80 25.66 -43.25 9.09
CA LEU J 80 26.20 -43.94 7.92
C LEU J 80 26.26 -45.45 8.13
N ALA J 81 26.61 -45.89 9.35
CA ALA J 81 26.74 -47.32 9.62
C ALA J 81 25.38 -48.03 9.58
N ILE J 82 24.32 -47.38 10.07
CA ILE J 82 22.97 -47.96 10.04
C ILE J 82 22.47 -48.11 8.59
N GLY J 83 22.78 -47.16 7.71
CA GLY J 83 22.35 -47.28 6.32
C GLY J 83 22.98 -48.45 5.59
N THR J 84 24.27 -48.68 5.83
CA THR J 84 24.99 -49.79 5.21
C THR J 84 24.43 -51.15 5.67
N ALA J 85 24.17 -51.29 6.98
CA ALA J 85 23.66 -52.55 7.53
C ALA J 85 22.25 -52.88 7.03
N LEU J 86 21.43 -51.86 6.80
CA LEU J 86 20.09 -52.08 6.25
C LEU J 86 20.17 -52.57 4.81
N LEU J 87 21.08 -52.00 4.01
CA LEU J 87 21.24 -52.43 2.62
C LEU J 87 21.76 -53.87 2.52
N GLN J 88 22.59 -54.31 3.47
CA GLN J 88 23.07 -55.68 3.48
C GLN J 88 21.98 -56.66 3.95
N ALA J 89 21.13 -56.25 4.89
CA ALA J 89 20.06 -57.11 5.36
C ALA J 89 18.99 -57.36 4.29
N LEU J 90 18.76 -56.41 3.38
CA LEU J 90 17.66 -56.53 2.42
C LEU J 90 17.99 -57.43 1.24
N GLY J 91 19.21 -57.38 0.72
CA GLY J 91 19.62 -58.32 -0.31
C GLY J 91 18.96 -58.11 -1.65
N ASP J 92 18.36 -59.18 -2.17
CA ASP J 92 17.77 -59.17 -3.50
C ASP J 92 16.51 -58.31 -3.58
N ARG J 93 15.74 -58.26 -2.47
CA ARG J 93 14.45 -57.55 -2.32
C ARG J 93 13.32 -58.21 -3.11
N LYS J 94 13.31 -59.54 -3.17
CA LYS J 94 12.28 -60.28 -3.88
C LYS J 94 11.07 -60.49 -2.96
N GLY J 95 9.89 -60.11 -3.44
CA GLY J 95 8.66 -60.42 -2.73
C GLY J 95 8.24 -59.51 -1.58
N ILE J 96 8.82 -58.32 -1.44
CA ILE J 96 8.46 -57.43 -0.34
C ILE J 96 7.42 -56.41 -0.80
N ASN J 97 6.82 -55.71 0.17
CA ASN J 97 5.82 -54.67 -0.12
C ASN J 97 6.44 -53.46 -0.82
N ARG J 98 7.67 -53.10 -0.45
CA ARG J 98 8.52 -52.05 -1.02
C ARG J 98 8.10 -50.60 -0.68
N PHE J 99 6.82 -50.33 -0.41
CA PHE J 99 6.32 -48.99 -0.05
C PHE J 99 5.74 -48.97 1.37
N GLY J 100 5.82 -47.83 2.05
CA GLY J 100 5.24 -47.66 3.38
C GLY J 100 4.79 -46.24 3.66
N ASN J 101 3.80 -46.09 4.54
CA ASN J 101 3.07 -44.83 4.72
C ASN J 101 2.35 -44.80 6.08
N PHE J 102 2.55 -43.74 6.88
CA PHE J 102 1.93 -43.64 8.21
C PHE J 102 2.00 -42.23 8.80
N SER J 103 0.96 -41.84 9.57
CA SER J 103 0.95 -40.59 10.35
C SER J 103 0.75 -40.88 11.84
N ALA J 104 1.57 -40.25 12.70
CA ALA J 104 1.59 -40.52 14.15
C ALA J 104 1.60 -39.28 15.05
N PRO J 105 0.73 -39.24 16.06
CA PRO J 105 0.73 -38.10 17.00
C PRO J 105 1.43 -38.33 18.33
N LEU J 106 1.80 -37.25 19.01
CA LEU J 106 2.21 -37.27 20.42
C LEU J 106 1.73 -35.96 21.05
N ASP J 107 0.63 -36.05 21.82
CA ASP J 107 -0.15 -34.91 22.31
C ASP J 107 -0.54 -33.97 21.17
N GLU J 108 -0.02 -32.73 21.16
CA GLU J 108 -0.40 -31.73 20.17
C GLU J 108 0.41 -31.78 18.86
N ALA J 109 1.42 -32.65 18.75
CA ALA J 109 2.22 -32.78 17.53
C ALA J 109 1.67 -33.88 16.62
N LEU J 110 1.91 -33.74 15.30
CA LEU J 110 1.55 -34.74 14.29
C LEU J 110 2.44 -34.62 13.05
N VAL J 111 3.01 -35.76 12.61
CA VAL J 111 3.98 -35.86 11.50
C VAL J 111 3.56 -37.00 10.54
N HIS J 112 3.68 -36.76 9.23
CA HIS J 112 3.34 -37.68 8.14
C HIS J 112 4.61 -38.16 7.44
N VAL J 113 4.75 -39.48 7.20
CA VAL J 113 5.93 -40.10 6.59
C VAL J 113 5.53 -41.03 5.45
N SER J 114 6.20 -40.91 4.29
CA SER J 114 6.14 -41.97 3.26
C SER J 114 7.49 -42.20 2.58
N LEU J 115 7.76 -43.46 2.21
CA LEU J 115 9.06 -43.90 1.72
C LEU J 115 8.93 -45.00 0.68
N ASP J 116 10.02 -45.24 -0.07
CA ASP J 116 10.08 -46.26 -1.12
C ASP J 116 11.51 -46.79 -1.24
N LEU J 117 11.66 -48.12 -1.17
CA LEU J 117 12.99 -48.75 -1.16
C LEU J 117 13.45 -48.99 -2.60
N SER J 118 13.94 -47.91 -3.22
CA SER J 118 14.04 -47.81 -4.67
C SER J 118 15.43 -48.06 -5.24
N GLY J 119 16.50 -47.77 -4.50
CA GLY J 119 17.83 -47.69 -5.05
C GLY J 119 18.25 -46.30 -5.48
N ARG J 120 17.39 -45.30 -5.33
CA ARG J 120 17.68 -43.91 -5.69
C ARG J 120 17.55 -43.03 -4.45
N PRO J 121 18.64 -42.43 -3.96
CA PRO J 121 18.57 -41.63 -2.73
C PRO J 121 17.97 -40.24 -2.91
N HIS J 122 17.10 -39.83 -1.98
CA HIS J 122 16.53 -38.49 -1.95
C HIS J 122 15.88 -38.21 -0.59
N LEU J 123 16.07 -37.01 -0.08
CA LEU J 123 15.41 -36.56 1.15
C LEU J 123 14.60 -35.29 0.94
N GLY J 124 13.33 -35.32 1.32
CA GLY J 124 12.50 -34.12 1.46
C GLY J 124 12.17 -33.88 2.92
N TYR J 125 12.57 -32.74 3.47
CA TYR J 125 12.54 -32.46 4.90
C TYR J 125 11.81 -31.15 5.16
N ASP J 126 10.78 -31.19 6.00
CA ASP J 126 9.91 -30.06 6.22
C ASP J 126 9.41 -30.07 7.68
N LEU J 127 10.30 -29.75 8.60
CA LEU J 127 9.99 -29.63 10.02
C LEU J 127 10.33 -28.22 10.51
N ASN J 128 9.71 -27.81 11.60
CA ASN J 128 9.94 -26.48 12.16
C ASN J 128 10.16 -26.59 13.67
N ILE J 129 11.40 -26.76 14.09
CA ILE J 129 11.75 -27.04 15.49
C ILE J 129 12.08 -25.72 16.18
N PRO J 130 11.34 -25.32 17.20
CA PRO J 130 11.40 -23.94 17.70
C PRO J 130 12.48 -23.58 18.73
N THR J 131 13.30 -24.52 19.23
CA THR J 131 14.42 -24.17 20.11
C THR J 131 15.72 -24.75 19.57
N GLN J 132 16.84 -24.31 20.13
CA GLN J 132 18.15 -24.70 19.61
C GLN J 132 18.74 -25.94 20.31
N ARG J 133 18.34 -26.23 21.54
CA ARG J 133 18.84 -27.36 22.31
C ARG J 133 17.68 -28.06 23.01
N VAL J 134 17.72 -29.39 23.09
CA VAL J 134 16.67 -30.10 23.82
C VAL J 134 17.19 -30.41 25.23
N GLY J 135 18.24 -31.18 25.35
CA GLY J 135 18.96 -31.25 26.61
C GLY J 135 20.37 -30.73 26.38
N LYS J 136 21.32 -31.63 26.18
CA LYS J 136 22.60 -31.25 25.59
C LYS J 136 22.65 -31.40 24.06
N TYR J 137 21.62 -31.98 23.43
CA TYR J 137 21.62 -32.32 22.00
C TYR J 137 21.26 -31.12 21.11
N ASP J 138 22.07 -30.89 20.08
CA ASP J 138 21.89 -29.80 19.11
C ASP J 138 20.83 -30.16 18.07
N THR J 139 19.87 -29.26 17.82
CA THR J 139 18.70 -29.60 17.00
C THR J 139 18.92 -29.57 15.48
N GLN J 140 20.01 -28.96 14.97
CA GLN J 140 20.37 -29.13 13.56
C GLN J 140 20.84 -30.54 13.22
N LEU J 141 21.14 -31.39 14.20
CA LEU J 141 21.62 -32.73 13.90
C LEU J 141 20.50 -33.72 13.54
N VAL J 142 19.23 -33.35 13.74
CA VAL J 142 18.12 -34.22 13.32
C VAL J 142 18.10 -34.35 11.80
N GLU J 143 18.22 -33.23 11.09
CA GLU J 143 18.24 -33.28 9.63
C GLU J 143 19.51 -33.96 9.09
N HIS J 144 20.67 -33.77 9.74
CA HIS J 144 21.90 -34.40 9.28
C HIS J 144 21.84 -35.93 9.46
N PHE J 145 21.14 -36.40 10.49
CA PHE J 145 21.00 -37.85 10.72
C PHE J 145 20.28 -38.54 9.56
N PHE J 146 19.13 -37.97 9.13
CA PHE J 146 18.34 -38.58 8.08
C PHE J 146 19.01 -38.47 6.70
N GLN J 147 19.78 -37.42 6.44
CA GLN J 147 20.47 -37.28 5.15
C GLN J 147 21.60 -38.30 4.97
N SER J 148 22.36 -38.58 6.04
CA SER J 148 23.38 -39.63 5.99
C SER J 148 22.77 -41.04 5.86
N LEU J 149 21.61 -41.28 6.47
CA LEU J 149 20.96 -42.59 6.38
C LEU J 149 20.46 -42.90 4.97
N VAL J 150 19.87 -41.92 4.27
CA VAL J 150 19.39 -42.22 2.92
C VAL J 150 20.54 -42.33 1.90
N ASN J 151 21.72 -41.75 2.16
CA ASN J 151 22.80 -41.82 1.18
C ASN J 151 23.44 -43.20 1.13
N THR J 152 23.58 -43.90 2.28
CA THR J 152 24.16 -45.23 2.23
C THR J 152 23.14 -46.32 1.95
N SER J 153 21.87 -46.15 2.31
CA SER J 153 20.84 -47.16 2.07
C SER J 153 20.17 -47.06 0.70
N GLY J 154 20.22 -45.91 0.05
CA GLY J 154 19.54 -45.73 -1.23
C GLY J 154 18.02 -45.68 -1.20
N MET J 155 17.42 -44.94 -0.26
CA MET J 155 15.97 -44.87 -0.20
C MET J 155 15.45 -43.46 -0.52
N THR J 156 14.22 -43.40 -1.03
CA THR J 156 13.45 -42.17 -1.20
C THR J 156 12.62 -41.90 0.07
N LEU J 157 12.77 -40.72 0.68
CA LEU J 157 12.11 -40.43 1.95
C LEU J 157 11.52 -39.03 1.99
N HIS J 158 10.26 -38.91 2.45
CA HIS J 158 9.57 -37.62 2.61
C HIS J 158 9.01 -37.51 4.04
N ILE J 159 9.25 -36.37 4.71
CA ILE J 159 8.86 -36.10 6.10
C ILE J 159 8.18 -34.73 6.16
N ARG J 160 6.95 -34.67 6.69
CA ARG J 160 6.18 -33.41 6.68
C ARG J 160 5.35 -33.19 7.95
N GLN J 161 5.46 -31.99 8.56
CA GLN J 161 4.81 -31.66 9.83
C GLN J 161 3.41 -31.06 9.61
N PHE J 162 2.42 -31.57 10.34
CA PHE J 162 1.03 -31.08 10.31
C PHE J 162 0.68 -30.13 11.46
N SER J 163 1.23 -30.32 12.67
CA SER J 163 1.04 -29.42 13.82
C SER J 163 2.10 -29.73 14.88
N GLY J 164 2.18 -28.90 15.90
CA GLY J 164 3.05 -29.15 17.04
C GLY J 164 3.78 -27.91 17.53
N THR J 165 4.08 -27.90 18.84
CA THR J 165 4.68 -26.78 19.57
C THR J 165 5.92 -27.17 20.41
N ASN J 166 5.87 -28.26 21.18
CA ASN J 166 6.99 -28.68 22.04
C ASN J 166 8.06 -29.43 21.22
N SER J 167 9.34 -29.07 21.42
CA SER J 167 10.43 -29.63 20.61
C SER J 167 10.67 -31.12 20.88
N HIS J 168 10.60 -31.55 22.14
CA HIS J 168 10.72 -32.97 22.47
C HIS J 168 9.60 -33.79 21.83
N HIS J 169 8.38 -33.26 21.80
CA HIS J 169 7.26 -33.99 21.21
C HIS J 169 7.41 -34.14 19.69
N ILE J 170 7.90 -33.11 18.99
CA ILE J 170 8.01 -33.13 17.52
C ILE J 170 9.04 -34.17 17.05
N ILE J 171 10.21 -34.22 17.68
CA ILE J 171 11.24 -35.17 17.26
C ILE J 171 10.83 -36.61 17.57
N GLU J 172 10.25 -36.87 18.74
CA GLU J 172 9.86 -38.24 19.10
C GLU J 172 8.71 -38.76 18.23
N ALA J 173 7.85 -37.88 17.72
CA ALA J 173 6.78 -38.32 16.82
C ALA J 173 7.29 -38.65 15.42
N THR J 174 8.36 -37.97 14.97
CA THR J 174 9.02 -38.33 13.72
C THR J 174 9.58 -39.75 13.76
N PHE J 175 10.31 -40.09 14.84
CA PHE J 175 10.89 -41.43 14.97
C PHE J 175 9.84 -42.54 15.17
N LYS J 176 8.65 -42.21 15.69
CA LYS J 176 7.57 -43.19 15.78
C LYS J 176 6.95 -43.49 14.41
N ALA J 177 6.62 -42.44 13.64
CA ALA J 177 6.03 -42.63 12.32
C ALA J 177 7.00 -43.30 11.34
N PHE J 178 8.30 -42.93 11.38
CA PHE J 178 9.31 -43.58 10.56
C PHE J 178 9.40 -45.09 10.84
N ALA J 179 9.29 -45.49 12.11
CA ALA J 179 9.37 -46.91 12.48
C ALA J 179 8.22 -47.72 11.91
N ARG J 180 7.00 -47.18 11.95
CA ARG J 180 5.85 -47.92 11.45
C ARG J 180 5.83 -47.97 9.92
N ALA J 181 6.33 -46.94 9.24
CA ALA J 181 6.37 -46.99 7.78
C ALA J 181 7.48 -47.93 7.29
N LEU J 182 8.60 -48.03 8.00
CA LEU J 182 9.65 -48.96 7.58
C LEU J 182 9.24 -50.41 7.81
N ARG J 183 8.47 -50.68 8.88
CA ARG J 183 7.99 -52.05 9.12
C ARG J 183 7.07 -52.52 8.00
N GLN J 184 6.24 -51.62 7.46
CA GLN J 184 5.35 -51.96 6.36
C GLN J 184 6.11 -52.32 5.08
N ALA J 185 7.17 -51.57 4.76
CA ALA J 185 7.85 -51.75 3.49
C ALA J 185 8.75 -52.98 3.44
N THR J 186 9.20 -53.52 4.57
CA THR J 186 10.08 -54.68 4.60
C THR J 186 9.36 -56.01 4.81
N GLU J 187 8.05 -56.00 5.01
CA GLU J 187 7.33 -57.26 5.19
C GLU J 187 6.98 -57.92 3.86
N TYR J 188 6.82 -59.25 3.92
CA TYR J 188 6.51 -60.03 2.72
C TYR J 188 5.07 -59.83 2.28
N ASP J 189 4.90 -59.61 0.98
CA ASP J 189 3.59 -59.43 0.35
C ASP J 189 3.05 -60.80 -0.06
N THR J 190 2.20 -61.38 0.78
CA THR J 190 1.40 -62.53 0.37
C THR J 190 0.38 -62.05 -0.67
N ARG J 191 0.40 -62.66 -1.86
CA ARG J 191 -0.15 -61.98 -3.03
C ARG J 191 -1.68 -61.95 -3.01
N ARG J 192 -2.23 -61.20 -3.95
CA ARG J 192 -3.68 -61.09 -4.06
C ARG J 192 -4.30 -62.37 -4.63
N ALA K 9 37.45 41.98 37.93
CA ALA K 9 36.14 41.40 37.69
C ALA K 9 35.48 42.03 36.47
N ARG K 10 34.91 41.20 35.62
CA ARG K 10 34.31 41.64 34.37
C ARG K 10 32.81 41.88 34.61
N ILE K 11 32.41 43.16 34.57
CA ILE K 11 31.05 43.56 34.95
C ILE K 11 30.41 44.34 33.81
N GLY K 12 29.21 43.95 33.40
CA GLY K 12 28.51 44.62 32.32
C GLY K 12 27.15 45.11 32.77
N GLU K 13 26.69 46.20 32.14
CA GLU K 13 25.51 46.96 32.55
C GLU K 13 24.70 47.39 31.32
N MET K 14 23.41 47.66 31.51
CA MET K 14 22.51 48.10 30.45
C MET K 14 21.22 48.66 31.05
N LYS K 15 20.71 49.77 30.48
CA LYS K 15 19.41 50.33 30.81
C LYS K 15 18.70 50.70 29.52
N ARG K 16 17.43 50.33 29.40
CA ARG K 16 16.64 50.57 28.18
C ARG K 16 15.22 50.96 28.57
N VAL K 17 14.73 52.07 28.02
CA VAL K 17 13.38 52.56 28.27
C VAL K 17 12.69 52.82 26.93
N THR K 18 11.50 52.24 26.75
CA THR K 18 10.66 52.53 25.60
C THR K 18 9.24 52.81 26.07
N LYS K 19 8.34 52.99 25.12
CA LYS K 19 6.92 53.21 25.39
C LYS K 19 6.21 51.95 25.87
N GLU K 20 6.85 50.78 25.85
CA GLU K 20 6.28 49.55 26.38
C GLU K 20 6.83 49.16 27.75
N THR K 21 8.14 49.32 27.99
CA THR K 21 8.83 48.68 29.11
C THR K 21 9.91 49.61 29.67
N ASN K 22 10.37 49.27 30.88
CA ASN K 22 11.50 49.91 31.55
C ASN K 22 12.33 48.81 32.20
N VAL K 23 13.62 48.70 31.83
CA VAL K 23 14.47 47.55 32.17
C VAL K 23 15.85 48.02 32.64
N SER K 24 16.34 47.43 33.75
CA SER K 24 17.73 47.57 34.21
C SER K 24 18.36 46.21 34.52
N VAL K 25 19.62 45.99 34.09
CA VAL K 25 20.29 44.68 34.16
C VAL K 25 21.76 44.87 34.56
N LYS K 26 22.29 43.97 35.40
CA LYS K 26 23.72 43.94 35.76
C LYS K 26 24.24 42.52 35.96
N ILE K 27 25.39 42.18 35.34
CA ILE K 27 25.95 40.83 35.35
C ILE K 27 27.45 40.86 35.71
N ASN K 28 27.86 39.95 36.61
CA ASN K 28 29.27 39.76 36.98
C ASN K 28 29.71 38.36 36.56
N LEU K 29 30.76 38.28 35.74
CA LEU K 29 31.24 36.99 35.24
C LEU K 29 32.16 36.26 36.22
N ASP K 30 32.65 36.94 37.26
CA ASP K 30 33.49 36.28 38.25
C ASP K 30 32.83 36.28 39.62
N GLY K 31 31.60 35.78 39.73
CA GLY K 31 30.79 35.96 40.91
C GLY K 31 30.78 34.78 41.86
N THR K 32 29.89 34.87 42.86
CA THR K 32 29.72 33.81 43.85
C THR K 32 28.29 33.25 43.89
N GLY K 33 27.47 33.56 42.89
CA GLY K 33 26.11 33.04 42.85
C GLY K 33 25.06 33.83 43.61
N VAL K 34 25.12 35.16 43.57
CA VAL K 34 24.12 36.02 44.20
C VAL K 34 23.05 36.34 43.17
N ALA K 35 21.78 36.15 43.53
CA ALA K 35 20.65 36.36 42.62
C ALA K 35 19.66 37.35 43.21
N ASP K 36 19.20 38.29 42.40
CA ASP K 36 18.19 39.28 42.81
C ASP K 36 17.37 39.66 41.57
N ASN K 37 16.33 38.88 41.28
CA ASN K 37 15.62 38.93 40.00
C ASN K 37 14.15 39.25 40.22
N SER K 38 13.73 40.42 39.75
CA SER K 38 12.37 40.90 39.97
C SER K 38 11.89 41.50 38.65
N SER K 39 11.50 40.64 37.74
CA SER K 39 10.80 41.06 36.54
C SER K 39 9.31 41.03 36.84
N GLY K 40 8.47 41.30 35.86
CA GLY K 40 7.07 41.10 36.16
C GLY K 40 6.55 39.68 35.99
N ILE K 41 7.41 38.72 35.69
CA ILE K 41 7.01 37.39 35.25
C ILE K 41 7.58 36.37 36.22
N PRO K 42 6.74 35.78 37.09
CA PRO K 42 7.26 34.95 38.21
C PRO K 42 7.99 33.68 37.81
N PHE K 43 7.53 32.97 36.78
CA PHE K 43 8.23 31.76 36.33
C PHE K 43 9.59 32.08 35.71
N LEU K 44 9.72 33.21 35.01
CA LEU K 44 11.01 33.59 34.47
C LEU K 44 12.01 33.97 35.56
N ASP K 45 11.54 34.51 36.69
CA ASP K 45 12.43 34.75 37.83
C ASP K 45 13.03 33.46 38.38
N HIS K 46 12.23 32.38 38.43
CA HIS K 46 12.70 31.08 38.89
C HIS K 46 13.77 30.49 37.96
N MET K 47 13.67 30.72 36.65
CA MET K 47 14.71 30.23 35.73
C MET K 47 15.99 31.07 35.81
N LEU K 48 15.87 32.39 36.00
CA LEU K 48 17.08 33.22 36.13
C LEU K 48 17.87 32.92 37.40
N ASP K 49 17.22 32.42 38.45
CA ASP K 49 17.94 31.98 39.64
C ASP K 49 18.82 30.76 39.36
N GLN K 50 18.44 29.92 38.39
CA GLN K 50 19.27 28.77 38.04
C GLN K 50 20.56 29.21 37.38
N LEU K 51 20.52 30.32 36.65
CA LEU K 51 21.72 30.82 35.99
C LEU K 51 22.75 31.29 37.01
N ALA K 52 22.30 31.85 38.14
CA ALA K 52 23.24 32.20 39.20
C ALA K 52 23.73 30.98 39.98
N SER K 53 22.83 30.01 40.21
CA SER K 53 23.14 28.93 41.13
C SER K 53 24.06 27.87 40.52
N HIS K 54 23.89 27.56 39.25
CA HIS K 54 24.70 26.53 38.60
C HIS K 54 25.83 27.09 37.75
N GLY K 55 25.77 28.36 37.38
CA GLY K 55 26.88 28.95 36.67
C GLY K 55 27.81 29.80 37.51
N LEU K 56 27.41 30.11 38.74
CA LEU K 56 28.13 30.96 39.70
C LEU K 56 28.32 32.40 39.22
N PHE K 57 27.41 32.92 38.40
CA PHE K 57 27.38 34.34 38.07
C PHE K 57 26.61 35.13 39.13
N ASP K 58 26.86 36.44 39.19
CA ASP K 58 25.98 37.38 39.89
C ASP K 58 25.03 38.03 38.88
N VAL K 59 23.73 37.93 39.12
CA VAL K 59 22.71 38.36 38.16
C VAL K 59 21.65 39.22 38.86
N HIS K 60 21.35 40.40 38.30
CA HIS K 60 20.36 41.30 38.88
C HIS K 60 19.48 41.91 37.77
N VAL K 61 18.16 41.70 37.85
CA VAL K 61 17.19 42.19 36.86
C VAL K 61 16.06 42.94 37.57
N LYS K 62 15.70 44.13 37.05
CA LYS K 62 14.51 44.87 37.48
C LYS K 62 13.72 45.35 36.26
N ALA K 63 12.41 45.06 36.22
CA ALA K 63 11.60 45.38 35.05
C ALA K 63 10.14 45.61 35.38
N THR K 64 9.54 46.58 34.68
CA THR K 64 8.09 46.77 34.65
C THR K 64 7.65 47.03 33.20
N GLY K 65 6.43 46.60 32.87
CA GLY K 65 5.97 46.64 31.50
C GLY K 65 4.46 46.63 31.34
N ASP K 66 4.01 46.14 30.18
CA ASP K 66 2.60 46.21 29.80
C ASP K 66 1.95 44.83 29.83
N THR K 67 1.99 44.19 30.99
CA THR K 67 1.55 42.80 31.11
C THR K 67 0.04 42.62 31.09
N HIS K 68 -0.76 43.68 30.95
CA HIS K 68 -2.18 43.46 30.76
C HIS K 68 -2.57 43.17 29.32
N ILE K 69 -1.70 43.43 28.33
CA ILE K 69 -1.86 42.86 26.99
C ILE K 69 -1.47 41.38 27.07
N ASP K 70 -0.17 41.08 27.10
CA ASP K 70 0.34 39.77 27.52
C ASP K 70 1.76 39.92 28.08
N ASP K 71 2.50 38.82 28.18
CA ASP K 71 3.87 38.83 28.68
C ASP K 71 4.94 38.99 27.59
N HIS K 72 4.53 39.11 26.31
CA HIS K 72 5.45 39.02 25.16
C HIS K 72 6.46 40.17 25.13
N HIS K 73 6.00 41.43 25.25
CA HIS K 73 6.94 42.54 25.11
C HIS K 73 7.93 42.62 26.29
N THR K 74 7.48 42.30 27.51
CA THR K 74 8.37 42.26 28.67
C THR K 74 9.40 41.13 28.57
N ASN K 75 8.99 39.96 28.02
CA ASN K 75 9.92 38.83 27.84
C ASN K 75 11.01 39.15 26.81
N GLU K 76 10.64 39.83 25.73
CA GLU K 76 11.59 40.20 24.68
C GLU K 76 12.59 41.28 25.13
N ASP K 77 12.12 42.32 25.83
CA ASP K 77 13.03 43.41 26.19
C ASP K 77 14.06 43.01 27.25
N VAL K 78 13.67 42.14 28.19
CA VAL K 78 14.62 41.63 29.19
C VAL K 78 15.73 40.81 28.54
N ALA K 79 15.36 39.95 27.57
CA ALA K 79 16.34 39.11 26.88
C ALA K 79 17.35 39.95 26.07
N LEU K 80 16.88 41.00 25.40
CA LEU K 80 17.79 41.88 24.67
C LEU K 80 18.78 42.58 25.60
N ALA K 81 18.33 42.98 26.80
CA ALA K 81 19.19 43.69 27.73
C ALA K 81 20.30 42.78 28.28
N ILE K 82 20.01 41.51 28.54
CA ILE K 82 21.00 40.56 29.03
C ILE K 82 22.09 40.30 27.96
N GLY K 83 21.71 40.24 26.68
CA GLY K 83 22.70 40.03 25.63
C GLY K 83 23.70 41.17 25.50
N THR K 84 23.21 42.40 25.62
CA THR K 84 24.07 43.59 25.53
C THR K 84 25.07 43.64 26.70
N ALA K 85 24.60 43.35 27.92
CA ALA K 85 25.46 43.39 29.10
C ALA K 85 26.55 42.31 29.08
N LEU K 86 26.25 41.15 28.50
CA LEU K 86 27.25 40.10 28.36
C LEU K 86 28.34 40.51 27.37
N LEU K 87 27.96 41.15 26.27
CA LEU K 87 28.95 41.60 25.28
C LEU K 87 29.85 42.70 25.84
N GLN K 88 29.33 43.55 26.73
CA GLN K 88 30.16 44.58 27.36
C GLN K 88 31.09 43.99 28.42
N ALA K 89 30.64 42.96 29.15
CA ALA K 89 31.48 42.34 30.15
C ALA K 89 32.67 41.58 29.55
N LEU K 90 32.53 41.04 28.34
CA LEU K 90 33.57 40.19 27.76
C LEU K 90 34.73 40.98 27.16
N GLY K 91 34.46 42.10 26.50
CA GLY K 91 35.53 42.97 26.03
C GLY K 91 36.35 42.39 24.90
N ASP K 92 37.67 42.37 25.10
CA ASP K 92 38.60 41.95 24.06
C ASP K 92 38.52 40.46 23.76
N ARG K 93 38.22 39.65 24.80
CA ARG K 93 38.14 38.17 24.78
C ARG K 93 39.52 37.52 24.63
N LYS K 94 40.54 38.09 25.24
CA LYS K 94 41.89 37.55 25.19
C LYS K 94 42.07 36.48 26.27
N GLY K 95 42.52 35.30 25.87
CA GLY K 95 42.89 34.26 26.82
C GLY K 95 41.78 33.40 27.40
N ILE K 96 40.59 33.38 26.83
CA ILE K 96 39.48 32.58 27.37
C ILE K 96 39.40 31.24 26.63
N ASN K 97 38.61 30.32 27.20
CA ASN K 97 38.41 29.00 26.59
C ASN K 97 37.61 29.08 25.28
N ARG K 98 36.64 30.00 25.21
CA ARG K 98 35.81 30.35 24.06
C ARG K 98 34.73 29.32 23.69
N PHE K 99 34.91 28.03 23.99
CA PHE K 99 33.93 26.96 23.69
C PHE K 99 33.41 26.32 24.99
N GLY K 100 32.18 25.83 24.97
CA GLY K 100 31.59 25.12 26.10
C GLY K 100 30.56 24.07 25.70
N ASN K 101 30.41 23.04 26.53
CA ASN K 101 29.68 21.82 26.17
C ASN K 101 29.24 21.05 27.41
N PHE K 102 27.95 20.70 27.53
CA PHE K 102 27.43 19.98 28.71
C PHE K 102 26.04 19.38 28.48
N SER K 103 25.78 18.21 29.10
CA SER K 103 24.45 17.59 29.14
C SER K 103 23.96 17.40 30.57
N ALA K 104 22.70 17.79 30.85
CA ALA K 104 22.14 17.80 32.21
C ALA K 104 20.74 17.19 32.35
N PRO K 105 20.54 16.30 33.33
CA PRO K 105 19.20 15.72 33.55
C PRO K 105 18.38 16.34 34.68
N LEU K 106 17.07 16.13 34.65
CA LEU K 106 16.18 16.40 35.78
C LEU K 106 15.06 15.34 35.74
N ASP K 107 15.18 14.32 36.61
CA ASP K 107 14.40 13.08 36.58
C ASP K 107 14.46 12.43 35.20
N GLU K 108 13.33 12.35 34.48
CA GLU K 108 13.25 11.66 33.19
C GLU K 108 13.64 12.53 31.98
N ALA K 109 13.92 13.82 32.16
CA ALA K 109 14.34 14.70 31.07
C ALA K 109 15.86 14.76 30.94
N LEU K 110 16.35 15.04 29.72
CA LEU K 110 17.77 15.24 29.42
C LEU K 110 17.97 16.09 28.16
N VAL K 111 18.81 17.14 28.27
CA VAL K 111 19.07 18.14 27.23
C VAL K 111 20.59 18.35 27.05
N HIS K 112 21.05 18.47 25.80
CA HIS K 112 22.44 18.66 25.41
C HIS K 112 22.65 20.07 24.84
N VAL K 113 23.69 20.79 25.29
CA VAL K 113 23.98 22.17 24.89
C VAL K 113 25.44 22.31 24.46
N SER K 114 25.69 22.97 23.31
CA SER K 114 27.04 23.46 22.98
C SER K 114 27.01 24.83 22.31
N LEU K 115 28.04 25.65 22.59
CA LEU K 115 28.07 27.05 22.18
C LEU K 115 29.50 27.51 21.87
N ASP K 116 29.62 28.66 21.18
CA ASP K 116 30.91 29.25 20.80
C ASP K 116 30.77 30.76 20.74
N LEU K 117 31.66 31.47 21.44
CA LEU K 117 31.58 32.94 21.55
C LEU K 117 32.32 33.58 20.37
N SER K 118 31.64 33.60 19.23
CA SER K 118 32.28 33.78 17.93
C SER K 118 32.19 35.18 17.35
N GLY K 119 31.15 35.95 17.66
CA GLY K 119 30.83 37.16 16.93
C GLY K 119 29.85 36.97 15.80
N ARG K 120 29.37 35.75 15.56
CA ARG K 120 28.41 35.44 14.50
C ARG K 120 27.15 34.83 15.13
N PRO K 121 26.00 35.49 15.06
CA PRO K 121 24.79 34.98 15.72
C PRO K 121 24.10 33.85 14.95
N HIS K 122 23.67 32.82 15.68
CA HIS K 122 22.88 31.72 15.12
C HIS K 122 22.24 30.90 16.24
N LEU K 123 20.99 30.50 16.03
CA LEU K 123 20.29 29.60 16.96
C LEU K 123 19.79 28.34 16.26
N GLY K 124 20.13 27.18 16.80
CA GLY K 124 19.51 25.91 16.46
C GLY K 124 18.70 25.37 17.63
N TYR K 125 17.39 25.20 17.45
CA TYR K 125 16.46 24.92 18.52
C TYR K 125 15.64 23.68 18.20
N ASP K 126 15.66 22.70 19.10
CA ASP K 126 15.06 21.40 18.86
C ASP K 126 14.51 20.83 20.18
N LEU K 127 13.42 21.41 20.66
CA LEU K 127 12.71 20.95 21.85
C LEU K 127 11.27 20.60 21.50
N ASN K 128 10.65 19.77 22.31
CA ASN K 128 9.26 19.35 22.08
C ASN K 128 8.46 19.46 23.38
N ILE K 129 7.86 20.62 23.62
CA ILE K 129 7.20 20.93 24.89
C ILE K 129 5.72 20.59 24.76
N PRO K 130 5.19 19.66 25.54
CA PRO K 130 3.87 19.07 25.25
C PRO K 130 2.62 19.79 25.77
N THR K 131 2.71 20.89 26.54
CA THR K 131 1.54 21.67 26.93
C THR K 131 1.71 23.13 26.54
N GLN K 132 0.63 23.90 26.62
CA GLN K 132 0.65 25.29 26.16
C GLN K 132 0.96 26.30 27.28
N ARG K 133 0.70 25.95 28.53
CA ARG K 133 0.94 26.83 29.68
C ARG K 133 1.57 26.03 30.82
N VAL K 134 2.50 26.64 31.55
CA VAL K 134 3.08 25.94 32.70
C VAL K 134 2.36 26.41 33.96
N GLY K 135 2.43 27.69 34.28
CA GLY K 135 1.53 28.25 35.27
C GLY K 135 0.69 29.30 34.58
N LYS K 136 1.07 30.56 34.72
CA LYS K 136 0.57 31.59 33.82
C LYS K 136 1.46 31.84 32.59
N TYR K 137 2.65 31.22 32.51
CA TYR K 137 3.65 31.50 31.47
C TYR K 137 3.37 30.74 30.17
N ASP K 138 3.40 31.45 29.05
CA ASP K 138 3.17 30.90 27.71
C ASP K 138 4.42 30.20 27.18
N THR K 139 4.28 28.96 26.67
CA THR K 139 5.44 28.13 26.34
C THR K 139 6.13 28.45 25.00
N GLN K 140 5.49 29.21 24.08
CA GLN K 140 6.20 29.73 22.91
C GLN K 140 7.24 30.79 23.26
N LEU K 141 7.23 31.34 24.47
CA LEU K 141 8.19 32.39 24.82
C LEU K 141 9.57 31.84 25.20
N VAL K 142 9.73 30.53 25.39
CA VAL K 142 11.05 29.95 25.64
C VAL K 142 11.95 30.12 24.43
N GLU K 143 11.44 29.80 23.24
CA GLU K 143 12.24 29.97 22.02
C GLU K 143 12.50 31.45 21.70
N HIS K 144 11.54 32.34 21.96
CA HIS K 144 11.74 33.77 21.70
C HIS K 144 12.81 34.37 22.64
N PHE K 145 12.93 33.85 23.86
CA PHE K 145 13.93 34.34 24.81
C PHE K 145 15.35 34.09 24.29
N PHE K 146 15.62 32.85 23.83
CA PHE K 146 16.95 32.50 23.37
C PHE K 146 17.32 33.17 22.04
N GLN K 147 16.35 33.43 21.16
CA GLN K 147 16.64 34.10 19.88
C GLN K 147 17.03 35.57 20.07
N SER K 148 16.36 36.28 20.99
CA SER K 148 16.76 37.66 21.31
C SER K 148 18.12 37.73 22.02
N LEU K 149 18.47 36.74 22.84
CA LEU K 149 19.75 36.74 23.54
C LEU K 149 20.93 36.55 22.58
N VAL K 150 20.81 35.66 21.58
CA VAL K 150 21.94 35.48 20.67
C VAL K 150 22.08 36.64 19.68
N ASN K 151 21.02 37.42 19.41
CA ASN K 151 21.14 38.51 18.44
C ASN K 151 21.93 39.69 19.00
N THR K 152 21.80 40.01 20.29
CA THR K 152 22.57 41.12 20.84
C THR K 152 23.95 40.71 21.31
N SER K 153 24.16 39.46 21.74
CA SER K 153 25.46 39.00 22.21
C SER K 153 26.38 38.47 21.11
N GLY K 154 25.85 38.08 19.97
CA GLY K 154 26.66 37.50 18.91
C GLY K 154 27.23 36.11 19.15
N MET K 155 26.45 35.18 19.67
CA MET K 155 26.96 33.83 19.92
C MET K 155 26.28 32.79 19.02
N THR K 156 27.01 31.70 18.76
CA THR K 156 26.50 30.49 18.12
C THR K 156 25.98 29.52 19.20
N LEU K 157 24.73 29.09 19.09
CA LEU K 157 24.11 28.26 20.13
C LEU K 157 23.29 27.11 19.55
N HIS K 158 23.48 25.90 20.08
CA HIS K 158 22.72 24.70 19.68
C HIS K 158 22.12 24.02 20.93
N ILE K 159 20.82 23.69 20.88
CA ILE K 159 20.06 23.10 21.98
C ILE K 159 19.29 21.88 21.45
N ARG K 160 19.47 20.71 22.06
CA ARG K 160 18.85 19.48 21.55
C ARG K 160 18.36 18.53 22.65
N GLN K 161 17.11 18.05 22.54
CA GLN K 161 16.47 17.21 23.55
C GLN K 161 16.70 15.71 23.29
N PHE K 162 17.12 14.98 24.33
CA PHE K 162 17.35 13.54 24.28
C PHE K 162 16.18 12.70 24.83
N SER K 163 15.46 13.17 25.86
CA SER K 163 14.27 12.51 26.41
C SER K 163 13.50 13.51 27.30
N GLY K 164 12.31 13.12 27.73
CA GLY K 164 11.54 13.91 28.68
C GLY K 164 10.06 13.98 28.35
N THR K 165 9.24 14.14 29.41
CA THR K 165 7.78 14.12 29.36
C THR K 165 7.12 15.33 30.07
N ASN K 166 7.55 15.69 31.28
CA ASN K 166 6.95 16.80 32.04
C ASN K 166 7.50 18.15 31.55
N SER K 167 6.60 19.13 31.33
CA SER K 167 6.99 20.42 30.75
C SER K 167 7.86 21.27 31.70
N HIS K 168 7.55 21.26 33.00
CA HIS K 168 8.39 21.97 33.97
C HIS K 168 9.80 21.37 34.02
N HIS K 169 9.92 20.06 33.92
CA HIS K 169 11.23 19.42 33.98
C HIS K 169 12.09 19.76 32.74
N ILE K 170 11.47 19.81 31.55
CA ILE K 170 12.21 20.05 30.30
C ILE K 170 12.81 21.46 30.25
N ILE K 171 12.04 22.48 30.63
CA ILE K 171 12.53 23.85 30.58
C ILE K 171 13.62 24.08 31.64
N GLU K 172 13.44 23.57 32.86
CA GLU K 172 14.43 23.78 33.91
C GLU K 172 15.75 23.06 33.63
N ALA K 173 15.72 21.95 32.89
CA ALA K 173 16.95 21.26 32.52
C ALA K 173 17.73 21.98 31.42
N THR K 174 17.02 22.69 30.52
CA THR K 174 17.66 23.54 29.53
C THR K 174 18.47 24.66 30.20
N PHE K 175 17.86 25.36 31.17
CA PHE K 175 18.55 26.46 31.86
C PHE K 175 19.70 25.98 32.76
N LYS K 176 19.68 24.73 33.23
CA LYS K 176 20.80 24.18 33.97
C LYS K 176 22.00 23.87 33.07
N ALA K 177 21.76 23.18 31.94
CA ALA K 177 22.83 22.85 31.01
C ALA K 177 23.45 24.10 30.36
N PHE K 178 22.62 25.10 30.00
CA PHE K 178 23.11 26.37 29.47
C PHE K 178 24.05 27.07 30.45
N ALA K 179 23.73 27.04 31.75
CA ALA K 179 24.56 27.70 32.77
C ALA K 179 25.94 27.06 32.88
N ARG K 180 26.02 25.74 32.84
CA ARG K 180 27.30 25.07 32.98
C ARG K 180 28.15 25.20 31.71
N ALA K 181 27.53 25.27 30.53
CA ALA K 181 28.32 25.46 29.31
C ALA K 181 28.82 26.89 29.19
N LEU K 182 28.06 27.89 29.66
CA LEU K 182 28.54 29.26 29.61
C LEU K 182 29.67 29.51 30.60
N ARG K 183 29.64 28.84 31.77
CA ARG K 183 30.72 28.98 32.74
C ARG K 183 32.04 28.46 32.18
N GLN K 184 32.00 27.37 31.41
CA GLN K 184 33.19 26.82 30.79
C GLN K 184 33.81 27.77 29.76
N ALA K 185 32.99 28.43 28.94
CA ALA K 185 33.50 29.22 27.84
C ALA K 185 34.08 30.57 28.28
N THR K 186 33.70 31.11 29.43
CA THR K 186 34.19 32.40 29.90
C THR K 186 35.37 32.31 30.87
N GLU K 187 35.80 31.12 31.25
CA GLU K 187 36.93 31.01 32.15
C GLU K 187 38.27 31.09 31.42
N TYR K 188 39.30 31.53 32.16
CA TYR K 188 40.63 31.69 31.59
C TYR K 188 41.31 30.35 31.35
N ASP K 189 41.89 30.22 30.17
CA ASP K 189 42.63 29.03 29.76
C ASP K 189 44.09 29.17 30.18
N THR K 190 44.43 28.59 31.33
CA THR K 190 45.83 28.41 31.69
C THR K 190 46.44 27.37 30.74
N ARG K 191 47.51 27.75 30.03
CA ARG K 191 47.84 27.07 28.79
C ARG K 191 48.44 25.69 29.04
N ARG K 192 48.61 24.95 27.95
CA ARG K 192 49.17 23.62 28.03
C ARG K 192 50.68 23.66 28.30
N ALA L 9 -3.18 1.10 67.76
CA ALA L 9 -3.39 1.83 66.53
C ALA L 9 -2.05 2.26 65.92
N ARG L 10 -1.90 2.06 64.63
CA ARG L 10 -0.66 2.34 63.92
C ARG L 10 -0.73 3.77 63.35
N ILE L 11 0.07 4.67 63.92
CA ILE L 11 -0.01 6.10 63.61
C ILE L 11 1.35 6.60 63.16
N GLY L 12 1.40 7.27 62.01
CA GLY L 12 2.65 7.80 61.48
C GLY L 12 2.56 9.30 61.26
N GLU L 13 3.73 9.97 61.37
CA GLU L 13 3.84 11.42 61.40
C GLU L 13 5.05 11.87 60.58
N MET L 14 5.03 13.12 60.12
CA MET L 14 6.12 13.71 59.34
C MET L 14 5.96 15.24 59.29
N LYS L 15 7.08 15.97 59.41
CA LYS L 15 7.14 17.41 59.21
C LYS L 15 8.37 17.73 58.37
N ARG L 16 8.21 18.57 57.35
CA ARG L 16 9.29 18.92 56.43
C ARG L 16 9.20 20.40 56.07
N VAL L 17 10.30 21.13 56.22
CA VAL L 17 10.37 22.55 55.90
C VAL L 17 11.56 22.79 54.98
N THR L 18 11.33 23.44 53.84
CA THR L 18 12.39 23.89 52.96
C THR L 18 12.16 25.34 52.58
N LYS L 19 13.00 25.85 51.69
CA LYS L 19 12.88 27.20 51.16
C LYS L 19 11.72 27.37 50.20
N GLU L 20 11.02 26.30 49.80
CA GLU L 20 9.83 26.38 48.96
C GLU L 20 8.53 26.21 49.74
N THR L 21 8.48 25.28 50.70
CA THR L 21 7.21 24.80 51.27
C THR L 21 7.37 24.52 52.76
N ASN L 22 6.22 24.39 53.44
CA ASN L 22 6.11 23.98 54.83
C ASN L 22 4.94 23.00 54.94
N VAL L 23 5.20 21.77 55.41
CA VAL L 23 4.24 20.65 55.32
C VAL L 23 4.18 19.89 56.65
N SER L 24 2.96 19.59 57.12
CA SER L 24 2.72 18.66 58.24
C SER L 24 1.65 17.62 57.89
N VAL L 25 1.89 16.34 58.24
CA VAL L 25 1.04 15.21 57.82
C VAL L 25 0.88 14.22 58.98
N LYS L 26 -0.33 13.65 59.13
CA LYS L 26 -0.59 12.58 60.11
C LYS L 26 -1.62 11.57 59.60
N ILE L 27 -1.31 10.26 59.72
CA ILE L 27 -2.13 9.17 59.17
C ILE L 27 -2.36 8.08 60.22
N ASN L 28 -3.62 7.62 60.34
CA ASN L 28 -3.99 6.50 61.21
C ASN L 28 -4.51 5.35 60.35
N LEU L 29 -3.89 4.18 60.47
CA LEU L 29 -4.28 3.03 59.65
C LEU L 29 -5.48 2.26 60.21
N ASP L 30 -5.87 2.51 61.47
CA ASP L 30 -7.04 1.85 62.04
C ASP L 30 -8.13 2.85 62.37
N GLY L 31 -8.56 3.67 61.40
CA GLY L 31 -9.39 4.82 61.67
C GLY L 31 -10.87 4.59 61.40
N THR L 32 -11.62 5.70 61.47
CA THR L 32 -13.06 5.69 61.20
C THR L 32 -13.46 6.62 60.06
N GLY L 33 -12.51 7.11 59.28
CA GLY L 33 -12.83 7.98 58.15
C GLY L 33 -12.97 9.46 58.45
N VAL L 34 -12.12 10.00 59.32
CA VAL L 34 -12.11 11.43 59.63
C VAL L 34 -11.12 12.11 58.69
N ALA L 35 -11.55 13.20 58.04
CA ALA L 35 -10.74 13.92 57.06
C ALA L 35 -10.61 15.38 57.43
N ASP L 36 -9.40 15.92 57.36
CA ASP L 36 -9.15 17.34 57.64
C ASP L 36 -7.95 17.78 56.77
N ASN L 37 -8.23 18.18 55.54
CA ASN L 37 -7.20 18.36 54.50
C ASN L 37 -7.22 19.79 53.99
N SER L 38 -6.14 20.52 54.26
CA SER L 38 -6.05 21.93 53.90
C SER L 38 -4.65 22.17 53.33
N SER L 39 -4.47 21.79 52.09
CA SER L 39 -3.28 22.15 51.34
C SER L 39 -3.57 23.47 50.64
N GLY L 40 -2.65 23.95 49.82
CA GLY L 40 -3.04 25.12 49.06
C GLY L 40 -3.80 24.84 47.77
N ILE L 41 -4.14 23.59 47.48
CA ILE L 41 -4.61 23.16 46.18
C ILE L 41 -6.00 22.55 46.34
N PRO L 42 -7.06 23.25 45.94
CA PRO L 42 -8.44 22.82 46.29
C PRO L 42 -8.90 21.51 45.68
N PHE L 43 -8.53 21.21 44.43
CA PHE L 43 -8.90 19.93 43.82
C PHE L 43 -8.18 18.75 44.47
N LEU L 44 -6.94 18.93 44.91
CA LEU L 44 -6.24 17.86 45.61
C LEU L 44 -6.85 17.58 46.98
N ASP L 45 -7.42 18.59 47.64
CA ASP L 45 -8.14 18.35 48.89
C ASP L 45 -9.36 17.44 48.69
N HIS L 46 -10.07 17.62 47.57
CA HIS L 46 -11.23 16.80 47.24
C HIS L 46 -10.84 15.33 46.99
N MET L 47 -9.66 15.08 46.39
CA MET L 47 -9.21 13.69 46.20
C MET L 47 -8.74 13.04 47.51
N LEU L 48 -8.08 13.81 48.38
CA LEU L 48 -7.63 13.25 49.66
C LEU L 48 -8.80 12.89 50.58
N ASP L 49 -9.96 13.54 50.43
CA ASP L 49 -11.14 13.14 51.18
C ASP L 49 -11.65 11.76 50.75
N GLN L 50 -11.42 11.36 49.49
CA GLN L 50 -11.83 10.04 49.04
C GLN L 50 -11.00 8.96 49.72
N LEU L 51 -9.75 9.25 50.03
CA LEU L 51 -8.89 8.28 50.69
C LEU L 51 -9.38 7.98 52.10
N ALA L 52 -9.94 8.99 52.79
CA ALA L 52 -10.54 8.73 54.09
C ALA L 52 -11.89 8.03 53.99
N SER L 53 -12.69 8.39 52.98
CA SER L 53 -14.08 7.96 52.94
C SER L 53 -14.22 6.51 52.47
N HIS L 54 -13.41 6.08 51.51
CA HIS L 54 -13.52 4.73 50.98
C HIS L 54 -12.48 3.77 51.54
N GLY L 55 -11.41 4.28 52.13
CA GLY L 55 -10.45 3.40 52.77
C GLY L 55 -10.57 3.30 54.28
N LEU L 56 -11.36 4.19 54.88
CA LEU L 56 -11.58 4.30 56.33
C LEU L 56 -10.31 4.65 57.11
N PHE L 57 -9.37 5.37 56.51
CA PHE L 57 -8.23 5.92 57.23
C PHE L 57 -8.59 7.28 57.85
N ASP L 58 -7.83 7.69 58.86
CA ASP L 58 -7.83 9.08 59.33
C ASP L 58 -6.66 9.82 58.68
N VAL L 59 -6.94 10.94 58.00
CA VAL L 59 -5.94 11.65 57.20
C VAL L 59 -5.99 13.15 57.52
N HIS L 60 -4.83 13.74 57.81
CA HIS L 60 -4.75 15.17 58.13
C HIS L 60 -3.53 15.81 57.45
N VAL L 61 -3.75 16.83 56.60
CA VAL L 61 -2.69 17.52 55.86
C VAL L 61 -2.81 19.03 56.06
N LYS L 62 -1.68 19.70 56.36
CA LYS L 62 -1.59 21.16 56.38
C LYS L 62 -0.37 21.62 55.60
N ALA L 63 -0.54 22.56 54.66
CA ALA L 63 0.57 22.98 53.79
C ALA L 63 0.41 24.41 53.29
N THR L 64 1.54 25.11 53.20
CA THR L 64 1.66 26.38 52.49
C THR L 64 2.94 26.37 51.66
N GLY L 65 2.92 27.07 50.52
CA GLY L 65 4.01 27.01 49.57
C GLY L 65 4.09 28.20 48.63
N ASP L 66 4.69 27.96 47.47
CA ASP L 66 5.00 29.02 46.51
C ASP L 66 4.11 28.93 45.27
N THR L 67 2.81 29.00 45.49
CA THR L 67 1.85 28.75 44.41
C THR L 67 1.72 29.90 43.41
N HIS L 68 2.46 31.01 43.57
CA HIS L 68 2.44 32.02 42.53
C HIS L 68 3.39 31.72 41.37
N ILE L 69 4.35 30.80 41.53
CA ILE L 69 5.05 30.22 40.38
C ILE L 69 4.08 29.24 39.69
N ASP L 70 3.91 28.04 40.25
CA ASP L 70 2.79 27.16 39.92
C ASP L 70 2.47 26.24 41.11
N ASP L 71 1.73 25.17 40.88
CA ASP L 71 1.38 24.21 41.92
C ASP L 71 2.36 23.04 42.06
N HIS L 72 3.43 23.01 41.25
CA HIS L 72 4.30 21.83 41.11
C HIS L 72 5.06 21.51 42.41
N HIS L 73 5.72 22.50 43.02
CA HIS L 73 6.54 22.20 44.19
C HIS L 73 5.68 21.82 45.41
N THR L 74 4.52 22.45 45.58
CA THR L 74 3.60 22.08 46.66
C THR L 74 3.01 20.68 46.47
N ASN L 75 2.71 20.29 45.21
CA ASN L 75 2.18 18.95 44.91
C ASN L 75 3.21 17.86 45.20
N GLU L 76 4.47 18.11 44.87
CA GLU L 76 5.55 17.15 45.11
C GLU L 76 5.88 16.97 46.60
N ASP L 77 5.96 18.07 47.36
CA ASP L 77 6.37 17.95 48.76
C ASP L 77 5.31 17.27 49.63
N VAL L 78 4.03 17.50 49.35
CA VAL L 78 2.95 16.82 50.07
C VAL L 78 2.99 15.31 49.83
N ALA L 79 3.22 14.90 48.58
CA ALA L 79 3.26 13.47 48.24
C ALA L 79 4.44 12.76 48.92
N LEU L 80 5.60 13.40 49.00
CA LEU L 80 6.74 12.82 49.69
C LEU L 80 6.46 12.63 51.18
N ALA L 81 5.75 13.59 51.80
CA ALA L 81 5.47 13.51 53.23
C ALA L 81 4.51 12.37 53.56
N ILE L 82 3.52 12.11 52.71
CA ILE L 82 2.57 11.02 52.92
C ILE L 82 3.27 9.65 52.82
N GLY L 83 4.25 9.51 51.91
CA GLY L 83 4.96 8.24 51.79
C GLY L 83 5.79 7.90 53.02
N THR L 84 6.45 8.91 53.59
CA THR L 84 7.26 8.72 54.79
C THR L 84 6.39 8.31 56.00
N ALA L 85 5.24 8.96 56.18
CA ALA L 85 4.36 8.67 57.30
C ALA L 85 3.75 7.28 57.22
N LEU L 86 3.47 6.80 56.00
CA LEU L 86 2.96 5.44 55.82
C LEU L 86 4.01 4.40 56.19
N LEU L 87 5.27 4.64 55.82
CA LEU L 87 6.35 3.70 56.15
C LEU L 87 6.61 3.65 57.66
N GLN L 88 6.42 4.77 58.38
CA GLN L 88 6.58 4.77 59.83
C GLN L 88 5.40 4.08 60.53
N ALA L 89 4.18 4.23 59.99
CA ALA L 89 3.02 3.58 60.59
C ALA L 89 3.06 2.06 60.46
N LEU L 90 3.68 1.52 59.41
CA LEU L 90 3.63 0.08 59.16
C LEU L 90 4.62 -0.71 60.01
N GLY L 91 5.83 -0.20 60.23
CA GLY L 91 6.75 -0.83 61.15
C GLY L 91 7.31 -2.15 60.66
N ASP L 92 7.17 -3.18 61.51
CA ASP L 92 7.76 -4.49 61.22
C ASP L 92 7.07 -5.21 60.07
N ARG L 93 5.75 -4.99 59.92
CA ARG L 93 4.85 -5.61 58.92
C ARG L 93 4.60 -7.09 59.19
N LYS L 94 4.50 -7.46 60.47
CA LYS L 94 4.23 -8.85 60.85
C LYS L 94 2.73 -9.12 60.83
N GLY L 95 2.33 -10.17 60.12
CA GLY L 95 0.95 -10.63 60.16
C GLY L 95 -0.06 -9.92 59.28
N ILE L 96 0.35 -9.13 58.29
CA ILE L 96 -0.59 -8.42 57.43
C ILE L 96 -0.84 -9.21 56.15
N ASN L 97 -1.87 -8.80 55.40
CA ASN L 97 -2.21 -9.44 54.12
C ASN L 97 -1.15 -9.18 53.05
N ARG L 98 -0.55 -7.98 53.05
CA ARG L 98 0.55 -7.52 52.21
C ARG L 98 0.18 -7.22 50.74
N PHE L 99 -0.84 -7.87 50.17
CA PHE L 99 -1.29 -7.65 48.78
C PHE L 99 -2.71 -7.09 48.74
N GLY L 100 -3.03 -6.30 47.72
CA GLY L 100 -4.38 -5.77 47.52
C GLY L 100 -4.72 -5.54 46.06
N ASN L 101 -6.02 -5.61 45.74
CA ASN L 101 -6.50 -5.68 44.35
C ASN L 101 -7.96 -5.26 44.26
N PHE L 102 -8.30 -4.32 43.35
CA PHE L 102 -9.69 -3.83 43.21
C PHE L 102 -9.91 -3.04 41.92
N SER L 103 -11.12 -3.15 41.35
CA SER L 103 -11.56 -2.33 40.21
C SER L 103 -12.82 -1.53 40.56
N ALA L 104 -12.83 -0.23 40.23
CA ALA L 104 -13.91 0.70 40.63
C ALA L 104 -14.43 1.62 39.51
N PRO L 105 -15.75 1.70 39.33
CA PRO L 105 -16.31 2.61 38.31
C PRO L 105 -16.85 3.94 38.84
N LEU L 106 -16.98 4.92 37.94
CA LEU L 106 -17.73 6.15 38.19
C LEU L 106 -18.37 6.57 36.86
N ASP L 107 -19.68 6.29 36.73
CA ASP L 107 -20.44 6.36 35.47
C ASP L 107 -19.76 5.55 34.38
N GLU L 108 -19.26 6.20 33.31
CA GLU L 108 -18.67 5.52 32.16
C GLU L 108 -17.18 5.20 32.31
N ALA L 109 -16.52 5.62 33.39
CA ALA L 109 -15.10 5.31 33.62
C ALA L 109 -14.93 4.04 34.46
N LEU L 110 -13.78 3.36 34.28
CA LEU L 110 -13.39 2.18 35.06
C LEU L 110 -11.87 2.00 35.07
N VAL L 111 -11.29 1.82 36.28
CA VAL L 111 -9.85 1.72 36.53
C VAL L 111 -9.55 0.50 37.43
N HIS L 112 -8.48 -0.24 37.12
CA HIS L 112 -8.01 -1.43 37.83
C HIS L 112 -6.70 -1.14 38.56
N VAL L 113 -6.58 -1.53 39.84
CA VAL L 113 -5.41 -1.26 40.69
C VAL L 113 -4.95 -2.54 41.38
N SER L 114 -3.63 -2.82 41.34
CA SER L 114 -3.05 -3.82 42.26
C SER L 114 -1.67 -3.39 42.77
N LEU L 115 -1.36 -3.77 44.02
CA LEU L 115 -0.18 -3.29 44.73
C LEU L 115 0.38 -4.36 45.68
N ASP L 116 1.63 -4.16 46.12
CA ASP L 116 2.33 -5.07 47.03
C ASP L 116 3.31 -4.29 47.89
N LEU L 117 3.21 -4.47 49.22
CA LEU L 117 4.02 -3.68 50.17
C LEU L 117 5.36 -4.39 50.39
N SER L 118 6.26 -4.21 49.43
CA SER L 118 7.41 -5.08 49.24
C SER L 118 8.73 -4.56 49.78
N GLY L 119 8.93 -3.25 49.84
CA GLY L 119 10.24 -2.67 50.06
C GLY L 119 10.99 -2.32 48.80
N ARG L 120 10.42 -2.58 47.62
CA ARG L 120 11.04 -2.28 46.33
C ARG L 120 10.14 -1.31 45.55
N PRO L 121 10.58 -0.09 45.29
CA PRO L 121 9.71 0.90 44.61
C PRO L 121 9.61 0.69 43.10
N HIS L 122 8.39 0.82 42.57
CA HIS L 122 8.13 0.77 41.13
C HIS L 122 6.74 1.30 40.82
N LEU L 123 6.62 2.07 39.74
CA LEU L 123 5.32 2.55 39.25
C LEU L 123 5.08 2.15 37.80
N GLY L 124 3.95 1.51 37.53
CA GLY L 124 3.43 1.33 36.19
C GLY L 124 2.16 2.13 35.98
N TYR L 125 2.16 3.07 35.03
CA TYR L 125 1.12 4.07 34.89
C TYR L 125 0.59 4.07 33.46
N ASP L 126 -0.72 3.90 33.31
CA ASP L 126 -1.34 3.72 32.01
C ASP L 126 -2.75 4.35 32.02
N LEU L 127 -2.79 5.68 32.01
CA LEU L 127 -4.03 6.45 31.94
C LEU L 127 -4.00 7.35 30.72
N ASN L 128 -5.17 7.76 30.25
CA ASN L 128 -5.27 8.63 29.08
C ASN L 128 -6.25 9.77 29.37
N ILE L 129 -5.75 10.88 29.89
CA ILE L 129 -6.57 11.99 30.37
C ILE L 129 -6.71 13.01 29.25
N PRO L 130 -7.91 13.27 28.75
CA PRO L 130 -8.08 14.00 27.48
C PRO L 130 -8.07 15.53 27.50
N THR L 131 -8.00 16.21 28.65
CA THR L 131 -7.86 17.67 28.69
C THR L 131 -6.65 18.07 29.53
N GLN L 132 -6.26 19.34 29.44
CA GLN L 132 -5.05 19.80 30.11
C GLN L 132 -5.30 20.38 31.51
N ARG L 133 -6.51 20.86 31.79
CA ARG L 133 -6.87 21.45 33.08
C ARG L 133 -8.24 20.94 33.51
N VAL L 134 -8.42 20.70 34.81
CA VAL L 134 -9.74 20.29 35.28
C VAL L 134 -10.46 21.52 35.83
N GLY L 135 -9.93 22.14 36.86
CA GLY L 135 -10.38 23.48 37.22
C GLY L 135 -9.22 24.43 37.06
N LYS L 136 -8.54 24.73 38.15
CA LYS L 136 -7.20 25.32 38.06
C LYS L 136 -6.07 24.29 38.09
N TYR L 137 -6.35 23.01 38.33
CA TYR L 137 -5.34 21.96 38.54
C TYR L 137 -4.79 21.41 37.22
N ASP L 138 -3.47 21.33 37.11
CA ASP L 138 -2.76 20.82 35.94
C ASP L 138 -2.74 19.30 35.92
N THR L 139 -3.10 18.68 34.78
CA THR L 139 -3.32 17.22 34.74
C THR L 139 -2.05 16.36 34.65
N GLN L 140 -0.88 16.93 34.29
CA GLN L 140 0.38 16.19 34.42
C GLN L 140 0.78 15.94 35.88
N LEU L 141 0.16 16.60 36.85
CA LEU L 141 0.56 16.41 38.24
C LEU L 141 -0.04 15.15 38.87
N VAL L 142 -1.00 14.48 38.22
CA VAL L 142 -1.53 13.21 38.73
C VAL L 142 -0.44 12.14 38.72
N GLU L 143 0.29 12.02 37.61
CA GLU L 143 1.37 11.04 37.54
C GLU L 143 2.54 11.39 38.47
N HIS L 144 2.86 12.68 38.64
CA HIS L 144 3.95 13.08 39.52
C HIS L 144 3.60 12.78 41.00
N PHE L 145 2.32 12.87 41.36
CA PHE L 145 1.90 12.58 42.74
C PHE L 145 2.19 11.12 43.12
N PHE L 146 1.80 10.17 42.24
CA PHE L 146 1.98 8.76 42.54
C PHE L 146 3.44 8.33 42.49
N GLN L 147 4.27 8.95 41.65
CA GLN L 147 5.70 8.59 41.58
C GLN L 147 6.47 9.01 42.83
N SER L 148 6.16 10.19 43.39
CA SER L 148 6.76 10.61 44.66
C SER L 148 6.29 9.75 45.85
N LEU L 149 5.03 9.29 45.84
CA LEU L 149 4.52 8.46 46.93
C LEU L 149 5.19 7.09 46.98
N VAL L 150 5.42 6.44 45.82
CA VAL L 150 6.05 5.13 45.88
C VAL L 150 7.55 5.21 46.19
N ASN L 151 8.22 6.35 45.95
CA ASN L 151 9.66 6.43 46.21
C ASN L 151 9.96 6.51 47.71
N THR L 152 9.13 7.20 48.51
CA THR L 152 9.40 7.25 49.93
C THR L 152 8.81 6.08 50.70
N SER L 153 7.71 5.48 50.24
CA SER L 153 7.09 4.35 50.93
C SER L 153 7.65 2.99 50.54
N GLY L 154 8.30 2.87 49.39
CA GLY L 154 8.79 1.57 48.93
C GLY L 154 7.77 0.55 48.50
N MET L 155 6.76 0.94 47.72
CA MET L 155 5.75 -0.01 47.28
C MET L 155 5.80 -0.23 45.76
N THR L 156 5.36 -1.43 45.34
CA THR L 156 5.11 -1.77 43.95
C THR L 156 3.65 -1.43 43.59
N LEU L 157 3.44 -0.63 42.54
CA LEU L 157 2.09 -0.16 42.20
C LEU L 157 1.82 -0.21 40.70
N HIS L 158 0.66 -0.74 40.30
CA HIS L 158 0.22 -0.80 38.90
C HIS L 158 -1.19 -0.20 38.77
N ILE L 159 -1.39 0.70 37.79
CA ILE L 159 -2.63 1.43 37.55
C ILE L 159 -2.98 1.33 36.06
N ARG L 160 -4.19 0.84 35.73
CA ARG L 160 -4.55 0.62 34.32
C ARG L 160 -6.02 0.95 34.00
N GLN L 161 -6.26 1.72 32.93
CA GLN L 161 -7.59 2.20 32.55
C GLN L 161 -8.29 1.23 31.60
N PHE L 162 -9.55 0.90 31.90
CA PHE L 162 -10.40 0.04 31.07
C PHE L 162 -11.37 0.80 30.16
N SER L 163 -11.92 1.95 30.58
CA SER L 163 -12.79 2.81 29.77
C SER L 163 -12.89 4.19 30.43
N GLY L 164 -13.49 5.14 29.73
CA GLY L 164 -13.78 6.45 30.30
C GLY L 164 -13.51 7.60 29.33
N THR L 165 -14.26 8.69 29.52
CA THR L 165 -14.27 9.87 28.65
C THR L 165 -14.10 11.21 29.42
N ASN L 166 -14.82 11.42 30.52
CA ASN L 166 -14.75 12.68 31.29
C ASN L 166 -13.52 12.69 32.21
N SER L 167 -12.77 13.80 32.21
CA SER L 167 -11.51 13.88 32.96
C SER L 167 -11.71 13.87 34.48
N HIS L 168 -12.75 14.56 34.98
CA HIS L 168 -13.06 14.52 36.41
C HIS L 168 -13.43 13.10 36.86
N HIS L 169 -14.16 12.36 36.03
CA HIS L 169 -14.57 11.01 36.39
C HIS L 169 -13.36 10.05 36.46
N ILE L 170 -12.41 10.18 35.52
CA ILE L 170 -11.26 9.26 35.45
C ILE L 170 -10.34 9.40 36.67
N ILE L 171 -10.03 10.63 37.08
CA ILE L 171 -9.13 10.84 38.21
C ILE L 171 -9.79 10.40 39.53
N GLU L 172 -11.08 10.72 39.73
CA GLU L 172 -11.76 10.35 40.97
C GLU L 172 -11.94 8.84 41.10
N ALA L 173 -12.04 8.11 39.99
CA ALA L 173 -12.15 6.65 40.06
C ALA L 173 -10.82 5.99 40.39
N THR L 174 -9.70 6.59 39.98
CA THR L 174 -8.38 6.12 40.38
C THR L 174 -8.20 6.19 41.90
N PHE L 175 -8.54 7.34 42.51
CA PHE L 175 -8.39 7.51 43.95
C PHE L 175 -9.38 6.64 44.77
N LYS L 176 -10.52 6.25 44.19
CA LYS L 176 -11.41 5.31 44.87
C LYS L 176 -10.86 3.89 44.88
N ALA L 177 -10.40 3.39 43.72
CA ALA L 177 -9.84 2.04 43.64
C ALA L 177 -8.55 1.89 44.45
N PHE L 178 -7.67 2.92 44.43
CA PHE L 178 -6.46 2.91 45.25
C PHE L 178 -6.78 2.79 46.74
N ALA L 179 -7.83 3.47 47.21
CA ALA L 179 -8.20 3.43 48.63
C ALA L 179 -8.65 2.04 49.06
N ARG L 180 -9.43 1.35 48.24
CA ARG L 180 -9.92 0.04 48.61
C ARG L 180 -8.82 -1.02 48.52
N ALA L 181 -7.87 -0.88 47.60
CA ALA L 181 -6.77 -1.84 47.54
C ALA L 181 -5.78 -1.64 48.68
N LEU L 182 -5.56 -0.40 49.13
CA LEU L 182 -4.66 -0.18 50.26
C LEU L 182 -5.26 -0.66 51.57
N ARG L 183 -6.59 -0.55 51.73
CA ARG L 183 -7.25 -1.06 52.93
C ARG L 183 -7.10 -2.57 53.06
N GLN L 184 -7.15 -3.29 51.93
CA GLN L 184 -6.98 -4.73 51.94
C GLN L 184 -5.57 -5.15 52.37
N ALA L 185 -4.54 -4.45 51.90
CA ALA L 185 -3.17 -4.87 52.13
C ALA L 185 -2.68 -4.58 53.55
N THR L 186 -3.27 -3.64 54.28
CA THR L 186 -2.83 -3.29 55.62
C THR L 186 -3.61 -3.98 56.73
N GLU L 187 -4.64 -4.76 56.41
CA GLU L 187 -5.39 -5.44 57.45
C GLU L 187 -4.73 -6.74 57.89
N TYR L 188 -5.02 -7.14 59.13
CA TYR L 188 -4.44 -8.36 59.69
C TYR L 188 -5.06 -9.61 59.10
N ASP L 189 -4.19 -10.55 58.73
CA ASP L 189 -4.58 -11.85 58.18
C ASP L 189 -4.80 -12.83 59.31
N THR L 190 -6.06 -13.00 59.73
CA THR L 190 -6.42 -14.12 60.59
C THR L 190 -6.29 -15.40 59.79
N ARG L 191 -5.48 -16.35 60.27
CA ARG L 191 -4.91 -17.34 59.38
C ARG L 191 -5.94 -18.39 58.96
N ARG L 192 -5.53 -19.24 58.01
CA ARG L 192 -6.40 -20.29 57.53
C ARG L 192 -6.54 -21.42 58.55
N ALA M 9 28.60 -2.00 -61.49
CA ALA M 9 27.80 -2.69 -60.50
C ALA M 9 28.67 -3.20 -59.36
N ARG M 10 28.21 -2.99 -58.14
CA ARG M 10 28.96 -3.34 -56.94
C ARG M 10 28.54 -4.74 -56.50
N ILE M 11 29.45 -5.71 -56.64
CA ILE M 11 29.13 -7.12 -56.42
C ILE M 11 30.10 -7.71 -55.40
N GLY M 12 29.57 -8.36 -54.37
CA GLY M 12 30.38 -8.96 -53.34
C GLY M 12 30.11 -10.45 -53.20
N GLU M 13 31.14 -11.19 -52.77
CA GLU M 13 31.16 -12.65 -52.77
C GLU M 13 31.82 -13.17 -51.48
N MET M 14 31.51 -14.41 -51.11
CA MET M 14 32.07 -15.06 -49.92
C MET M 14 31.80 -16.57 -49.97
N LYS M 15 32.80 -17.37 -49.57
CA LYS M 15 32.66 -18.81 -49.39
C LYS M 15 33.33 -19.20 -48.08
N ARG M 16 32.66 -20.01 -47.27
CA ARG M 16 33.17 -20.41 -45.96
C ARG M 16 32.82 -21.88 -45.71
N VAL M 17 33.82 -22.68 -45.34
CA VAL M 17 33.64 -24.10 -45.04
C VAL M 17 34.24 -24.40 -43.68
N THR M 18 33.46 -25.02 -42.79
CA THR M 18 33.96 -25.52 -41.52
C THR M 18 33.48 -26.95 -41.32
N LYS M 19 33.78 -27.49 -40.14
CA LYS M 19 33.35 -28.83 -39.76
C LYS M 19 31.85 -28.90 -39.45
N GLU M 20 31.13 -27.79 -39.40
CA GLU M 20 29.69 -27.77 -39.21
C GLU M 20 28.91 -27.53 -40.50
N THR M 21 29.37 -26.61 -41.36
CA THR M 21 28.55 -26.06 -42.45
C THR M 21 29.40 -25.81 -43.69
N ASN M 22 28.70 -25.61 -44.82
CA ASN M 22 29.28 -25.23 -46.10
C ASN M 22 28.36 -24.18 -46.72
N VAL M 23 28.89 -22.97 -47.00
CA VAL M 23 28.08 -21.79 -47.35
C VAL M 23 28.70 -21.05 -48.54
N SER M 24 27.86 -20.67 -49.52
CA SER M 24 28.22 -19.75 -50.60
C SER M 24 27.18 -18.64 -50.77
N VAL M 25 27.64 -17.38 -50.95
CA VAL M 25 26.77 -16.19 -50.95
C VAL M 25 27.24 -15.21 -52.04
N LYS M 26 26.28 -14.56 -52.73
CA LYS M 26 26.57 -13.50 -53.70
C LYS M 26 25.49 -12.41 -53.71
N ILE M 27 25.91 -11.12 -53.65
CA ILE M 27 25.00 -9.98 -53.53
C ILE M 27 25.36 -8.89 -54.55
N ASN M 28 24.34 -8.35 -55.23
CA ASN M 28 24.48 -7.22 -56.16
C ASN M 28 23.70 -6.02 -55.61
N LEU M 29 24.38 -4.90 -55.42
CA LEU M 29 23.73 -3.71 -54.85
C LEU M 29 22.99 -2.88 -55.89
N ASP M 30 23.21 -3.12 -57.19
CA ASP M 30 22.49 -2.39 -58.22
C ASP M 30 21.61 -3.32 -59.05
N GLY M 31 20.73 -4.09 -58.40
CA GLY M 31 20.04 -5.19 -59.04
C GLY M 31 18.62 -4.87 -59.48
N THR M 32 17.92 -5.92 -59.92
CA THR M 32 16.53 -5.81 -60.35
C THR M 32 15.58 -6.69 -59.54
N GLY M 33 16.02 -7.23 -58.41
CA GLY M 33 15.16 -8.06 -57.58
C GLY M 33 15.09 -9.52 -57.94
N VAL M 34 16.20 -10.14 -58.31
CA VAL M 34 16.25 -11.58 -58.60
C VAL M 34 16.65 -12.31 -57.33
N ALA M 35 15.89 -13.35 -56.97
CA ALA M 35 16.10 -14.11 -55.74
C ALA M 35 16.29 -15.58 -56.03
N ASP M 36 17.29 -16.20 -55.42
CA ASP M 36 17.55 -17.64 -55.56
C ASP M 36 18.17 -18.14 -54.25
N ASN M 37 17.33 -18.50 -53.29
CA ASN M 37 17.74 -18.73 -51.90
C ASN M 37 17.40 -20.15 -51.48
N SER M 38 18.42 -20.95 -51.23
CA SER M 38 18.25 -22.36 -50.89
C SER M 38 19.21 -22.68 -49.74
N SER M 39 18.81 -22.29 -48.55
CA SER M 39 19.49 -22.72 -47.34
C SER M 39 18.82 -24.00 -46.88
N GLY M 40 19.22 -24.54 -45.73
CA GLY M 40 18.44 -25.66 -45.26
C GLY M 40 17.19 -25.31 -44.46
N ILE M 41 16.84 -24.04 -44.35
CA ILE M 41 15.85 -23.55 -43.40
C ILE M 41 14.74 -22.85 -44.19
N PRO M 42 13.57 -23.48 -44.33
CA PRO M 42 12.54 -22.97 -45.27
C PRO M 42 11.94 -21.61 -44.93
N PHE M 43 11.71 -21.32 -43.65
CA PHE M 43 11.18 -20.01 -43.26
C PHE M 43 12.18 -18.90 -43.48
N LEU M 44 13.48 -19.16 -43.29
CA LEU M 44 14.50 -18.15 -43.57
C LEU M 44 14.61 -17.85 -45.06
N ASP M 45 14.35 -18.83 -45.93
CA ASP M 45 14.31 -18.56 -47.37
C ASP M 45 13.20 -17.58 -47.74
N HIS M 46 12.04 -17.69 -47.08
CA HIS M 46 10.92 -16.78 -47.32
C HIS M 46 11.25 -15.35 -46.89
N MET M 47 12.02 -15.16 -45.81
CA MET M 47 12.42 -13.81 -45.41
C MET M 47 13.49 -13.22 -46.33
N LEU M 48 14.44 -14.03 -46.82
CA LEU M 48 15.46 -13.53 -47.73
C LEU M 48 14.88 -13.10 -49.08
N ASP M 49 13.74 -13.68 -49.50
CA ASP M 49 13.07 -13.20 -50.70
C ASP M 49 12.51 -11.79 -50.54
N GLN M 50 12.16 -11.39 -49.31
CA GLN M 50 11.68 -10.03 -49.08
C GLN M 50 12.79 -9.02 -49.28
N LEU M 51 14.02 -9.40 -48.98
CA LEU M 51 15.15 -8.50 -49.14
C LEU M 51 15.39 -8.19 -50.62
N ALA M 52 15.15 -9.17 -51.50
CA ALA M 52 15.25 -8.90 -52.93
C ALA M 52 14.06 -8.11 -53.46
N SER M 53 12.85 -8.41 -52.95
CA SER M 53 11.64 -7.87 -53.54
C SER M 53 11.38 -6.41 -53.17
N HIS M 54 11.68 -6.02 -51.94
CA HIS M 54 11.43 -4.66 -51.50
C HIS M 54 12.67 -3.78 -51.49
N GLY M 55 13.86 -4.36 -51.52
CA GLY M 55 15.06 -3.56 -51.63
C GLY M 55 15.66 -3.48 -53.02
N LEU M 56 15.19 -4.33 -53.94
CA LEU M 56 15.66 -4.45 -55.33
C LEU M 56 17.13 -4.89 -55.43
N PHE M 57 17.63 -5.66 -54.47
CA PHE M 57 18.92 -6.30 -54.59
C PHE M 57 18.80 -7.64 -55.33
N ASP M 58 19.92 -8.12 -55.88
CA ASP M 58 20.05 -9.51 -56.32
C ASP M 58 20.73 -10.32 -55.21
N VAL M 59 20.10 -11.40 -54.75
CA VAL M 59 20.56 -12.17 -53.60
C VAL M 59 20.56 -13.66 -53.93
N HIS M 60 21.68 -14.34 -53.65
CA HIS M 60 21.81 -15.77 -53.92
C HIS M 60 22.52 -16.47 -52.76
N VAL M 61 21.87 -17.47 -52.14
CA VAL M 61 22.41 -18.22 -50.99
C VAL M 61 22.30 -19.72 -51.25
N LYS M 62 23.39 -20.46 -51.00
CA LYS M 62 23.38 -21.93 -51.00
C LYS M 62 24.08 -22.46 -49.75
N ALA M 63 23.43 -23.37 -49.01
CA ALA M 63 23.97 -23.84 -47.74
C ALA M 63 23.51 -25.25 -47.39
N THR M 64 24.42 -26.02 -46.80
CA THR M 64 24.10 -27.29 -46.13
C THR M 64 24.85 -27.35 -44.80
N GLY M 65 24.25 -28.03 -43.81
CA GLY M 65 24.78 -28.03 -42.47
C GLY M 65 24.34 -29.20 -41.61
N ASP M 66 24.34 -28.98 -40.30
CA ASP M 66 24.10 -30.04 -39.32
C ASP M 66 22.74 -29.88 -38.64
N THR M 67 21.69 -29.86 -39.44
CA THR M 67 20.36 -29.54 -38.93
C THR M 67 19.71 -30.66 -38.14
N HIS M 68 20.36 -31.81 -37.94
CA HIS M 68 19.79 -32.80 -37.05
C HIS M 68 20.12 -32.55 -35.57
N ILE M 69 21.09 -31.69 -35.25
CA ILE M 69 21.22 -31.14 -33.90
C ILE M 69 20.11 -30.09 -33.72
N ASP M 70 20.30 -28.89 -34.28
CA ASP M 70 19.21 -27.94 -34.50
C ASP M 70 19.54 -27.02 -35.68
N ASP M 71 18.85 -25.89 -35.80
CA ASP M 71 19.09 -24.93 -36.87
C ASP M 71 20.09 -23.83 -36.52
N HIS M 72 20.67 -23.85 -35.30
CA HIS M 72 21.45 -22.73 -34.76
C HIS M 72 22.74 -22.49 -35.55
N HIS M 73 23.55 -23.54 -35.79
CA HIS M 73 24.84 -23.30 -36.45
C HIS M 73 24.67 -22.88 -37.92
N THR M 74 23.68 -23.44 -38.63
CA THR M 74 23.39 -23.03 -40.00
C THR M 74 22.87 -21.59 -40.08
N ASN M 75 22.05 -21.17 -39.10
CA ASN M 75 21.53 -19.79 -39.06
C ASN M 75 22.65 -18.77 -38.82
N GLU M 76 23.59 -19.10 -37.95
CA GLU M 76 24.72 -18.22 -37.64
C GLU M 76 25.72 -18.09 -38.80
N ASP M 77 26.08 -19.19 -39.46
CA ASP M 77 27.09 -19.12 -40.50
C ASP M 77 26.61 -18.39 -41.76
N VAL M 78 25.32 -18.53 -42.10
CA VAL M 78 24.75 -17.80 -43.24
C VAL M 78 24.77 -16.29 -42.99
N ALA M 79 24.42 -15.87 -41.76
CA ALA M 79 24.40 -14.44 -41.41
C ALA M 79 25.80 -13.82 -41.46
N LEU M 80 26.82 -14.54 -41.00
CA LEU M 80 28.19 -14.05 -41.07
C LEU M 80 28.64 -13.87 -42.52
N ALA M 81 28.24 -14.78 -43.42
CA ALA M 81 28.67 -14.71 -44.81
C ALA M 81 28.05 -13.51 -45.53
N ILE M 82 26.79 -13.18 -45.24
CA ILE M 82 26.12 -12.02 -45.84
C ILE M 82 26.79 -10.70 -45.40
N GLY M 83 27.23 -10.61 -44.14
CA GLY M 83 27.89 -9.40 -43.68
C GLY M 83 29.22 -9.13 -44.38
N THR M 84 30.00 -10.19 -44.60
CA THR M 84 31.29 -10.07 -45.28
C THR M 84 31.11 -9.63 -46.74
N ALA M 85 30.13 -10.21 -47.45
CA ALA M 85 29.90 -9.87 -48.85
C ALA M 85 29.40 -8.44 -49.04
N LEU M 86 28.64 -7.93 -48.08
CA LEU M 86 28.19 -6.53 -48.14
C LEU M 86 29.36 -5.57 -47.96
N LEU M 87 30.28 -5.89 -47.04
CA LEU M 87 31.45 -5.03 -46.83
C LEU M 87 32.38 -5.02 -48.04
N GLN M 88 32.47 -6.13 -48.78
CA GLN M 88 33.29 -6.17 -49.99
C GLN M 88 32.61 -5.42 -51.15
N ALA M 89 31.28 -5.48 -51.24
CA ALA M 89 30.58 -4.76 -52.30
C ALA M 89 30.66 -3.24 -52.15
N LEU M 90 30.75 -2.73 -50.91
CA LEU M 90 30.69 -1.28 -50.69
C LEU M 90 32.01 -0.58 -50.97
N GLY M 91 33.14 -1.18 -50.61
CA GLY M 91 34.43 -0.62 -50.99
C GLY M 91 34.79 0.67 -50.28
N ASP M 92 35.12 1.69 -51.07
CA ASP M 92 35.59 2.97 -50.53
C ASP M 92 34.50 3.74 -49.81
N ARG M 93 33.24 3.62 -50.30
CA ARG M 93 32.02 4.31 -49.82
C ARG M 93 32.04 5.81 -50.16
N LYS M 94 32.56 6.16 -51.32
CA LYS M 94 32.60 7.55 -51.76
C LYS M 94 31.27 7.92 -52.44
N GLY M 95 30.66 9.01 -51.98
CA GLY M 95 29.49 9.56 -52.65
C GLY M 95 28.14 8.93 -52.35
N ILE M 96 27.99 8.14 -51.30
CA ILE M 96 26.71 7.50 -50.98
C ILE M 96 25.95 8.33 -49.95
N ASN M 97 24.67 7.99 -49.77
CA ASN M 97 23.82 8.68 -48.79
C ASN M 97 24.24 8.37 -47.35
N ARG M 98 24.69 7.13 -47.09
CA ARG M 98 25.24 6.61 -45.84
C ARG M 98 24.21 6.37 -44.72
N PHE M 99 23.09 7.08 -44.68
CA PHE M 99 22.03 6.92 -43.66
C PHE M 99 20.72 6.45 -44.30
N GLY M 100 19.91 5.70 -43.56
CA GLY M 100 18.59 5.27 -44.01
C GLY M 100 17.60 5.09 -42.88
N ASN M 101 16.31 5.24 -43.20
CA ASN M 101 15.24 5.37 -42.20
C ASN M 101 13.88 5.05 -42.80
N PHE M 102 13.09 4.15 -42.17
CA PHE M 102 11.77 3.76 -42.70
C PHE M 102 10.93 3.00 -41.67
N SER M 103 9.60 3.21 -41.72
CA SER M 103 8.63 2.43 -40.93
C SER M 103 7.62 1.72 -41.84
N ALA M 104 7.37 0.42 -41.58
CA ALA M 104 6.54 -0.44 -42.45
C ALA M 104 5.51 -1.30 -41.71
N PRO M 105 4.25 -1.29 -42.17
CA PRO M 105 3.22 -2.15 -41.54
C PRO M 105 2.91 -3.45 -42.28
N LEU M 106 2.31 -4.40 -41.56
CA LEU M 106 1.68 -5.59 -42.15
C LEU M 106 0.47 -5.94 -41.28
N ASP M 107 -0.74 -5.57 -41.76
CA ASP M 107 -1.99 -5.57 -41.01
C ASP M 107 -1.84 -4.79 -39.71
N GLU M 108 -1.94 -5.46 -38.54
CA GLU M 108 -1.91 -4.80 -37.24
C GLU M 108 -0.50 -4.58 -36.67
N ALA M 109 0.56 -5.05 -37.33
CA ALA M 109 1.93 -4.85 -36.87
C ALA M 109 2.56 -3.61 -37.51
N LEU M 110 3.53 -3.00 -36.81
CA LEU M 110 4.32 -1.86 -37.30
C LEU M 110 5.68 -1.78 -36.60
N VAL M 111 6.76 -1.66 -37.40
CA VAL M 111 8.16 -1.66 -36.95
C VAL M 111 8.93 -0.48 -37.59
N HIS M 112 9.78 0.19 -36.80
CA HIS M 112 10.59 1.34 -37.19
C HIS M 112 12.08 0.95 -37.23
N VAL M 113 12.80 1.31 -38.30
CA VAL M 113 14.21 0.95 -38.52
C VAL M 113 15.02 2.19 -38.90
N SER M 114 16.19 2.38 -38.25
CA SER M 114 17.19 3.32 -38.76
C SER M 114 18.63 2.80 -38.59
N LEU M 115 19.50 3.13 -39.55
CA LEU M 115 20.84 2.56 -39.63
C LEU M 115 21.85 3.58 -40.19
N ASP M 116 23.15 3.29 -40.01
CA ASP M 116 24.24 4.14 -40.48
C ASP M 116 25.45 3.28 -40.80
N LEU M 117 26.00 3.44 -42.01
CA LEU M 117 27.10 2.59 -42.49
C LEU M 117 28.44 3.21 -42.05
N SER M 118 28.77 2.97 -40.79
CA SER M 118 29.75 3.78 -40.07
C SER M 118 31.14 3.16 -39.94
N GLY M 119 31.26 1.84 -39.92
CA GLY M 119 32.48 1.17 -39.52
C GLY M 119 32.53 0.79 -38.06
N ARG M 120 31.50 1.10 -37.28
CA ARG M 120 31.42 0.79 -35.84
C ARG M 120 30.20 -0.10 -35.60
N PRO M 121 30.38 -1.35 -35.17
CA PRO M 121 29.23 -2.27 -34.99
C PRO M 121 28.46 -2.02 -33.70
N HIS M 122 27.13 -2.06 -33.80
CA HIS M 122 26.24 -1.97 -32.64
C HIS M 122 24.82 -2.40 -33.02
N LEU M 123 24.16 -3.15 -32.14
CA LEU M 123 22.77 -3.54 -32.32
C LEU M 123 21.91 -3.10 -31.14
N GLY M 124 20.83 -2.39 -31.41
CA GLY M 124 19.75 -2.15 -30.47
C GLY M 124 18.48 -2.86 -30.89
N TYR M 125 17.97 -3.78 -30.06
CA TYR M 125 16.92 -4.71 -30.43
C TYR M 125 15.80 -4.64 -29.42
N ASP M 126 14.58 -4.39 -29.89
CA ASP M 126 13.44 -4.14 -29.03
C ASP M 126 12.16 -4.68 -29.70
N LEU M 127 12.03 -6.00 -29.73
CA LEU M 127 10.85 -6.69 -30.26
C LEU M 127 10.25 -7.57 -29.18
N ASN M 128 8.97 -7.89 -29.31
CA ASN M 128 8.28 -8.73 -28.34
C ASN M 128 7.47 -9.81 -29.06
N ILE M 129 8.09 -10.96 -29.31
CA ILE M 129 7.52 -12.03 -30.14
C ILE M 129 6.80 -13.01 -29.22
N PRO M 130 5.49 -13.19 -29.35
CA PRO M 130 4.70 -13.88 -28.31
C PRO M 130 4.62 -15.40 -28.35
N THR M 131 5.17 -16.11 -29.35
CA THR M 131 5.22 -17.57 -29.34
C THR M 131 6.65 -18.07 -29.53
N GLN M 132 6.87 -19.36 -29.29
CA GLN M 132 8.22 -19.92 -29.33
C GLN M 132 8.61 -20.50 -30.70
N ARG M 133 7.64 -20.90 -31.51
CA ARG M 133 7.88 -21.49 -32.83
C ARG M 133 6.91 -20.90 -33.84
N VAL M 134 7.37 -20.66 -35.08
CA VAL M 134 6.45 -20.17 -36.10
C VAL M 134 5.99 -21.36 -36.94
N GLY M 135 6.89 -22.03 -37.61
CA GLY M 135 6.57 -23.34 -38.16
C GLY M 135 7.46 -24.36 -37.49
N LYS M 136 8.55 -24.73 -38.15
CA LYS M 136 9.65 -25.41 -37.46
C LYS M 136 10.73 -24.46 -36.94
N TYR M 137 10.67 -23.16 -37.26
CA TYR M 137 11.73 -22.19 -36.96
C TYR M 137 11.64 -21.65 -35.53
N ASP M 138 12.76 -21.66 -34.82
CA ASP M 138 12.88 -21.18 -33.44
C ASP M 138 12.99 -19.66 -33.39
N THR M 139 12.19 -19.00 -32.54
CA THR M 139 12.07 -17.53 -32.59
C THR M 139 13.20 -16.75 -31.90
N GLN M 140 14.03 -17.39 -31.05
CA GLN M 140 15.25 -16.74 -30.57
C GLN M 140 16.30 -16.54 -31.66
N LEU M 141 16.17 -17.18 -32.82
CA LEU M 141 17.17 -17.03 -33.87
C LEU M 141 17.02 -15.75 -34.69
N VAL M 142 15.91 -15.00 -34.54
CA VAL M 142 15.77 -13.71 -35.21
C VAL M 142 16.80 -12.71 -34.68
N GLU M 143 16.93 -12.62 -33.36
CA GLU M 143 17.92 -11.72 -32.78
C GLU M 143 19.36 -12.16 -33.07
N HIS M 144 19.63 -13.48 -33.09
CA HIS M 144 20.98 -13.95 -33.37
C HIS M 144 21.39 -13.66 -34.84
N PHE M 145 20.42 -13.67 -35.75
CA PHE M 145 20.70 -13.37 -37.16
C PHE M 145 21.22 -11.94 -37.34
N PHE M 146 20.54 -10.96 -36.73
CA PHE M 146 20.93 -9.57 -36.89
C PHE M 146 22.23 -9.23 -36.15
N GLN M 147 22.53 -9.89 -35.03
CA GLN M 147 23.78 -9.63 -34.31
C GLN M 147 25.01 -10.12 -35.07
N SER M 148 24.92 -11.29 -35.73
CA SER M 148 26.02 -11.76 -36.57
C SER M 148 26.21 -10.90 -37.83
N LEU M 149 25.13 -10.35 -38.40
CA LEU M 149 25.23 -9.51 -39.59
C LEU M 149 25.94 -8.18 -39.30
N VAL M 150 25.65 -7.54 -38.16
CA VAL M 150 26.32 -6.27 -37.89
C VAL M 150 27.78 -6.46 -37.47
N ASN M 151 28.19 -7.64 -36.97
CA ASN M 151 29.57 -7.81 -36.53
C ASN M 151 30.53 -7.93 -37.71
N THR M 152 30.12 -8.58 -38.82
CA THR M 152 31.02 -8.67 -39.96
C THR M 152 30.93 -7.48 -40.89
N SER M 153 29.79 -6.80 -40.99
CA SER M 153 29.63 -5.65 -41.87
C SER M 153 30.04 -4.32 -41.24
N GLY M 154 30.08 -4.22 -39.92
CA GLY M 154 30.40 -2.95 -39.27
C GLY M 154 29.35 -1.86 -39.34
N MET M 155 28.08 -2.17 -39.12
CA MET M 155 27.04 -1.14 -39.18
C MET M 155 26.39 -0.90 -37.82
N THR M 156 25.89 0.33 -37.63
CA THR M 156 25.04 0.71 -36.51
C THR M 156 23.57 0.47 -36.87
N LEU M 157 22.84 -0.29 -36.06
CA LEU M 157 21.46 -0.67 -36.39
C LEU M 157 20.53 -0.58 -35.18
N HIS M 158 19.36 0.04 -35.36
CA HIS M 158 18.32 0.15 -34.32
C HIS M 158 16.98 -0.35 -34.88
N ILE M 159 16.29 -1.22 -34.12
CA ILE M 159 15.03 -1.86 -34.49
C ILE M 159 14.03 -1.71 -33.33
N ARG M 160 12.85 -1.15 -33.59
CA ARG M 160 11.88 -0.87 -32.51
C ARG M 160 10.42 -1.10 -32.92
N GLN M 161 9.66 -1.84 -32.09
CA GLN M 161 8.28 -2.23 -32.38
C GLN M 161 7.27 -1.20 -31.84
N PHE M 162 6.33 -0.79 -32.69
CA PHE M 162 5.25 0.14 -32.34
C PHE M 162 3.92 -0.54 -32.00
N SER M 163 3.56 -1.66 -32.65
CA SER M 163 2.36 -2.44 -32.35
C SER M 163 2.48 -3.83 -33.00
N GLY M 164 1.56 -4.72 -32.68
CA GLY M 164 1.48 -6.02 -33.33
C GLY M 164 1.20 -7.17 -32.37
N THR M 165 0.54 -8.21 -32.90
CA THR M 165 0.06 -9.37 -32.16
C THR M 165 0.47 -10.73 -32.78
N ASN M 166 0.33 -10.91 -34.10
CA ASN M 166 0.67 -12.19 -34.76
C ASN M 166 2.19 -12.29 -35.01
N SER M 167 2.78 -13.45 -34.67
CA SER M 167 4.23 -13.63 -34.76
C SER M 167 4.76 -13.63 -36.20
N HIS M 168 4.03 -14.25 -37.13
CA HIS M 168 4.42 -14.21 -38.54
C HIS M 168 4.39 -12.79 -39.09
N HIS M 169 3.42 -11.98 -38.68
CA HIS M 169 3.31 -10.61 -39.17
C HIS M 169 4.47 -9.73 -38.65
N ILE M 170 4.87 -9.91 -37.38
CA ILE M 170 5.92 -9.07 -36.77
C ILE M 170 7.28 -9.29 -37.42
N ILE M 171 7.67 -10.55 -37.66
CA ILE M 171 8.97 -10.83 -38.25
C ILE M 171 9.03 -10.37 -39.72
N GLU M 172 7.96 -10.61 -40.50
CA GLU M 172 7.97 -10.22 -41.91
C GLU M 172 7.96 -8.70 -42.09
N ALA M 173 7.41 -7.95 -41.14
CA ALA M 173 7.44 -6.49 -41.22
C ALA M 173 8.82 -5.91 -40.89
N THR M 174 9.57 -6.59 -40.01
CA THR M 174 10.96 -6.21 -39.75
C THR M 174 11.82 -6.32 -41.01
N PHE M 175 11.72 -7.45 -41.72
CA PHE M 175 12.51 -7.65 -42.94
C PHE M 175 12.08 -6.74 -44.10
N LYS M 176 10.84 -6.25 -44.12
CA LYS M 176 10.42 -5.28 -45.11
C LYS M 176 11.01 -3.89 -44.84
N ALA M 177 10.91 -3.41 -43.60
CA ALA M 177 11.45 -2.10 -43.24
C ALA M 177 12.98 -2.05 -43.35
N PHE M 178 13.68 -3.13 -42.95
CA PHE M 178 15.13 -3.22 -43.11
C PHE M 178 15.55 -3.10 -44.58
N ALA M 179 14.79 -3.72 -45.49
CA ALA M 179 15.12 -3.67 -46.92
C ALA M 179 15.02 -2.27 -47.49
N ARG M 180 13.99 -1.51 -47.11
CA ARG M 180 13.82 -0.17 -47.65
C ARG M 180 14.82 0.81 -47.04
N ALA M 181 15.22 0.62 -45.79
CA ALA M 181 16.23 1.51 -45.20
C ALA M 181 17.62 1.22 -45.76
N LEU M 182 17.94 -0.04 -46.08
CA LEU M 182 19.25 -0.34 -46.66
C LEU M 182 19.36 0.17 -48.09
N ARG M 183 18.24 0.14 -48.85
CA ARG M 183 18.26 0.67 -50.22
C ARG M 183 18.56 2.17 -50.23
N GLN M 184 18.03 2.91 -49.25
CA GLN M 184 18.28 4.34 -49.15
C GLN M 184 19.75 4.65 -48.87
N ALA M 185 20.39 3.89 -47.99
CA ALA M 185 21.74 4.22 -47.55
C ALA M 185 22.82 3.87 -48.58
N THR M 186 22.57 2.96 -49.51
CA THR M 186 23.56 2.56 -50.51
C THR M 186 23.43 3.28 -51.84
N GLU M 187 22.42 4.13 -52.02
CA GLU M 187 22.29 4.85 -53.28
C GLU M 187 23.16 6.10 -53.34
N TYR M 188 23.51 6.49 -54.57
CA TYR M 188 24.37 7.66 -54.78
C TYR M 188 23.63 8.96 -54.52
N ASP M 189 24.28 9.84 -53.78
CA ASP M 189 23.77 11.17 -53.44
C ASP M 189 24.16 12.15 -54.53
N THR M 190 23.26 12.39 -55.48
CA THR M 190 23.42 13.52 -56.40
C THR M 190 23.24 14.81 -55.60
N ARG M 191 24.25 15.69 -55.64
CA ARG M 191 24.41 16.66 -54.57
C ARG M 191 23.37 17.78 -54.66
N ARG M 192 23.34 18.60 -53.63
CA ARG M 192 22.42 19.72 -53.57
C ARG M 192 22.84 20.84 -54.52
N ALA N 9 22.58 63.97 0.67
CA ALA N 9 22.80 62.62 0.20
C ALA N 9 23.31 61.73 1.33
N ARG N 10 22.74 60.54 1.45
CA ARG N 10 23.06 59.61 2.52
C ARG N 10 24.16 58.66 2.02
N ILE N 11 25.37 58.80 2.57
CA ILE N 11 26.54 58.09 2.08
C ILE N 11 27.18 57.31 3.23
N GLY N 12 27.43 56.02 3.02
CA GLY N 12 28.04 55.19 4.04
C GLY N 12 29.32 54.54 3.53
N GLU N 13 30.24 54.27 4.47
CA GLU N 13 31.60 53.84 4.17
C GLU N 13 32.04 52.76 5.16
N MET N 14 33.03 51.95 4.77
CA MET N 14 33.57 50.88 5.61
C MET N 14 34.91 50.39 5.03
N LYS N 15 35.88 50.13 5.90
CA LYS N 15 37.14 49.49 5.55
C LYS N 15 37.46 48.42 6.59
N ARG N 16 37.85 47.23 6.15
CA ARG N 16 38.13 46.10 7.03
C ARG N 16 39.34 45.33 6.51
N VAL N 17 40.32 45.09 7.38
CA VAL N 17 41.53 44.35 7.04
C VAL N 17 41.73 43.24 8.06
N THR N 18 41.90 42.00 7.58
CA THR N 18 42.27 40.88 8.43
C THR N 18 43.41 40.12 7.78
N LYS N 19 43.78 39.00 8.40
CA LYS N 19 44.82 38.12 7.88
C LYS N 19 44.37 37.32 6.65
N GLU N 20 43.10 37.38 6.26
CA GLU N 20 42.60 36.74 5.05
C GLU N 20 42.38 37.71 3.89
N THR N 21 41.85 38.90 4.16
CA THR N 21 41.29 39.77 3.11
C THR N 21 41.56 41.24 3.42
N ASN N 22 41.38 42.08 2.40
CA ASN N 22 41.45 43.53 2.49
C ASN N 22 40.31 44.09 1.65
N VAL N 23 39.40 44.87 2.26
CA VAL N 23 38.12 45.27 1.65
C VAL N 23 37.85 46.76 1.88
N SER N 24 37.43 47.47 0.82
CA SER N 24 36.89 48.84 0.91
C SER N 24 35.57 48.98 0.15
N VAL N 25 34.58 49.66 0.76
CA VAL N 25 33.20 49.73 0.23
C VAL N 25 32.65 51.14 0.42
N LYS N 26 31.88 51.64 -0.57
CA LYS N 26 31.16 52.92 -0.47
C LYS N 26 29.82 52.89 -1.21
N ILE N 27 28.74 53.35 -0.54
CA ILE N 27 27.37 53.29 -1.06
C ILE N 27 26.66 54.64 -0.92
N ASN N 28 25.98 55.08 -1.99
CA ASN N 28 25.15 56.29 -1.99
C ASN N 28 23.69 55.90 -2.22
N LEU N 29 22.81 56.28 -1.29
CA LEU N 29 21.40 55.91 -1.40
C LEU N 29 20.60 56.85 -2.30
N ASP N 30 21.14 58.01 -2.67
CA ASP N 30 20.44 58.91 -3.57
C ASP N 30 21.20 59.09 -4.88
N GLY N 31 21.52 57.99 -5.57
CA GLY N 31 22.46 58.01 -6.67
C GLY N 31 21.81 58.04 -8.05
N THR N 32 22.66 57.89 -9.07
CA THR N 32 22.21 57.84 -10.46
C THR N 32 22.59 56.55 -11.17
N GLY N 33 23.00 55.52 -10.44
CA GLY N 33 23.35 54.25 -11.05
C GLY N 33 24.76 54.10 -11.58
N VAL N 34 25.75 54.63 -10.86
CA VAL N 34 27.16 54.49 -11.23
C VAL N 34 27.72 53.26 -10.52
N ALA N 35 28.38 52.38 -11.28
CA ALA N 35 28.92 51.12 -10.76
C ALA N 35 30.40 51.01 -11.02
N ASP N 36 31.17 50.60 -10.01
CA ASP N 36 32.62 50.39 -10.15
C ASP N 36 33.02 49.27 -9.17
N ASN N 37 32.91 48.03 -9.62
CA ASN N 37 32.98 46.85 -8.75
C ASN N 37 34.12 45.94 -9.19
N SER N 38 35.13 45.82 -8.34
CA SER N 38 36.33 45.04 -8.66
C SER N 38 36.69 44.23 -7.41
N SER N 39 35.97 43.14 -7.21
CA SER N 39 36.35 42.16 -6.22
C SER N 39 37.25 41.13 -6.91
N GLY N 40 37.64 40.09 -6.21
CA GLY N 40 38.36 39.08 -6.95
C GLY N 40 37.50 38.06 -7.67
N ILE N 41 36.18 38.21 -7.67
CA ILE N 41 35.24 37.18 -8.08
C ILE N 41 34.40 37.73 -9.23
N PRO N 42 34.66 37.29 -10.47
CA PRO N 42 34.04 37.94 -11.65
C PRO N 42 32.53 37.83 -11.76
N PHE N 43 31.94 36.70 -11.40
CA PHE N 43 30.48 36.56 -11.44
C PHE N 43 29.79 37.43 -10.39
N LEU N 44 30.40 37.60 -9.22
CA LEU N 44 29.82 38.48 -8.21
C LEU N 44 29.87 39.95 -8.64
N ASP N 45 30.88 40.35 -9.42
CA ASP N 45 30.89 41.71 -9.98
C ASP N 45 29.70 41.96 -10.90
N HIS N 46 29.32 40.96 -11.71
CA HIS N 46 28.18 41.07 -12.61
C HIS N 46 26.86 41.22 -11.84
N MET N 47 26.72 40.56 -10.68
CA MET N 47 25.50 40.73 -9.87
C MET N 47 25.46 42.09 -9.16
N LEU N 48 26.60 42.59 -8.68
CA LEU N 48 26.62 43.90 -8.03
C LEU N 48 26.31 45.04 -8.99
N ASP N 49 26.58 44.88 -10.30
CA ASP N 49 26.16 45.87 -11.28
C ASP N 49 24.65 45.96 -11.41
N GLN N 50 23.92 44.86 -11.15
CA GLN N 50 22.47 44.89 -11.20
C GLN N 50 21.91 45.74 -10.08
N LEU N 51 22.58 45.76 -8.94
CA LEU N 51 22.12 46.55 -7.80
C LEU N 51 22.19 48.04 -8.11
N ALA N 52 23.20 48.47 -8.88
CA ALA N 52 23.25 49.86 -9.31
C ALA N 52 22.25 50.17 -10.41
N SER N 53 22.06 49.23 -11.34
CA SER N 53 21.31 49.52 -12.56
C SER N 53 19.80 49.53 -12.32
N HIS N 54 19.29 48.65 -11.49
CA HIS N 54 17.86 48.57 -11.25
C HIS N 54 17.41 49.24 -9.95
N GLY N 55 18.33 49.48 -9.02
CA GLY N 55 17.97 50.21 -7.83
C GLY N 55 18.35 51.68 -7.83
N LEU N 56 19.17 52.10 -8.79
CA LEU N 56 19.70 53.46 -8.95
C LEU N 56 20.58 53.90 -7.78
N PHE N 57 21.27 52.98 -7.11
CA PHE N 57 22.29 53.33 -6.13
C PHE N 57 23.64 53.56 -6.82
N ASP N 58 24.54 54.27 -6.14
CA ASP N 58 25.96 54.30 -6.50
C ASP N 58 26.70 53.29 -5.61
N VAL N 59 27.43 52.35 -6.23
CA VAL N 59 28.06 51.24 -5.52
C VAL N 59 29.52 51.10 -5.96
N HIS N 60 30.43 51.02 -5.00
CA HIS N 60 31.87 50.88 -5.30
C HIS N 60 32.51 49.86 -4.34
N VAL N 61 33.11 48.79 -4.89
CA VAL N 61 33.76 47.73 -4.11
C VAL N 61 35.18 47.48 -4.63
N LYS N 62 36.16 47.39 -3.71
CA LYS N 62 37.52 46.96 -4.03
C LYS N 62 37.99 45.91 -3.02
N ALA N 63 38.48 44.76 -3.50
CA ALA N 63 38.84 43.66 -2.61
C ALA N 63 39.94 42.78 -3.18
N THR N 64 40.83 42.32 -2.30
CA THR N 64 41.78 41.24 -2.58
C THR N 64 41.81 40.28 -1.40
N GLY N 65 42.07 39.00 -1.68
CA GLY N 65 41.97 37.96 -0.68
C GLY N 65 42.76 36.71 -0.98
N ASP N 66 42.30 35.60 -0.41
CA ASP N 66 43.03 34.33 -0.46
C ASP N 66 42.33 33.31 -1.37
N THR N 67 42.14 33.69 -2.62
CA THR N 67 41.33 32.89 -3.54
C THR N 67 42.02 31.63 -4.04
N HIS N 68 43.26 31.33 -3.62
CA HIS N 68 43.83 30.05 -3.98
C HIS N 68 43.41 28.91 -3.06
N ILE N 69 42.85 29.19 -1.88
CA ILE N 69 42.11 28.18 -1.11
C ILE N 69 40.76 27.97 -1.81
N ASP N 70 39.81 28.89 -1.61
CA ASP N 70 38.63 29.01 -2.46
C ASP N 70 38.10 30.45 -2.44
N ASP N 71 36.87 30.66 -2.87
CA ASP N 71 36.25 31.98 -2.88
C ASP N 71 35.46 32.33 -1.61
N HIS N 72 35.43 31.42 -0.62
CA HIS N 72 34.52 31.52 0.54
C HIS N 72 34.84 32.73 1.43
N HIS N 73 36.10 32.90 1.83
CA HIS N 73 36.42 33.98 2.77
C HIS N 73 36.26 35.37 2.12
N THR N 74 36.61 35.51 0.84
CA THR N 74 36.41 36.77 0.12
C THR N 74 34.92 37.10 -0.07
N ASN N 75 34.08 36.07 -0.33
CA ASN N 75 32.64 36.27 -0.48
C ASN N 75 31.99 36.73 0.83
N GLU N 76 32.41 36.16 1.95
CA GLU N 76 31.87 36.51 3.26
C GLU N 76 32.28 37.92 3.72
N ASP N 77 33.55 38.31 3.54
CA ASP N 77 34.00 39.59 4.05
C ASP N 77 33.41 40.78 3.27
N VAL N 78 33.22 40.62 1.96
CA VAL N 78 32.58 41.67 1.16
C VAL N 78 31.13 41.89 1.59
N ALA N 79 30.40 40.80 1.85
CA ALA N 79 28.99 40.91 2.27
C ALA N 79 28.85 41.60 3.64
N LEU N 80 29.75 41.30 4.58
CA LEU N 80 29.72 41.97 5.88
C LEU N 80 29.98 43.47 5.74
N ALA N 81 30.88 43.87 4.84
CA ALA N 81 31.21 45.28 4.68
C ALA N 81 30.04 46.08 4.09
N ILE N 82 29.29 45.50 3.16
CA ILE N 82 28.13 46.17 2.57
C ILE N 82 27.02 46.37 3.61
N GLY N 83 26.82 45.41 4.53
CA GLY N 83 25.80 45.58 5.56
C GLY N 83 26.09 46.72 6.52
N THR N 84 27.37 46.87 6.91
CA THR N 84 27.79 47.94 7.81
C THR N 84 27.60 49.32 7.16
N ALA N 85 27.98 49.46 5.89
CA ALA N 85 27.87 50.74 5.19
C ALA N 85 26.42 51.17 4.97
N LEU N 86 25.52 50.21 4.78
CA LEU N 86 24.09 50.52 4.65
C LEU N 86 23.52 51.03 5.97
N LEU N 87 23.93 50.42 7.09
CA LEU N 87 23.44 50.86 8.41
C LEU N 87 23.95 52.26 8.75
N GLN N 88 25.16 52.63 8.31
CA GLN N 88 25.68 53.97 8.55
C GLN N 88 25.00 55.01 7.65
N ALA N 89 24.66 54.64 6.40
CA ALA N 89 23.99 55.56 5.51
C ALA N 89 22.56 55.90 5.96
N LEU N 90 21.87 54.98 6.64
CA LEU N 90 20.46 55.18 6.98
C LEU N 90 20.27 56.08 8.19
N GLY N 91 21.10 55.96 9.23
CA GLY N 91 21.05 56.89 10.34
C GLY N 91 19.82 56.74 11.22
N ASP N 92 19.13 57.86 11.42
CA ASP N 92 17.98 57.91 12.32
C ASP N 92 16.78 57.14 11.79
N ARG N 93 16.61 57.12 10.45
CA ARG N 93 15.49 56.50 9.70
C ARG N 93 14.17 57.25 9.90
N LYS N 94 14.23 58.57 9.97
CA LYS N 94 13.03 59.39 10.13
C LYS N 94 12.41 59.67 8.76
N GLY N 95 11.12 59.37 8.62
CA GLY N 95 10.38 59.75 7.42
C GLY N 95 10.49 58.85 6.21
N ILE N 96 10.98 57.63 6.32
CA ILE N 96 11.12 56.73 5.17
C ILE N 96 9.91 55.80 5.08
N ASN N 97 9.79 55.12 3.93
CA ASN N 97 8.71 54.16 3.71
C ASN N 97 8.85 52.92 4.59
N ARG N 98 10.08 52.47 4.83
CA ARG N 98 10.50 51.38 5.71
C ARG N 98 10.19 49.96 5.19
N PHE N 99 9.17 49.76 4.35
CA PHE N 99 8.80 48.46 3.78
C PHE N 99 8.95 48.46 2.25
N GLY N 100 9.26 47.30 1.67
CA GLY N 100 9.35 47.15 0.22
C GLY N 100 9.00 45.76 -0.25
N ASN N 101 8.51 45.66 -1.50
CA ASN N 101 7.88 44.44 -2.02
C ASN N 101 7.87 44.44 -3.55
N PHE N 102 8.35 43.36 -4.19
CA PHE N 102 8.41 43.28 -5.66
C PHE N 102 8.65 41.85 -6.17
N SER N 103 8.07 41.52 -7.34
CA SER N 103 8.34 40.27 -8.06
C SER N 103 8.87 40.54 -9.46
N ALA N 104 9.95 39.84 -9.86
CA ALA N 104 10.66 40.09 -11.12
C ALA N 104 11.01 38.84 -11.94
N PRO N 105 10.70 38.84 -13.24
CA PRO N 105 11.06 37.68 -14.09
C PRO N 105 12.32 37.85 -14.94
N LEU N 106 12.89 36.73 -15.39
CA LEU N 106 13.91 36.70 -16.44
C LEU N 106 13.69 35.42 -17.25
N ASP N 107 13.08 35.56 -18.44
CA ASP N 107 12.54 34.47 -19.26
C ASP N 107 11.61 33.58 -18.44
N GLU N 108 11.98 32.31 -18.21
CA GLU N 108 11.12 31.35 -17.52
C GLU N 108 11.24 31.37 -15.99
N ALA N 109 12.13 32.17 -15.41
CA ALA N 109 12.27 32.27 -13.96
C ALA N 109 11.44 33.42 -13.39
N LEU N 110 11.03 33.29 -12.11
CA LEU N 110 10.31 34.32 -11.36
C LEU N 110 10.51 34.17 -9.85
N VAL N 111 10.89 35.28 -9.18
CA VAL N 111 11.23 35.33 -7.75
C VAL N 111 10.49 36.51 -7.07
N HIS N 112 9.97 36.28 -5.86
CA HIS N 112 9.23 37.24 -5.04
C HIS N 112 10.06 37.65 -3.82
N VAL N 113 10.15 38.95 -3.52
CA VAL N 113 10.96 39.50 -2.42
C VAL N 113 10.13 40.48 -1.59
N SER N 114 10.18 40.33 -0.25
CA SER N 114 9.71 41.41 0.65
C SER N 114 10.61 41.57 1.88
N LEU N 115 10.76 42.81 2.35
CA LEU N 115 11.71 43.16 3.40
C LEU N 115 11.18 44.30 4.29
N ASP N 116 11.81 44.48 5.46
CA ASP N 116 11.45 45.51 6.43
C ASP N 116 12.69 45.94 7.21
N LEU N 117 12.94 47.25 7.24
CA LEU N 117 14.16 47.79 7.86
C LEU N 117 13.91 48.02 9.35
N SER N 118 13.99 46.93 10.11
CA SER N 118 13.40 46.85 11.44
C SER N 118 14.37 47.01 12.59
N GLY N 119 15.64 46.64 12.43
CA GLY N 119 16.56 46.48 13.54
C GLY N 119 16.64 45.08 14.09
N ARG N 120 15.87 44.12 13.54
CA ARG N 120 15.87 42.72 13.97
C ARG N 120 16.28 41.84 12.79
N PRO N 121 17.42 41.15 12.86
CA PRO N 121 17.88 40.33 11.72
C PRO N 121 17.17 39.00 11.59
N HIS N 122 16.81 38.63 10.35
CA HIS N 122 16.23 37.33 10.04
C HIS N 122 16.27 37.08 8.53
N LEU N 123 16.60 35.84 8.14
CA LEU N 123 16.56 35.44 6.73
C LEU N 123 15.66 34.22 6.53
N GLY N 124 14.72 34.33 5.61
CA GLY N 124 13.98 33.19 5.07
C GLY N 124 14.34 32.94 3.62
N TYR N 125 14.89 31.76 3.30
CA TYR N 125 15.50 31.47 2.01
C TYR N 125 14.89 30.21 1.43
N ASP N 126 14.37 30.31 0.21
CA ASP N 126 13.63 29.23 -0.41
C ASP N 126 13.87 29.25 -1.94
N LEU N 127 15.06 28.85 -2.35
CA LEU N 127 15.44 28.73 -3.75
C LEU N 127 15.87 27.30 -4.05
N ASN N 128 15.80 26.91 -5.31
CA ASN N 128 16.18 25.56 -5.72
C ASN N 128 17.08 25.63 -6.95
N ILE N 129 18.39 25.71 -6.74
CA ILE N 129 19.37 25.95 -7.81
C ILE N 129 19.89 24.60 -8.29
N PRO N 130 19.68 24.23 -9.55
CA PRO N 130 19.88 22.84 -9.99
C PRO N 130 21.28 22.40 -10.40
N THR N 131 22.30 23.26 -10.45
CA THR N 131 23.68 22.83 -10.71
C THR N 131 24.61 23.33 -9.62
N GLN N 132 25.84 22.81 -9.60
CA GLN N 132 26.78 23.12 -8.53
C GLN N 132 27.71 24.31 -8.85
N ARG N 133 27.94 24.60 -10.12
CA ARG N 133 28.82 25.69 -10.55
C ARG N 133 28.16 26.45 -11.70
N VAL N 134 28.33 27.77 -11.73
CA VAL N 134 27.79 28.53 -12.85
C VAL N 134 28.92 28.78 -13.85
N GLY N 135 29.96 29.48 -13.45
CA GLY N 135 31.18 29.48 -14.24
C GLY N 135 32.27 28.88 -13.39
N LYS N 136 33.08 29.72 -12.76
CA LYS N 136 33.91 29.26 -11.65
C LYS N 136 33.26 29.44 -10.27
N TYR N 137 32.09 30.09 -10.17
CA TYR N 137 31.46 30.45 -8.90
C TYR N 137 30.65 29.29 -8.30
N ASP N 138 30.86 29.03 -7.02
CA ASP N 138 30.18 27.97 -6.26
C ASP N 138 28.79 28.41 -5.83
N THR N 139 27.76 27.58 -6.07
CA THR N 139 26.37 28.02 -5.89
C THR N 139 25.86 28.00 -4.44
N GLN N 140 26.54 27.33 -3.49
CA GLN N 140 26.22 27.49 -2.07
C GLN N 140 26.56 28.88 -1.52
N LEU N 141 27.34 29.68 -2.24
CA LEU N 141 27.72 31.00 -1.73
C LEU N 141 26.63 32.06 -1.91
N VAL N 142 25.57 31.78 -2.69
CA VAL N 142 24.46 32.72 -2.81
C VAL N 142 23.74 32.88 -1.48
N GLU N 143 23.44 31.76 -0.81
CA GLU N 143 22.79 31.84 0.50
C GLU N 143 23.70 32.44 1.57
N HIS N 144 25.01 32.16 1.53
CA HIS N 144 25.92 32.72 2.52
C HIS N 144 26.06 34.25 2.36
N PHE N 145 25.95 34.75 1.13
CA PHE N 145 26.04 36.19 0.89
C PHE N 145 24.90 36.95 1.58
N PHE N 146 23.65 36.47 1.42
CA PHE N 146 22.51 37.14 2.00
C PHE N 146 22.45 37.01 3.53
N GLN N 147 22.94 35.91 4.10
CA GLN N 147 22.94 35.75 5.56
C GLN N 147 23.92 36.69 6.26
N SER N 148 25.11 36.91 5.67
CA SER N 148 26.05 37.89 6.21
C SER N 148 25.55 39.34 6.06
N LEU N 149 24.82 39.65 4.99
CA LEU N 149 24.30 41.00 4.78
C LEU N 149 23.22 41.36 5.81
N VAL N 150 22.31 40.44 6.14
CA VAL N 150 21.28 40.79 7.11
C VAL N 150 21.82 40.84 8.55
N ASN N 151 22.95 40.18 8.86
CA ASN N 151 23.45 40.19 10.23
C ASN N 151 24.09 41.53 10.59
N THR N 152 24.78 42.20 9.66
CA THR N 152 25.37 43.49 9.98
C THR N 152 24.41 44.65 9.78
N SER N 153 23.44 44.56 8.87
CA SER N 153 22.49 45.64 8.62
C SER N 153 21.26 45.60 9.52
N GLY N 154 20.92 44.46 10.10
CA GLY N 154 19.71 44.35 10.91
C GLY N 154 18.38 44.40 10.18
N MET N 155 18.24 43.69 9.06
CA MET N 155 16.98 43.71 8.33
C MET N 155 16.29 42.34 8.35
N THR N 156 14.95 42.37 8.23
CA THR N 156 14.12 41.20 8.00
C THR N 156 13.96 40.97 6.48
N LEU N 157 14.29 39.77 6.00
CA LEU N 157 14.28 39.50 4.56
C LEU N 157 13.68 38.14 4.22
N HIS N 158 12.78 38.10 3.24
CA HIS N 158 12.16 36.86 2.74
C HIS N 158 12.32 36.76 1.22
N ILE N 159 12.77 35.60 0.72
CA ILE N 159 13.05 35.33 -0.69
C ILE N 159 12.38 34.01 -1.08
N ARG N 160 11.54 34.02 -2.12
CA ARG N 160 10.78 32.81 -2.50
C ARG N 160 10.62 32.62 -4.01
N GLN N 161 10.91 31.42 -4.52
CA GLN N 161 10.91 31.11 -5.95
C GLN N 161 9.53 30.60 -6.41
N PHE N 162 9.03 31.17 -7.51
CA PHE N 162 7.76 30.78 -8.14
C PHE N 162 7.92 29.83 -9.33
N SER N 163 8.98 29.96 -10.15
CA SER N 163 9.28 29.06 -11.27
C SER N 163 10.74 29.28 -11.71
N GLY N 164 11.23 28.42 -12.59
CA GLY N 164 12.54 28.60 -13.20
C GLY N 164 13.33 27.31 -13.31
N THR N 165 14.21 27.26 -14.33
CA THR N 165 15.00 26.09 -14.72
C THR N 165 16.51 26.38 -14.88
N ASN N 166 16.90 27.46 -15.56
CA ASN N 166 18.31 27.79 -15.79
C ASN N 166 18.92 28.48 -14.56
N SER N 167 20.12 28.03 -14.15
CA SER N 167 20.75 28.54 -12.92
C SER N 167 21.19 30.00 -13.02
N HIS N 168 21.73 30.41 -14.16
CA HIS N 168 22.09 31.82 -14.37
C HIS N 168 20.85 32.72 -14.32
N HIS N 169 19.73 32.27 -14.87
CA HIS N 169 18.51 33.08 -14.85
C HIS N 169 17.95 33.25 -13.44
N ILE N 170 17.99 32.20 -12.60
CA ILE N 170 17.41 32.24 -11.25
C ILE N 170 18.16 33.21 -10.34
N ILE N 171 19.50 33.18 -10.35
CA ILE N 171 20.28 34.06 -9.49
C ILE N 171 20.15 35.52 -9.92
N GLU N 172 20.20 35.80 -11.23
CA GLU N 172 20.11 37.19 -11.70
C GLU N 172 18.73 37.79 -11.46
N ALA N 173 17.67 36.98 -11.42
CA ALA N 173 16.34 37.50 -11.11
C ALA N 173 16.16 37.82 -9.63
N THR N 174 16.85 37.09 -8.75
CA THR N 174 16.88 37.42 -7.33
C THR N 174 17.48 38.80 -7.08
N PHE N 175 18.65 39.08 -7.69
CA PHE N 175 19.31 40.37 -7.51
C PHE N 175 18.55 41.54 -8.17
N LYS N 176 17.72 41.28 -9.18
CA LYS N 176 16.88 42.33 -9.74
C LYS N 176 15.72 42.69 -8.82
N ALA N 177 14.99 41.68 -8.31
CA ALA N 177 13.87 41.93 -7.41
C ALA N 177 14.31 42.55 -6.08
N PHE N 178 15.46 42.10 -5.52
CA PHE N 178 16.02 42.69 -4.31
C PHE N 178 16.32 44.18 -4.49
N ALA N 179 16.84 44.57 -5.66
CA ALA N 179 17.18 45.97 -5.93
C ALA N 179 15.95 46.87 -5.95
N ARG N 180 14.86 46.41 -6.56
CA ARG N 180 13.66 47.23 -6.64
C ARG N 180 12.93 47.31 -5.30
N ALA N 181 12.99 46.26 -4.48
CA ALA N 181 12.36 46.33 -3.16
C ALA N 181 13.16 47.20 -2.20
N LEU N 182 14.49 47.22 -2.30
CA LEU N 182 15.29 48.08 -1.43
C LEU N 182 15.13 49.55 -1.80
N ARG N 183 14.96 49.86 -3.10
CA ARG N 183 14.74 51.25 -3.52
C ARG N 183 13.44 51.80 -2.94
N GLN N 184 12.39 50.96 -2.86
CA GLN N 184 11.12 51.38 -2.30
C GLN N 184 11.22 51.71 -0.81
N ALA N 185 11.96 50.90 -0.04
CA ALA N 185 11.98 51.05 1.40
C ALA N 185 12.84 52.22 1.88
N THR N 186 13.79 52.71 1.10
CA THR N 186 14.66 53.81 1.50
C THR N 186 14.21 55.18 1.01
N GLU N 187 13.14 55.26 0.22
CA GLU N 187 12.68 56.55 -0.25
C GLU N 187 11.79 57.26 0.77
N TYR N 188 11.77 58.60 0.67
CA TYR N 188 10.99 59.41 1.60
C TYR N 188 9.50 59.32 1.32
N ASP N 189 8.74 59.13 2.39
CA ASP N 189 7.27 59.05 2.33
C ASP N 189 6.69 60.45 2.47
N THR N 190 6.37 61.08 1.34
CA THR N 190 5.55 62.28 1.35
C THR N 190 4.14 61.89 1.78
N ARG N 191 3.64 62.51 2.85
CA ARG N 191 2.57 61.89 3.62
C ARG N 191 1.22 61.96 2.89
N ARG N 192 0.24 61.27 3.46
CA ARG N 192 -1.09 61.26 2.89
C ARG N 192 -1.82 62.58 3.12
N ALA O 9 -34.99 -9.27 57.39
CA ALA O 9 -34.80 -9.67 56.00
C ALA O 9 -35.35 -8.60 55.06
N ARG O 10 -34.59 -8.27 54.03
CA ARG O 10 -34.94 -7.22 53.09
C ARG O 10 -35.67 -7.85 51.91
N ILE O 11 -36.98 -7.58 51.80
CA ILE O 11 -37.84 -8.24 50.82
C ILE O 11 -38.55 -7.20 49.97
N GLY O 12 -38.47 -7.34 48.65
CA GLY O 12 -39.10 -6.41 47.73
C GLY O 12 -40.07 -7.12 46.80
N GLU O 13 -41.10 -6.38 46.37
CA GLU O 13 -42.24 -6.91 45.64
C GLU O 13 -42.65 -5.95 44.52
N MET O 14 -43.34 -6.47 43.50
CA MET O 14 -43.82 -5.68 42.36
C MET O 14 -44.86 -6.48 41.57
N LYS O 15 -45.92 -5.81 41.13
CA LYS O 15 -46.92 -6.36 40.22
C LYS O 15 -47.23 -5.33 39.15
N ARG O 16 -47.25 -5.75 37.88
CA ARG O 16 -47.48 -4.85 36.75
C ARG O 16 -48.36 -5.54 35.72
N VAL O 17 -49.43 -4.88 35.30
CA VAL O 17 -50.36 -5.41 34.29
C VAL O 17 -50.55 -4.37 33.20
N THR O 18 -50.34 -4.76 31.94
CA THR O 18 -50.64 -3.92 30.80
C THR O 18 -51.43 -4.73 29.78
N LYS O 19 -51.69 -4.12 28.63
CA LYS O 19 -52.38 -4.77 27.52
C LYS O 19 -51.52 -5.80 26.80
N GLU O 20 -50.23 -5.92 27.12
CA GLU O 20 -49.36 -6.95 26.57
C GLU O 20 -49.09 -8.11 27.52
N THR O 21 -48.89 -7.84 28.81
CA THR O 21 -48.30 -8.81 29.74
C THR O 21 -48.94 -8.68 31.13
N ASN O 22 -48.72 -9.71 31.95
CA ASN O 22 -49.11 -9.76 33.36
C ASN O 22 -47.95 -10.39 34.13
N VAL O 23 -47.38 -9.66 35.11
CA VAL O 23 -46.11 -10.03 35.75
C VAL O 23 -46.21 -9.87 37.27
N SER O 24 -45.73 -10.87 38.03
CA SER O 24 -45.52 -10.78 39.48
C SER O 24 -44.12 -11.26 39.88
N VAL O 25 -43.45 -10.52 40.79
CA VAL O 25 -42.04 -10.75 41.14
C VAL O 25 -41.84 -10.57 42.65
N LYS O 26 -41.00 -11.42 43.27
CA LYS O 26 -40.61 -11.28 44.68
C LYS O 26 -39.16 -11.71 44.92
N ILE O 27 -38.37 -10.87 45.63
CA ILE O 27 -36.94 -11.09 45.85
C ILE O 27 -36.58 -10.91 47.34
N ASN O 28 -35.78 -11.85 47.87
CA ASN O 28 -35.24 -11.77 49.24
C ASN O 28 -33.72 -11.66 49.17
N LEU O 29 -33.17 -10.61 49.77
CA LEU O 29 -31.72 -10.39 49.72
C LEU O 29 -30.95 -11.18 50.77
N ASP O 30 -31.63 -11.74 51.77
CA ASP O 30 -30.95 -12.55 52.78
C ASP O 30 -31.42 -14.00 52.74
N GLY O 31 -31.35 -14.65 51.57
CA GLY O 31 -32.00 -15.92 51.35
C GLY O 31 -31.08 -17.13 51.47
N THR O 32 -31.64 -18.29 51.10
CA THR O 32 -30.90 -19.55 51.11
C THR O 32 -30.82 -20.21 49.74
N GLY O 33 -31.17 -19.50 48.67
CA GLY O 33 -31.10 -20.07 47.33
C GLY O 33 -32.30 -20.86 46.86
N VAL O 34 -33.51 -20.41 47.18
CA VAL O 34 -34.74 -21.05 46.72
C VAL O 34 -35.17 -20.38 45.42
N ALA O 35 -35.45 -21.18 44.39
CA ALA O 35 -35.82 -20.68 43.06
C ALA O 35 -37.15 -21.24 42.63
N ASP O 36 -38.02 -20.38 42.09
CA ASP O 36 -39.33 -20.80 41.56
C ASP O 36 -39.69 -19.84 40.41
N ASN O 37 -39.23 -20.16 39.21
CA ASN O 37 -39.25 -19.22 38.08
C ASN O 37 -40.04 -19.81 36.92
N SER O 38 -41.17 -19.19 36.60
CA SER O 38 -42.07 -19.69 35.58
C SER O 38 -42.53 -18.48 34.74
N SER O 39 -41.66 -18.05 33.85
CA SER O 39 -42.04 -17.08 32.85
C SER O 39 -42.53 -17.85 31.63
N GLY O 40 -42.84 -17.16 30.54
CA GLY O 40 -43.15 -17.95 29.37
C GLY O 40 -41.95 -18.39 28.54
N ILE O 41 -40.74 -18.13 28.99
CA ILE O 41 -39.53 -18.25 28.17
C ILE O 41 -38.59 -19.24 28.85
N PRO O 42 -38.47 -20.47 28.32
CA PRO O 42 -37.76 -21.55 29.06
C PRO O 42 -36.27 -21.33 29.28
N PHE O 43 -35.55 -20.76 28.32
CA PHE O 43 -34.13 -20.49 28.50
C PHE O 43 -33.88 -19.39 29.54
N LEU O 44 -34.76 -18.39 29.62
CA LEU O 44 -34.61 -17.35 30.63
C LEU O 44 -34.87 -17.90 32.04
N ASP O 45 -35.74 -18.91 32.18
CA ASP O 45 -35.91 -19.57 33.48
C ASP O 45 -34.63 -20.24 33.96
N HIS O 46 -33.88 -20.86 33.04
CA HIS O 46 -32.61 -21.51 33.36
C HIS O 46 -31.56 -20.50 33.83
N MET O 47 -31.54 -19.29 33.26
CA MET O 47 -30.59 -18.26 33.72
C MET O 47 -30.99 -17.67 35.09
N LEU O 48 -32.29 -17.49 35.33
CA LEU O 48 -32.73 -16.96 36.63
C LEU O 48 -32.45 -17.92 37.78
N ASP O 49 -32.39 -19.24 37.51
CA ASP O 49 -31.99 -20.19 38.54
C ASP O 49 -30.53 -20.01 38.95
N GLN O 50 -29.67 -19.52 38.05
CA GLN O 50 -28.28 -19.27 38.40
C GLN O 50 -28.17 -18.12 39.39
N LEU O 51 -29.07 -17.15 39.30
CA LEU O 51 -29.04 -16.01 40.21
C LEU O 51 -29.35 -16.45 41.64
N ALA O 52 -30.23 -17.44 41.80
CA ALA O 52 -30.48 -17.99 43.14
C ALA O 52 -29.35 -18.88 43.63
N SER O 53 -28.76 -19.67 42.72
CA SER O 53 -27.84 -20.72 43.12
C SER O 53 -26.45 -20.18 43.48
N HIS O 54 -25.97 -19.19 42.76
CA HIS O 54 -24.64 -18.65 43.01
C HIS O 54 -24.64 -17.35 43.80
N GLY O 55 -25.77 -16.66 43.86
CA GLY O 55 -25.85 -15.47 44.69
C GLY O 55 -26.52 -15.67 46.05
N LEU O 56 -27.17 -16.82 46.24
CA LEU O 56 -27.92 -17.19 47.44
C LEU O 56 -29.11 -16.27 47.72
N PHE O 57 -29.72 -15.69 46.69
CA PHE O 57 -30.98 -14.98 46.84
C PHE O 57 -32.17 -15.94 46.73
N ASP O 58 -33.32 -15.53 47.26
CA ASP O 58 -34.60 -16.17 46.96
C ASP O 58 -35.30 -15.38 45.84
N VAL O 59 -35.65 -16.06 44.75
CA VAL O 59 -36.18 -15.41 43.55
C VAL O 59 -37.44 -16.13 43.07
N HIS O 60 -38.52 -15.38 42.83
CA HIS O 60 -39.78 -15.95 42.36
C HIS O 60 -40.40 -15.08 41.27
N VAL O 61 -40.63 -15.65 40.07
CA VAL O 61 -41.19 -14.93 38.92
C VAL O 61 -42.38 -15.71 38.35
N LYS O 62 -43.49 -15.02 38.07
CA LYS O 62 -44.63 -15.57 37.34
C LYS O 62 -45.08 -14.60 36.25
N ALA O 63 -45.21 -15.08 35.00
CA ALA O 63 -45.52 -14.20 33.88
C ALA O 63 -46.26 -14.91 32.76
N THR O 64 -47.21 -14.20 32.14
CA THR O 64 -47.83 -14.59 30.88
C THR O 64 -47.92 -13.36 29.97
N GLY O 65 -47.83 -13.59 28.65
CA GLY O 65 -47.74 -12.50 27.70
C GLY O 65 -48.16 -12.85 26.29
N ASP O 66 -47.62 -12.11 25.33
CA ASP O 66 -48.04 -12.21 23.93
C ASP O 66 -46.96 -12.86 23.07
N THR O 67 -46.58 -14.08 23.44
CA THR O 67 -45.44 -14.74 22.80
C THR O 67 -45.73 -15.27 21.40
N HIS O 68 -46.94 -15.10 20.86
CA HIS O 68 -47.14 -15.46 19.46
C HIS O 68 -46.70 -14.38 18.48
N ILE O 69 -46.49 -13.14 18.92
CA ILE O 69 -45.75 -12.15 18.13
C ILE O 69 -44.26 -12.53 18.19
N ASP O 70 -43.59 -12.22 19.30
CA ASP O 70 -42.30 -12.81 19.65
C ASP O 70 -42.10 -12.80 21.17
N ASP O 71 -40.88 -12.98 21.64
CA ASP O 71 -40.56 -12.97 23.06
C ASP O 71 -40.16 -11.59 23.62
N HIS O 72 -40.16 -10.55 22.77
CA HIS O 72 -39.57 -9.24 23.11
C HIS O 72 -40.32 -8.54 24.25
N HIS O 73 -41.66 -8.43 24.15
CA HIS O 73 -42.38 -7.66 25.17
C HIS O 73 -42.39 -8.37 26.53
N THR O 74 -42.46 -9.71 26.55
CA THR O 74 -42.37 -10.47 27.80
C THR O 74 -40.98 -10.37 28.44
N ASN O 75 -39.91 -10.36 27.61
CA ASN O 75 -38.54 -10.23 28.13
C ASN O 75 -38.31 -8.85 28.76
N GLU O 76 -38.84 -7.81 28.15
CA GLU O 76 -38.69 -6.44 28.66
C GLU O 76 -39.48 -6.19 29.95
N ASP O 77 -40.72 -6.66 30.04
CA ASP O 77 -41.54 -6.37 31.22
C ASP O 77 -41.05 -7.10 32.47
N VAL O 78 -40.54 -8.33 32.32
CA VAL O 78 -39.97 -9.06 33.45
C VAL O 78 -38.74 -8.35 34.01
N ALA O 79 -37.87 -7.86 33.12
CA ALA O 79 -36.64 -7.16 33.54
C ALA O 79 -36.96 -5.86 34.29
N LEU O 80 -37.95 -5.10 33.84
CA LEU O 80 -38.35 -3.89 34.54
C LEU O 80 -38.88 -4.19 35.94
N ALA O 81 -39.62 -5.30 36.10
CA ALA O 81 -40.20 -5.64 37.40
C ALA O 81 -39.12 -6.03 38.41
N ILE O 82 -38.08 -6.74 37.98
CA ILE O 82 -36.98 -7.12 38.87
C ILE O 82 -36.19 -5.89 39.35
N GLY O 83 -36.01 -4.88 38.49
CA GLY O 83 -35.30 -3.68 38.92
C GLY O 83 -36.03 -2.90 40.00
N THR O 84 -37.36 -2.80 39.87
CA THR O 84 -38.18 -2.09 40.85
C THR O 84 -38.15 -2.79 42.22
N ALA O 85 -38.26 -4.13 42.23
CA ALA O 85 -38.26 -4.89 43.47
C ALA O 85 -36.92 -4.83 44.21
N LEU O 86 -35.82 -4.75 43.46
CA LEU O 86 -34.50 -4.61 44.08
C LEU O 86 -34.36 -3.25 44.75
N LEU O 87 -34.86 -2.19 44.10
CA LEU O 87 -34.78 -0.84 44.68
C LEU O 87 -35.64 -0.73 45.95
N GLN O 88 -36.77 -1.44 46.02
CA GLN O 88 -37.59 -1.43 47.22
C GLN O 88 -36.96 -2.25 48.35
N ALA O 89 -36.28 -3.36 48.03
CA ALA O 89 -35.64 -4.16 49.05
C ALA O 89 -34.45 -3.46 49.71
N LEU O 90 -33.75 -2.57 48.98
CA LEU O 90 -32.53 -1.97 49.51
C LEU O 90 -32.80 -0.82 50.47
N GLY O 91 -33.79 0.03 50.20
CA GLY O 91 -34.18 1.05 51.15
C GLY O 91 -33.17 2.17 51.31
N ASP O 92 -32.79 2.41 52.57
CA ASP O 92 -31.91 3.53 52.90
C ASP O 92 -30.49 3.33 52.39
N ARG O 93 -30.03 2.07 52.36
CA ARG O 93 -28.67 1.61 51.98
C ARG O 93 -27.60 2.02 53.01
N LYS O 94 -27.95 1.97 54.29
CA LYS O 94 -27.01 2.30 55.35
C LYS O 94 -26.18 1.07 55.72
N GLY O 95 -24.86 1.23 55.71
CA GLY O 95 -23.97 0.19 56.20
C GLY O 95 -23.61 -0.95 55.26
N ILE O 96 -23.86 -0.83 53.96
CA ILE O 96 -23.55 -1.91 53.02
C ILE O 96 -22.18 -1.68 52.37
N ASN O 97 -21.67 -2.72 51.70
CA ASN O 97 -20.39 -2.62 50.99
C ASN O 97 -20.46 -1.69 49.78
N ARG O 98 -21.60 -1.68 49.08
CA ARG O 98 -21.96 -0.82 47.95
C ARG O 98 -21.26 -1.15 46.62
N PHE O 99 -20.05 -1.74 46.63
CA PHE O 99 -19.31 -2.11 45.41
C PHE O 99 -19.12 -3.63 45.33
N GLY O 100 -19.04 -4.17 44.12
CA GLY O 100 -18.77 -5.58 43.90
C GLY O 100 -18.04 -5.86 42.60
N ASN O 101 -17.28 -6.97 42.57
CA ASN O 101 -16.31 -7.25 41.51
C ASN O 101 -15.96 -8.73 41.46
N PHE O 102 -16.05 -9.37 40.27
CA PHE O 102 -15.77 -10.80 40.14
C PHE O 102 -15.59 -11.24 38.67
N SER O 103 -14.71 -12.22 38.44
CA SER O 103 -14.54 -12.89 37.13
C SER O 103 -14.80 -14.38 37.23
N ALA O 104 -15.60 -14.93 36.29
CA ALA O 104 -16.05 -16.34 36.33
C ALA O 104 -15.93 -17.11 35.01
N PRO O 105 -15.34 -18.32 35.02
CA PRO O 105 -15.26 -19.13 33.80
C PRO O 105 -16.31 -20.23 33.65
N LEU O 106 -16.53 -20.69 32.41
CA LEU O 106 -17.26 -21.92 32.13
C LEU O 106 -16.61 -22.56 30.90
N ASP O 107 -15.79 -23.60 31.14
CA ASP O 107 -14.87 -24.20 30.16
C ASP O 107 -13.98 -23.14 29.53
N GLU O 108 -14.11 -22.88 28.22
CA GLU O 108 -13.25 -21.96 27.49
C GLU O 108 -13.70 -20.49 27.54
N ALA O 109 -14.86 -20.17 28.13
CA ALA O 109 -15.33 -18.80 28.26
C ALA O 109 -14.90 -18.16 29.58
N LEU O 110 -14.76 -16.82 29.59
CA LEU O 110 -14.45 -16.03 30.78
C LEU O 110 -14.95 -14.58 30.64
N VAL O 111 -15.69 -14.09 31.66
CA VAL O 111 -16.34 -12.78 31.69
C VAL O 111 -16.03 -12.06 33.02
N HIS O 112 -15.76 -10.75 32.96
CA HIS O 112 -15.43 -9.87 34.09
C HIS O 112 -16.58 -8.89 34.34
N VAL O 113 -17.00 -8.73 35.60
CA VAL O 113 -18.13 -7.87 36.00
C VAL O 113 -17.73 -6.96 37.16
N SER O 114 -18.04 -5.65 37.06
CA SER O 114 -18.02 -4.77 38.24
C SER O 114 -19.19 -3.78 38.24
N LEU O 115 -19.68 -3.44 39.43
CA LEU O 115 -20.90 -2.65 39.60
C LEU O 115 -20.82 -1.77 40.85
N ASP O 116 -21.72 -0.78 40.92
CA ASP O 116 -21.80 0.16 42.05
C ASP O 116 -23.24 0.63 42.22
N LEU O 117 -23.77 0.50 43.45
CA LEU O 117 -25.18 0.80 43.73
C LEU O 117 -25.32 2.30 44.06
N SER O 118 -25.33 3.10 43.00
CA SER O 118 -25.05 4.53 43.09
C SER O 118 -26.26 5.44 43.08
N GLY O 119 -27.36 5.05 42.43
CA GLY O 119 -28.44 5.95 42.12
C GLY O 119 -28.35 6.58 40.74
N ARG O 120 -27.31 6.29 39.97
CA ARG O 120 -27.11 6.82 38.62
C ARG O 120 -27.05 5.66 37.62
N PRO O 121 -28.01 5.54 36.71
CA PRO O 121 -28.03 4.40 35.78
C PRO O 121 -27.04 4.53 34.62
N HIS O 122 -26.36 3.43 34.30
CA HIS O 122 -25.46 3.35 33.15
C HIS O 122 -25.12 1.89 32.84
N LEU O 123 -25.08 1.55 31.56
CA LEU O 123 -24.65 0.22 31.11
C LEU O 123 -23.49 0.31 30.12
N GLY O 124 -22.41 -0.41 30.40
CA GLY O 124 -21.35 -0.68 29.44
C GLY O 124 -21.33 -2.15 29.06
N TYR O 125 -21.53 -2.47 27.79
CA TYR O 125 -21.76 -3.83 27.32
C TYR O 125 -20.79 -4.18 26.20
N ASP O 126 -20.05 -5.26 26.37
CA ASP O 126 -18.98 -5.63 25.47
C ASP O 126 -18.87 -7.16 25.38
N LEU O 127 -19.84 -7.78 24.71
CA LEU O 127 -19.86 -9.22 24.46
C LEU O 127 -19.91 -9.48 22.96
N ASN O 128 -19.49 -10.66 22.55
CA ASN O 128 -19.48 -11.03 21.14
C ASN O 128 -20.07 -12.43 20.96
N ILE O 129 -21.38 -12.50 20.77
CA ILE O 129 -22.13 -13.77 20.74
C ILE O 129 -22.24 -14.23 19.30
N PRO O 130 -21.68 -15.38 18.94
CA PRO O 130 -21.49 -15.74 17.52
C PRO O 130 -22.64 -16.39 16.77
N THR O 131 -23.78 -16.73 17.39
CA THR O 131 -24.95 -17.24 16.65
C THR O 131 -26.18 -16.40 16.97
N GLN O 132 -27.24 -16.60 16.19
CA GLN O 132 -28.44 -15.78 16.32
C GLN O 132 -29.50 -16.38 17.26
N ARG O 133 -29.51 -17.69 17.45
CA ARG O 133 -30.47 -18.38 18.30
C ARG O 133 -29.76 -19.43 19.15
N VAL O 134 -30.18 -19.60 20.41
CA VAL O 134 -29.57 -20.65 21.23
C VAL O 134 -30.48 -21.87 21.19
N GLY O 135 -31.71 -21.76 21.65
CA GLY O 135 -32.70 -22.78 21.36
C GLY O 135 -33.80 -22.13 20.55
N LYS O 136 -34.89 -21.75 21.22
CA LYS O 136 -35.83 -20.80 20.62
C LYS O 136 -35.55 -19.34 20.99
N TYR O 137 -34.59 -19.06 21.88
CA TYR O 137 -34.34 -17.71 22.42
C TYR O 137 -33.46 -16.87 21.49
N ASP O 138 -33.90 -15.64 21.23
CA ASP O 138 -33.20 -14.68 20.38
C ASP O 138 -32.06 -14.00 21.13
N THR O 139 -30.85 -13.95 20.54
CA THR O 139 -29.66 -13.52 21.28
C THR O 139 -29.49 -11.99 21.42
N GLN O 140 -30.21 -11.16 20.65
CA GLN O 140 -30.25 -9.72 20.93
C GLN O 140 -30.98 -9.37 22.22
N LEU O 141 -31.74 -10.30 22.81
CA LEU O 141 -32.48 -9.99 24.03
C LEU O 141 -31.63 -10.03 25.30
N VAL O 142 -30.39 -10.54 25.23
CA VAL O 142 -29.49 -10.51 26.39
C VAL O 142 -29.14 -9.07 26.75
N GLU O 143 -28.77 -8.27 25.75
CA GLU O 143 -28.45 -6.86 26.01
C GLU O 143 -29.68 -6.05 26.43
N HIS O 144 -30.87 -6.35 25.87
CA HIS O 144 -32.07 -5.61 26.25
C HIS O 144 -32.48 -5.93 27.70
N PHE O 145 -32.21 -7.13 28.18
CA PHE O 145 -32.54 -7.51 29.55
C PHE O 145 -31.77 -6.66 30.56
N PHE O 146 -30.44 -6.52 30.37
CA PHE O 146 -29.62 -5.77 31.30
C PHE O 146 -29.87 -4.26 31.24
N GLN O 147 -30.24 -3.71 30.08
CA GLN O 147 -30.52 -2.28 29.97
C GLN O 147 -31.81 -1.88 30.70
N SER O 148 -32.86 -2.72 30.62
CA SER O 148 -34.08 -2.47 31.39
C SER O 148 -33.87 -2.63 32.91
N LEU O 149 -33.00 -3.55 33.33
CA LEU O 149 -32.74 -3.75 34.76
C LEU O 149 -32.02 -2.55 35.39
N VAL O 150 -31.03 -1.96 34.70
CA VAL O 150 -30.34 -0.83 35.30
C VAL O 150 -31.18 0.45 35.28
N ASN O 151 -32.19 0.57 34.39
CA ASN O 151 -32.98 1.81 34.34
C ASN O 151 -33.94 1.92 35.52
N THR O 152 -34.53 0.80 35.99
CA THR O 152 -35.43 0.90 37.12
C THR O 152 -34.71 0.80 38.46
N SER O 153 -33.57 0.12 38.55
CA SER O 153 -32.84 -0.01 39.81
C SER O 153 -31.85 1.13 40.08
N GLY O 154 -31.42 1.86 39.06
CA GLY O 154 -30.42 2.91 39.25
C GLY O 154 -29.01 2.47 39.56
N MET O 155 -28.48 1.46 38.87
CA MET O 155 -27.12 1.01 39.14
C MET O 155 -26.18 1.28 37.96
N THR O 156 -24.89 1.44 38.28
CA THR O 156 -23.79 1.49 37.31
C THR O 156 -23.26 0.07 37.07
N LEU O 157 -23.22 -0.38 35.81
CA LEU O 157 -22.84 -1.76 35.50
C LEU O 157 -21.91 -1.85 34.30
N HIS O 158 -20.82 -2.62 34.42
CA HIS O 158 -19.86 -2.87 33.33
C HIS O 158 -19.66 -4.38 33.15
N ILE O 159 -19.74 -4.86 31.90
CA ILE O 159 -19.64 -6.28 31.53
C ILE O 159 -18.64 -6.41 30.37
N ARG O 160 -17.60 -7.25 30.53
CA ARG O 160 -16.55 -7.36 29.51
C ARG O 160 -16.02 -8.79 29.31
N GLN O 161 -15.94 -9.24 28.05
CA GLN O 161 -15.55 -10.62 27.70
C GLN O 161 -14.03 -10.74 27.50
N PHE O 162 -13.43 -11.75 28.13
CA PHE O 162 -12.00 -12.07 27.99
C PHE O 162 -11.69 -13.18 27.00
N SER O 163 -12.55 -14.21 26.86
CA SER O 163 -12.40 -15.29 25.88
C SER O 163 -13.74 -16.04 25.76
N GLY O 164 -13.83 -16.93 24.79
CA GLY O 164 -14.99 -17.81 24.65
C GLY O 164 -15.45 -17.98 23.21
N THR O 165 -16.05 -19.15 22.93
CA THR O 165 -16.47 -19.60 21.61
C THR O 165 -17.94 -20.09 21.55
N ASN O 166 -18.38 -20.93 22.50
CA ASN O 166 -19.74 -21.48 22.50
C ASN O 166 -20.74 -20.46 23.08
N SER O 167 -21.88 -20.27 22.39
CA SER O 167 -22.85 -19.24 22.78
C SER O 167 -23.56 -19.56 24.11
N HIS O 168 -23.90 -20.82 24.35
CA HIS O 168 -24.49 -21.21 25.64
C HIS O 168 -23.52 -20.97 26.79
N HIS O 169 -22.23 -21.22 26.58
CA HIS O 169 -21.24 -21.03 27.64
C HIS O 169 -21.06 -19.54 27.99
N ILE O 170 -21.06 -18.66 26.97
CA ILE O 170 -20.82 -17.22 27.19
C ILE O 170 -21.94 -16.57 28.00
N ILE O 171 -23.20 -16.86 27.67
CA ILE O 171 -24.31 -16.25 28.39
C ILE O 171 -24.40 -16.77 29.83
N GLU O 172 -24.22 -18.08 30.04
CA GLU O 172 -24.32 -18.63 31.40
C GLU O 172 -23.18 -18.16 32.30
N ALA O 173 -22.01 -17.83 31.74
CA ALA O 173 -20.92 -17.30 32.56
C ALA O 173 -21.14 -15.84 32.96
N THR O 174 -21.84 -15.06 32.12
CA THR O 174 -22.25 -13.71 32.49
C THR O 174 -23.17 -13.71 33.71
N PHE O 175 -24.20 -14.57 33.70
CA PHE O 175 -25.14 -14.64 34.82
C PHE O 175 -24.52 -15.22 36.10
N LYS O 176 -23.45 -16.02 36.00
CA LYS O 176 -22.74 -16.47 37.19
C LYS O 176 -21.91 -15.36 37.83
N ALA O 177 -21.13 -14.63 37.02
CA ALA O 177 -20.31 -13.54 37.55
C ALA O 177 -21.15 -12.38 38.10
N PHE O 178 -22.27 -12.04 37.42
CA PHE O 178 -23.20 -11.02 37.92
C PHE O 178 -23.75 -11.39 39.30
N ALA O 179 -24.07 -12.67 39.53
CA ALA O 179 -24.63 -13.11 40.81
C ALA O 179 -23.64 -12.95 41.95
N ARG O 180 -22.37 -13.28 41.73
CA ARG O 180 -21.38 -13.17 42.79
C ARG O 180 -21.00 -11.72 43.07
N ALA O 181 -21.02 -10.85 42.06
CA ALA O 181 -20.72 -9.44 42.31
C ALA O 181 -21.88 -8.74 43.02
N LEU O 182 -23.13 -9.12 42.74
CA LEU O 182 -24.26 -8.51 43.43
C LEU O 182 -24.33 -8.95 44.89
N ARG O 183 -23.95 -10.21 45.19
CA ARG O 183 -23.93 -10.69 46.57
C ARG O 183 -22.93 -9.90 47.42
N GLN O 184 -21.79 -9.53 46.83
CA GLN O 184 -20.78 -8.76 47.54
C GLN O 184 -21.28 -7.35 47.89
N ALA O 185 -21.98 -6.69 46.97
CA ALA O 185 -22.35 -5.30 47.16
C ALA O 185 -23.52 -5.10 48.13
N THR O 186 -24.35 -6.11 48.37
CA THR O 186 -25.50 -5.98 49.26
C THR O 186 -25.24 -6.49 50.68
N GLU O 187 -24.07 -7.04 50.96
CA GLU O 187 -23.80 -7.51 52.31
C GLU O 187 -23.33 -6.39 53.23
N TYR O 188 -23.56 -6.59 54.54
CA TYR O 188 -23.20 -5.59 55.54
C TYR O 188 -21.69 -5.54 55.76
N ASP O 189 -21.16 -4.33 55.78
CA ASP O 189 -19.74 -4.07 56.03
C ASP O 189 -19.51 -3.93 57.53
N THR O 190 -19.08 -5.02 58.17
CA THR O 190 -18.55 -4.93 59.52
C THR O 190 -17.22 -4.19 59.47
N ARG O 191 -17.11 -3.09 60.22
CA ARG O 191 -16.13 -2.06 59.88
C ARG O 191 -14.71 -2.50 60.22
N ARG O 192 -13.75 -1.68 59.79
CA ARG O 192 -12.35 -1.97 60.04
C ARG O 192 -11.98 -1.69 61.51
N ALA P 9 -32.55 -22.74 -55.01
CA ALA P 9 -31.44 -22.93 -54.09
C ALA P 9 -30.35 -21.88 -54.36
N ARG P 10 -29.84 -21.28 -53.30
CA ARG P 10 -28.85 -20.22 -53.38
C ARG P 10 -27.46 -20.84 -53.29
N ILE P 11 -26.72 -20.82 -54.42
CA ILE P 11 -25.45 -21.51 -54.52
C ILE P 11 -24.36 -20.53 -54.95
N GLY P 12 -23.25 -20.50 -54.21
CA GLY P 12 -22.15 -19.62 -54.52
C GLY P 12 -20.86 -20.38 -54.74
N GLU P 13 -19.98 -19.80 -55.57
CA GLU P 13 -18.78 -20.46 -56.07
C GLU P 13 -17.60 -19.47 -56.10
N MET P 14 -16.37 -19.99 -56.07
CA MET P 14 -15.16 -19.18 -56.12
C MET P 14 -13.95 -20.07 -56.44
N LYS P 15 -13.04 -19.57 -57.28
CA LYS P 15 -11.75 -20.20 -57.56
C LYS P 15 -10.68 -19.13 -57.55
N ARG P 16 -9.56 -19.39 -56.87
CA ARG P 16 -8.47 -18.43 -56.72
C ARG P 16 -7.13 -19.15 -56.81
N VAL P 17 -6.24 -18.67 -57.67
CA VAL P 17 -4.91 -19.24 -57.85
C VAL P 17 -3.87 -18.14 -57.72
N THR P 18 -2.88 -18.33 -56.86
CA THR P 18 -1.74 -17.44 -56.76
C THR P 18 -0.46 -18.26 -56.75
N LYS P 19 0.66 -17.57 -56.56
CA LYS P 19 1.97 -18.21 -56.47
C LYS P 19 2.18 -18.96 -55.15
N GLU P 20 1.27 -18.86 -54.19
CA GLU P 20 1.33 -19.62 -52.95
C GLU P 20 0.37 -20.82 -52.92
N THR P 21 -0.85 -20.66 -53.42
CA THR P 21 -1.94 -21.61 -53.15
C THR P 21 -2.83 -21.77 -54.38
N ASN P 22 -3.65 -22.83 -54.35
CA ASN P 22 -4.69 -23.12 -55.34
C ASN P 22 -5.92 -23.60 -54.59
N VAL P 23 -7.06 -22.90 -54.74
CA VAL P 23 -8.25 -23.08 -53.89
C VAL P 23 -9.52 -23.12 -54.75
N SER P 24 -10.41 -24.09 -54.47
CA SER P 24 -11.77 -24.14 -55.01
C SER P 24 -12.81 -24.38 -53.90
N VAL P 25 -13.93 -23.64 -53.94
CA VAL P 25 -14.93 -23.62 -52.86
C VAL P 25 -16.34 -23.59 -53.46
N LYS P 26 -17.29 -24.32 -52.85
CA LYS P 26 -18.72 -24.27 -53.22
C LYS P 26 -19.64 -24.44 -52.01
N ILE P 27 -20.65 -23.55 -51.88
CA ILE P 27 -21.55 -23.51 -50.72
C ILE P 27 -23.02 -23.44 -51.17
N ASN P 28 -23.87 -24.26 -50.54
CA ASN P 28 -25.33 -24.25 -50.75
C ASN P 28 -26.02 -23.83 -49.45
N LEU P 29 -26.82 -22.77 -49.51
CA LEU P 29 -27.49 -22.26 -48.31
C LEU P 29 -28.79 -23.01 -47.99
N ASP P 30 -29.32 -23.81 -48.91
CA ASP P 30 -30.52 -24.58 -48.64
C ASP P 30 -30.24 -26.08 -48.68
N GLY P 31 -29.26 -26.56 -47.91
CA GLY P 31 -28.74 -27.90 -48.07
C GLY P 31 -29.29 -28.91 -47.07
N THR P 32 -28.68 -30.10 -47.09
CA THR P 32 -29.05 -31.18 -46.18
C THR P 32 -27.89 -31.65 -45.31
N GLY P 33 -26.80 -30.90 -45.25
CA GLY P 33 -25.66 -31.28 -44.42
C GLY P 33 -24.65 -32.23 -45.03
N VAL P 34 -24.34 -32.07 -46.31
CA VAL P 34 -23.32 -32.88 -46.99
C VAL P 34 -21.99 -32.16 -46.88
N ALA P 35 -20.95 -32.87 -46.45
CA ALA P 35 -19.62 -32.30 -46.23
C ALA P 35 -18.56 -33.05 -47.02
N ASP P 36 -17.68 -32.32 -47.70
CA ASP P 36 -16.57 -32.92 -48.46
C ASP P 36 -15.40 -31.92 -48.44
N ASN P 37 -14.58 -31.99 -47.40
CA ASN P 37 -13.59 -30.95 -47.08
C ASN P 37 -12.19 -31.54 -47.06
N SER P 38 -11.37 -31.12 -48.01
CA SER P 38 -10.02 -31.66 -48.17
C SER P 38 -9.08 -30.48 -48.43
N SER P 39 -8.74 -29.78 -47.37
CA SER P 39 -7.68 -28.79 -47.43
C SER P 39 -6.38 -29.49 -47.09
N GLY P 40 -5.28 -28.76 -46.99
CA GLY P 40 -4.11 -29.45 -46.51
C GLY P 40 -3.97 -29.54 -45.00
N ILE P 41 -4.96 -29.10 -44.24
CA ILE P 41 -4.85 -28.88 -42.80
C ILE P 41 -5.90 -29.75 -42.10
N PRO P 42 -5.49 -30.85 -41.46
CA PRO P 42 -6.47 -31.85 -40.97
C PRO P 42 -7.40 -31.37 -39.86
N PHE P 43 -6.92 -30.56 -38.92
CA PHE P 43 -7.79 -30.04 -37.86
C PHE P 43 -8.82 -29.05 -38.41
N LEU P 44 -8.46 -28.25 -39.41
CA LEU P 44 -9.42 -27.34 -40.02
C LEU P 44 -10.51 -28.09 -40.78
N ASP P 45 -10.20 -29.26 -41.35
CA ASP P 45 -11.24 -30.09 -41.98
C ASP P 45 -12.29 -30.55 -40.96
N HIS P 46 -11.85 -30.90 -39.74
CA HIS P 46 -12.76 -31.32 -38.68
C HIS P 46 -13.69 -30.18 -38.24
N MET P 47 -13.21 -28.93 -38.23
CA MET P 47 -14.09 -27.80 -37.88
C MET P 47 -15.08 -27.46 -39.01
N LEU P 48 -14.65 -27.58 -40.27
CA LEU P 48 -15.57 -27.30 -41.39
C LEU P 48 -16.70 -28.32 -41.48
N ASP P 49 -16.49 -29.55 -41.00
CA ASP P 49 -17.57 -30.52 -40.93
C ASP P 49 -18.66 -30.11 -39.94
N GLN P 50 -18.30 -29.36 -38.89
CA GLN P 50 -19.30 -28.88 -37.94
C GLN P 50 -20.22 -27.86 -38.58
N LEU P 51 -19.70 -27.09 -39.52
CA LEU P 51 -20.51 -26.08 -40.19
C LEU P 51 -21.60 -26.74 -41.05
N ALA P 52 -21.30 -27.90 -41.64
CA ALA P 52 -22.33 -28.63 -42.36
C ALA P 52 -23.31 -29.34 -41.43
N SER P 53 -22.80 -29.88 -40.32
CA SER P 53 -23.61 -30.77 -39.49
C SER P 53 -24.61 -30.02 -38.61
N HIS P 54 -24.22 -28.87 -38.08
CA HIS P 54 -25.10 -28.11 -37.20
C HIS P 54 -25.79 -26.94 -37.88
N GLY P 55 -25.30 -26.50 -39.03
CA GLY P 55 -25.99 -25.46 -39.76
C GLY P 55 -26.84 -25.95 -40.93
N LEU P 56 -26.67 -27.22 -41.32
CA LEU P 56 -27.35 -27.87 -42.44
C LEU P 56 -27.00 -27.24 -43.80
N PHE P 57 -25.82 -26.67 -43.96
CA PHE P 57 -25.33 -26.24 -45.26
C PHE P 57 -24.64 -27.40 -45.99
N ASP P 58 -24.54 -27.29 -47.31
CA ASP P 58 -23.63 -28.13 -48.10
C ASP P 58 -22.32 -27.37 -48.34
N VAL P 59 -21.19 -27.97 -47.96
CA VAL P 59 -19.90 -27.29 -47.99
C VAL P 59 -18.85 -28.19 -48.66
N HIS P 60 -18.11 -27.63 -49.62
CA HIS P 60 -17.08 -28.39 -50.34
C HIS P 60 -15.83 -27.53 -50.54
N VAL P 61 -14.67 -27.98 -50.03
CA VAL P 61 -13.39 -27.26 -50.12
C VAL P 61 -12.31 -28.19 -50.67
N LYS P 62 -11.52 -27.70 -51.64
CA LYS P 62 -10.32 -28.37 -52.13
C LYS P 62 -9.16 -27.39 -52.21
N ALA P 63 -8.01 -27.73 -51.61
CA ALA P 63 -6.88 -26.80 -51.54
C ALA P 63 -5.53 -27.51 -51.46
N THR P 64 -4.54 -26.92 -52.13
CA THR P 64 -3.13 -27.27 -51.96
C THR P 64 -2.30 -25.99 -51.88
N GLY P 65 -1.20 -26.03 -51.13
CA GLY P 65 -0.43 -24.84 -50.85
C GLY P 65 1.01 -25.10 -50.45
N ASP P 66 1.57 -24.16 -49.70
CA ASP P 66 3.00 -24.17 -49.36
C ASP P 66 3.22 -24.49 -47.88
N THR P 67 2.73 -25.65 -47.46
CA THR P 67 2.72 -25.99 -46.04
C THR P 67 4.08 -26.39 -45.48
N HIS P 68 5.15 -26.40 -46.29
CA HIS P 68 6.46 -26.63 -45.71
C HIS P 68 7.10 -25.37 -45.12
N ILE P 69 6.60 -24.17 -45.44
CA ILE P 69 6.91 -22.97 -44.65
C ILE P 69 6.13 -23.06 -43.33
N ASP P 70 4.83 -22.75 -43.37
CA ASP P 70 3.89 -23.12 -42.31
C ASP P 70 2.47 -23.25 -42.87
N ASP P 71 1.46 -23.24 -42.02
CA ASP P 71 0.06 -23.34 -42.43
C ASP P 71 -0.62 -21.99 -42.68
N HIS P 72 0.11 -20.87 -42.51
CA HIS P 72 -0.49 -19.52 -42.48
C HIS P 72 -1.11 -19.12 -43.82
N HIS P 73 -0.37 -19.26 -44.92
CA HIS P 73 -0.90 -18.78 -46.21
C HIS P 73 -2.07 -19.63 -46.70
N THR P 74 -2.05 -20.95 -46.46
CA THR P 74 -3.17 -21.82 -46.81
C THR P 74 -4.41 -21.53 -45.96
N ASN P 75 -4.23 -21.22 -44.66
CA ASN P 75 -5.35 -20.88 -43.78
C ASN P 75 -6.03 -19.57 -44.20
N GLU P 76 -5.24 -18.58 -44.60
CA GLU P 76 -5.76 -17.28 -45.03
C GLU P 76 -6.51 -17.35 -46.37
N ASP P 77 -5.96 -18.07 -47.36
CA ASP P 77 -6.59 -18.07 -48.69
C ASP P 77 -7.91 -18.84 -48.70
N VAL P 78 -8.02 -19.92 -47.92
CA VAL P 78 -9.28 -20.66 -47.81
C VAL P 78 -10.38 -19.78 -47.19
N ALA P 79 -10.04 -19.03 -46.14
CA ALA P 79 -11.02 -18.17 -45.47
C ALA P 79 -11.52 -17.05 -46.40
N LEU P 80 -10.64 -16.45 -47.20
CA LEU P 80 -11.06 -15.43 -48.15
C LEU P 80 -12.02 -16.00 -49.20
N ALA P 81 -11.79 -17.24 -49.65
CA ALA P 81 -12.62 -17.84 -50.68
C ALA P 81 -14.04 -18.13 -50.17
N ILE P 82 -14.17 -18.56 -48.91
CA ILE P 82 -15.48 -18.83 -48.31
C ILE P 82 -16.30 -17.53 -48.17
N GLY P 83 -15.65 -16.41 -47.84
CA GLY P 83 -16.38 -15.16 -47.71
C GLY P 83 -16.96 -14.66 -49.03
N THR P 84 -16.20 -14.81 -50.11
CA THR P 84 -16.65 -14.40 -51.44
C THR P 84 -17.85 -15.24 -51.91
N ALA P 85 -17.79 -16.56 -51.70
CA ALA P 85 -18.87 -17.46 -52.13
C ALA P 85 -20.17 -17.22 -51.36
N LEU P 86 -20.07 -16.84 -50.08
CA LEU P 86 -21.26 -16.51 -49.30
C LEU P 86 -21.92 -15.23 -49.80
N LEU P 87 -21.11 -14.23 -50.17
CA LEU P 87 -21.67 -12.98 -50.69
C LEU P 87 -22.35 -13.18 -52.05
N GLN P 88 -21.85 -14.11 -52.87
CA GLN P 88 -22.48 -14.40 -54.15
C GLN P 88 -23.77 -15.21 -53.97
N ALA P 89 -23.81 -16.12 -52.99
CA ALA P 89 -25.02 -16.90 -52.74
C ALA P 89 -26.18 -16.05 -52.22
N LEU P 90 -25.90 -14.97 -51.48
CA LEU P 90 -26.97 -14.20 -50.83
C LEU P 90 -27.68 -13.25 -51.78
N GLY P 91 -26.95 -12.59 -52.69
CA GLY P 91 -27.60 -11.79 -53.71
C GLY P 91 -28.24 -10.52 -53.20
N ASP P 92 -29.53 -10.35 -53.53
CA ASP P 92 -30.26 -9.13 -53.20
C ASP P 92 -30.52 -8.99 -51.70
N ARG P 93 -30.72 -10.13 -51.01
CA ARG P 93 -31.05 -10.25 -49.57
C ARG P 93 -32.46 -9.78 -49.25
N LYS P 94 -33.41 -10.04 -50.15
CA LYS P 94 -34.80 -9.66 -49.94
C LYS P 94 -35.52 -10.73 -49.13
N GLY P 95 -36.17 -10.32 -48.04
CA GLY P 95 -37.03 -11.22 -47.28
C GLY P 95 -36.38 -12.14 -46.27
N ILE P 96 -35.13 -11.92 -45.88
CA ILE P 96 -34.46 -12.80 -44.93
C ILE P 96 -34.57 -12.23 -43.51
N ASN P 97 -34.23 -13.06 -42.52
CA ASN P 97 -34.25 -12.64 -41.11
C ASN P 97 -33.17 -11.60 -40.80
N ARG P 98 -32.00 -11.72 -41.44
CA ARG P 98 -30.84 -10.82 -41.40
C ARG P 98 -30.03 -10.85 -40.09
N PHE P 99 -30.63 -11.18 -38.94
CA PHE P 99 -29.94 -11.26 -37.64
C PHE P 99 -29.95 -12.69 -37.10
N GLY P 100 -28.93 -13.05 -36.32
CA GLY P 100 -28.86 -14.35 -35.66
C GLY P 100 -28.09 -14.32 -34.36
N ASN P 101 -28.43 -15.25 -33.45
CA ASN P 101 -27.99 -15.20 -32.05
C ASN P 101 -28.10 -16.58 -31.39
N PHE P 102 -27.02 -17.07 -30.75
CA PHE P 102 -27.03 -18.40 -30.11
C PHE P 102 -25.84 -18.61 -29.16
N SER P 103 -26.07 -19.37 -28.08
CA SER P 103 -25.01 -19.82 -27.16
C SER P 103 -24.96 -21.34 -27.08
N ALA P 104 -23.75 -21.92 -27.18
CA ALA P 104 -23.56 -23.38 -27.26
C ALA P 104 -22.45 -23.95 -26.35
N PRO P 105 -22.75 -25.01 -25.60
CA PRO P 105 -21.72 -25.63 -24.75
C PRO P 105 -21.07 -26.89 -25.31
N LEU P 106 -19.89 -27.24 -24.79
CA LEU P 106 -19.27 -28.55 -24.99
C LEU P 106 -18.51 -28.90 -23.70
N ASP P 107 -19.12 -29.77 -22.88
CA ASP P 107 -18.72 -30.07 -21.50
C ASP P 107 -18.62 -28.78 -20.69
N GLU P 108 -17.41 -28.40 -20.23
CA GLU P 108 -17.21 -27.25 -19.36
C GLU P 108 -17.04 -25.91 -20.10
N ALA P 109 -17.00 -25.91 -21.44
CA ALA P 109 -16.87 -24.67 -22.21
C ALA P 109 -18.24 -24.13 -22.64
N LEU P 110 -18.32 -22.80 -22.83
CA LEU P 110 -19.52 -22.10 -23.32
C LEU P 110 -19.16 -20.78 -24.00
N VAL P 111 -19.68 -20.57 -25.23
CA VAL P 111 -19.39 -19.42 -26.10
C VAL P 111 -20.71 -18.82 -26.64
N HIS P 112 -20.80 -17.48 -26.68
CA HIS P 112 -21.95 -16.71 -27.14
C HIS P 112 -21.61 -16.00 -28.46
N VAL P 113 -22.50 -16.08 -29.46
CA VAL P 113 -22.29 -15.51 -30.80
C VAL P 113 -23.51 -14.69 -31.23
N SER P 114 -23.27 -13.46 -31.75
CA SER P 114 -24.31 -12.74 -32.49
C SER P 114 -23.75 -11.99 -33.71
N LEU P 115 -24.54 -11.92 -34.78
CA LEU P 115 -24.09 -11.40 -36.07
C LEU P 115 -25.22 -10.68 -36.81
N ASP P 116 -24.85 -9.89 -37.84
CA ASP P 116 -25.79 -9.13 -38.66
C ASP P 116 -25.23 -8.98 -40.07
N LEU P 117 -26.04 -9.35 -41.07
CA LEU P 117 -25.59 -9.37 -42.47
C LEU P 117 -25.82 -7.99 -43.09
N SER P 118 -24.90 -7.08 -42.78
CA SER P 118 -25.13 -5.65 -42.91
C SER P 118 -24.52 -5.00 -44.14
N GLY P 119 -23.42 -5.52 -44.67
CA GLY P 119 -22.61 -4.82 -45.65
C GLY P 119 -21.47 -4.02 -45.06
N ARG P 120 -21.31 -4.01 -43.74
CA ARG P 120 -20.23 -3.29 -43.04
C ARG P 120 -19.39 -4.28 -42.25
N PRO P 121 -18.12 -4.48 -42.60
CA PRO P 121 -17.29 -5.48 -41.91
C PRO P 121 -16.77 -5.03 -40.54
N HIS P 122 -16.83 -5.93 -39.55
CA HIS P 122 -16.27 -5.69 -38.23
C HIS P 122 -16.16 -7.00 -37.45
N LEU P 123 -15.06 -7.18 -36.73
CA LEU P 123 -14.88 -8.34 -35.84
C LEU P 123 -14.59 -7.90 -34.41
N GLY P 124 -15.36 -8.42 -33.46
CA GLY P 124 -15.05 -8.36 -32.04
C GLY P 124 -14.72 -9.75 -31.50
N TYR P 125 -13.52 -9.95 -30.99
CA TYR P 125 -12.98 -11.26 -30.65
C TYR P 125 -12.49 -11.27 -29.21
N ASP P 126 -12.99 -12.20 -28.42
CA ASP P 126 -12.73 -12.24 -26.99
C ASP P 126 -12.70 -13.70 -26.51
N LEU P 127 -11.64 -14.41 -26.86
CA LEU P 127 -11.40 -15.79 -26.44
C LEU P 127 -10.07 -15.87 -25.70
N ASN P 128 -9.91 -16.89 -24.87
CA ASN P 128 -8.68 -17.08 -24.10
C ASN P 128 -8.23 -18.54 -24.20
N ILE P 129 -7.41 -18.84 -25.20
CA ILE P 129 -7.01 -20.22 -25.53
C ILE P 129 -5.70 -20.52 -24.82
N PRO P 130 -5.66 -21.49 -23.91
CA PRO P 130 -4.52 -21.63 -22.98
C PRO P 130 -3.29 -22.40 -23.45
N THR P 131 -3.26 -23.03 -24.64
CA THR P 131 -2.04 -23.66 -25.15
C THR P 131 -1.71 -23.13 -26.54
N GLN P 132 -0.51 -23.44 -27.02
CA GLN P 132 -0.04 -22.89 -28.29
C GLN P 132 -0.33 -23.79 -29.50
N ARG P 133 -0.48 -25.09 -29.30
CA ARG P 133 -0.74 -26.06 -30.36
C ARG P 133 -1.82 -27.04 -29.92
N VAL P 134 -2.70 -27.44 -30.84
CA VAL P 134 -3.72 -28.43 -30.49
C VAL P 134 -3.22 -29.80 -30.95
N GLY P 135 -3.03 -29.99 -32.24
CA GLY P 135 -2.27 -31.14 -32.70
C GLY P 135 -1.03 -30.63 -33.40
N LYS P 136 -1.07 -30.55 -34.73
CA LYS P 136 -0.10 -29.74 -35.46
C LYS P 136 -0.56 -28.31 -35.73
N TYR P 137 -1.81 -27.95 -35.41
CA TYR P 137 -2.42 -26.66 -35.77
C TYR P 137 -2.05 -25.55 -34.78
N ASP P 138 -1.62 -24.41 -35.30
CA ASP P 138 -1.22 -23.23 -34.52
C ASP P 138 -2.45 -22.44 -34.07
N THR P 139 -2.53 -22.09 -32.78
CA THR P 139 -3.76 -21.51 -32.22
C THR P 139 -3.98 -20.02 -32.49
N GLN P 140 -2.96 -19.26 -32.92
CA GLN P 140 -3.19 -17.89 -33.42
C GLN P 140 -3.96 -17.86 -34.74
N LEU P 141 -4.09 -18.98 -35.45
CA LEU P 141 -4.78 -18.97 -36.74
C LEU P 141 -6.31 -18.99 -36.61
N VAL P 142 -6.86 -19.24 -35.41
CA VAL P 142 -8.31 -19.17 -35.22
C VAL P 142 -8.81 -17.74 -35.42
N GLU P 143 -8.13 -16.76 -34.81
CA GLU P 143 -8.52 -15.37 -34.99
C GLU P 143 -8.28 -14.87 -36.42
N HIS P 144 -7.21 -15.31 -37.08
CA HIS P 144 -6.94 -14.89 -38.46
C HIS P 144 -8.00 -15.45 -39.43
N PHE P 145 -8.54 -16.63 -39.14
CA PHE P 145 -9.57 -17.23 -40.00
C PHE P 145 -10.84 -16.36 -40.03
N PHE P 146 -11.32 -15.94 -38.85
CA PHE P 146 -12.55 -15.16 -38.77
C PHE P 146 -12.38 -13.74 -39.30
N GLN P 147 -11.19 -13.14 -39.18
CA GLN P 147 -10.97 -11.78 -39.70
C GLN P 147 -10.97 -11.74 -41.23
N SER P 148 -10.38 -12.75 -41.89
CA SER P 148 -10.45 -12.84 -43.35
C SER P 148 -11.87 -13.13 -43.86
N LEU P 149 -12.66 -13.91 -43.12
CA LEU P 149 -14.03 -14.22 -43.53
C LEU P 149 -14.94 -12.99 -43.50
N VAL P 150 -14.83 -12.14 -42.47
CA VAL P 150 -15.71 -10.97 -42.43
C VAL P 150 -15.28 -9.89 -43.43
N ASN P 151 -14.01 -9.86 -43.88
CA ASN P 151 -13.59 -8.81 -44.81
C ASN P 151 -14.14 -9.03 -46.22
N THR P 152 -14.24 -10.29 -46.68
CA THR P 152 -14.79 -10.51 -48.01
C THR P 152 -16.30 -10.62 -48.02
N SER P 153 -16.94 -11.07 -46.95
CA SER P 153 -18.40 -11.20 -46.89
C SER P 153 -19.12 -9.94 -46.45
N GLY P 154 -18.46 -9.02 -45.77
CA GLY P 154 -19.12 -7.82 -45.25
C GLY P 154 -20.09 -8.01 -44.10
N MET P 155 -19.74 -8.80 -43.09
CA MET P 155 -20.64 -9.00 -41.96
C MET P 155 -20.08 -8.41 -40.66
N THR P 156 -21.00 -8.04 -39.76
CA THR P 156 -20.70 -7.67 -38.38
C THR P 156 -20.75 -8.92 -37.49
N LEU P 157 -19.67 -9.19 -36.75
CA LEU P 157 -19.58 -10.43 -35.96
C LEU P 157 -18.99 -10.19 -34.57
N HIS P 158 -19.63 -10.74 -33.53
CA HIS P 158 -19.15 -10.66 -32.14
C HIS P 158 -19.09 -12.07 -31.54
N ILE P 159 -17.96 -12.41 -30.89
CA ILE P 159 -17.67 -13.72 -30.31
C ILE P 159 -17.16 -13.52 -28.87
N ARG P 160 -17.81 -14.16 -27.88
CA ARG P 160 -17.44 -13.93 -26.47
C ARG P 160 -17.51 -15.19 -25.61
N GLN P 161 -16.46 -15.47 -24.83
CA GLN P 161 -16.33 -16.69 -24.02
C GLN P 161 -16.91 -16.48 -22.61
N PHE P 162 -17.74 -17.43 -22.16
CA PHE P 162 -18.34 -17.43 -20.82
C PHE P 162 -17.61 -18.35 -19.82
N SER P 163 -17.06 -19.50 -20.24
CA SER P 163 -16.28 -20.40 -19.40
C SER P 163 -15.51 -21.38 -20.31
N GLY P 164 -14.61 -22.15 -19.71
CA GLY P 164 -13.91 -23.22 -20.42
C GLY P 164 -12.43 -23.30 -20.08
N THR P 165 -11.89 -24.52 -20.19
CA THR P 165 -10.52 -24.88 -19.81
C THR P 165 -9.74 -25.65 -20.91
N ASN P 166 -10.34 -26.66 -21.54
CA ASN P 166 -9.66 -27.46 -22.58
C ASN P 166 -9.68 -26.74 -23.93
N SER P 167 -8.52 -26.69 -24.61
CA SER P 167 -8.39 -25.93 -25.86
C SER P 167 -9.20 -26.53 -27.02
N HIS P 168 -9.22 -27.86 -27.14
CA HIS P 168 -10.05 -28.51 -28.17
C HIS P 168 -11.53 -28.22 -27.95
N HIS P 169 -11.98 -28.20 -26.70
CA HIS P 169 -13.40 -27.94 -26.41
C HIS P 169 -13.79 -26.50 -26.76
N ILE P 170 -12.92 -25.51 -26.48
CA ILE P 170 -13.24 -24.09 -26.71
C ILE P 170 -13.40 -23.77 -28.20
N ILE P 171 -12.49 -24.26 -29.04
CA ILE P 171 -12.56 -23.97 -30.47
C ILE P 171 -13.77 -24.67 -31.12
N GLU P 172 -14.04 -25.93 -30.77
CA GLU P 172 -15.16 -26.65 -31.37
C GLU P 172 -16.51 -26.07 -30.95
N ALA P 173 -16.61 -25.46 -29.77
CA ALA P 173 -17.86 -24.82 -29.36
C ALA P 173 -18.11 -23.50 -30.07
N THR P 174 -17.04 -22.78 -30.44
CA THR P 174 -17.17 -21.59 -31.27
C THR P 174 -17.77 -21.91 -32.63
N PHE P 175 -17.25 -22.95 -33.31
CA PHE P 175 -17.75 -23.34 -34.62
C PHE P 175 -19.18 -23.93 -34.58
N LYS P 176 -19.61 -24.48 -33.44
CA LYS P 176 -20.99 -24.93 -33.31
C LYS P 176 -21.97 -23.76 -33.17
N ALA P 177 -21.66 -22.80 -32.28
CA ALA P 177 -22.53 -21.64 -32.09
C ALA P 177 -22.59 -20.74 -33.34
N PHE P 178 -21.46 -20.55 -34.04
CA PHE P 178 -21.44 -19.80 -35.30
C PHE P 178 -22.37 -20.43 -36.35
N ALA P 179 -22.39 -21.77 -36.43
CA ALA P 179 -23.23 -22.46 -37.41
C ALA P 179 -24.71 -22.24 -37.16
N ARG P 180 -25.14 -22.29 -35.90
CA ARG P 180 -26.55 -22.12 -35.60
C ARG P 180 -27.00 -20.66 -35.74
N ALA P 181 -26.12 -19.70 -35.48
CA ALA P 181 -26.50 -18.30 -35.67
C ALA P 181 -26.54 -17.93 -37.15
N LEU P 182 -25.68 -18.51 -37.98
CA LEU P 182 -25.73 -18.22 -39.41
C LEU P 182 -26.96 -18.84 -40.08
N ARG P 183 -27.39 -20.02 -39.60
CA ARG P 183 -28.60 -20.65 -40.14
C ARG P 183 -29.84 -19.79 -39.88
N GLN P 184 -29.90 -19.14 -38.71
CA GLN P 184 -31.01 -18.27 -38.38
C GLN P 184 -31.08 -17.04 -39.29
N ALA P 185 -29.93 -16.43 -39.60
CA ALA P 185 -29.93 -15.17 -40.32
C ALA P 185 -30.20 -15.32 -41.82
N THR P 186 -29.99 -16.49 -42.41
CA THR P 186 -30.19 -16.70 -43.84
C THR P 186 -31.55 -17.31 -44.18
N GLU P 187 -32.37 -17.65 -43.20
CA GLU P 187 -33.68 -18.22 -43.51
C GLU P 187 -34.72 -17.14 -43.81
N TYR P 188 -35.74 -17.54 -44.59
CA TYR P 188 -36.80 -16.61 -44.98
C TYR P 188 -37.73 -16.30 -43.83
N ASP P 189 -38.03 -15.01 -43.67
CA ASP P 189 -38.94 -14.51 -42.65
C ASP P 189 -40.36 -14.51 -43.20
N THR P 190 -41.12 -15.56 -42.90
CA THR P 190 -42.56 -15.54 -43.12
C THR P 190 -43.17 -14.55 -42.14
N ARG P 191 -43.89 -13.54 -42.65
CA ARG P 191 -44.09 -12.32 -41.90
C ARG P 191 -45.08 -12.49 -40.75
N ARG P 192 -45.18 -11.46 -39.92
CA ARG P 192 -46.09 -11.49 -38.80
C ARG P 192 -47.54 -11.33 -39.25
N ALA Q 9 -51.76 43.70 3.90
CA ALA Q 9 -50.90 42.90 3.03
C ALA Q 9 -49.51 43.53 2.92
N ARG Q 10 -48.49 42.71 3.03
CA ARG Q 10 -47.11 43.17 3.02
C ARG Q 10 -46.58 43.09 1.58
N ILE Q 11 -46.36 44.25 0.97
CA ILE Q 11 -46.02 44.33 -0.45
C ILE Q 11 -44.72 45.10 -0.63
N GLY Q 12 -43.76 44.53 -1.36
CA GLY Q 12 -42.49 45.17 -1.59
C GLY Q 12 -42.21 45.34 -3.08
N GLU Q 13 -41.43 46.38 -3.41
CA GLU Q 13 -41.22 46.84 -4.78
C GLU Q 13 -39.75 47.24 -4.97
N MET Q 14 -39.28 47.23 -6.22
CA MET Q 14 -37.91 47.60 -6.58
C MET Q 14 -37.81 47.83 -8.09
N LYS Q 15 -37.08 48.87 -8.49
CA LYS Q 15 -36.72 49.13 -9.88
C LYS Q 15 -35.24 49.50 -9.95
N ARG Q 16 -34.51 48.91 -10.89
CA ARG Q 16 -33.07 49.13 -11.03
C ARG Q 16 -32.70 49.19 -12.50
N VAL Q 17 -31.99 50.24 -12.91
CA VAL Q 17 -31.54 50.42 -14.29
C VAL Q 17 -30.04 50.69 -14.29
N THR Q 18 -29.29 49.92 -15.08
CA THR Q 18 -27.88 50.17 -15.31
C THR Q 18 -27.59 50.11 -16.80
N LYS Q 19 -26.32 50.22 -17.15
CA LYS Q 19 -25.85 50.12 -18.52
C LYS Q 19 -25.91 48.70 -19.07
N GLU Q 20 -26.20 47.69 -18.25
CA GLU Q 20 -26.37 46.31 -18.70
C GLU Q 20 -27.84 45.88 -18.80
N THR Q 21 -28.68 46.26 -17.84
CA THR Q 21 -30.00 45.65 -17.66
C THR Q 21 -31.03 46.69 -17.22
N ASN Q 22 -32.30 46.31 -17.33
CA ASN Q 22 -33.45 47.08 -16.85
C ASN Q 22 -34.42 46.09 -16.20
N VAL Q 23 -34.73 46.29 -14.90
CA VAL Q 23 -35.44 45.29 -14.08
C VAL Q 23 -36.53 45.96 -13.25
N SER Q 24 -37.74 45.35 -13.23
CA SER Q 24 -38.82 45.70 -12.31
C SER Q 24 -39.40 44.46 -11.61
N VAL Q 25 -39.64 44.56 -10.29
CA VAL Q 25 -40.03 43.40 -9.45
C VAL Q 25 -41.10 43.83 -8.44
N LYS Q 26 -42.09 42.95 -8.19
CA LYS Q 26 -43.10 43.16 -7.14
C LYS Q 26 -43.53 41.85 -6.47
N ILE Q 27 -43.55 41.83 -5.12
CA ILE Q 27 -43.83 40.62 -4.34
C ILE Q 27 -44.88 40.90 -3.25
N ASN Q 28 -45.86 40.00 -3.12
CA ASN Q 28 -46.88 40.04 -2.06
C ASN Q 28 -46.72 38.81 -1.16
N LEU Q 29 -46.53 39.04 0.13
CA LEU Q 29 -46.32 37.93 1.07
C LEU Q 29 -47.62 37.29 1.55
N ASP Q 30 -48.77 37.93 1.32
CA ASP Q 30 -50.05 37.33 1.70
C ASP Q 30 -50.91 37.04 0.49
N GLY Q 31 -50.39 36.29 -0.49
CA GLY Q 31 -51.02 36.17 -1.79
C GLY Q 31 -51.83 34.91 -1.98
N THR Q 32 -52.27 34.70 -3.23
CA THR Q 32 -53.03 33.52 -3.61
C THR Q 32 -52.36 32.69 -4.71
N GLY Q 33 -51.09 32.95 -5.00
CA GLY Q 33 -50.38 32.18 -6.02
C GLY Q 33 -50.52 32.65 -7.45
N VAL Q 34 -50.53 33.96 -7.68
CA VAL Q 34 -50.59 34.53 -9.03
C VAL Q 34 -49.16 34.76 -9.51
N ALA Q 35 -48.85 34.28 -10.72
CA ALA Q 35 -47.50 34.36 -11.29
C ALA Q 35 -47.54 35.06 -12.63
N ASP Q 36 -46.60 35.99 -12.85
CA ASP Q 36 -46.47 36.70 -14.13
C ASP Q 36 -44.99 37.06 -14.32
N ASN Q 37 -44.22 36.13 -14.89
CA ASN Q 37 -42.76 36.20 -14.88
C ASN Q 37 -42.22 36.19 -16.31
N SER Q 38 -41.62 37.30 -16.71
CA SER Q 38 -41.14 37.47 -18.08
C SER Q 38 -39.75 38.12 -17.99
N SER Q 39 -38.76 37.31 -17.68
CA SER Q 39 -37.38 37.73 -17.79
C SER Q 39 -36.91 37.38 -19.20
N GLY Q 40 -35.64 37.59 -19.50
CA GLY Q 40 -35.21 37.09 -20.78
C GLY Q 40 -34.80 35.62 -20.82
N ILE Q 41 -34.96 34.89 -19.73
CA ILE Q 41 -34.36 33.57 -19.54
C ILE Q 41 -35.49 32.57 -19.30
N PRO Q 42 -35.82 31.72 -20.28
CA PRO Q 42 -37.04 30.89 -20.19
C PRO Q 42 -37.05 29.84 -19.09
N PHE Q 43 -35.93 29.19 -18.82
CA PHE Q 43 -35.87 28.20 -17.74
C PHE Q 43 -36.00 28.84 -16.37
N LEU Q 44 -35.47 30.06 -16.18
CA LEU Q 44 -35.63 30.75 -14.91
C LEU Q 44 -37.08 31.18 -14.68
N ASP Q 45 -37.84 31.48 -15.74
CA ASP Q 45 -39.27 31.76 -15.59
C ASP Q 45 -40.03 30.55 -15.04
N HIS Q 46 -39.67 29.34 -15.50
CA HIS Q 46 -40.30 28.11 -15.03
C HIS Q 46 -40.02 27.86 -13.54
N MET Q 47 -38.82 28.21 -13.04
CA MET Q 47 -38.53 28.06 -11.61
C MET Q 47 -39.25 29.11 -10.75
N LEU Q 48 -39.37 30.36 -11.24
CA LEU Q 48 -40.07 31.38 -10.48
C LEU Q 48 -41.56 31.10 -10.35
N ASP Q 49 -42.16 30.35 -11.30
CA ASP Q 49 -43.54 29.93 -11.15
C ASP Q 49 -43.73 28.95 -9.99
N GLN Q 50 -42.69 28.17 -9.65
CA GLN Q 50 -42.78 27.25 -8.52
C GLN Q 50 -42.85 28.02 -7.21
N LEU Q 51 -42.21 29.17 -7.15
CA LEU Q 51 -42.23 29.97 -5.93
C LEU Q 51 -43.62 30.51 -5.65
N ALA Q 52 -44.39 30.83 -6.70
CA ALA Q 52 -45.78 31.23 -6.50
C ALA Q 52 -46.69 30.05 -6.18
N SER Q 53 -46.44 28.90 -6.82
CA SER Q 53 -47.39 27.80 -6.76
C SER Q 53 -47.30 27.02 -5.44
N HIS Q 54 -46.11 26.84 -4.91
CA HIS Q 54 -45.94 26.08 -3.68
C HIS Q 54 -45.77 26.94 -2.44
N GLY Q 55 -45.42 28.21 -2.60
CA GLY Q 55 -45.35 29.09 -1.46
C GLY Q 55 -46.55 30.00 -1.26
N LEU Q 56 -47.42 30.08 -2.27
CA LEU Q 56 -48.62 30.92 -2.31
C LEU Q 56 -48.30 32.43 -2.25
N PHE Q 57 -47.15 32.85 -2.76
CA PHE Q 57 -46.86 34.26 -2.94
C PHE Q 57 -47.40 34.76 -4.29
N ASP Q 58 -47.59 36.08 -4.40
CA ASP Q 58 -47.77 36.73 -5.70
C ASP Q 58 -46.42 37.30 -6.16
N VAL Q 59 -45.99 36.91 -7.37
CA VAL Q 59 -44.66 37.25 -7.87
C VAL Q 59 -44.75 37.80 -9.29
N HIS Q 60 -44.12 38.95 -9.55
CA HIS Q 60 -44.14 39.57 -10.87
C HIS Q 60 -42.75 40.11 -11.23
N VAL Q 61 -42.16 39.64 -12.34
CA VAL Q 61 -40.83 40.05 -12.80
C VAL Q 61 -40.89 40.47 -14.27
N LYS Q 62 -40.27 41.62 -14.60
CA LYS Q 62 -40.06 42.06 -15.98
C LYS Q 62 -38.61 42.51 -16.18
N ALA Q 63 -37.93 41.98 -17.20
CA ALA Q 63 -36.51 42.27 -17.39
C ALA Q 63 -36.08 42.17 -18.85
N THR Q 64 -35.18 43.07 -19.24
CA THR Q 64 -34.44 42.98 -20.50
C THR Q 64 -32.97 43.31 -20.24
N GLY Q 65 -32.07 42.70 -21.01
CA GLY Q 65 -30.65 42.81 -20.76
C GLY Q 65 -29.77 42.53 -21.95
N ASP Q 66 -28.54 42.10 -21.67
CA ASP Q 66 -27.51 41.93 -22.69
C ASP Q 66 -27.20 40.46 -22.94
N THR Q 67 -28.23 39.71 -23.32
CA THR Q 67 -28.11 38.26 -23.42
C THR Q 67 -27.34 37.78 -24.65
N HIS Q 68 -26.83 38.67 -25.51
CA HIS Q 68 -25.96 38.20 -26.58
C HIS Q 68 -24.51 38.02 -26.15
N ILE Q 69 -24.09 38.56 -25.00
CA ILE Q 69 -22.84 38.13 -24.36
C ILE Q 69 -23.09 36.76 -23.72
N ASP Q 70 -23.75 36.72 -22.57
CA ASP Q 70 -24.37 35.50 -22.03
C ASP Q 70 -25.55 35.85 -21.13
N ASP Q 71 -26.00 34.92 -20.31
CA ASP Q 71 -27.11 35.13 -19.38
C ASP Q 71 -26.69 35.63 -17.99
N HIS Q 72 -25.38 35.82 -17.76
CA HIS Q 72 -24.83 36.05 -16.41
C HIS Q 72 -25.31 37.37 -15.80
N HIS Q 73 -25.20 38.49 -16.53
CA HIS Q 73 -25.55 39.78 -15.93
C HIS Q 73 -27.06 39.90 -15.68
N THR Q 74 -27.90 39.36 -16.57
CA THR Q 74 -29.35 39.36 -16.36
C THR Q 74 -29.76 38.47 -15.18
N ASN Q 75 -29.08 37.32 -14.99
CA ASN Q 75 -29.37 36.42 -13.86
C ASN Q 75 -29.01 37.07 -12.52
N GLU Q 76 -27.90 37.79 -12.47
CA GLU Q 76 -27.46 38.46 -11.25
C GLU Q 76 -28.35 39.65 -10.86
N ASP Q 77 -28.73 40.49 -11.83
CA ASP Q 77 -29.50 41.69 -11.49
C ASP Q 77 -30.93 41.37 -11.03
N VAL Q 78 -31.55 40.34 -11.61
CA VAL Q 78 -32.88 39.91 -11.17
C VAL Q 78 -32.85 39.41 -9.73
N ALA Q 79 -31.82 38.62 -9.38
CA ALA Q 79 -31.70 38.07 -8.02
C ALA Q 79 -31.50 39.18 -6.98
N LEU Q 80 -30.70 40.20 -7.29
CA LEU Q 80 -30.52 41.32 -6.38
C LEU Q 80 -31.82 42.08 -6.15
N ALA Q 81 -32.64 42.23 -7.19
CA ALA Q 81 -33.89 42.99 -7.07
C ALA Q 81 -34.90 42.26 -6.18
N ILE Q 82 -34.97 40.93 -6.27
CA ILE Q 82 -35.88 40.14 -5.44
C ILE Q 82 -35.49 40.23 -3.95
N GLY Q 83 -34.19 40.25 -3.64
CA GLY Q 83 -33.77 40.36 -2.25
C GLY Q 83 -34.15 41.68 -1.60
N THR Q 84 -34.02 42.78 -2.35
CA THR Q 84 -34.38 44.11 -1.86
C THR Q 84 -35.89 44.21 -1.59
N ALA Q 85 -36.72 43.69 -2.50
CA ALA Q 85 -38.17 43.76 -2.35
C ALA Q 85 -38.68 42.93 -1.17
N LEU Q 86 -38.02 41.81 -0.88
CA LEU Q 86 -38.39 41.00 0.28
C LEU Q 86 -38.07 41.73 1.58
N LEU Q 87 -36.92 42.41 1.64
CA LEU Q 87 -36.55 43.16 2.85
C LEU Q 87 -37.50 44.34 3.09
N GLN Q 88 -38.02 44.97 2.03
CA GLN Q 88 -38.98 46.05 2.19
C GLN Q 88 -40.36 45.53 2.61
N ALA Q 89 -40.77 44.36 2.11
CA ALA Q 89 -42.05 43.80 2.49
C ALA Q 89 -42.11 43.37 3.96
N LEU Q 90 -40.98 42.95 4.55
CA LEU Q 90 -40.99 42.40 5.90
C LEU Q 90 -41.05 43.47 6.98
N GLY Q 91 -40.34 44.59 6.82
CA GLY Q 91 -40.47 45.69 7.75
C GLY Q 91 -39.89 45.43 9.12
N ASP Q 92 -40.71 45.65 10.14
CA ASP Q 92 -40.27 45.55 11.53
C ASP Q 92 -39.96 44.11 11.94
N ARG Q 93 -40.70 43.14 11.38
CA ARG Q 93 -40.65 41.69 11.66
C ARG Q 93 -41.18 41.34 13.06
N LYS Q 94 -42.23 42.03 13.49
CA LYS Q 94 -42.84 41.77 14.79
C LYS Q 94 -43.86 40.64 14.66
N GLY Q 95 -43.73 39.62 15.51
CA GLY Q 95 -44.74 38.57 15.60
C GLY Q 95 -44.69 37.45 14.59
N ILE Q 96 -43.59 37.27 13.85
CA ILE Q 96 -43.51 36.21 12.85
C ILE Q 96 -42.83 34.97 13.44
N ASN Q 97 -42.92 33.85 12.71
CA ASN Q 97 -42.28 32.60 13.13
C ASN Q 97 -40.75 32.68 13.06
N ARG Q 98 -40.22 33.38 12.06
CA ARG Q 98 -38.81 33.71 11.83
C ARG Q 98 -37.95 32.53 11.33
N PHE Q 99 -38.29 31.28 11.63
CA PHE Q 99 -37.54 30.09 11.19
C PHE Q 99 -38.41 29.20 10.28
N GLY Q 100 -37.78 28.48 9.35
CA GLY Q 100 -38.47 27.54 8.48
C GLY Q 100 -37.60 26.38 8.05
N ASN Q 101 -38.24 25.24 7.75
CA ASN Q 101 -37.55 23.95 7.58
C ASN Q 101 -38.42 22.97 6.79
N PHE Q 102 -37.88 22.35 5.72
CA PHE Q 102 -38.65 21.41 4.89
C PHE Q 102 -37.75 20.58 3.96
N SER Q 103 -38.16 19.32 3.71
CA SER Q 103 -37.53 18.45 2.70
C SER Q 103 -38.53 18.00 1.64
N ALA Q 104 -38.16 18.09 0.36
CA ALA Q 104 -39.06 17.84 -0.78
C ALA Q 104 -38.49 16.95 -1.89
N PRO Q 105 -39.23 15.93 -2.32
CA PRO Q 105 -38.75 15.07 -3.43
C PRO Q 105 -39.34 15.38 -4.80
N LEU Q 106 -38.66 14.93 -5.86
CA LEU Q 106 -39.21 14.87 -7.22
C LEU Q 106 -38.62 13.63 -7.89
N ASP Q 107 -39.43 12.56 -7.98
CA ASP Q 107 -39.01 11.20 -8.34
C ASP Q 107 -37.83 10.74 -7.48
N GLU Q 108 -36.65 10.53 -8.07
CA GLU Q 108 -35.48 10.00 -7.36
C GLU Q 108 -34.63 11.07 -6.66
N ALA Q 109 -34.94 12.36 -6.80
CA ALA Q 109 -34.19 13.42 -6.12
C ALA Q 109 -34.84 13.80 -4.79
N LEU Q 110 -34.01 14.31 -3.85
CA LEU Q 110 -34.46 14.82 -2.55
C LEU Q 110 -33.47 15.84 -1.98
N VAL Q 111 -33.99 17.01 -1.55
CA VAL Q 111 -33.22 18.16 -1.07
C VAL Q 111 -33.82 18.68 0.26
N HIS Q 112 -32.96 19.04 1.22
CA HIS Q 112 -33.30 19.54 2.55
C HIS Q 112 -32.92 21.02 2.66
N VAL Q 113 -33.83 21.87 3.18
CA VAL Q 113 -33.64 23.32 3.29
C VAL Q 113 -33.98 23.80 4.70
N SER Q 114 -33.11 24.62 5.31
CA SER Q 114 -33.50 25.40 6.50
C SER Q 114 -32.90 26.82 6.48
N LEU Q 115 -33.66 27.78 7.03
CA LEU Q 115 -33.33 29.21 6.94
C LEU Q 115 -33.77 29.96 8.19
N ASP Q 116 -33.24 31.19 8.36
CA ASP Q 116 -33.55 32.06 9.49
C ASP Q 116 -33.43 33.51 9.06
N LEU Q 117 -34.49 34.30 9.32
CA LEU Q 117 -34.56 35.69 8.85
C LEU Q 117 -33.90 36.60 9.90
N SER Q 118 -32.58 36.63 9.87
CA SER Q 118 -31.77 37.08 10.99
C SER Q 118 -31.22 38.50 10.87
N GLY Q 119 -30.98 39.00 9.67
CA GLY Q 119 -30.20 40.20 9.47
C GLY Q 119 -28.73 39.96 9.21
N ARG Q 120 -28.28 38.71 9.21
CA ARG Q 120 -26.87 38.34 8.98
C ARG Q 120 -26.81 37.42 7.75
N PRO Q 121 -26.17 37.85 6.65
CA PRO Q 121 -26.14 37.03 5.43
C PRO Q 121 -25.13 35.89 5.48
N HIS Q 122 -25.54 34.71 5.00
CA HIS Q 122 -24.66 33.56 4.86
C HIS Q 122 -25.30 32.50 3.96
N LEU Q 123 -24.51 31.88 3.09
CA LEU Q 123 -24.96 30.78 2.26
C LEU Q 123 -24.10 29.53 2.46
N GLY Q 124 -24.73 28.41 2.76
CA GLY Q 124 -24.12 27.09 2.68
C GLY Q 124 -24.73 26.26 1.57
N TYR Q 125 -23.93 25.86 0.58
CA TYR Q 125 -24.40 25.27 -0.67
C TYR Q 125 -23.71 23.95 -0.91
N ASP Q 126 -24.49 22.89 -1.10
CA ASP Q 126 -23.98 21.54 -1.20
C ASP Q 126 -24.85 20.72 -2.17
N LEU Q 127 -24.73 21.01 -3.45
CA LEU Q 127 -25.42 20.29 -4.52
C LEU Q 127 -24.40 19.70 -5.49
N ASN Q 128 -24.79 18.68 -6.22
CA ASN Q 128 -23.90 18.03 -7.18
C ASN Q 128 -24.64 17.82 -8.51
N ILE Q 129 -24.56 18.80 -9.40
CA ILE Q 129 -25.34 18.82 -10.64
C ILE Q 129 -24.49 18.22 -11.75
N PRO Q 130 -24.90 17.11 -12.36
CA PRO Q 130 -24.00 16.31 -13.21
C PRO Q 130 -23.83 16.71 -14.67
N THR Q 131 -24.55 17.70 -15.22
CA THR Q 131 -24.32 18.18 -16.58
C THR Q 131 -24.08 19.69 -16.58
N GLN Q 132 -23.62 20.21 -17.72
CA GLN Q 132 -23.23 21.63 -17.80
C GLN Q 132 -24.37 22.53 -18.30
N ARG Q 133 -25.33 22.00 -19.04
CA ARG Q 133 -26.45 22.76 -19.59
C ARG Q 133 -27.75 21.97 -19.42
N VAL Q 134 -28.85 22.66 -19.12
CA VAL Q 134 -30.13 21.95 -19.02
C VAL Q 134 -30.87 22.12 -20.35
N GLY Q 135 -31.20 23.34 -20.72
CA GLY Q 135 -31.61 23.59 -22.09
C GLY Q 135 -30.61 24.53 -22.72
N LYS Q 136 -30.92 25.82 -22.75
CA LYS Q 136 -29.89 26.83 -22.99
C LYS Q 136 -29.27 27.39 -21.70
N TYR Q 137 -29.78 27.03 -20.51
CA TYR Q 137 -29.38 27.62 -19.23
C TYR Q 137 -28.10 26.98 -18.67
N ASP Q 138 -27.16 27.81 -18.26
CA ASP Q 138 -25.87 27.39 -17.69
C ASP Q 138 -26.02 27.02 -16.22
N THR Q 139 -25.50 25.85 -15.81
CA THR Q 139 -25.78 25.31 -14.48
C THR Q 139 -24.96 25.92 -13.33
N GLN Q 140 -23.85 26.64 -13.60
CA GLN Q 140 -23.18 27.42 -12.56
C GLN Q 140 -24.01 28.62 -12.08
N LEU Q 141 -25.06 29.01 -12.80
CA LEU Q 141 -25.85 30.18 -12.40
C LEU Q 141 -26.85 29.88 -11.28
N VAL Q 142 -27.08 28.60 -10.94
CA VAL Q 142 -27.96 28.26 -9.81
C VAL Q 142 -27.35 28.75 -8.50
N GLU Q 143 -26.06 28.48 -8.29
CA GLU Q 143 -25.39 28.95 -7.08
C GLU Q 143 -25.25 30.48 -7.04
N HIS Q 144 -25.02 31.13 -8.19
CA HIS Q 144 -24.89 32.58 -8.21
C HIS Q 144 -26.24 33.27 -7.89
N PHE Q 145 -27.35 32.64 -8.27
CA PHE Q 145 -28.68 33.20 -7.98
C PHE Q 145 -28.93 33.30 -6.47
N PHE Q 146 -28.66 32.21 -5.73
CA PHE Q 146 -28.92 32.18 -4.31
C PHE Q 146 -27.94 33.06 -3.51
N GLN Q 147 -26.70 33.23 -3.97
CA GLN Q 147 -25.74 34.09 -3.27
C GLN Q 147 -26.10 35.57 -3.37
N SER Q 148 -26.58 36.02 -4.54
CA SER Q 148 -27.06 37.40 -4.67
C SER Q 148 -28.35 37.66 -3.87
N LEU Q 149 -29.23 36.67 -3.75
CA LEU Q 149 -30.47 36.84 -2.99
C LEU Q 149 -30.21 37.00 -1.49
N VAL Q 150 -29.28 36.22 -0.91
CA VAL Q 150 -29.05 36.38 0.52
C VAL Q 150 -28.26 37.66 0.85
N ASN Q 151 -27.51 38.24 -0.09
CA ASN Q 151 -26.73 39.44 0.22
C ASN Q 151 -27.62 40.68 0.35
N THR Q 152 -28.68 40.81 -0.45
CA THR Q 152 -29.54 41.97 -0.31
C THR Q 152 -30.64 41.78 0.73
N SER Q 153 -31.10 40.56 0.98
CA SER Q 153 -32.15 40.32 1.97
C SER Q 153 -31.64 40.11 3.39
N GLY Q 154 -30.38 39.76 3.58
CA GLY Q 154 -29.86 39.48 4.91
C GLY Q 154 -30.34 38.22 5.59
N MET Q 155 -30.40 37.09 4.89
CA MET Q 155 -30.86 35.85 5.52
C MET Q 155 -29.74 34.81 5.61
N THR Q 156 -29.86 33.93 6.61
CA THR Q 156 -29.05 32.73 6.76
C THR Q 156 -29.72 31.55 6.03
N LEU Q 157 -29.00 30.90 5.12
CA LEU Q 157 -29.60 29.84 4.29
C LEU Q 157 -28.68 28.63 4.13
N HIS Q 158 -29.23 27.43 4.32
CA HIS Q 158 -28.50 26.16 4.14
C HIS Q 158 -29.28 25.24 3.20
N ILE Q 159 -28.60 24.66 2.19
CA ILE Q 159 -29.17 23.81 1.15
C ILE Q 159 -28.32 22.53 1.03
N ARG Q 160 -28.94 21.35 1.16
CA ARG Q 160 -28.18 20.09 1.16
C ARG Q 160 -28.88 18.94 0.44
N GLN Q 161 -28.17 18.24 -0.45
CA GLN Q 161 -28.73 17.18 -1.29
C GLN Q 161 -28.61 15.80 -0.62
N PHE Q 162 -29.71 15.05 -0.60
CA PHE Q 162 -29.77 13.68 -0.06
C PHE Q 162 -29.66 12.58 -1.12
N SER Q 163 -30.21 12.77 -2.33
CA SER Q 163 -30.10 11.83 -3.45
C SER Q 163 -30.50 12.55 -4.75
N GLY Q 164 -30.28 11.89 -5.87
CA GLY Q 164 -30.74 12.39 -7.17
C GLY Q 164 -29.72 12.21 -8.28
N THR Q 165 -30.23 12.07 -9.51
CA THR Q 165 -29.47 11.77 -10.73
C THR Q 165 -29.77 12.74 -11.90
N ASN Q 166 -31.04 13.03 -12.20
CA ASN Q 166 -31.41 13.90 -13.33
C ASN Q 166 -31.26 15.38 -12.94
N SER Q 167 -30.63 16.18 -13.82
CA SER Q 167 -30.33 17.59 -13.51
C SER Q 167 -31.59 18.46 -13.42
N HIS Q 168 -32.56 18.25 -14.30
CA HIS Q 168 -33.83 18.98 -14.22
C HIS Q 168 -34.57 18.67 -12.92
N HIS Q 169 -34.53 17.43 -12.47
CA HIS Q 169 -35.22 17.06 -11.23
C HIS Q 169 -34.57 17.70 -9.99
N ILE Q 170 -33.23 17.77 -9.95
CA ILE Q 170 -32.51 18.30 -8.78
C ILE Q 170 -32.78 19.80 -8.58
N ILE Q 171 -32.73 20.59 -9.65
CA ILE Q 171 -32.94 22.03 -9.52
C ILE Q 171 -34.40 22.35 -9.16
N GLU Q 172 -35.37 21.67 -9.78
CA GLU Q 172 -36.78 21.94 -9.49
C GLU Q 172 -37.17 21.53 -8.08
N ALA Q 173 -36.50 20.53 -7.49
CA ALA Q 173 -36.79 20.15 -6.11
C ALA Q 173 -36.22 21.13 -5.10
N THR Q 174 -35.10 21.79 -5.43
CA THR Q 174 -34.56 22.86 -4.60
C THR Q 174 -35.55 24.03 -4.49
N PHE Q 175 -36.09 24.48 -5.64
CA PHE Q 175 -37.04 25.60 -5.64
C PHE Q 175 -38.39 25.25 -4.99
N LYS Q 176 -38.78 23.97 -4.94
CA LYS Q 176 -39.97 23.57 -4.22
C LYS Q 176 -39.78 23.62 -2.70
N ALA Q 177 -38.67 23.03 -2.21
CA ALA Q 177 -38.39 23.03 -0.77
C ALA Q 177 -38.14 24.44 -0.22
N PHE Q 178 -37.42 25.30 -0.99
CA PHE Q 178 -37.21 26.69 -0.60
C PHE Q 178 -38.54 27.44 -0.44
N ALA Q 179 -39.51 27.19 -1.33
CA ALA Q 179 -40.81 27.88 -1.26
C ALA Q 179 -41.58 27.52 0.00
N ARG Q 180 -41.58 26.25 0.39
CA ARG Q 180 -42.33 25.83 1.56
C ARG Q 180 -41.65 26.28 2.86
N ALA Q 181 -40.32 26.36 2.88
CA ALA Q 181 -39.64 26.85 4.09
C ALA Q 181 -39.79 28.36 4.24
N LEU Q 182 -39.84 29.12 3.14
CA LEU Q 182 -40.04 30.56 3.26
C LEU Q 182 -41.46 30.91 3.68
N ARG Q 183 -42.45 30.11 3.25
CA ARG Q 183 -43.84 30.34 3.67
C ARG Q 183 -44.00 30.16 5.18
N GLN Q 184 -43.29 29.19 5.76
CA GLN Q 184 -43.34 28.95 7.19
C GLN Q 184 -42.76 30.12 7.99
N ALA Q 185 -41.65 30.70 7.54
CA ALA Q 185 -40.95 31.71 8.32
C ALA Q 185 -41.62 33.08 8.29
N THR Q 186 -42.45 33.39 7.29
CA THR Q 186 -43.10 34.69 7.18
C THR Q 186 -44.52 34.72 7.74
N GLU Q 187 -45.06 33.59 8.20
CA GLU Q 187 -46.41 33.60 8.75
C GLU Q 187 -46.43 34.04 10.21
N TYR Q 188 -47.59 34.57 10.63
CA TYR Q 188 -47.75 35.06 12.00
C TYR Q 188 -47.86 33.92 12.99
N ASP Q 189 -47.12 34.05 14.08
CA ASP Q 189 -47.12 33.08 15.18
C ASP Q 189 -48.21 33.45 16.18
N THR Q 190 -49.38 32.82 16.05
CA THR Q 190 -50.38 32.87 17.11
C THR Q 190 -49.85 32.10 18.32
N ARG Q 191 -49.77 32.77 19.47
CA ARG Q 191 -48.84 32.32 20.51
C ARG Q 191 -49.34 31.06 21.21
N ARG Q 192 -48.48 30.50 22.05
CA ARG Q 192 -48.82 29.31 22.79
C ARG Q 192 -49.80 29.62 23.93
N ALA R 9 64.06 -21.97 4.02
CA ALA R 9 62.72 -22.04 4.56
C ALA R 9 62.41 -20.78 5.37
N ARG R 10 61.23 -20.23 5.16
CA ARG R 10 60.80 -18.99 5.79
C ARG R 10 60.04 -19.32 7.07
N ILE R 11 60.66 -19.03 8.23
CA ILE R 11 60.12 -19.44 9.52
C ILE R 11 59.95 -18.22 10.42
N GLY R 12 58.76 -18.06 11.00
CA GLY R 12 58.47 -16.95 11.88
C GLY R 12 58.03 -17.41 13.25
N GLU R 13 58.32 -16.58 14.27
CA GLU R 13 58.16 -16.93 15.67
C GLU R 13 57.61 -15.73 16.45
N MET R 14 56.98 -15.99 17.60
CA MET R 14 56.41 -14.96 18.47
C MET R 14 56.10 -15.55 19.85
N LYS R 15 56.38 -14.79 20.91
CA LYS R 15 55.99 -15.11 22.28
C LYS R 15 55.44 -13.86 22.94
N ARG R 16 54.30 -13.98 23.61
CA ARG R 16 53.63 -12.84 24.25
C ARG R 16 53.05 -13.27 25.59
N VAL R 17 53.35 -12.53 26.65
CA VAL R 17 52.85 -12.80 27.99
C VAL R 17 52.22 -11.53 28.56
N THR R 18 50.98 -11.63 29.02
CA THR R 18 50.33 -10.55 29.74
C THR R 18 49.70 -11.10 31.01
N LYS R 19 48.97 -10.23 31.71
CA LYS R 19 48.24 -10.60 32.92
C LYS R 19 47.01 -11.46 32.64
N GLU R 20 46.62 -11.65 31.38
CA GLU R 20 45.51 -12.53 31.01
C GLU R 20 45.97 -13.88 30.46
N THR R 21 47.01 -13.91 29.63
CA THR R 21 47.32 -15.08 28.79
C THR R 21 48.83 -15.27 28.67
N ASN R 22 49.22 -16.46 28.20
CA ASN R 22 50.59 -16.83 27.87
C ASN R 22 50.55 -17.63 26.57
N VAL R 23 51.24 -17.15 25.52
CA VAL R 23 51.09 -17.66 24.15
C VAL R 23 52.46 -17.85 23.49
N SER R 24 52.66 -19.00 22.83
CA SER R 24 53.80 -19.25 21.94
C SER R 24 53.36 -19.82 20.59
N VAL R 25 53.94 -19.31 19.48
CA VAL R 25 53.50 -19.63 18.11
C VAL R 25 54.71 -19.80 17.20
N LYS R 26 54.65 -20.77 16.27
CA LYS R 26 55.68 -20.96 15.23
C LYS R 26 55.09 -21.45 13.91
N ILE R 27 55.47 -20.80 12.78
CA ILE R 27 54.91 -21.07 11.46
C ILE R 27 56.02 -21.24 10.41
N ASN R 28 55.90 -22.28 9.57
CA ASN R 28 56.80 -22.53 8.44
C ASN R 28 56.01 -22.42 7.14
N LEU R 29 56.45 -21.53 6.24
CA LEU R 29 55.74 -21.31 4.98
C LEU R 29 56.10 -22.33 3.90
N ASP R 30 57.17 -23.10 4.08
CA ASP R 30 57.53 -24.13 3.11
C ASP R 30 57.44 -25.52 3.71
N GLY R 31 56.29 -25.89 4.28
CA GLY R 31 56.17 -27.07 5.11
C GLY R 31 55.59 -28.28 4.39
N THR R 32 55.32 -29.32 5.19
CA THR R 32 54.71 -30.55 4.69
C THR R 32 53.38 -30.89 5.37
N GLY R 33 52.79 -29.95 6.09
CA GLY R 33 51.51 -30.19 6.74
C GLY R 33 51.55 -30.85 8.11
N VAL R 34 52.50 -30.48 8.95
CA VAL R 34 52.59 -30.98 10.32
C VAL R 34 51.84 -30.03 11.24
N ALA R 35 50.95 -30.57 12.07
CA ALA R 35 50.10 -29.78 12.96
C ALA R 35 50.28 -30.21 14.40
N ASP R 36 50.42 -29.25 15.31
CA ASP R 36 50.54 -29.52 16.75
C ASP R 36 49.94 -28.32 17.51
N ASN R 37 48.63 -28.36 17.72
CA ASN R 37 47.86 -27.19 18.16
C ASN R 37 47.16 -27.49 19.48
N SER R 38 47.57 -26.80 20.53
CA SER R 38 47.04 -27.04 21.87
C SER R 38 46.80 -25.68 22.52
N SER R 39 45.71 -25.06 22.15
CA SER R 39 45.23 -23.88 22.84
C SER R 39 44.29 -24.35 23.94
N GLY R 40 43.66 -23.43 24.65
CA GLY R 40 42.66 -23.92 25.58
C GLY R 40 41.29 -24.17 24.99
N ILE R 41 41.11 -24.03 23.68
CA ILE R 41 39.80 -23.97 23.04
C ILE R 41 39.72 -25.09 22.02
N PRO R 42 38.97 -26.17 22.31
CA PRO R 42 39.03 -27.39 21.47
C PRO R 42 38.53 -27.24 20.04
N PHE R 43 37.47 -26.47 19.81
CA PHE R 43 36.97 -26.25 18.45
C PHE R 43 37.94 -25.43 17.62
N LEU R 44 38.64 -24.46 18.21
CA LEU R 44 39.63 -23.69 17.48
C LEU R 44 40.84 -24.54 17.09
N ASP R 45 41.19 -25.55 17.90
CA ASP R 45 42.26 -26.49 17.51
C ASP R 45 41.89 -27.26 16.24
N HIS R 46 40.62 -27.66 16.11
CA HIS R 46 40.14 -28.38 14.93
C HIS R 46 40.22 -27.51 13.66
N MET R 47 39.96 -26.20 13.78
CA MET R 47 40.09 -25.31 12.61
C MET R 47 41.55 -25.04 12.24
N LEU R 48 42.45 -24.91 13.22
CA LEU R 48 43.86 -24.70 12.92
C LEU R 48 44.51 -25.90 12.25
N ASP R 49 43.99 -27.12 12.47
CA ASP R 49 44.47 -28.28 11.74
C ASP R 49 44.14 -28.21 10.26
N GLN R 50 43.05 -27.53 9.88
CA GLN R 50 42.71 -27.38 8.47
C GLN R 50 43.72 -26.49 7.77
N LEU R 51 44.28 -25.52 8.48
CA LEU R 51 45.26 -24.63 7.88
C LEU R 51 46.54 -25.37 7.52
N ALA R 52 46.91 -26.37 8.33
CA ALA R 52 48.06 -27.21 7.96
C ALA R 52 47.74 -28.20 6.85
N SER R 53 46.52 -28.76 6.88
CA SER R 53 46.21 -29.88 6.00
C SER R 53 45.93 -29.45 4.56
N HIS R 54 45.27 -28.32 4.37
CA HIS R 54 44.93 -27.86 3.03
C HIS R 54 45.86 -26.78 2.50
N GLY R 55 46.61 -26.11 3.37
CA GLY R 55 47.58 -25.15 2.89
C GLY R 55 49.02 -25.65 2.85
N LEU R 56 49.28 -26.80 3.47
CA LEU R 56 50.60 -27.44 3.58
C LEU R 56 51.60 -26.60 4.38
N PHE R 57 51.15 -25.79 5.33
CA PHE R 57 52.04 -25.12 6.27
C PHE R 57 52.34 -26.03 7.47
N ASP R 58 53.44 -25.74 8.16
CA ASP R 58 53.69 -26.29 9.50
C ASP R 58 53.24 -25.26 10.55
N VAL R 59 52.36 -25.67 11.46
CA VAL R 59 51.73 -24.76 12.42
C VAL R 59 51.81 -25.34 13.83
N HIS R 60 52.28 -24.54 14.79
CA HIS R 60 52.40 -24.99 16.19
C HIS R 60 51.95 -23.88 17.14
N VAL R 61 50.94 -24.16 17.98
CA VAL R 61 50.38 -23.19 18.94
C VAL R 61 50.32 -23.81 20.34
N LYS R 62 50.78 -23.07 21.36
CA LYS R 62 50.61 -23.43 22.76
C LYS R 62 50.10 -22.23 23.57
N ALA R 63 49.02 -22.41 24.33
CA ALA R 63 48.39 -21.29 25.03
C ALA R 63 47.67 -21.73 26.30
N THR R 64 47.75 -20.88 27.33
CA THR R 64 46.91 -20.97 28.52
C THR R 64 46.42 -19.56 28.89
N GLY R 65 45.23 -19.48 29.47
CA GLY R 65 44.59 -18.20 29.72
C GLY R 65 43.54 -18.22 30.81
N ASP R 66 42.60 -17.28 30.71
CA ASP R 66 41.60 -17.06 31.75
C ASP R 66 40.21 -17.50 31.31
N THR R 67 40.09 -18.77 30.95
CA THR R 67 38.87 -19.27 30.34
C THR R 67 37.71 -19.47 31.32
N HIS R 68 37.88 -19.17 32.61
CA HIS R 68 36.73 -19.20 33.50
C HIS R 68 35.89 -17.92 33.47
N ILE R 69 36.41 -16.82 32.92
CA ILE R 69 35.56 -15.68 32.53
C ILE R 69 34.81 -16.08 31.26
N ASP R 70 35.48 -16.03 30.10
CA ASP R 70 35.02 -16.70 28.88
C ASP R 70 36.21 -17.04 27.99
N ASP R 71 35.97 -17.32 26.71
CA ASP R 71 37.02 -17.64 25.75
C ASP R 71 37.57 -16.44 24.98
N HIS R 72 37.05 -15.22 25.26
CA HIS R 72 37.31 -14.03 24.43
C HIS R 72 38.78 -13.61 24.45
N HIS R 73 39.38 -13.47 25.65
CA HIS R 73 40.75 -12.95 25.70
C HIS R 73 41.76 -13.95 25.14
N THR R 74 41.55 -15.26 25.35
CA THR R 74 42.42 -16.29 24.77
C THR R 74 42.29 -16.35 23.24
N ASN R 75 41.07 -16.16 22.70
CA ASN R 75 40.85 -16.15 21.25
C ASN R 75 41.54 -14.96 20.58
N GLU R 76 41.49 -13.80 21.21
CA GLU R 76 42.12 -12.59 20.67
C GLU R 76 43.65 -12.64 20.70
N ASP R 77 44.25 -13.11 21.80
CA ASP R 77 45.71 -13.08 21.91
C ASP R 77 46.38 -14.09 20.97
N VAL R 78 45.76 -15.25 20.75
CA VAL R 78 46.30 -16.23 19.80
C VAL R 78 46.29 -15.67 18.37
N ALA R 79 45.21 -15.00 17.99
CA ALA R 79 45.10 -14.43 16.63
C ALA R 79 46.15 -13.33 16.39
N LEU R 80 46.41 -12.48 17.39
CA LEU R 80 47.44 -11.46 17.26
C LEU R 80 48.82 -12.07 17.08
N ALA R 81 49.11 -13.18 17.78
CA ALA R 81 50.42 -13.80 17.70
C ALA R 81 50.67 -14.43 16.32
N ILE R 82 49.65 -15.02 15.71
CA ILE R 82 49.79 -15.61 14.37
C ILE R 82 50.05 -14.53 13.31
N GLY R 83 49.43 -13.35 13.44
CA GLY R 83 49.68 -12.28 12.48
C GLY R 83 51.11 -11.76 12.50
N THR R 84 51.67 -11.63 13.70
CA THR R 84 53.05 -11.16 13.86
C THR R 84 54.05 -12.16 13.27
N ALA R 85 53.85 -13.45 13.51
CA ALA R 85 54.76 -14.49 13.01
C ALA R 85 54.73 -14.61 11.49
N LEU R 86 53.57 -14.37 10.88
CA LEU R 86 53.47 -14.38 9.42
C LEU R 86 54.23 -13.20 8.81
N LEU R 87 54.14 -12.02 9.43
CA LEU R 87 54.86 -10.85 8.92
C LEU R 87 56.38 -11.02 9.05
N GLN R 88 56.86 -11.72 10.08
CA GLN R 88 58.29 -11.98 10.22
C GLN R 88 58.77 -13.04 9.23
N ALA R 89 57.94 -14.05 8.93
CA ALA R 89 58.33 -15.07 7.97
C ALA R 89 58.44 -14.55 6.54
N LEU R 90 57.65 -13.53 6.18
CA LEU R 90 57.61 -13.06 4.79
C LEU R 90 58.78 -12.16 4.42
N GLY R 91 59.21 -11.27 5.32
CA GLY R 91 60.42 -10.49 5.08
C GLY R 91 60.28 -9.45 3.99
N ASP R 92 61.20 -9.50 3.03
CA ASP R 92 61.26 -8.49 1.97
C ASP R 92 60.09 -8.59 1.00
N ARG R 93 59.59 -9.82 0.76
CA ARG R 93 58.50 -10.17 -0.18
C ARG R 93 58.93 -10.02 -1.65
N LYS R 94 60.17 -10.36 -1.95
CA LYS R 94 60.68 -10.29 -3.32
C LYS R 94 60.33 -11.57 -4.07
N GLY R 95 59.71 -11.43 -5.24
CA GLY R 95 59.48 -12.56 -6.12
C GLY R 95 58.28 -13.45 -5.84
N ILE R 96 57.32 -13.04 -5.02
CA ILE R 96 56.17 -13.87 -4.71
C ILE R 96 54.99 -13.51 -5.62
N ASN R 97 53.96 -14.37 -5.62
CA ASN R 97 52.75 -14.13 -6.40
C ASN R 97 51.94 -12.94 -5.87
N ARG R 98 51.91 -12.76 -4.55
CA ARG R 98 51.30 -11.66 -3.80
C ARG R 98 49.76 -11.68 -3.73
N PHE R 99 49.06 -12.26 -4.71
CA PHE R 99 47.59 -12.35 -4.73
C PHE R 99 47.12 -13.81 -4.68
N GLY R 100 45.95 -14.06 -4.10
CA GLY R 100 45.36 -15.39 -4.05
C GLY R 100 43.84 -15.37 -4.04
N ASN R 101 43.23 -16.44 -4.55
CA ASN R 101 41.79 -16.48 -4.86
C ASN R 101 41.28 -17.91 -4.95
N PHE R 102 40.20 -18.26 -4.23
CA PHE R 102 39.66 -19.63 -4.24
C PHE R 102 38.24 -19.71 -3.64
N SER R 103 37.42 -20.63 -4.18
CA SER R 103 36.10 -20.96 -3.61
C SER R 103 36.01 -22.45 -3.26
N ALA R 104 35.51 -22.76 -2.06
CA ALA R 104 35.50 -24.14 -1.52
C ALA R 104 34.17 -24.58 -0.89
N PRO R 105 33.66 -25.76 -1.26
CA PRO R 105 32.41 -26.26 -0.65
C PRO R 105 32.59 -27.30 0.46
N LEU R 106 31.56 -27.47 1.29
CA LEU R 106 31.44 -28.59 2.22
C LEU R 106 29.94 -28.94 2.32
N ASP R 107 29.54 -30.01 1.62
CA ASP R 107 28.14 -30.38 1.36
C ASP R 107 27.37 -29.21 0.76
N GLU R 108 26.38 -28.65 1.47
CA GLU R 108 25.52 -27.59 0.96
C GLU R 108 26.07 -26.17 1.15
N ALA R 109 27.21 -26.00 1.83
CA ALA R 109 27.81 -24.68 2.02
C ALA R 109 28.85 -24.37 0.94
N LEU R 110 29.05 -23.07 0.66
CA LEU R 110 30.06 -22.57 -0.28
C LEU R 110 30.47 -21.13 0.05
N VAL R 111 31.80 -20.88 0.14
CA VAL R 111 32.40 -19.60 0.54
C VAL R 111 33.52 -19.21 -0.45
N HIS R 112 33.59 -17.92 -0.81
CA HIS R 112 34.55 -17.34 -1.74
C HIS R 112 35.53 -16.43 -0.99
N VAL R 113 36.84 -16.56 -1.24
CA VAL R 113 37.90 -15.81 -0.55
C VAL R 113 38.86 -15.19 -1.57
N SER R 114 39.19 -13.89 -1.40
CA SER R 114 40.35 -13.31 -2.09
C SER R 114 41.12 -12.32 -1.20
N LEU R 115 42.44 -12.28 -1.38
CA LEU R 115 43.34 -11.53 -0.50
C LEU R 115 44.54 -10.96 -1.26
N ASP R 116 45.24 -10.00 -0.64
CA ASP R 116 46.41 -9.35 -1.22
C ASP R 116 47.36 -8.93 -0.10
N LEU R 117 48.64 -9.33 -0.22
CA LEU R 117 49.63 -9.09 0.84
C LEU R 117 50.27 -7.71 0.62
N SER R 118 49.54 -6.68 1.04
CA SER R 118 49.76 -5.32 0.58
C SER R 118 50.53 -4.42 1.54
N GLY R 119 50.44 -4.65 2.85
CA GLY R 119 50.88 -3.70 3.84
C GLY R 119 49.80 -2.76 4.34
N ARG R 120 48.58 -2.88 3.84
CA ARG R 120 47.44 -2.04 4.24
C ARG R 120 46.34 -2.95 4.81
N PRO R 121 46.00 -2.85 6.10
CA PRO R 121 45.00 -3.74 6.70
C PRO R 121 43.56 -3.35 6.38
N HIS R 122 42.74 -4.36 6.06
CA HIS R 122 41.30 -4.18 5.85
C HIS R 122 40.59 -5.52 5.87
N LEU R 123 39.41 -5.57 6.49
CA LEU R 123 38.57 -6.77 6.49
C LEU R 123 37.18 -6.46 5.95
N GLY R 124 36.74 -7.22 4.96
CA GLY R 124 35.35 -7.28 4.54
C GLY R 124 34.72 -8.62 4.86
N TYR R 125 33.68 -8.65 5.69
CA TYR R 125 33.13 -9.86 6.29
C TYR R 125 31.64 -9.94 6.02
N ASP R 126 31.21 -11.04 5.42
CA ASP R 126 29.84 -11.20 4.96
C ASP R 126 29.41 -12.67 5.10
N LEU R 127 29.20 -13.11 6.33
CA LEU R 127 28.72 -14.46 6.64
C LEU R 127 27.42 -14.37 7.43
N ASN R 128 26.63 -15.43 7.40
CA ASN R 128 25.36 -15.46 8.12
C ASN R 128 25.23 -16.77 8.89
N ILE R 129 25.70 -16.79 10.13
CA ILE R 129 25.80 -18.01 10.94
C ILE R 129 24.53 -18.13 11.78
N PRO R 130 23.73 -19.17 11.61
CA PRO R 130 22.36 -19.20 12.16
C PRO R 130 22.17 -19.65 13.60
N THR R 131 23.18 -20.12 14.34
CA THR R 131 23.04 -20.43 15.76
C THR R 131 24.08 -19.69 16.58
N GLN R 132 23.91 -19.69 17.90
CA GLN R 132 24.78 -18.91 18.78
C GLN R 132 25.98 -19.70 19.33
N ARG R 133 25.88 -21.02 19.40
CA ARG R 133 26.94 -21.89 19.91
C ARG R 133 27.10 -23.11 19.01
N VAL R 134 28.34 -23.56 18.80
CA VAL R 134 28.53 -24.77 18.00
C VAL R 134 28.71 -25.95 18.95
N GLY R 135 29.73 -25.94 19.78
CA GLY R 135 29.77 -26.85 20.91
C GLY R 135 29.76 -26.03 22.18
N LYS R 136 30.93 -25.80 22.76
CA LYS R 136 31.08 -24.74 23.75
C LYS R 136 31.53 -23.40 23.15
N TYR R 137 31.87 -23.34 21.86
CA TYR R 137 32.48 -22.16 21.22
C TYR R 137 31.42 -21.13 20.80
N ASP R 138 31.65 -19.87 21.16
CA ASP R 138 30.77 -18.74 20.85
C ASP R 138 30.98 -18.26 19.41
N THR R 139 29.90 -18.09 18.64
CA THR R 139 30.01 -17.84 17.20
C THR R 139 30.35 -16.39 16.80
N GLN R 140 30.22 -15.40 17.69
CA GLN R 140 30.75 -14.06 17.43
C GLN R 140 32.28 -14.02 17.40
N LEU R 141 32.97 -15.05 17.89
CA LEU R 141 34.43 -15.02 17.92
C LEU R 141 35.07 -15.36 16.57
N VAL R 142 34.31 -15.85 15.59
CA VAL R 142 34.86 -16.09 14.25
C VAL R 142 35.27 -14.77 13.59
N GLU R 143 34.40 -13.76 13.65
CA GLU R 143 34.74 -12.46 13.08
C GLU R 143 35.86 -11.76 13.86
N HIS R 144 35.91 -11.90 15.19
CA HIS R 144 36.97 -11.27 15.97
C HIS R 144 38.35 -11.91 15.67
N PHE R 145 38.37 -13.20 15.35
CA PHE R 145 39.62 -13.88 15.02
C PHE R 145 40.27 -13.28 13.76
N PHE R 146 39.48 -13.11 12.69
CA PHE R 146 40.01 -12.61 11.44
C PHE R 146 40.38 -11.12 11.51
N GLN R 147 39.68 -10.32 12.32
CA GLN R 147 40.01 -8.89 12.45
C GLN R 147 41.34 -8.66 13.17
N SER R 148 41.63 -9.46 14.21
CA SER R 148 42.94 -9.38 14.88
C SER R 148 44.09 -9.89 13.99
N LEU R 149 43.84 -10.89 13.14
CA LEU R 149 44.88 -11.41 12.25
C LEU R 149 45.29 -10.39 11.18
N VAL R 150 44.33 -9.67 10.58
CA VAL R 150 44.73 -8.71 9.56
C VAL R 150 45.37 -7.45 10.15
N ASN R 151 45.14 -7.12 11.43
CA ASN R 151 45.73 -5.91 11.99
C ASN R 151 47.23 -6.06 12.25
N THR R 152 47.69 -7.25 12.68
CA THR R 152 49.12 -7.41 12.90
C THR R 152 49.88 -7.82 11.65
N SER R 153 49.26 -8.51 10.69
CA SER R 153 49.94 -8.93 9.47
C SER R 153 49.90 -7.89 8.35
N GLY R 154 48.97 -6.95 8.37
CA GLY R 154 48.84 -5.98 7.29
C GLY R 154 48.32 -6.49 5.96
N MET R 155 47.27 -7.31 5.96
CA MET R 155 46.74 -7.82 4.70
C MET R 155 45.33 -7.29 4.41
N THR R 156 45.00 -7.22 3.12
CA THR R 156 43.65 -6.96 2.63
C THR R 156 42.90 -8.29 2.45
N LEU R 157 41.73 -8.43 3.07
CA LEU R 157 41.01 -9.71 3.05
C LEU R 157 39.51 -9.53 2.83
N HIS R 158 38.92 -10.31 1.91
CA HIS R 158 37.48 -10.31 1.63
C HIS R 158 36.93 -11.74 1.72
N ILE R 159 35.81 -11.93 2.45
CA ILE R 159 35.17 -13.22 2.71
C ILE R 159 33.67 -13.09 2.41
N ARG R 160 33.13 -13.95 1.53
CA ARG R 160 31.72 -13.83 1.12
C ARG R 160 31.02 -15.18 0.93
N GLN R 161 29.82 -15.33 1.51
CA GLN R 161 29.06 -16.59 1.51
C GLN R 161 28.12 -16.67 0.30
N PHE R 162 28.15 -17.81 -0.41
CA PHE R 162 27.27 -18.09 -1.55
C PHE R 162 26.05 -18.95 -1.20
N SER R 163 26.16 -19.92 -0.27
CA SER R 163 25.05 -20.74 0.20
C SER R 163 25.46 -21.44 1.51
N GLY R 164 24.50 -22.08 2.16
CA GLY R 164 24.78 -22.90 3.34
C GLY R 164 23.75 -22.73 4.45
N THR R 165 23.59 -23.80 5.24
CA THR R 165 22.59 -23.92 6.30
C THR R 165 23.17 -24.38 7.66
N ASN R 166 24.02 -25.41 7.69
CA ASN R 166 24.59 -25.94 8.94
C ASN R 166 25.77 -25.07 9.41
N SER R 167 25.79 -24.72 10.71
CA SER R 167 26.81 -23.80 11.24
C SER R 167 28.22 -24.41 11.26
N HIS R 168 28.34 -25.70 11.59
CA HIS R 168 29.65 -26.36 11.54
C HIS R 168 30.19 -26.40 10.11
N HIS R 169 29.32 -26.62 9.12
CA HIS R 169 29.77 -26.68 7.73
C HIS R 169 30.27 -25.30 7.22
N ILE R 170 29.58 -24.21 7.61
CA ILE R 170 29.93 -22.87 7.12
C ILE R 170 31.30 -22.41 7.62
N ILE R 171 31.58 -22.61 8.91
CA ILE R 171 32.86 -22.17 9.47
C ILE R 171 34.02 -23.00 8.92
N GLU R 172 33.86 -24.33 8.81
CA GLU R 172 34.94 -25.18 8.31
C GLU R 172 35.24 -24.93 6.84
N ALA R 173 34.26 -24.50 6.05
CA ALA R 173 34.51 -24.17 4.64
C ALA R 173 35.25 -22.85 4.47
N THR R 174 35.04 -21.89 5.39
CA THR R 174 35.81 -20.66 5.41
C THR R 174 37.30 -20.93 5.62
N PHE R 175 37.64 -21.76 6.63
CA PHE R 175 39.03 -22.08 6.92
C PHE R 175 39.70 -22.94 5.83
N LYS R 176 38.94 -23.69 5.04
CA LYS R 176 39.50 -24.42 3.91
C LYS R 176 39.85 -23.49 2.75
N ALA R 177 38.92 -22.60 2.37
CA ALA R 177 39.17 -21.66 1.27
C ALA R 177 40.28 -20.66 1.60
N PHE R 178 40.33 -20.16 2.86
CA PHE R 178 41.41 -19.28 3.30
C PHE R 178 42.79 -19.95 3.17
N ALA R 179 42.88 -21.25 3.49
CA ALA R 179 44.16 -21.97 3.42
C ALA R 179 44.67 -22.07 1.99
N ARG R 180 43.78 -22.35 1.03
CA ARG R 180 44.21 -22.50 -0.35
C ARG R 180 44.55 -21.16 -0.99
N ALA R 181 43.88 -20.08 -0.59
CA ALA R 181 44.22 -18.76 -1.14
C ALA R 181 45.53 -18.24 -0.55
N LEU R 182 45.83 -18.54 0.71
CA LEU R 182 47.10 -18.09 1.28
C LEU R 182 48.29 -18.86 0.70
N ARG R 183 48.10 -20.15 0.38
CA ARG R 183 49.17 -20.93 -0.24
C ARG R 183 49.55 -20.37 -1.61
N GLN R 184 48.56 -19.89 -2.37
CA GLN R 184 48.81 -19.30 -3.68
C GLN R 184 49.63 -18.01 -3.58
N ALA R 185 49.32 -17.15 -2.60
CA ALA R 185 49.94 -15.84 -2.54
C ALA R 185 51.38 -15.86 -2.02
N THR R 186 51.80 -16.89 -1.28
CA THR R 186 53.14 -16.96 -0.72
C THR R 186 54.12 -17.78 -1.57
N GLU R 187 53.67 -18.39 -2.66
CA GLU R 187 54.59 -19.16 -3.49
C GLU R 187 55.36 -18.28 -4.47
N TYR R 188 56.54 -18.77 -4.87
CA TYR R 188 57.40 -18.03 -5.79
C TYR R 188 56.86 -18.05 -7.21
N ASP R 189 56.85 -16.88 -7.83
CA ASP R 189 56.41 -16.69 -9.21
C ASP R 189 57.59 -16.90 -10.15
N THR R 190 57.71 -18.11 -10.69
CA THR R 190 58.62 -18.34 -11.81
C THR R 190 58.05 -17.61 -13.04
N ARG R 191 58.86 -16.72 -13.62
CA ARG R 191 58.29 -15.65 -14.44
C ARG R 191 57.78 -16.16 -15.78
N ARG R 192 57.10 -15.28 -16.50
CA ARG R 192 56.57 -15.62 -17.81
C ARG R 192 57.69 -15.69 -18.86
N ALA S 9 -15.17 -61.49 24.33
CA ALA S 9 -15.68 -60.23 23.80
C ALA S 9 -15.54 -59.13 24.85
N ARG S 10 -15.07 -57.97 24.42
CA ARG S 10 -14.81 -56.84 25.31
C ARG S 10 -16.04 -55.94 25.32
N ILE S 11 -16.76 -55.93 26.46
CA ILE S 11 -18.04 -55.24 26.57
C ILE S 11 -18.01 -54.24 27.71
N GLY S 12 -18.39 -53.00 27.44
CA GLY S 12 -18.41 -51.96 28.45
C GLY S 12 -19.78 -51.35 28.61
N GLU S 13 -20.07 -50.86 29.83
CA GLU S 13 -21.39 -50.43 30.25
C GLU S 13 -21.28 -49.16 31.10
N MET S 14 -22.36 -48.38 31.17
CA MET S 14 -22.43 -47.15 31.95
C MET S 14 -23.89 -46.70 32.11
N LYS S 15 -24.25 -46.23 33.31
CA LYS S 15 -25.53 -45.60 33.59
C LYS S 15 -25.29 -44.35 34.42
N ARG S 16 -25.92 -43.24 34.05
CA ARG S 16 -25.74 -41.96 34.73
C ARG S 16 -27.08 -41.23 34.81
N VAL S 17 -27.44 -40.79 36.01
CA VAL S 17 -28.69 -40.05 36.25
C VAL S 17 -28.37 -38.76 37.00
N THR S 18 -28.82 -37.63 36.47
CA THR S 18 -28.74 -36.35 37.16
C THR S 18 -30.09 -35.66 37.11
N LYS S 19 -30.13 -34.43 37.62
CA LYS S 19 -31.33 -33.60 37.59
C LYS S 19 -31.66 -33.07 36.20
N GLU S 20 -30.80 -33.26 35.20
CA GLU S 20 -31.07 -32.88 33.82
C GLU S 20 -31.46 -34.05 32.93
N THR S 21 -30.80 -35.20 33.07
CA THR S 21 -30.85 -36.27 32.06
C THR S 21 -30.83 -37.65 32.73
N ASN S 22 -31.19 -38.67 31.95
CA ASN S 22 -31.12 -40.08 32.32
C ASN S 22 -30.59 -40.84 31.11
N VAL S 23 -29.45 -41.54 31.27
CA VAL S 23 -28.69 -42.11 30.14
C VAL S 23 -28.26 -43.55 30.46
N SER S 24 -28.44 -44.46 29.49
CA SER S 24 -27.86 -45.81 29.52
C SER S 24 -27.16 -46.16 28.21
N VAL S 25 -25.96 -46.78 28.29
CA VAL S 25 -25.09 -47.01 27.13
C VAL S 25 -24.44 -48.40 27.24
N LYS S 26 -24.31 -49.11 26.10
CA LYS S 26 -23.58 -50.38 26.02
C LYS S 26 -22.85 -50.56 24.69
N ILE S 27 -21.56 -50.95 24.74
CA ILE S 27 -20.70 -51.05 23.56
C ILE S 27 -19.95 -52.40 23.54
N ASN S 28 -19.93 -53.06 22.37
CA ASN S 28 -19.17 -54.29 22.14
C ASN S 28 -18.09 -54.02 21.09
N LEU S 29 -16.83 -54.28 21.44
CA LEU S 29 -15.72 -54.01 20.53
C LEU S 29 -15.49 -55.14 19.52
N ASP S 30 -16.08 -56.31 19.73
CA ASP S 30 -15.93 -57.40 18.77
C ASP S 30 -17.27 -57.77 18.13
N GLY S 31 -17.97 -56.80 17.54
CA GLY S 31 -19.35 -56.97 17.15
C GLY S 31 -19.55 -57.28 15.67
N THR S 32 -20.82 -57.27 15.26
CA THR S 32 -21.20 -57.50 13.87
C THR S 32 -21.97 -56.34 13.25
N GLY S 33 -21.98 -55.18 13.89
CA GLY S 33 -22.67 -54.02 13.35
C GLY S 33 -24.15 -53.90 13.66
N VAL S 34 -24.56 -54.23 14.87
CA VAL S 34 -25.95 -54.08 15.31
C VAL S 34 -26.10 -52.72 15.96
N ALA S 35 -27.12 -51.96 15.54
CA ALA S 35 -27.35 -50.60 16.03
C ALA S 35 -28.75 -50.46 16.60
N ASP S 36 -28.87 -49.83 17.77
CA ASP S 36 -30.17 -49.57 18.41
C ASP S 36 -30.04 -48.27 19.22
N ASN S 37 -30.26 -47.14 18.57
CA ASN S 37 -29.91 -45.83 19.11
C ASN S 37 -31.15 -44.94 19.20
N SER S 38 -31.54 -44.62 20.42
CA SER S 38 -32.77 -43.85 20.66
C SER S 38 -32.44 -42.81 21.73
N SER S 39 -31.79 -41.74 21.32
CA SER S 39 -31.62 -40.58 22.16
C SER S 39 -32.80 -39.65 21.90
N GLY S 40 -32.81 -38.47 22.50
CA GLY S 40 -33.87 -37.57 22.09
C GLY S 40 -33.59 -36.75 20.84
N ILE S 41 -32.47 -36.97 20.17
CA ILE S 41 -31.96 -36.08 19.13
C ILE S 41 -31.85 -36.87 17.83
N PRO S 42 -32.76 -36.65 16.87
CA PRO S 42 -32.85 -37.54 15.69
C PRO S 42 -31.64 -37.54 14.76
N PHE S 43 -31.01 -36.39 14.53
CA PHE S 43 -29.82 -36.34 13.68
C PHE S 43 -28.62 -37.04 14.33
N LEU S 44 -28.49 -36.96 15.66
CA LEU S 44 -27.41 -37.68 16.33
C LEU S 44 -27.61 -39.19 16.27
N ASP S 45 -28.85 -39.67 16.24
CA ASP S 45 -29.09 -41.11 16.04
C ASP S 45 -28.58 -41.59 14.68
N HIS S 46 -28.75 -40.77 13.64
CA HIS S 46 -28.27 -41.10 12.30
C HIS S 46 -26.74 -41.18 12.24
N MET S 47 -26.03 -40.33 13.00
CA MET S 47 -24.56 -40.42 13.03
C MET S 47 -24.07 -41.62 13.84
N LEU S 48 -24.75 -41.97 14.95
CA LEU S 48 -24.34 -43.14 15.73
C LEU S 48 -24.53 -44.45 14.97
N ASP S 49 -25.47 -44.51 14.02
CA ASP S 49 -25.60 -45.68 13.17
C ASP S 49 -24.39 -45.87 12.26
N GLN S 50 -23.71 -44.79 11.88
CA GLN S 50 -22.51 -44.91 11.06
C GLN S 50 -21.38 -45.56 11.83
N LEU S 51 -21.33 -45.34 13.14
CA LEU S 51 -20.29 -45.94 13.96
C LEU S 51 -20.44 -47.45 14.02
N ALA S 52 -21.68 -47.96 14.01
CA ALA S 52 -21.88 -49.40 13.94
C ALA S 52 -21.62 -49.96 12.55
N SER S 53 -22.01 -49.21 11.50
CA SER S 53 -22.02 -49.76 10.15
C SER S 53 -20.62 -49.81 9.53
N HIS S 54 -19.79 -48.82 9.78
CA HIS S 54 -18.46 -48.77 9.19
C HIS S 54 -17.36 -49.22 10.14
N GLY S 55 -17.61 -49.24 11.44
CA GLY S 55 -16.63 -49.76 12.36
C GLY S 55 -16.87 -51.18 12.83
N LEU S 56 -18.06 -51.72 12.56
CA LEU S 56 -18.51 -53.06 12.96
C LEU S 56 -18.59 -53.24 14.48
N PHE S 57 -18.86 -52.18 15.23
CA PHE S 57 -19.17 -52.28 16.66
C PHE S 57 -20.66 -52.55 16.86
N ASP S 58 -21.01 -53.09 18.03
CA ASP S 58 -22.39 -53.10 18.51
C ASP S 58 -22.59 -51.91 19.46
N VAL S 59 -23.59 -51.07 19.17
CA VAL S 59 -23.79 -49.81 19.90
C VAL S 59 -25.26 -49.67 20.30
N HIS S 60 -25.53 -49.38 21.57
CA HIS S 60 -26.89 -49.21 22.07
C HIS S 60 -26.97 -48.01 23.02
N VAL S 61 -27.83 -47.03 22.70
CA VAL S 61 -28.00 -45.80 23.50
C VAL S 61 -29.49 -45.58 23.79
N LYS S 62 -29.82 -45.27 25.06
CA LYS S 62 -31.16 -44.83 25.46
C LYS S 62 -31.06 -43.59 26.35
N ALA S 63 -31.80 -42.53 26.02
CA ALA S 63 -31.68 -41.27 26.74
C ALA S 63 -32.96 -40.44 26.71
N THR S 64 -33.25 -39.78 27.83
CA THR S 64 -34.27 -38.73 27.92
C THR S 64 -33.70 -37.56 28.73
N GLY S 65 -34.14 -36.34 28.41
CA GLY S 65 -33.57 -35.15 28.99
C GLY S 65 -34.46 -33.93 28.94
N ASP S 66 -33.83 -32.76 28.97
CA ASP S 66 -34.53 -31.48 29.09
C ASP S 66 -34.49 -30.69 27.78
N THR S 67 -34.99 -31.30 26.71
CA THR S 67 -34.85 -30.72 25.38
C THR S 67 -35.76 -29.53 25.11
N HIS S 68 -36.60 -29.10 26.07
CA HIS S 68 -37.35 -27.88 25.85
C HIS S 68 -36.55 -26.61 26.18
N ILE S 69 -35.43 -26.71 26.90
CA ILE S 69 -34.45 -25.62 26.94
C ILE S 69 -33.70 -25.61 25.60
N ASP S 70 -32.75 -26.52 25.42
CA ASP S 70 -32.21 -26.86 24.10
C ASP S 70 -31.68 -28.30 24.09
N ASP S 71 -30.86 -28.65 23.11
CA ASP S 71 -30.28 -29.98 23.01
C ASP S 71 -28.91 -30.14 23.69
N HIS S 72 -28.40 -29.06 24.32
CA HIS S 72 -27.00 -29.00 24.80
C HIS S 72 -26.73 -30.01 25.92
N HIS S 73 -27.56 -30.04 26.96
CA HIS S 73 -27.26 -30.92 28.10
C HIS S 73 -27.40 -32.41 27.74
N THR S 74 -28.38 -32.76 26.90
CA THR S 74 -28.53 -34.14 26.43
C THR S 74 -27.37 -34.57 25.53
N ASN S 75 -26.86 -33.65 24.68
CA ASN S 75 -25.72 -33.96 23.80
C ASN S 75 -24.44 -34.20 24.61
N GLU S 76 -24.22 -33.42 25.66
CA GLU S 76 -23.04 -33.55 26.51
C GLU S 76 -23.06 -34.83 27.36
N ASP S 77 -24.21 -35.17 27.97
CA ASP S 77 -24.24 -36.33 28.87
C ASP S 77 -24.10 -37.66 28.12
N VAL S 78 -24.66 -37.75 26.91
CA VAL S 78 -24.50 -38.96 26.09
C VAL S 78 -23.02 -39.18 25.71
N ALA S 79 -22.33 -38.10 25.33
CA ALA S 79 -20.92 -38.21 24.94
C ALA S 79 -20.03 -38.64 26.11
N LEU S 80 -20.29 -38.13 27.31
CA LEU S 80 -19.53 -38.56 28.48
C LEU S 80 -19.73 -40.04 28.78
N ALA S 81 -20.96 -40.55 28.60
CA ALA S 81 -21.25 -41.94 28.90
C ALA S 81 -20.54 -42.90 27.93
N ILE S 82 -20.45 -42.54 26.66
CA ILE S 82 -19.76 -43.36 25.66
C ILE S 82 -18.24 -43.44 25.96
N GLY S 83 -17.64 -42.34 26.43
CA GLY S 83 -16.22 -42.38 26.76
C GLY S 83 -15.88 -43.30 27.91
N THR S 84 -16.73 -43.31 28.94
CA THR S 84 -16.54 -44.17 30.10
C THR S 84 -16.66 -45.66 29.72
N ALA S 85 -17.65 -46.00 28.91
CA ALA S 85 -17.87 -47.39 28.50
C ALA S 85 -16.75 -47.93 27.62
N LEU S 86 -16.15 -47.07 26.80
CA LEU S 86 -15.00 -47.48 25.98
C LEU S 86 -13.79 -47.77 26.85
N LEU S 87 -13.55 -46.95 27.88
CA LEU S 87 -12.41 -47.17 28.78
C LEU S 87 -12.58 -48.46 29.59
N GLN S 88 -13.81 -48.83 29.94
CA GLN S 88 -14.05 -50.08 30.66
C GLN S 88 -13.91 -51.29 29.74
N ALA S 89 -14.31 -51.17 28.47
CA ALA S 89 -14.18 -52.28 27.54
C ALA S 89 -12.72 -52.61 27.20
N LEU S 90 -11.83 -51.62 27.22
CA LEU S 90 -10.45 -51.83 26.78
C LEU S 90 -9.58 -52.50 27.83
N GLY S 91 -9.73 -52.15 29.11
CA GLY S 91 -9.03 -52.86 30.16
C GLY S 91 -7.54 -52.63 30.19
N ASP S 92 -6.79 -53.73 30.18
CA ASP S 92 -5.33 -53.68 30.32
C ASP S 92 -4.65 -53.08 29.09
N ARG S 93 -5.23 -53.31 27.89
CA ARG S 93 -4.73 -52.90 26.56
C ARG S 93 -3.48 -53.66 26.14
N LYS S 94 -3.41 -54.95 26.47
CA LYS S 94 -2.28 -55.79 26.10
C LYS S 94 -2.48 -56.35 24.69
N GLY S 95 -1.49 -56.15 23.83
CA GLY S 95 -1.50 -56.78 22.51
C GLY S 95 -2.29 -56.11 21.41
N ILE S 96 -2.71 -54.86 21.56
CA ILE S 96 -3.49 -54.19 20.52
C ILE S 96 -2.59 -53.35 19.62
N ASN S 97 -3.14 -52.89 18.49
CA ASN S 97 -2.40 -52.05 17.55
C ASN S 97 -2.11 -50.66 18.12
N ARG S 98 -3.04 -50.11 18.91
CA ARG S 98 -2.97 -48.86 19.66
C ARG S 98 -3.07 -47.58 18.81
N PHE S 99 -2.68 -47.59 17.53
CA PHE S 99 -2.75 -46.43 16.63
C PHE S 99 -3.70 -46.70 15.45
N GLY S 100 -4.34 -45.65 14.93
CA GLY S 100 -5.20 -45.76 13.76
C GLY S 100 -5.24 -44.50 12.93
N ASN S 101 -5.51 -44.65 11.62
CA ASN S 101 -5.32 -43.60 10.63
C ASN S 101 -6.14 -43.87 9.37
N PHE S 102 -6.95 -42.89 8.91
CA PHE S 102 -7.79 -43.08 7.72
C PHE S 102 -8.35 -41.75 7.17
N SER S 103 -8.51 -41.67 5.84
CA SER S 103 -9.19 -40.56 5.16
C SER S 103 -10.39 -41.05 4.35
N ALA S 104 -11.54 -40.37 4.49
CA ALA S 104 -12.82 -40.81 3.87
C ALA S 104 -13.62 -39.71 3.15
N PRO S 105 -14.06 -39.95 1.91
CA PRO S 105 -14.89 -38.96 1.20
C PRO S 105 -16.39 -39.21 1.22
N LEU S 106 -17.17 -38.16 0.96
CA LEU S 106 -18.60 -38.27 0.64
C LEU S 106 -18.92 -37.16 -0.37
N ASP S 107 -19.04 -37.56 -1.65
CA ASP S 107 -19.09 -36.66 -2.81
C ASP S 107 -17.92 -35.69 -2.80
N GLU S 108 -18.16 -34.38 -2.64
CA GLU S 108 -17.12 -33.36 -2.72
C GLU S 108 -16.39 -33.10 -1.39
N ALA S 109 -16.79 -33.72 -0.28
CA ALA S 109 -16.12 -33.55 1.00
C ALA S 109 -15.05 -34.63 1.23
N LEU S 110 -14.02 -34.29 2.03
CA LEU S 110 -12.95 -35.21 2.44
C LEU S 110 -12.32 -34.77 3.76
N VAL S 111 -12.21 -35.72 4.72
CA VAL S 111 -11.72 -35.49 6.09
C VAL S 111 -10.67 -36.57 6.46
N HIS S 112 -9.59 -36.15 7.14
CA HIS S 112 -8.48 -36.99 7.58
C HIS S 112 -8.49 -37.12 9.11
N VAL S 113 -8.34 -38.34 9.64
CA VAL S 113 -8.39 -38.64 11.07
C VAL S 113 -7.19 -39.49 11.49
N SER S 114 -6.52 -39.11 12.59
CA SER S 114 -5.59 -40.03 13.27
C SER S 114 -5.66 -39.91 14.80
N LEU S 115 -5.46 -41.04 15.49
CA LEU S 115 -5.68 -41.15 16.93
C LEU S 115 -4.70 -42.13 17.58
N ASP S 116 -4.58 -42.06 18.91
CA ASP S 116 -3.70 -42.91 19.70
C ASP S 116 -4.29 -43.13 21.08
N LEU S 117 -4.42 -44.40 21.49
CA LEU S 117 -5.08 -44.76 22.75
C LEU S 117 -4.05 -44.72 23.89
N SER S 118 -3.76 -43.51 24.35
CA SER S 118 -2.56 -43.22 25.11
C SER S 118 -2.74 -43.12 26.62
N GLY S 119 -3.91 -42.71 27.10
CA GLY S 119 -4.09 -42.31 28.48
C GLY S 119 -3.94 -40.82 28.72
N ARG S 120 -3.65 -40.03 27.69
CA ARG S 120 -3.48 -38.58 27.79
C ARG S 120 -4.51 -37.90 26.88
N PRO S 121 -5.47 -37.15 27.42
CA PRO S 121 -6.52 -36.53 26.59
C PRO S 121 -6.06 -35.28 25.85
N HIS S 122 -6.45 -35.17 24.58
CA HIS S 122 -6.20 -33.97 23.77
C HIS S 122 -7.06 -34.00 22.51
N LEU S 123 -7.62 -32.84 22.14
CA LEU S 123 -8.37 -32.69 20.89
C LEU S 123 -7.78 -31.59 20.02
N GLY S 124 -7.49 -31.91 18.77
CA GLY S 124 -7.22 -30.93 17.73
C GLY S 124 -8.31 -30.92 16.68
N TYR S 125 -9.01 -29.80 16.50
CA TYR S 125 -10.24 -29.71 15.72
C TYR S 125 -10.11 -28.61 14.69
N ASP S 126 -10.33 -28.95 13.42
CA ASP S 126 -10.10 -28.05 12.31
C ASP S 126 -11.12 -28.33 11.19
N LEU S 127 -12.37 -27.95 11.43
CA LEU S 127 -13.45 -28.07 10.46
C LEU S 127 -14.05 -26.69 10.19
N ASN S 128 -14.69 -26.54 9.05
CA ASN S 128 -15.31 -25.26 8.67
C ASN S 128 -16.73 -25.51 8.15
N ILE S 129 -17.70 -25.48 9.05
CA ILE S 129 -19.09 -25.86 8.74
C ILE S 129 -19.86 -24.59 8.39
N PRO S 130 -20.38 -24.47 7.17
CA PRO S 130 -20.86 -23.17 6.67
C PRO S 130 -22.28 -22.73 7.01
N THR S 131 -23.13 -23.54 7.67
CA THR S 131 -24.45 -23.09 8.12
C THR S 131 -24.61 -23.33 9.62
N GLN S 132 -25.66 -22.75 10.20
CA GLN S 132 -25.85 -22.80 11.65
C GLN S 132 -26.74 -23.98 12.10
N ARG S 133 -27.61 -24.49 11.24
CA ARG S 133 -28.52 -25.59 11.55
C ARG S 133 -28.55 -26.58 10.39
N VAL S 134 -28.64 -27.88 10.69
CA VAL S 134 -28.75 -28.85 9.62
C VAL S 134 -30.22 -29.22 9.45
N GLY S 135 -30.84 -29.78 10.46
CA GLY S 135 -32.29 -29.86 10.48
C GLY S 135 -32.79 -29.05 11.66
N LYS S 136 -33.08 -29.72 12.77
CA LYS S 136 -33.20 -29.02 14.05
C LYS S 136 -31.90 -28.98 14.86
N TYR S 137 -30.83 -29.67 14.43
CA TYR S 137 -29.59 -29.83 15.19
C TYR S 137 -28.65 -28.63 15.04
N ASP S 138 -28.15 -28.12 16.16
CA ASP S 138 -27.23 -26.98 16.23
C ASP S 138 -25.80 -27.41 15.91
N THR S 139 -25.11 -26.70 15.01
CA THR S 139 -23.82 -27.16 14.48
C THR S 139 -22.61 -26.91 15.39
N GLN S 140 -22.70 -26.04 16.42
CA GLN S 140 -21.66 -25.96 17.44
C GLN S 140 -21.58 -27.21 18.33
N LEU S 141 -22.58 -28.09 18.30
CA LEU S 141 -22.55 -29.26 19.17
C LEU S 141 -21.68 -30.40 18.63
N VAL S 142 -21.22 -30.32 17.36
CA VAL S 142 -20.30 -31.33 16.82
C VAL S 142 -18.97 -31.28 17.56
N GLU S 143 -18.42 -30.08 17.75
CA GLU S 143 -17.16 -29.95 18.48
C GLU S 143 -17.31 -30.30 19.97
N HIS S 144 -18.44 -29.96 20.59
CA HIS S 144 -18.65 -30.28 22.00
C HIS S 144 -18.77 -31.81 22.22
N PHE S 145 -19.31 -32.53 21.24
CA PHE S 145 -19.44 -33.98 21.34
C PHE S 145 -18.07 -34.66 21.44
N PHE S 146 -17.13 -34.28 20.55
CA PHE S 146 -15.82 -34.91 20.53
C PHE S 146 -14.95 -34.51 21.72
N GLN S 147 -15.12 -33.30 22.26
CA GLN S 147 -14.33 -32.87 23.43
C GLN S 147 -14.73 -33.62 24.71
N SER S 148 -16.04 -33.88 24.90
CA SER S 148 -16.48 -34.69 26.03
C SER S 148 -16.06 -36.17 25.90
N LEU S 149 -16.02 -36.70 24.68
CA LEU S 149 -15.61 -38.09 24.48
C LEU S 149 -14.14 -38.33 24.80
N VAL S 150 -13.24 -37.40 24.42
CA VAL S 150 -11.83 -37.63 24.72
C VAL S 150 -11.51 -37.39 26.21
N ASN S 151 -12.32 -36.62 26.95
CA ASN S 151 -12.01 -36.36 28.35
C ASN S 151 -12.27 -37.58 29.24
N THR S 152 -13.33 -38.36 28.96
CA THR S 152 -13.57 -39.54 29.78
C THR S 152 -12.81 -40.77 29.30
N SER S 153 -12.50 -40.89 28.02
CA SER S 153 -11.78 -42.05 27.49
C SER S 153 -10.25 -41.93 27.55
N GLY S 154 -9.72 -40.71 27.65
CA GLY S 154 -8.27 -40.52 27.64
C GLY S 154 -7.55 -40.77 26.33
N MET S 155 -8.07 -40.29 25.21
CA MET S 155 -7.41 -40.51 23.93
C MET S 155 -6.89 -39.20 23.32
N THR S 156 -5.84 -39.32 22.50
CA THR S 156 -5.32 -38.25 21.65
C THR S 156 -6.02 -38.31 20.28
N LEU S 157 -6.62 -37.21 19.85
CA LEU S 157 -7.41 -37.20 18.60
C LEU S 157 -7.16 -35.96 17.76
N HIS S 158 -6.93 -36.14 16.46
CA HIS S 158 -6.75 -35.05 15.49
C HIS S 158 -7.71 -35.22 14.31
N ILE S 159 -8.42 -34.14 13.93
CA ILE S 159 -9.43 -34.12 12.88
C ILE S 159 -9.16 -32.93 11.95
N ARG S 160 -9.01 -33.17 10.64
CA ARG S 160 -8.64 -32.10 9.71
C ARG S 160 -9.33 -32.19 8.34
N GLN S 161 -9.92 -31.08 7.87
CA GLN S 161 -10.71 -31.04 6.63
C GLN S 161 -9.83 -30.70 5.42
N PHE S 162 -9.97 -31.49 4.34
CA PHE S 162 -9.26 -31.28 3.07
C PHE S 162 -10.10 -30.55 2.01
N SER S 163 -11.42 -30.77 1.93
CA SER S 163 -12.33 -30.08 1.01
C SER S 163 -13.78 -30.30 1.48
N GLY S 164 -14.71 -29.59 0.86
CA GLY S 164 -16.13 -29.80 1.11
C GLY S 164 -16.92 -28.51 1.21
N THR S 165 -18.21 -28.60 0.83
CA THR S 165 -19.15 -27.48 0.73
C THR S 165 -20.49 -27.71 1.47
N ASN S 166 -21.12 -28.88 1.31
CA ASN S 166 -22.42 -29.17 1.95
C ASN S 166 -22.23 -29.59 3.41
N SER S 167 -23.04 -29.01 4.32
CA SER S 167 -22.87 -29.25 5.76
C SER S 167 -23.22 -30.68 6.18
N HIS S 168 -24.27 -31.27 5.60
CA HIS S 168 -24.61 -32.66 5.88
C HIS S 168 -23.49 -33.60 5.42
N HIS S 169 -22.86 -33.32 4.29
CA HIS S 169 -21.80 -34.18 3.78
C HIS S 169 -20.54 -34.13 4.68
N ILE S 170 -20.19 -32.93 5.19
CA ILE S 170 -18.97 -32.76 6.00
C ILE S 170 -19.06 -33.51 7.33
N ILE S 171 -20.19 -33.41 8.03
CA ILE S 171 -20.33 -34.07 9.32
C ILE S 171 -20.38 -35.60 9.16
N GLU S 172 -21.11 -36.11 8.17
CA GLU S 172 -21.22 -37.55 7.98
C GLU S 172 -19.89 -38.18 7.54
N ALA S 173 -19.03 -37.43 6.86
CA ALA S 173 -17.71 -37.96 6.48
C ALA S 173 -16.75 -38.02 7.66
N THR S 174 -16.89 -37.10 8.63
CA THR S 174 -16.12 -37.16 9.87
C THR S 174 -16.43 -38.44 10.65
N PHE S 175 -17.72 -38.77 10.82
CA PHE S 175 -18.11 -39.96 11.56
C PHE S 175 -17.77 -41.27 10.83
N LYS S 176 -17.63 -41.25 9.50
CA LYS S 176 -17.17 -42.42 8.77
C LYS S 176 -15.67 -42.68 8.97
N ALA S 177 -14.85 -41.63 8.81
CA ALA S 177 -13.40 -41.77 8.99
C ALA S 177 -13.02 -42.11 10.44
N PHE S 178 -13.70 -41.51 11.43
CA PHE S 178 -13.49 -41.85 12.84
C PHE S 178 -13.76 -43.33 13.12
N ALA S 179 -14.81 -43.89 12.51
CA ALA S 179 -15.16 -45.30 12.73
C ALA S 179 -14.09 -46.25 12.21
N ARG S 180 -13.53 -45.97 11.04
CA ARG S 180 -12.52 -46.85 10.47
C ARG S 180 -11.18 -46.72 11.19
N ALA S 181 -10.85 -45.54 11.71
CA ALA S 181 -9.60 -45.40 12.46
C ALA S 181 -9.71 -46.04 13.84
N LEU S 182 -10.88 -46.01 14.48
CA LEU S 182 -11.03 -46.65 15.78
C LEU S 182 -11.02 -48.18 15.66
N ARG S 183 -11.56 -48.72 14.56
CA ARG S 183 -11.53 -50.17 14.34
C ARG S 183 -10.09 -50.68 14.21
N GLN S 184 -9.22 -49.90 13.56
CA GLN S 184 -7.82 -50.28 13.41
C GLN S 184 -7.09 -50.32 14.75
N ALA S 185 -7.33 -49.35 15.63
CA ALA S 185 -6.56 -49.24 16.86
C ALA S 185 -6.96 -50.26 17.93
N THR S 186 -8.15 -50.83 17.89
CA THR S 186 -8.61 -51.78 18.89
C THR S 186 -8.42 -53.24 18.48
N GLU S 187 -7.95 -53.52 17.27
CA GLU S 187 -7.75 -54.90 16.87
C GLU S 187 -6.42 -55.46 17.36
N TYR S 188 -6.38 -56.79 17.51
CA TYR S 188 -5.17 -57.47 18.00
C TYR S 188 -4.08 -57.50 16.94
N ASP S 189 -2.87 -57.17 17.37
CA ASP S 189 -1.67 -57.18 16.53
C ASP S 189 -1.04 -58.56 16.58
N THR S 190 -1.35 -59.40 15.59
CA THR S 190 -0.59 -60.62 15.37
C THR S 190 0.80 -60.24 14.89
N ARG S 191 1.84 -60.68 15.61
CA ARG S 191 3.12 -59.99 15.56
C ARG S 191 3.86 -60.26 14.25
N ARG S 192 4.95 -59.54 14.06
CA ARG S 192 5.76 -59.69 12.86
C ARG S 192 6.57 -60.99 12.91
N ALA T 9 -57.36 -7.63 -35.43
CA ALA T 9 -56.18 -6.80 -35.18
C ALA T 9 -56.32 -6.06 -33.85
N ARG T 10 -55.27 -6.06 -33.06
CA ARG T 10 -55.27 -5.47 -31.74
C ARG T 10 -54.75 -4.03 -31.86
N ILE T 11 -55.65 -3.05 -31.66
CA ILE T 11 -55.34 -1.65 -31.90
C ILE T 11 -55.63 -0.83 -30.65
N GLY T 12 -54.66 -0.03 -30.20
CA GLY T 12 -54.82 0.79 -29.02
C GLY T 12 -54.60 2.26 -29.33
N GLU T 13 -55.27 3.12 -28.55
CA GLU T 13 -55.36 4.55 -28.81
C GLU T 13 -55.25 5.33 -27.49
N MET T 14 -54.85 6.60 -27.57
CA MET T 14 -54.71 7.48 -26.41
C MET T 14 -54.60 8.94 -26.87
N LYS T 15 -55.26 9.85 -26.15
CA LYS T 15 -55.12 11.29 -26.33
C LYS T 15 -55.01 11.95 -24.96
N ARG T 16 -54.04 12.85 -24.81
CA ARG T 16 -53.78 13.52 -23.53
C ARG T 16 -53.44 14.98 -23.77
N VAL T 17 -54.12 15.89 -23.08
CA VAL T 17 -53.88 17.33 -23.19
C VAL T 17 -53.67 17.90 -21.80
N THR T 18 -52.57 18.63 -21.60
CA THR T 18 -52.33 19.37 -20.38
C THR T 18 -51.89 20.79 -20.73
N LYS T 19 -51.54 21.55 -19.70
CA LYS T 19 -51.03 22.91 -19.86
C LYS T 19 -49.62 22.96 -20.42
N GLU T 20 -48.93 21.83 -20.58
CA GLU T 20 -47.61 21.77 -21.20
C GLU T 20 -47.64 21.26 -22.64
N THR T 21 -48.44 20.23 -22.93
CA THR T 21 -48.31 19.45 -24.16
C THR T 21 -49.68 19.02 -24.68
N ASN T 22 -49.70 18.59 -25.95
CA ASN T 22 -50.86 18.01 -26.62
C ASN T 22 -50.36 16.81 -27.43
N VAL T 23 -50.89 15.60 -27.16
CA VAL T 23 -50.33 14.34 -27.67
C VAL T 23 -51.46 13.43 -28.18
N SER T 24 -51.26 12.84 -29.37
CA SER T 24 -52.11 11.76 -29.90
C SER T 24 -51.26 10.58 -30.40
N VAL T 25 -51.68 9.34 -30.07
CA VAL T 25 -50.89 8.12 -30.33
C VAL T 25 -51.81 6.99 -30.79
N LYS T 26 -51.35 6.18 -31.76
CA LYS T 26 -52.06 4.97 -32.21
C LYS T 26 -51.10 3.84 -32.59
N ILE T 27 -51.35 2.61 -32.09
CA ILE T 27 -50.46 1.46 -32.27
C ILE T 27 -51.25 0.22 -32.72
N ASN T 28 -50.73 -0.48 -33.74
CA ASN T 28 -51.30 -1.76 -34.22
C ASN T 28 -50.28 -2.87 -33.98
N LEU T 29 -50.69 -3.91 -33.24
CA LEU T 29 -49.77 -5.00 -32.92
C LEU T 29 -49.67 -6.05 -34.02
N ASP T 30 -50.57 -6.03 -35.01
CA ASP T 30 -50.48 -6.97 -36.12
C ASP T 30 -50.24 -6.25 -37.44
N GLY T 31 -49.19 -5.43 -37.52
CA GLY T 31 -49.02 -4.50 -38.62
C GLY T 31 -48.05 -4.98 -39.69
N THR T 32 -47.75 -4.06 -40.62
CA THR T 32 -46.81 -4.32 -41.70
C THR T 32 -45.62 -3.36 -41.71
N GLY T 33 -45.41 -2.60 -40.64
CA GLY T 33 -44.28 -1.68 -40.57
C GLY T 33 -44.49 -0.31 -41.18
N VAL T 34 -45.66 0.28 -41.00
CA VAL T 34 -45.94 1.64 -41.46
C VAL T 34 -45.62 2.61 -40.33
N ALA T 35 -44.85 3.66 -40.64
CA ALA T 35 -44.40 4.64 -39.65
C ALA T 35 -44.80 6.04 -40.06
N ASP T 36 -45.34 6.82 -39.12
CA ASP T 36 -45.71 8.22 -39.36
C ASP T 36 -45.55 8.98 -38.03
N ASN T 37 -44.35 9.46 -37.77
CA ASN T 37 -43.96 9.96 -36.45
C ASN T 37 -43.51 11.42 -36.54
N SER T 38 -44.28 12.30 -35.92
CA SER T 38 -44.02 13.73 -35.99
C SER T 38 -44.23 14.31 -34.59
N SER T 39 -43.23 14.12 -33.76
CA SER T 39 -43.17 14.80 -32.48
C SER T 39 -42.42 16.11 -32.69
N GLY T 40 -42.17 16.86 -31.63
CA GLY T 40 -41.32 18.00 -31.86
C GLY T 40 -39.83 17.74 -31.82
N ILE T 41 -39.40 16.49 -31.68
CA ILE T 41 -38.03 16.13 -31.36
C ILE T 41 -37.49 15.24 -32.47
N PRO T 42 -36.61 15.77 -33.34
CA PRO T 42 -36.23 15.04 -34.58
C PRO T 42 -35.47 13.74 -34.37
N PHE T 43 -34.57 13.68 -33.39
CA PHE T 43 -33.84 12.43 -33.12
C PHE T 43 -34.74 11.35 -32.56
N LEU T 44 -35.75 11.71 -31.75
CA LEU T 44 -36.69 10.72 -31.25
C LEU T 44 -37.58 10.17 -32.36
N ASP T 45 -37.88 10.96 -33.39
CA ASP T 45 -38.61 10.43 -34.55
C ASP T 45 -37.83 9.34 -35.27
N HIS T 46 -36.50 9.50 -35.38
CA HIS T 46 -35.64 8.51 -36.01
C HIS T 46 -35.61 7.19 -35.23
N MET T 47 -35.67 7.25 -33.89
CA MET T 47 -35.71 6.01 -33.09
C MET T 47 -37.08 5.32 -33.17
N LEU T 48 -38.18 6.09 -33.20
CA LEU T 48 -39.50 5.48 -33.32
C LEU T 48 -39.72 4.79 -34.66
N ASP T 49 -39.03 5.22 -35.72
CA ASP T 49 -39.08 4.50 -36.99
C ASP T 49 -38.45 3.11 -36.90
N GLN T 50 -37.47 2.92 -36.01
CA GLN T 50 -36.87 1.60 -35.83
C GLN T 50 -37.86 0.63 -35.21
N LEU T 51 -38.75 1.13 -34.37
CA LEU T 51 -39.74 0.27 -33.73
C LEU T 51 -40.72 -0.28 -34.75
N ALA T 52 -41.05 0.50 -35.79
CA ALA T 52 -41.89 -0.02 -36.86
C ALA T 52 -41.13 -0.95 -37.80
N SER T 53 -39.86 -0.64 -38.07
CA SER T 53 -39.13 -1.33 -39.13
C SER T 53 -38.64 -2.71 -38.69
N HIS T 54 -38.21 -2.85 -37.45
CA HIS T 54 -37.68 -4.12 -36.98
C HIS T 54 -38.67 -4.92 -36.14
N GLY T 55 -39.72 -4.29 -35.63
CA GLY T 55 -40.74 -5.03 -34.93
C GLY T 55 -42.00 -5.33 -35.73
N LEU T 56 -42.14 -4.69 -36.90
CA LEU T 56 -43.29 -4.80 -37.80
C LEU T 56 -44.60 -4.30 -37.17
N PHE T 57 -44.55 -3.35 -36.26
CA PHE T 57 -45.73 -2.67 -35.77
C PHE T 57 -46.10 -1.49 -36.68
N ASP T 58 -47.36 -1.06 -36.62
CA ASP T 58 -47.78 0.23 -37.16
C ASP T 58 -47.80 1.26 -36.02
N VAL T 59 -47.08 2.37 -36.19
CA VAL T 59 -46.88 3.36 -35.13
C VAL T 59 -47.15 4.77 -35.67
N HIS T 60 -47.98 5.54 -34.96
CA HIS T 60 -48.30 6.91 -35.37
C HIS T 60 -48.31 7.85 -34.16
N VAL T 61 -47.48 8.90 -34.18
CA VAL T 61 -47.36 9.87 -33.08
C VAL T 61 -47.48 11.29 -33.63
N LYS T 62 -48.30 12.13 -32.96
CA LYS T 62 -48.38 13.56 -33.23
C LYS T 62 -48.31 14.36 -31.92
N ALA T 63 -47.41 15.34 -31.84
CA ALA T 63 -47.21 16.06 -30.58
C ALA T 63 -46.70 17.48 -30.80
N THR T 64 -47.19 18.40 -29.96
CA THR T 64 -46.63 19.75 -29.82
C THR T 64 -46.54 20.09 -28.33
N GLY T 65 -45.55 20.90 -27.96
CA GLY T 65 -45.26 21.17 -26.57
C GLY T 65 -44.49 22.45 -26.32
N ASP T 66 -43.78 22.47 -25.20
CA ASP T 66 -43.10 23.68 -24.72
C ASP T 66 -41.59 23.57 -24.86
N THR T 67 -41.13 23.35 -26.09
CA THR T 67 -39.72 23.06 -26.33
C THR T 67 -38.80 24.26 -26.22
N HIS T 68 -39.31 25.47 -25.92
CA HIS T 68 -38.40 26.57 -25.67
C HIS T 68 -37.86 26.61 -24.24
N ILE T 69 -38.46 25.88 -23.30
CA ILE T 69 -37.81 25.59 -22.02
C ILE T 69 -36.72 24.53 -22.28
N ASP T 70 -37.12 23.27 -22.42
CA ASP T 70 -36.27 22.23 -23.01
C ASP T 70 -37.14 21.13 -23.64
N ASP T 71 -36.57 19.97 -23.91
CA ASP T 71 -37.29 18.84 -24.49
C ASP T 71 -37.89 17.87 -23.46
N HIS T 72 -37.71 18.15 -22.15
CA HIS T 72 -38.02 17.19 -21.08
C HIS T 72 -39.52 16.87 -20.99
N HIS T 73 -40.38 17.90 -20.94
CA HIS T 73 -41.81 17.63 -20.74
C HIS T 73 -42.44 16.94 -21.96
N THR T 74 -42.02 17.30 -23.18
CA THR T 74 -42.50 16.64 -24.39
C THR T 74 -42.03 15.18 -24.48
N ASN T 75 -40.79 14.90 -24.05
CA ASN T 75 -40.25 13.52 -24.04
C ASN T 75 -41.01 12.63 -23.05
N GLU T 76 -41.35 13.16 -21.88
CA GLU T 76 -42.08 12.41 -20.86
C GLU T 76 -43.53 12.13 -21.25
N ASP T 77 -44.25 13.11 -21.80
CA ASP T 77 -45.67 12.91 -22.10
C ASP T 77 -45.90 11.93 -23.26
N VAL T 78 -45.01 11.95 -24.26
CA VAL T 78 -45.11 10.99 -25.37
C VAL T 78 -44.90 9.55 -24.87
N ALA T 79 -43.93 9.35 -23.98
CA ALA T 79 -43.65 8.00 -23.45
C ALA T 79 -44.82 7.46 -22.62
N LEU T 80 -45.46 8.31 -21.82
CA LEU T 80 -46.63 7.88 -21.05
C LEU T 80 -47.78 7.47 -21.97
N ALA T 81 -47.97 8.18 -23.08
CA ALA T 81 -49.08 7.88 -23.98
C ALA T 81 -48.89 6.54 -24.69
N ILE T 82 -47.65 6.20 -25.07
CA ILE T 82 -47.36 4.92 -25.72
C ILE T 82 -47.61 3.74 -24.76
N GLY T 83 -47.29 3.90 -23.47
CA GLY T 83 -47.54 2.82 -22.52
C GLY T 83 -49.01 2.51 -22.32
N THR T 84 -49.84 3.55 -22.28
CA THR T 84 -51.29 3.38 -22.12
C THR T 84 -51.90 2.67 -23.33
N ALA T 85 -51.49 3.06 -24.55
CA ALA T 85 -52.04 2.47 -25.77
C ALA T 85 -51.65 1.00 -25.93
N LEU T 86 -50.46 0.62 -25.46
CA LEU T 86 -50.04 -0.78 -25.50
C LEU T 86 -50.87 -1.62 -24.55
N LEU T 87 -51.17 -1.10 -23.36
CA LEU T 87 -51.99 -1.84 -22.39
C LEU T 87 -53.42 -2.02 -22.88
N GLN T 88 -53.96 -1.05 -23.64
CA GLN T 88 -55.30 -1.19 -24.20
C GLN T 88 -55.32 -2.17 -25.38
N ALA T 89 -54.25 -2.21 -26.19
CA ALA T 89 -54.20 -3.14 -27.31
C ALA T 89 -54.10 -4.60 -26.87
N LEU T 90 -53.48 -4.88 -25.71
CA LEU T 90 -53.23 -6.26 -25.30
C LEU T 90 -54.45 -6.93 -24.69
N GLY T 91 -55.25 -6.22 -23.89
CA GLY T 91 -56.50 -6.77 -23.40
C GLY T 91 -56.35 -7.88 -22.39
N ASP T 92 -57.00 -9.01 -22.68
CA ASP T 92 -57.04 -10.14 -21.75
C ASP T 92 -55.69 -10.83 -21.61
N ARG T 93 -54.90 -10.86 -22.71
CA ARG T 93 -53.58 -11.52 -22.85
C ARG T 93 -53.70 -13.05 -22.85
N LYS T 94 -54.74 -13.58 -23.46
CA LYS T 94 -54.94 -15.03 -23.55
C LYS T 94 -54.18 -15.58 -24.75
N GLY T 95 -53.35 -16.60 -24.51
CA GLY T 95 -52.70 -17.32 -25.59
C GLY T 95 -51.44 -16.73 -26.19
N ILE T 96 -50.79 -15.76 -25.54
CA ILE T 96 -49.59 -15.15 -26.10
C ILE T 96 -48.34 -15.82 -25.51
N ASN T 97 -47.18 -15.53 -26.13
CA ASN T 97 -45.90 -16.07 -25.65
C ASN T 97 -45.50 -15.48 -24.29
N ARG T 98 -45.80 -14.20 -24.06
CA ARG T 98 -45.62 -13.43 -22.83
C ARG T 98 -44.16 -13.04 -22.51
N PHE T 99 -43.15 -13.80 -22.95
CA PHE T 99 -41.73 -13.51 -22.72
C PHE T 99 -40.99 -13.24 -24.04
N GLY T 100 -39.95 -12.41 -24.00
CA GLY T 100 -39.12 -12.13 -25.16
C GLY T 100 -37.68 -11.80 -24.81
N ASN T 101 -36.76 -12.09 -25.73
CA ASN T 101 -35.32 -12.08 -25.46
C ASN T 101 -34.51 -11.96 -26.75
N PHE T 102 -33.56 -11.00 -26.82
CA PHE T 102 -32.76 -10.78 -28.04
C PHE T 102 -31.53 -9.90 -27.79
N SER T 103 -30.44 -10.18 -28.52
CA SER T 103 -29.24 -9.33 -28.53
C SER T 103 -28.92 -8.84 -29.95
N ALA T 104 -28.64 -7.54 -30.10
CA ALA T 104 -28.46 -6.90 -31.42
C ALA T 104 -27.24 -5.97 -31.53
N PRO T 105 -26.43 -6.12 -32.59
CA PRO T 105 -25.27 -5.23 -32.78
C PRO T 105 -25.47 -4.10 -33.79
N LEU T 106 -24.64 -3.07 -33.70
CA LEU T 106 -24.49 -2.05 -34.74
C LEU T 106 -23.02 -1.61 -34.74
N ASP T 107 -22.25 -2.12 -35.72
CA ASP T 107 -20.79 -2.05 -35.78
C ASP T 107 -20.17 -2.57 -34.49
N GLU T 108 -19.49 -1.72 -33.71
CA GLU T 108 -18.78 -2.13 -32.50
C GLU T 108 -19.65 -2.16 -31.23
N ALA T 109 -20.92 -1.76 -31.29
CA ALA T 109 -21.81 -1.80 -30.13
C ALA T 109 -22.62 -3.10 -30.09
N LEU T 110 -23.02 -3.52 -28.88
CA LEU T 110 -23.89 -4.68 -28.65
C LEU T 110 -24.65 -4.57 -27.32
N VAL T 111 -25.98 -4.77 -27.37
CA VAL T 111 -26.91 -4.61 -26.25
C VAL T 111 -27.84 -5.85 -26.15
N HIS T 112 -28.09 -6.32 -24.92
CA HIS T 112 -28.93 -7.47 -24.59
C HIS T 112 -30.21 -7.02 -23.90
N VAL T 113 -31.38 -7.52 -24.32
CA VAL T 113 -32.70 -7.14 -23.80
C VAL T 113 -33.52 -8.38 -23.45
N SER T 114 -34.14 -8.39 -22.25
CA SER T 114 -35.21 -9.35 -21.96
C SER T 114 -36.35 -8.73 -21.14
N LEU T 115 -37.58 -9.18 -21.39
CA LEU T 115 -38.79 -8.57 -20.83
C LEU T 115 -39.88 -9.61 -20.57
N ASP T 116 -40.88 -9.23 -19.77
CA ASP T 116 -42.01 -10.08 -19.41
C ASP T 116 -43.25 -9.23 -19.17
N LEU T 117 -44.35 -9.58 -19.85
CA LEU T 117 -45.58 -8.77 -19.80
C LEU T 117 -46.43 -9.23 -18.60
N SER T 118 -46.04 -8.75 -17.43
CA SER T 118 -46.44 -9.36 -16.16
C SER T 118 -47.56 -8.66 -15.42
N GLY T 119 -47.72 -7.35 -15.58
CA GLY T 119 -48.57 -6.55 -14.71
C GLY T 119 -47.83 -5.91 -13.55
N ARG T 120 -46.54 -6.14 -13.41
CA ARG T 120 -45.72 -5.57 -12.33
C ARG T 120 -44.60 -4.71 -12.94
N PRO T 121 -44.60 -3.40 -12.73
CA PRO T 121 -43.59 -2.53 -13.36
C PRO T 121 -42.22 -2.58 -12.68
N HIS T 122 -41.16 -2.63 -13.49
CA HIS T 122 -39.78 -2.55 -13.00
C HIS T 122 -38.82 -2.28 -14.16
N LEU T 123 -37.84 -1.42 -13.92
CA LEU T 123 -36.77 -1.15 -14.89
C LEU T 123 -35.39 -1.41 -14.31
N GLY T 124 -34.60 -2.22 -14.99
CA GLY T 124 -33.16 -2.34 -14.75
C GLY T 124 -32.36 -1.79 -15.91
N TYR T 125 -31.55 -0.77 -15.67
CA TYR T 125 -30.91 0.03 -16.71
C TYR T 125 -29.41 0.09 -16.47
N ASP T 126 -28.63 -0.31 -17.47
CA ASP T 126 -27.20 -0.46 -17.33
C ASP T 126 -26.51 -0.12 -18.68
N LEU T 127 -26.49 1.16 -19.02
CA LEU T 127 -25.82 1.68 -20.21
C LEU T 127 -24.78 2.71 -19.80
N ASN T 128 -23.80 2.93 -20.66
CA ASN T 128 -22.74 3.90 -20.39
C ASN T 128 -22.51 4.78 -21.62
N ILE T 129 -23.23 5.89 -21.69
CA ILE T 129 -23.25 6.76 -22.88
C ILE T 129 -22.20 7.86 -22.69
N PRO T 130 -21.18 7.94 -23.53
CA PRO T 130 -20.00 8.76 -23.23
C PRO T 130 -20.03 10.25 -23.58
N THR T 131 -21.07 10.79 -24.23
CA THR T 131 -21.18 12.23 -24.46
C THR T 131 -22.51 12.76 -23.94
N GLN T 132 -22.64 14.08 -23.86
CA GLN T 132 -23.82 14.70 -23.26
C GLN T 132 -24.92 15.04 -24.28
N ARG T 133 -24.57 15.24 -25.54
CA ARG T 133 -25.51 15.59 -26.60
C ARG T 133 -25.21 14.77 -27.85
N VAL T 134 -26.25 14.35 -28.58
CA VAL T 134 -26.01 13.62 -29.82
C VAL T 134 -26.14 14.62 -30.98
N GLY T 135 -27.29 15.21 -31.17
CA GLY T 135 -27.39 16.38 -32.03
C GLY T 135 -27.83 17.55 -31.18
N LYS T 136 -29.12 17.85 -31.20
CA LYS T 136 -29.71 18.70 -30.16
C LYS T 136 -30.29 17.91 -28.98
N TYR T 137 -30.34 16.58 -29.04
CA TYR T 137 -31.02 15.74 -28.04
C TYR T 137 -30.14 15.46 -26.82
N ASP T 138 -30.70 15.66 -25.63
CA ASP T 138 -30.03 15.45 -24.34
C ASP T 138 -30.01 13.96 -23.97
N THR T 139 -28.84 13.42 -23.59
CA THR T 139 -28.68 11.97 -23.43
C THR T 139 -29.22 11.39 -22.11
N GLN T 140 -29.50 12.21 -21.08
CA GLN T 140 -30.23 11.73 -19.90
C GLN T 140 -31.69 11.39 -20.19
N LEU T 141 -32.24 11.80 -21.34
CA LEU T 141 -33.64 11.52 -21.63
C LEU T 141 -33.89 10.10 -22.15
N VAL T 142 -32.83 9.34 -22.49
CA VAL T 142 -33.01 7.94 -22.89
C VAL T 142 -33.53 7.11 -21.73
N GLU T 143 -32.93 7.27 -20.54
CA GLU T 143 -33.40 6.54 -19.37
C GLU T 143 -34.78 7.00 -18.91
N HIS T 144 -35.09 8.30 -19.01
CA HIS T 144 -36.41 8.79 -18.60
C HIS T 144 -37.52 8.26 -19.54
N PHE T 145 -37.20 8.05 -20.81
CA PHE T 145 -38.18 7.53 -21.77
C PHE T 145 -38.64 6.12 -21.37
N PHE T 146 -37.69 5.22 -21.06
CA PHE T 146 -38.02 3.85 -20.73
C PHE T 146 -38.70 3.72 -19.36
N GLN T 147 -38.38 4.59 -18.40
CA GLN T 147 -39.02 4.53 -17.08
C GLN T 147 -40.50 4.94 -17.13
N SER T 148 -40.84 5.96 -17.93
CA SER T 148 -42.25 6.33 -18.12
C SER T 148 -43.04 5.26 -18.89
N LEU T 149 -42.41 4.57 -19.84
CA LEU T 149 -43.09 3.53 -20.61
C LEU T 149 -43.46 2.32 -19.75
N VAL T 150 -42.56 1.88 -18.85
CA VAL T 150 -42.91 0.71 -18.04
C VAL T 150 -43.92 1.06 -16.94
N ASN T 151 -44.05 2.33 -16.52
CA ASN T 151 -44.99 2.65 -15.45
C ASN T 151 -46.44 2.61 -15.92
N THR T 152 -46.74 3.02 -17.17
CA THR T 152 -48.11 2.96 -17.63
C THR T 152 -48.47 1.61 -18.24
N SER T 153 -47.53 0.86 -18.81
CA SER T 153 -47.81 -0.44 -19.41
C SER T 153 -47.75 -1.61 -18.43
N GLY T 154 -47.06 -1.47 -17.31
CA GLY T 154 -46.90 -2.57 -16.37
C GLY T 154 -46.01 -3.72 -16.80
N MET T 155 -44.84 -3.44 -17.36
CA MET T 155 -43.95 -4.51 -17.79
C MET T 155 -42.65 -4.54 -16.97
N THR T 156 -42.06 -5.74 -16.87
CA THR T 156 -40.72 -5.96 -16.33
C THR T 156 -39.69 -5.87 -17.48
N LEU T 157 -38.68 -5.01 -17.34
CA LEU T 157 -37.72 -4.77 -18.42
C LEU T 157 -36.28 -4.69 -17.92
N HIS T 158 -35.36 -5.39 -18.59
CA HIS T 158 -33.92 -5.37 -18.28
C HIS T 158 -33.13 -5.05 -19.54
N ILE T 159 -32.18 -4.09 -19.45
CA ILE T 159 -31.36 -3.60 -20.56
C ILE T 159 -29.89 -3.59 -20.12
N ARG T 160 -29.00 -4.26 -20.87
CA ARG T 160 -27.60 -4.38 -20.45
C ARG T 160 -26.60 -4.31 -21.61
N GLN T 161 -25.55 -3.48 -21.48
CA GLN T 161 -24.57 -3.22 -22.54
C GLN T 161 -23.39 -4.20 -22.45
N PHE T 162 -23.02 -4.80 -23.59
CA PHE T 162 -21.87 -5.70 -23.71
C PHE T 162 -20.61 -5.05 -24.27
N SER T 163 -20.72 -4.08 -25.20
CA SER T 163 -19.59 -3.32 -25.75
C SER T 163 -20.13 -2.08 -26.47
N GLY T 164 -19.23 -1.19 -26.86
CA GLY T 164 -19.58 -0.03 -27.68
C GLY T 164 -18.89 1.25 -27.25
N THR T 165 -18.68 2.14 -28.23
CA THR T 165 -17.93 3.39 -28.09
C THR T 165 -18.69 4.64 -28.62
N ASN T 166 -19.29 4.57 -29.81
CA ASN T 166 -20.00 5.72 -30.40
C ASN T 166 -21.41 5.86 -29.81
N SER T 167 -21.79 7.09 -29.42
CA SER T 167 -23.07 7.32 -28.73
C SER T 167 -24.29 7.09 -29.64
N HIS T 168 -24.22 7.50 -30.91
CA HIS T 168 -25.31 7.23 -31.85
C HIS T 168 -25.50 5.72 -32.06
N HIS T 169 -24.41 4.97 -32.11
CA HIS T 169 -24.52 3.52 -32.31
C HIS T 169 -25.17 2.81 -31.10
N ILE T 170 -24.83 3.24 -29.87
CA ILE T 170 -25.33 2.58 -28.65
C ILE T 170 -26.84 2.75 -28.50
N ILE T 171 -27.36 3.96 -28.71
CA ILE T 171 -28.79 4.20 -28.54
C ILE T 171 -29.60 3.49 -29.63
N GLU T 172 -29.14 3.53 -30.89
CA GLU T 172 -29.89 2.89 -31.98
C GLU T 172 -29.90 1.36 -31.85
N ALA T 173 -28.88 0.77 -31.24
CA ALA T 173 -28.88 -0.68 -31.02
C ALA T 173 -29.82 -1.11 -29.90
N THR T 174 -30.02 -0.25 -28.89
CA THR T 174 -31.02 -0.50 -27.86
C THR T 174 -32.43 -0.58 -28.45
N PHE T 175 -32.79 0.40 -29.30
CA PHE T 175 -34.12 0.42 -29.90
C PHE T 175 -34.34 -0.71 -30.93
N LYS T 176 -33.28 -1.26 -31.52
CA LYS T 176 -33.41 -2.42 -32.39
C LYS T 176 -33.69 -3.70 -31.60
N ALA T 177 -32.90 -3.95 -30.54
CA ALA T 177 -33.10 -5.15 -29.72
C ALA T 177 -34.44 -5.13 -28.98
N PHE T 178 -34.87 -3.96 -28.46
CA PHE T 178 -36.18 -3.83 -27.83
C PHE T 178 -37.31 -4.19 -28.79
N ALA T 179 -37.21 -3.78 -30.06
CA ALA T 179 -38.25 -4.07 -31.05
C ALA T 179 -38.40 -5.56 -31.32
N ARG T 180 -37.29 -6.28 -31.43
CA ARG T 180 -37.37 -7.70 -31.71
C ARG T 180 -37.83 -8.51 -30.50
N ALA T 181 -37.50 -8.07 -29.28
CA ALA T 181 -37.97 -8.79 -28.10
C ALA T 181 -39.46 -8.53 -27.85
N LEU T 182 -39.97 -7.33 -28.17
CA LEU T 182 -41.39 -7.07 -28.00
C LEU T 182 -42.24 -7.82 -29.03
N ARG T 183 -41.72 -8.00 -30.25
CA ARG T 183 -42.44 -8.76 -31.28
C ARG T 183 -42.61 -10.22 -30.86
N GLN T 184 -41.60 -10.79 -30.20
CA GLN T 184 -41.68 -12.17 -29.72
C GLN T 184 -42.75 -12.35 -28.64
N ALA T 185 -42.85 -11.40 -27.70
CA ALA T 185 -43.73 -11.58 -26.56
C ALA T 185 -45.21 -11.36 -26.88
N THR T 186 -45.55 -10.65 -27.95
CA THR T 186 -46.94 -10.38 -28.30
C THR T 186 -47.52 -11.34 -29.34
N GLU T 187 -46.72 -12.26 -29.88
CA GLU T 187 -47.25 -13.20 -30.86
C GLU T 187 -47.95 -14.39 -30.21
N TYR T 188 -48.88 -14.98 -30.96
CA TYR T 188 -49.65 -16.12 -30.46
C TYR T 188 -48.82 -17.39 -30.41
N ASP T 189 -48.93 -18.08 -29.28
CA ASP T 189 -48.23 -19.35 -29.05
C ASP T 189 -49.11 -20.50 -29.55
N THR T 190 -48.86 -20.96 -30.78
CA THR T 190 -49.42 -22.22 -31.24
C THR T 190 -48.77 -23.35 -30.45
N ARG T 191 -49.59 -24.16 -29.77
CA ARG T 191 -49.09 -24.92 -28.63
C ARG T 191 -48.20 -26.09 -29.07
N ARG T 192 -47.58 -26.72 -28.08
CA ARG T 192 -46.72 -27.86 -28.34
C ARG T 192 -47.53 -29.11 -28.69
N ALA U 9 21.88 31.89 -55.74
CA ALA U 9 22.22 31.38 -54.42
C ALA U 9 21.63 32.29 -53.34
N ARG U 10 21.03 31.68 -52.33
CA ARG U 10 20.35 32.39 -51.26
C ARG U 10 21.34 32.60 -50.11
N ILE U 11 21.76 33.85 -49.89
CA ILE U 11 22.82 34.16 -48.93
C ILE U 11 22.33 35.19 -47.93
N GLY U 12 22.49 34.91 -46.64
CA GLY U 12 22.07 35.80 -45.59
C GLY U 12 23.22 36.20 -44.69
N GLU U 13 23.12 37.41 -44.11
CA GLU U 13 24.20 38.05 -43.38
C GLU U 13 23.64 38.76 -42.13
N MET U 14 24.49 38.99 -41.14
CA MET U 14 24.12 39.67 -39.89
C MET U 14 25.38 40.09 -39.13
N LYS U 15 25.36 41.29 -38.55
CA LYS U 15 26.40 41.78 -37.64
C LYS U 15 25.72 42.44 -36.45
N ARG U 16 26.18 42.12 -35.24
CA ARG U 16 25.59 42.63 -34.01
C ARG U 16 26.69 42.94 -33.00
N VAL U 17 26.68 44.15 -32.44
CA VAL U 17 27.66 44.57 -31.44
C VAL U 17 26.92 45.13 -30.24
N THR U 18 27.24 44.62 -29.05
CA THR U 18 26.74 45.18 -27.80
C THR U 18 27.90 45.35 -26.83
N LYS U 19 27.57 45.75 -25.60
CA LYS U 19 28.54 45.91 -24.53
C LYS U 19 29.05 44.58 -23.99
N GLU U 20 28.49 43.44 -24.40
CA GLU U 20 28.98 42.12 -24.01
C GLU U 20 29.79 41.43 -25.10
N THR U 21 29.37 41.52 -26.36
CA THR U 21 29.86 40.64 -27.43
C THR U 21 29.98 41.40 -28.75
N ASN U 22 30.71 40.79 -29.69
CA ASN U 22 30.85 41.26 -31.07
C ASN U 22 30.77 40.03 -31.97
N VAL U 23 29.80 40.00 -32.91
CA VAL U 23 29.44 38.79 -33.66
C VAL U 23 29.26 39.13 -35.15
N SER U 24 29.83 38.30 -36.04
CA SER U 24 29.56 38.32 -37.48
C SER U 24 29.25 36.92 -38.02
N VAL U 25 28.22 36.80 -38.88
CA VAL U 25 27.69 35.51 -39.34
C VAL U 25 27.34 35.59 -40.83
N LYS U 26 27.62 34.51 -41.59
CA LYS U 26 27.21 34.39 -43.00
C LYS U 26 26.84 32.96 -43.38
N ILE U 27 25.68 32.77 -44.04
CA ILE U 27 25.14 31.44 -44.37
C ILE U 27 24.72 31.38 -45.85
N ASN U 28 25.10 30.29 -46.53
CA ASN U 28 24.68 30.01 -47.92
C ASN U 28 23.83 28.74 -47.93
N LEU U 29 22.60 28.84 -48.44
CA LEU U 29 21.69 27.69 -48.46
C LEU U 29 21.92 26.76 -49.64
N ASP U 30 22.69 27.18 -50.65
CA ASP U 30 22.98 26.30 -51.78
C ASP U 30 24.47 25.99 -51.87
N GLY U 31 25.07 25.48 -50.78
CA GLY U 31 26.51 25.40 -50.66
C GLY U 31 27.08 24.03 -50.97
N THR U 32 28.39 23.89 -50.69
CA THR U 32 29.11 22.64 -50.88
C THR U 32 29.73 22.09 -49.60
N GLY U 33 29.36 22.63 -48.45
CA GLY U 33 29.89 22.14 -47.18
C GLY U 33 31.21 22.74 -46.73
N VAL U 34 31.41 24.04 -46.92
CA VAL U 34 32.60 24.74 -46.45
C VAL U 34 32.32 25.30 -45.06
N ALA U 35 33.22 25.04 -44.11
CA ALA U 35 33.05 25.46 -42.72
C ALA U 35 34.22 26.29 -42.25
N ASP U 36 33.95 27.40 -41.58
CA ASP U 36 35.00 28.27 -41.02
C ASP U 36 34.42 28.94 -39.75
N ASN U 37 34.54 28.25 -38.62
CA ASN U 37 33.81 28.60 -37.40
C ASN U 37 34.79 28.87 -36.26
N SER U 38 34.83 30.12 -35.81
CA SER U 38 35.78 30.54 -34.79
C SER U 38 35.02 31.44 -33.80
N SER U 39 34.27 30.81 -32.93
CA SER U 39 33.68 31.50 -31.80
C SER U 39 34.67 31.41 -30.64
N GLY U 40 34.30 31.90 -29.47
CA GLY U 40 35.21 31.65 -28.38
C GLY U 40 35.05 30.31 -27.68
N ILE U 41 34.18 29.44 -28.16
CA ILE U 41 33.74 28.25 -27.45
C ILE U 41 34.08 27.02 -28.29
N PRO U 42 35.11 26.26 -27.90
CA PRO U 42 35.65 25.20 -28.79
C PRO U 42 34.70 24.04 -29.09
N PHE U 43 33.91 23.59 -28.11
CA PHE U 43 32.95 22.51 -28.36
C PHE U 43 31.82 22.96 -29.28
N LEU U 44 31.38 24.21 -29.19
CA LEU U 44 30.35 24.71 -30.10
C LEU U 44 30.87 24.81 -31.54
N ASP U 45 32.16 25.08 -31.73
CA ASP U 45 32.74 25.05 -33.09
C ASP U 45 32.64 23.66 -33.71
N HIS U 46 32.87 22.61 -32.91
CA HIS U 46 32.78 21.23 -33.39
C HIS U 46 31.34 20.87 -33.81
N MET U 47 30.32 21.39 -33.11
CA MET U 47 28.94 21.12 -33.52
C MET U 47 28.54 21.91 -34.77
N LEU U 48 29.02 23.14 -34.92
CA LEU U 48 28.69 23.92 -36.12
C LEU U 48 29.32 23.33 -37.38
N ASP U 49 30.44 22.61 -37.27
CA ASP U 49 30.99 21.90 -38.41
C ASP U 49 30.08 20.78 -38.90
N GLN U 50 29.29 20.18 -38.00
CA GLN U 50 28.35 19.13 -38.41
C GLN U 50 27.25 19.71 -39.28
N LEU U 51 26.86 20.95 -39.03
CA LEU U 51 25.81 21.58 -39.81
C LEU U 51 26.25 21.80 -41.25
N ALA U 52 27.54 22.09 -41.47
CA ALA U 52 28.05 22.18 -42.83
C ALA U 52 28.23 20.81 -43.49
N SER U 53 28.67 19.82 -42.70
CA SER U 53 29.10 18.55 -43.28
C SER U 53 27.91 17.65 -43.66
N HIS U 54 26.86 17.65 -42.87
CA HIS U 54 25.71 16.79 -43.14
C HIS U 54 24.54 17.52 -43.78
N GLY U 55 24.50 18.84 -43.70
CA GLY U 55 23.47 19.58 -44.40
C GLY U 55 23.89 20.20 -45.72
N LEU U 56 25.20 20.23 -45.99
CA LEU U 56 25.82 20.82 -47.18
C LEU U 56 25.60 22.34 -47.28
N PHE U 57 25.46 23.04 -46.16
CA PHE U 57 25.47 24.49 -46.15
C PHE U 57 26.90 25.03 -46.07
N ASP U 58 27.08 26.29 -46.48
CA ASP U 58 28.30 27.04 -46.17
C ASP U 58 28.03 27.91 -44.93
N VAL U 59 28.87 27.77 -43.90
CA VAL U 59 28.64 28.42 -42.61
C VAL U 59 29.93 29.10 -42.13
N HIS U 60 29.83 30.38 -41.74
CA HIS U 60 30.99 31.13 -41.26
C HIS U 60 30.61 31.98 -40.04
N VAL U 61 31.29 31.77 -38.90
CA VAL U 61 31.02 32.48 -37.64
C VAL U 61 32.33 33.06 -37.09
N LYS U 62 32.30 34.34 -36.67
CA LYS U 62 33.39 34.97 -35.93
C LYS U 62 32.85 35.72 -34.71
N ALA U 63 33.41 35.45 -33.52
CA ALA U 63 32.87 36.03 -32.30
C ALA U 63 33.93 36.20 -31.21
N THR U 64 33.82 37.30 -30.47
CA THR U 64 34.54 37.51 -29.21
C THR U 64 33.58 38.09 -28.17
N GLY U 65 33.82 37.77 -26.90
CA GLY U 65 32.89 38.12 -25.84
C GLY U 65 33.50 38.16 -24.46
N ASP U 66 32.65 37.95 -23.46
CA ASP U 66 33.03 38.11 -22.05
C ASP U 66 33.11 36.76 -21.33
N THR U 67 33.95 35.88 -21.85
CA THR U 67 33.99 34.50 -21.36
C THR U 67 34.68 34.33 -20.02
N HIS U 68 35.17 35.41 -19.38
CA HIS U 68 35.67 35.25 -18.03
C HIS U 68 34.58 35.30 -16.96
N ILE U 69 33.37 35.78 -17.28
CA ILE U 69 32.20 35.53 -16.43
C ILE U 69 31.78 34.06 -16.63
N ASP U 70 31.11 33.76 -17.74
CA ASP U 70 30.95 32.39 -18.23
C ASP U 70 30.75 32.39 -19.75
N ASP U 71 30.26 31.30 -20.31
CA ASP U 71 30.01 31.18 -21.74
C ASP U 71 28.59 31.57 -22.17
N HIS U 72 27.73 31.99 -21.21
CA HIS U 72 26.29 32.16 -21.45
C HIS U 72 25.99 33.28 -22.45
N HIS U 73 26.56 34.48 -22.26
CA HIS U 73 26.20 35.59 -23.14
C HIS U 73 26.73 35.39 -24.56
N THR U 74 27.92 34.80 -24.73
CA THR U 74 28.45 34.49 -26.05
C THR U 74 27.64 33.40 -26.76
N ASN U 75 27.15 32.39 -26.01
CA ASN U 75 26.31 31.33 -26.59
C ASN U 75 24.97 31.87 -27.09
N GLU U 76 24.37 32.78 -26.33
CA GLU U 76 23.08 33.38 -26.70
C GLU U 76 23.18 34.32 -27.91
N ASP U 77 24.21 35.17 -27.97
CA ASP U 77 24.28 36.15 -29.05
C ASP U 77 24.59 35.50 -30.41
N VAL U 78 25.41 34.45 -30.42
CA VAL U 78 25.69 33.72 -31.66
C VAL U 78 24.41 33.05 -32.21
N ALA U 79 23.61 32.45 -31.33
CA ALA U 79 22.38 31.78 -31.75
C ALA U 79 21.36 32.77 -32.34
N LEU U 80 21.23 33.96 -31.74
CA LEU U 80 20.34 34.98 -32.28
C LEU U 80 20.78 35.43 -33.67
N ALA U 81 22.09 35.55 -33.90
CA ALA U 81 22.59 36.02 -35.19
C ALA U 81 22.33 35.01 -36.31
N ILE U 82 22.45 33.71 -36.02
CA ILE U 82 22.18 32.66 -37.01
C ILE U 82 20.69 32.65 -37.41
N GLY U 83 19.78 32.90 -36.46
CA GLY U 83 18.36 32.92 -36.80
C GLY U 83 17.98 34.05 -37.74
N THR U 84 18.56 35.23 -37.51
CA THR U 84 18.30 36.39 -38.36
C THR U 84 18.81 36.17 -39.79
N ALA U 85 20.01 35.61 -39.94
CA ALA U 85 20.60 35.37 -41.26
C ALA U 85 19.83 34.33 -42.06
N LEU U 86 19.26 33.33 -41.39
CA LEU U 86 18.44 32.33 -42.07
C LEU U 86 17.15 32.95 -42.59
N LEU U 87 16.52 33.83 -41.80
CA LEU U 87 15.29 34.49 -42.24
C LEU U 87 15.53 35.42 -43.43
N GLN U 88 16.71 36.05 -43.51
CA GLN U 88 17.04 36.90 -44.64
C GLN U 88 17.36 36.08 -45.90
N ALA U 89 18.00 34.91 -45.73
CA ALA U 89 18.31 34.07 -46.87
C ALA U 89 17.06 33.46 -47.53
N LEU U 90 16.00 33.21 -46.76
CA LEU U 90 14.83 32.51 -47.29
C LEU U 90 13.91 33.41 -48.10
N GLY U 91 13.70 34.66 -47.68
CA GLY U 91 12.95 35.60 -48.49
C GLY U 91 11.47 35.30 -48.59
N ASP U 92 10.98 35.22 -49.83
CA ASP U 92 9.55 35.04 -50.09
C ASP U 92 9.05 33.66 -49.70
N ARG U 93 9.92 32.63 -49.84
CA ARG U 93 9.65 31.20 -49.59
C ARG U 93 8.71 30.59 -50.64
N LYS U 94 8.84 31.00 -51.89
CA LYS U 94 8.02 30.47 -52.97
C LYS U 94 8.64 29.19 -53.52
N GLY U 95 7.85 28.12 -53.57
CA GLY U 95 8.27 26.90 -54.23
C GLY U 95 9.14 25.93 -53.44
N ILE U 96 9.24 26.06 -52.12
CA ILE U 96 10.07 25.16 -51.33
C ILE U 96 9.23 24.02 -50.75
N ASN U 97 9.92 23.00 -50.22
CA ASN U 97 9.25 21.86 -49.60
C ASN U 97 8.55 22.24 -48.29
N ARG U 98 9.15 23.16 -47.52
CA ARG U 98 8.66 23.77 -46.29
C ARG U 98 8.67 22.86 -45.04
N PHE U 99 8.58 21.53 -45.19
CA PHE U 99 8.61 20.57 -44.07
C PHE U 99 9.83 19.65 -44.17
N GLY U 100 10.34 19.19 -43.02
CA GLY U 100 11.44 18.24 -42.98
C GLY U 100 11.40 17.33 -41.77
N ASN U 101 11.98 16.13 -41.90
CA ASN U 101 11.80 15.03 -40.95
C ASN U 101 12.91 14.00 -41.07
N PHE U 102 13.58 13.63 -39.96
CA PHE U 102 14.69 12.66 -39.99
C PHE U 102 15.07 12.14 -38.60
N SER U 103 15.49 10.87 -38.54
CA SER U 103 16.06 10.27 -37.32
C SER U 103 17.48 9.76 -37.56
N ALA U 104 18.41 10.07 -36.65
CA ALA U 104 19.85 9.78 -36.81
C ALA U 104 20.54 9.16 -35.59
N PRO U 105 21.29 8.07 -35.78
CA PRO U 105 22.02 7.47 -34.64
C PRO U 105 23.51 7.81 -34.56
N LEU U 106 24.09 7.63 -33.37
CA LEU U 106 25.54 7.63 -33.17
C LEU U 106 25.84 6.62 -32.06
N ASP U 107 26.31 5.42 -32.45
CA ASP U 107 26.44 4.23 -31.61
C ASP U 107 25.12 3.91 -30.93
N GLU U 108 25.05 4.01 -29.59
CA GLU U 108 23.86 3.64 -28.82
C GLU U 108 22.82 4.76 -28.68
N ALA U 109 23.08 5.97 -29.17
CA ALA U 109 22.12 7.07 -29.11
C ALA U 109 21.27 7.16 -30.38
N LEU U 110 20.05 7.70 -30.25
CA LEU U 110 19.13 7.95 -31.37
C LEU U 110 18.14 9.08 -31.04
N VAL U 111 18.02 10.06 -31.95
CA VAL U 111 17.21 11.28 -31.79
C VAL U 111 16.35 11.51 -33.06
N HIS U 112 15.09 11.91 -32.87
CA HIS U 112 14.10 12.18 -33.92
C HIS U 112 13.80 13.68 -33.99
N VAL U 113 13.80 14.26 -35.20
CA VAL U 113 13.59 15.70 -35.43
C VAL U 113 12.53 15.93 -36.51
N SER U 114 11.57 16.83 -36.24
CA SER U 114 10.72 17.37 -37.32
C SER U 114 10.43 18.86 -37.14
N LEU U 115 10.33 19.59 -38.26
CA LEU U 115 10.23 21.05 -38.27
C LEU U 115 9.36 21.55 -39.41
N ASP U 116 8.94 22.83 -39.33
CA ASP U 116 8.10 23.48 -40.33
C ASP U 116 8.41 24.97 -40.36
N LEU U 117 8.70 25.50 -41.56
CA LEU U 117 9.13 26.89 -41.71
C LEU U 117 7.89 27.78 -41.87
N SER U 118 7.26 28.07 -40.73
CA SER U 118 5.88 28.54 -40.69
C SER U 118 5.71 30.04 -40.50
N GLY U 119 6.63 30.72 -39.83
CA GLY U 119 6.41 32.07 -39.35
C GLY U 119 5.91 32.15 -37.93
N ARG U 120 5.69 31.02 -37.26
CA ARG U 120 5.22 30.97 -35.87
C ARG U 120 6.25 30.24 -35.01
N PRO U 121 6.89 30.91 -34.06
CA PRO U 121 7.94 30.27 -33.26
C PRO U 121 7.41 29.35 -32.16
N HIS U 122 8.04 28.18 -32.00
CA HIS U 122 7.74 27.24 -30.92
C HIS U 122 8.84 26.20 -30.80
N LEU U 123 9.20 25.86 -29.57
CA LEU U 123 10.16 24.78 -29.29
C LEU U 123 9.57 23.71 -28.38
N GLY U 124 9.63 22.46 -28.80
CA GLY U 124 9.40 21.31 -27.94
C GLY U 124 10.68 20.52 -27.73
N TYR U 125 11.14 20.40 -26.49
CA TYR U 125 12.46 19.89 -26.16
C TYR U 125 12.34 18.76 -25.14
N ASP U 126 12.90 17.60 -25.48
CA ASP U 126 12.74 16.40 -24.69
C ASP U 126 14.02 15.54 -24.77
N LEU U 127 15.08 16.00 -24.12
CA LEU U 127 16.35 15.29 -24.02
C LEU U 127 16.69 15.04 -22.56
N ASN U 128 17.53 14.05 -22.31
CA ASN U 128 17.93 13.70 -20.94
C ASN U 128 19.44 13.51 -20.88
N ILE U 129 20.17 14.59 -20.61
CA ILE U 129 21.64 14.61 -20.69
C ILE U 129 22.19 14.32 -19.29
N PRO U 130 22.93 13.23 -19.10
CA PRO U 130 23.23 12.73 -17.74
C PRO U 130 24.42 13.33 -16.99
N THR U 131 25.24 14.22 -17.57
CA THR U 131 26.30 14.89 -16.82
C THR U 131 26.18 16.40 -16.97
N GLN U 132 26.93 17.14 -16.15
CA GLN U 132 26.81 18.60 -16.12
C GLN U 132 27.80 19.32 -17.05
N ARG U 133 28.92 18.70 -17.38
CA ARG U 133 29.95 19.29 -18.24
C ARG U 133 30.44 18.24 -19.24
N VAL U 134 30.73 18.66 -20.47
CA VAL U 134 31.27 17.72 -21.45
C VAL U 134 32.79 17.89 -21.48
N GLY U 135 33.27 19.05 -21.85
CA GLY U 135 34.67 19.38 -21.60
C GLY U 135 34.71 20.57 -20.67
N LYS U 136 34.88 21.76 -21.21
CA LYS U 136 34.57 22.98 -20.47
C LYS U 136 33.14 23.49 -20.69
N TYR U 137 32.37 22.90 -21.60
CA TYR U 137 31.05 23.41 -22.01
C TYR U 137 29.93 22.96 -21.05
N ASP U 138 29.11 23.91 -20.63
CA ASP U 138 27.98 23.69 -19.72
C ASP U 138 26.77 23.12 -20.47
N THR U 139 26.17 22.03 -19.95
CA THR U 139 25.15 21.29 -20.71
C THR U 139 23.74 21.91 -20.70
N GLN U 140 23.43 22.86 -19.80
CA GLN U 140 22.19 23.63 -19.92
C GLN U 140 22.17 24.58 -21.12
N LEU U 141 23.32 24.84 -21.76
CA LEU U 141 23.34 25.77 -22.88
C LEU U 141 22.87 25.15 -24.20
N VAL U 142 22.70 23.82 -24.26
CA VAL U 142 22.15 23.18 -25.47
C VAL U 142 20.70 23.62 -25.69
N GLU U 143 19.89 23.59 -24.64
CA GLU U 143 18.50 24.03 -24.77
C GLU U 143 18.39 25.54 -25.02
N HIS U 144 19.26 26.36 -24.42
CA HIS U 144 19.21 27.80 -24.63
C HIS U 144 19.60 28.16 -26.09
N PHE U 145 20.48 27.38 -26.70
CA PHE U 145 20.88 27.63 -28.09
C PHE U 145 19.69 27.49 -29.05
N PHE U 146 18.92 26.40 -28.92
CA PHE U 146 17.81 26.15 -29.82
C PHE U 146 16.63 27.11 -29.58
N GLN U 147 16.42 27.57 -28.34
CA GLN U 147 15.32 28.51 -28.06
C GLN U 147 15.58 29.89 -28.66
N SER U 148 16.83 30.38 -28.61
CA SER U 148 17.17 31.64 -29.27
C SER U 148 17.11 31.55 -30.81
N LEU U 149 17.45 30.39 -31.38
CA LEU U 149 17.40 30.22 -32.83
C LEU U 149 15.97 30.25 -33.38
N VAL U 150 15.01 29.61 -32.69
CA VAL U 150 13.65 29.64 -33.21
C VAL U 150 12.96 30.99 -33.00
N ASN U 151 13.41 31.82 -32.04
CA ASN U 151 12.74 33.11 -31.81
C ASN U 151 13.06 34.12 -32.90
N THR U 152 14.28 34.14 -33.45
CA THR U 152 14.58 35.08 -34.51
C THR U 152 14.21 34.57 -35.90
N SER U 153 14.23 33.25 -36.13
CA SER U 153 13.90 32.69 -37.43
C SER U 153 12.41 32.41 -37.65
N GLY U 154 11.63 32.30 -36.58
CA GLY U 154 10.21 31.97 -36.71
C GLY U 154 9.86 30.57 -37.16
N MET U 155 10.51 29.54 -36.61
CA MET U 155 10.20 28.17 -37.02
C MET U 155 9.57 27.36 -35.87
N THR U 156 8.77 26.36 -36.26
CA THR U 156 8.25 25.34 -35.36
C THR U 156 9.23 24.15 -35.31
N LEU U 157 9.67 23.76 -34.12
CA LEU U 157 10.69 22.72 -33.98
C LEU U 157 10.38 21.74 -32.85
N HIS U 158 10.50 20.44 -33.13
CA HIS U 158 10.30 19.37 -32.13
C HIS U 158 11.51 18.43 -32.13
N ILE U 159 12.05 18.12 -30.94
CA ILE U 159 13.25 17.30 -30.73
C ILE U 159 12.94 16.24 -29.66
N ARG U 160 13.14 14.96 -29.97
CA ARG U 160 12.77 13.88 -29.04
C ARG U 160 13.75 12.71 -29.03
N GLN U 161 14.19 12.27 -27.83
CA GLN U 161 15.20 11.23 -27.66
C GLN U 161 14.56 9.83 -27.57
N PHE U 162 15.09 8.88 -28.34
CA PHE U 162 14.66 7.48 -28.33
C PHE U 162 15.54 6.55 -27.48
N SER U 163 16.86 6.77 -27.41
CA SER U 163 17.78 6.01 -26.56
C SER U 163 19.11 6.79 -26.44
N GLY U 164 19.98 6.32 -25.56
CA GLY U 164 21.33 6.87 -25.44
C GLY U 164 21.79 7.03 -24.00
N THR U 165 23.12 6.94 -23.82
CA THR U 165 23.80 6.95 -22.52
C THR U 165 24.97 7.97 -22.43
N ASN U 166 25.85 8.03 -23.43
CA ASN U 166 27.00 8.95 -23.41
C ASN U 166 26.59 10.37 -23.81
N SER U 167 27.03 11.38 -23.04
CA SER U 167 26.61 12.77 -23.25
C SER U 167 27.15 13.36 -24.56
N HIS U 168 28.40 13.07 -24.92
CA HIS U 168 28.95 13.53 -26.19
C HIS U 168 28.18 12.92 -27.37
N HIS U 169 27.77 11.66 -27.27
CA HIS U 169 27.05 11.02 -28.37
C HIS U 169 25.64 11.63 -28.56
N ILE U 170 24.95 11.96 -27.46
CA ILE U 170 23.57 12.47 -27.53
C ILE U 170 23.51 13.85 -28.20
N ILE U 171 24.41 14.76 -27.82
CA ILE U 171 24.40 16.10 -28.40
C ILE U 171 24.80 16.08 -29.88
N GLU U 172 25.83 15.30 -30.25
CA GLU U 172 26.27 15.26 -31.64
C GLU U 172 25.23 14.61 -32.56
N ALA U 173 24.41 13.70 -32.04
CA ALA U 173 23.35 13.11 -32.86
C ALA U 173 22.18 14.06 -33.09
N THR U 174 21.91 14.95 -32.13
CA THR U 174 20.92 16.01 -32.32
C THR U 174 21.30 16.94 -33.47
N PHE U 175 22.56 17.41 -33.49
CA PHE U 175 23.02 18.31 -34.55
C PHE U 175 23.13 17.63 -35.93
N LYS U 176 23.29 16.30 -35.98
CA LYS U 176 23.25 15.59 -37.25
C LYS U 176 21.84 15.49 -37.82
N ALA U 177 20.86 15.08 -36.99
CA ALA U 177 19.48 14.97 -37.44
C ALA U 177 18.87 16.32 -37.81
N PHE U 178 19.17 17.39 -37.04
CA PHE U 178 18.72 18.74 -37.36
C PHE U 178 19.23 19.19 -38.74
N ALA U 179 20.48 18.86 -39.08
CA ALA U 179 21.06 19.27 -40.36
C ALA U 179 20.36 18.61 -41.54
N ARG U 180 20.02 17.33 -41.43
CA ARG U 180 19.37 16.64 -42.53
C ARG U 180 17.91 17.06 -42.68
N ALA U 181 17.23 17.39 -41.59
CA ALA U 181 15.84 17.85 -41.70
C ALA U 181 15.77 19.28 -42.25
N LEU U 182 16.75 20.14 -41.94
CA LEU U 182 16.73 21.49 -42.49
C LEU U 182 17.07 21.50 -43.98
N ARG U 183 17.94 20.58 -44.43
CA ARG U 183 18.26 20.48 -45.86
C ARG U 183 17.03 20.10 -46.68
N GLN U 184 16.18 19.21 -46.14
CA GLN U 184 14.96 18.81 -46.81
C GLN U 184 13.97 19.97 -46.97
N ALA U 185 13.81 20.80 -45.94
CA ALA U 185 12.78 21.82 -45.96
C ALA U 185 13.13 23.03 -46.83
N THR U 186 14.40 23.29 -47.12
CA THR U 186 14.81 24.44 -47.92
C THR U 186 15.02 24.12 -49.39
N GLU U 187 14.90 22.87 -49.81
CA GLU U 187 15.08 22.54 -51.22
C GLU U 187 13.82 22.79 -52.04
N TYR U 188 14.03 23.04 -53.34
CA TYR U 188 12.91 23.31 -54.25
C TYR U 188 12.12 22.06 -54.56
N ASP U 189 10.80 22.20 -54.49
CA ASP U 189 9.85 21.13 -54.79
C ASP U 189 9.52 21.16 -56.28
N THR U 190 10.21 20.33 -57.06
CA THR U 190 9.79 20.06 -58.43
C THR U 190 8.49 19.27 -58.38
N ARG U 191 7.43 19.79 -59.01
CA ARG U 191 6.08 19.42 -58.63
C ARG U 191 5.72 18.01 -59.10
N ARG U 192 4.58 17.54 -58.64
CA ARG U 192 4.10 16.22 -59.01
C ARG U 192 3.58 16.20 -60.45
N ALA V 9 39.36 11.00 54.16
CA ALA V 9 38.90 10.05 53.16
C ALA V 9 37.47 9.59 53.47
N ARG V 10 36.64 9.56 52.45
CA ARG V 10 35.23 9.22 52.59
C ARG V 10 35.06 7.72 52.34
N ILE V 11 34.75 6.97 53.41
CA ILE V 11 34.72 5.51 53.36
C ILE V 11 33.35 5.01 53.82
N GLY V 12 32.73 4.15 53.03
CA GLY V 12 31.43 3.59 53.35
C GLY V 12 31.46 2.08 53.41
N GLU V 13 30.58 1.51 54.24
CA GLU V 13 30.58 0.09 54.59
C GLU V 13 29.14 -0.43 54.66
N MET V 14 28.97 -1.75 54.50
CA MET V 14 27.67 -2.41 54.55
C MET V 14 27.85 -3.92 54.69
N LYS V 15 27.02 -4.56 55.53
CA LYS V 15 26.94 -6.01 55.65
C LYS V 15 25.47 -6.41 55.69
N ARG V 16 25.10 -7.43 54.92
CA ARG V 16 23.71 -7.88 54.81
C ARG V 16 23.68 -9.40 54.74
N VAL V 17 22.87 -10.03 55.59
CA VAL V 17 22.71 -11.48 55.61
C VAL V 17 21.23 -11.82 55.55
N THR V 18 20.85 -12.68 54.60
CA THR V 18 19.50 -13.22 54.53
C THR V 18 19.57 -14.73 54.36
N LYS V 19 18.41 -15.34 54.17
CA LYS V 19 18.29 -16.77 53.92
C LYS V 19 18.76 -17.17 52.53
N GLU V 20 19.07 -16.23 51.64
CA GLU V 20 19.62 -16.52 50.32
C GLU V 20 21.12 -16.29 50.22
N THR V 21 21.64 -15.20 50.81
CA THR V 21 22.98 -14.70 50.51
C THR V 21 23.65 -14.14 51.77
N ASN V 22 24.97 -13.95 51.68
CA ASN V 22 25.79 -13.31 52.70
C ASN V 22 26.78 -12.39 51.97
N VAL V 23 26.75 -11.08 52.27
CA VAL V 23 27.45 -10.05 51.48
C VAL V 23 28.17 -9.07 52.41
N SER V 24 29.44 -8.74 52.08
CA SER V 24 30.19 -7.65 52.70
C SER V 24 30.85 -6.75 51.64
N VAL V 25 30.77 -5.42 51.83
CA VAL V 25 31.19 -4.43 50.82
C VAL V 25 31.90 -3.26 51.51
N LYS V 26 32.97 -2.73 50.88
CA LYS V 26 33.66 -1.52 51.35
C LYS V 26 34.19 -0.67 50.19
N ILE V 27 33.92 0.66 50.22
CA ILE V 27 34.26 1.58 49.13
C ILE V 27 34.96 2.83 49.67
N ASN V 28 36.06 3.23 49.01
CA ASN V 28 36.79 4.48 49.31
C ASN V 28 36.69 5.42 48.11
N LEU V 29 36.18 6.63 48.34
CA LEU V 29 36.00 7.59 47.25
C LEU V 29 37.27 8.38 46.93
N ASP V 30 38.28 8.34 47.79
CA ASP V 30 39.54 9.03 47.51
C ASP V 30 40.69 8.04 47.37
N GLY V 31 40.57 7.05 46.49
CA GLY V 31 41.47 5.92 46.47
C GLY V 31 42.56 6.01 45.41
N THR V 32 43.29 4.90 45.26
CA THR V 32 44.35 4.78 44.26
C THR V 32 44.12 3.64 43.27
N GLY V 33 42.92 3.07 43.23
CA GLY V 33 42.63 1.99 42.29
C GLY V 33 42.99 0.59 42.73
N VAL V 34 42.77 0.26 44.00
CA VAL V 34 43.01 -1.09 44.52
C VAL V 34 41.71 -1.88 44.41
N ALA V 35 41.78 -3.08 43.83
CA ALA V 35 40.60 -3.93 43.60
C ALA V 35 40.79 -5.28 44.24
N ASP V 36 39.75 -5.77 44.93
CA ASP V 36 39.76 -7.10 45.55
C ASP V 36 38.31 -7.62 45.56
N ASN V 37 37.90 -8.26 44.47
CA ASN V 37 36.49 -8.56 44.21
C ASN V 37 36.30 -10.06 44.04
N SER V 38 35.58 -10.67 44.97
CA SER V 38 35.38 -12.11 44.98
C SER V 38 33.91 -12.37 45.32
N SER V 39 33.07 -12.22 44.32
CA SER V 39 31.69 -12.65 44.42
C SER V 39 31.63 -14.09 43.91
N GLY V 40 30.44 -14.66 43.83
CA GLY V 40 30.42 -15.96 43.21
C GLY V 40 30.34 -15.96 41.69
N ILE V 41 30.40 -14.80 41.05
CA ILE V 41 30.07 -14.64 39.64
C ILE V 41 31.30 -14.08 38.92
N PRO V 42 32.01 -14.91 38.14
CA PRO V 42 33.33 -14.50 37.60
C PRO V 42 33.31 -13.34 36.61
N PHE V 43 32.31 -13.25 35.74
CA PHE V 43 32.23 -12.13 34.80
C PHE V 43 31.92 -10.82 35.50
N LEU V 44 31.11 -10.84 36.57
CA LEU V 44 30.84 -9.63 37.33
C LEU V 44 32.08 -9.13 38.08
N ASP V 45 32.98 -10.04 38.50
CA ASP V 45 34.25 -9.61 39.09
C ASP V 45 35.11 -8.82 38.10
N HIS V 46 35.11 -9.24 36.83
CA HIS V 46 35.86 -8.55 35.78
C HIS V 46 35.32 -7.14 35.53
N MET V 47 34.00 -6.94 35.63
CA MET V 47 33.44 -5.59 35.46
C MET V 47 33.71 -4.69 36.67
N LEU V 48 33.67 -5.24 37.90
CA LEU V 48 33.96 -4.44 39.08
C LEU V 48 35.42 -3.98 39.14
N ASP V 49 36.35 -4.71 38.51
CA ASP V 49 37.72 -4.24 38.40
C ASP V 49 37.84 -3.00 37.53
N GLN V 50 36.95 -2.82 36.55
CA GLN V 50 36.97 -1.62 35.72
C GLN V 50 36.59 -0.40 36.53
N LEU V 51 35.72 -0.56 37.51
CA LEU V 51 35.30 0.56 38.34
C LEU V 51 36.46 1.08 39.18
N ALA V 52 37.36 0.19 39.63
CA ALA V 52 38.55 0.64 40.33
C ALA V 52 39.59 1.24 39.39
N SER V 53 39.74 0.65 38.20
CA SER V 53 40.86 1.00 37.33
C SER V 53 40.65 2.33 36.60
N HIS V 54 39.43 2.62 36.18
CA HIS V 54 39.16 3.85 35.44
C HIS V 54 38.54 4.95 36.29
N GLY V 55 37.98 4.61 37.44
CA GLY V 55 37.48 5.64 38.32
C GLY V 55 38.39 6.01 39.48
N LEU V 56 39.43 5.20 39.72
CA LEU V 56 40.40 5.34 40.81
C LEU V 56 39.77 5.21 42.20
N PHE V 57 38.70 4.44 42.34
CA PHE V 57 38.16 4.09 43.65
C PHE V 57 38.87 2.85 44.20
N ASP V 58 38.80 2.67 45.52
CA ASP V 58 39.13 1.39 46.16
C ASP V 58 37.83 0.61 46.40
N VAL V 59 37.76 -0.62 45.89
CA VAL V 59 36.53 -1.42 45.90
C VAL V 59 36.82 -2.83 46.41
N HIS V 60 36.04 -3.31 47.38
CA HIS V 60 36.22 -4.64 47.94
C HIS V 60 34.86 -5.32 48.15
N VAL V 61 34.65 -6.49 47.53
CA VAL V 61 33.39 -7.25 47.61
C VAL V 61 33.68 -8.70 47.99
N LYS V 62 32.93 -9.25 48.96
CA LYS V 62 32.94 -10.67 49.29
C LYS V 62 31.51 -11.21 49.41
N ALA V 63 31.20 -12.30 48.70
CA ALA V 63 29.83 -12.80 48.66
C ALA V 63 29.77 -14.31 48.42
N THR V 64 28.81 -14.95 49.09
CA THR V 64 28.39 -16.33 48.79
C THR V 64 26.87 -16.40 48.80
N GLY V 65 26.31 -17.30 47.98
CA GLY V 65 24.88 -17.35 47.78
C GLY V 65 24.36 -18.68 47.27
N ASP V 66 23.21 -18.62 46.59
CA ASP V 66 22.49 -19.82 46.16
C ASP V 66 22.57 -20.01 44.65
N THR V 67 23.78 -20.10 44.13
CA THR V 67 23.99 -20.11 42.69
C THR V 67 23.63 -21.42 42.01
N HIS V 68 23.15 -22.44 42.74
CA HIS V 68 22.66 -23.62 42.06
C HIS V 68 21.22 -23.49 41.57
N ILE V 69 20.45 -22.50 42.04
CA ILE V 69 19.21 -22.10 41.37
C ILE V 69 19.59 -21.32 40.11
N ASP V 70 19.98 -20.05 40.26
CA ASP V 70 20.70 -19.30 39.22
C ASP V 70 21.55 -18.21 39.86
N ASP V 71 21.99 -17.23 39.08
CA ASP V 71 22.80 -16.12 39.56
C ASP V 71 21.99 -14.89 40.00
N HIS V 72 20.65 -14.95 39.91
CA HIS V 72 19.78 -13.77 40.06
C HIS V 72 19.83 -13.18 41.47
N HIS V 73 19.65 -14.01 42.51
CA HIS V 73 19.58 -13.46 43.86
C HIS V 73 20.93 -12.91 44.33
N THR V 74 22.05 -13.56 43.96
CA THR V 74 23.38 -13.05 44.28
C THR V 74 23.70 -11.75 43.55
N ASN V 75 23.26 -11.62 42.29
CA ASN V 75 23.46 -10.37 41.51
C ASN V 75 22.69 -9.19 42.11
N GLU V 76 21.47 -9.43 42.56
CA GLU V 76 20.64 -8.39 43.16
C GLU V 76 21.15 -7.93 44.54
N ASP V 77 21.56 -8.86 45.40
CA ASP V 77 21.96 -8.46 46.76
C ASP V 77 23.29 -7.70 46.78
N VAL V 78 24.23 -8.05 45.89
CA VAL V 78 25.49 -7.31 45.78
C VAL V 78 25.24 -5.86 45.33
N ALA V 79 24.36 -5.67 44.35
CA ALA V 79 24.06 -4.33 43.84
C ALA V 79 23.40 -3.44 44.91
N LEU V 80 22.50 -4.00 45.71
CA LEU V 80 21.88 -3.24 46.80
C LEU V 80 22.92 -2.80 47.83
N ALA V 81 23.89 -3.67 48.13
CA ALA V 81 24.90 -3.35 49.14
C ALA V 81 25.83 -2.21 48.69
N ILE V 82 26.19 -2.17 47.41
CA ILE V 82 27.04 -1.11 46.86
C ILE V 82 26.31 0.25 46.91
N GLY V 83 25.00 0.28 46.66
CA GLY V 83 24.27 1.54 46.73
C GLY V 83 24.22 2.14 48.12
N THR V 84 24.03 1.29 49.13
CA THR V 84 23.99 1.74 50.52
C THR V 84 25.34 2.31 50.97
N ALA V 85 26.44 1.64 50.61
CA ALA V 85 27.78 2.08 51.01
C ALA V 85 28.18 3.40 50.35
N LEU V 86 27.72 3.64 49.12
CA LEU V 86 27.98 4.91 48.45
C LEU V 86 27.23 6.06 49.13
N LEU V 87 25.99 5.82 49.55
CA LEU V 87 25.21 6.86 50.24
C LEU V 87 25.81 7.20 51.61
N GLN V 88 26.42 6.22 52.30
CA GLN V 88 27.07 6.49 53.58
C GLN V 88 28.40 7.22 53.39
N ALA V 89 29.14 6.92 52.32
CA ALA V 89 30.40 7.60 52.07
C ALA V 89 30.22 9.08 51.71
N LEU V 90 29.10 9.45 51.08
CA LEU V 90 28.93 10.82 50.59
C LEU V 90 28.52 11.80 51.68
N GLY V 91 27.65 11.40 52.61
CA GLY V 91 27.34 12.24 53.75
C GLY V 91 26.53 13.48 53.41
N ASP V 92 27.05 14.63 53.84
CA ASP V 92 26.34 15.90 53.69
C ASP V 92 26.25 16.35 52.24
N ARG V 93 27.28 16.04 51.44
CA ARG V 93 27.47 16.42 50.02
C ARG V 93 27.75 17.92 49.85
N LYS V 94 28.51 18.50 50.76
CA LYS V 94 28.86 19.92 50.69
C LYS V 94 30.09 20.10 49.81
N GLY V 95 29.99 20.98 48.82
CA GLY V 95 31.15 21.37 48.02
C GLY V 95 31.56 20.46 46.88
N ILE V 96 30.72 19.53 46.43
CA ILE V 96 31.08 18.62 45.35
C ILE V 96 30.56 19.15 44.02
N ASN V 97 31.05 18.56 42.91
CA ASN V 97 30.60 18.94 41.57
C ASN V 97 29.14 18.54 41.31
N ARG V 98 28.71 17.40 41.85
CA ARG V 98 27.35 16.85 41.84
C ARG V 98 26.88 16.28 40.49
N PHE V 99 27.40 16.75 39.34
CA PHE V 99 27.03 16.26 38.00
C PHE V 99 28.24 15.63 37.30
N GLY V 100 28.00 14.65 36.43
CA GLY V 100 29.05 14.02 35.64
C GLY V 100 28.56 13.52 34.30
N ASN V 101 29.47 13.45 33.32
CA ASN V 101 29.13 13.25 31.90
C ASN V 101 30.32 12.74 31.11
N PHE V 102 30.17 11.64 30.35
CA PHE V 102 31.28 11.06 29.58
C PHE V 102 30.81 10.03 28.54
N SER V 103 31.52 9.98 27.39
CA SER V 103 31.32 8.94 26.37
C SER V 103 32.60 8.15 26.12
N ALA V 104 32.51 6.81 26.08
CA ALA V 104 33.68 5.92 25.99
C ALA V 104 33.56 4.78 24.96
N PRO V 105 34.58 4.60 24.11
CA PRO V 105 34.55 3.49 23.14
C PRO V 105 35.35 2.25 23.52
N LEU V 106 35.03 1.12 22.89
CA LEU V 106 35.86 -0.09 22.91
C LEU V 106 35.70 -0.77 21.54
N ASP V 107 36.71 -0.59 20.68
CA ASP V 107 36.68 -0.93 19.25
C ASP V 107 35.47 -0.29 18.57
N GLU V 108 34.51 -1.10 18.08
CA GLU V 108 33.36 -0.61 17.33
C GLU V 108 32.16 -0.18 18.21
N ALA V 109 32.22 -0.36 19.53
CA ALA V 109 31.14 0.05 20.42
C ALA V 109 31.38 1.46 20.98
N LEU V 110 30.28 2.16 21.33
CA LEU V 110 30.31 3.48 21.97
C LEU V 110 29.03 3.74 22.76
N VAL V 111 29.19 4.17 24.04
CA VAL V 111 28.10 4.39 25.00
C VAL V 111 28.28 5.76 25.69
N HIS V 112 27.17 6.49 25.88
CA HIS V 112 27.10 7.82 26.50
C HIS V 112 26.40 7.73 27.86
N VAL V 113 26.98 8.35 28.90
CA VAL V 113 26.47 8.31 30.28
C VAL V 113 26.39 9.71 30.87
N SER V 114 25.24 10.06 31.50
CA SER V 114 25.19 11.23 32.38
C SER V 114 24.33 10.98 33.63
N LEU V 115 24.73 11.59 34.76
CA LEU V 115 24.15 11.31 36.06
C LEU V 115 24.13 12.56 36.95
N ASP V 116 23.33 12.52 38.03
CA ASP V 116 23.19 13.61 38.98
C ASP V 116 22.88 13.05 40.36
N LEU V 117 23.66 13.46 41.37
CA LEU V 117 23.54 12.90 42.73
C LEU V 117 22.50 13.72 43.51
N SER V 118 21.23 13.40 43.24
CA SER V 118 20.12 14.29 43.54
C SER V 118 19.33 13.95 44.79
N GLY V 119 19.26 12.68 45.19
CA GLY V 119 18.32 12.22 46.18
C GLY V 119 17.02 11.69 45.61
N ARG V 120 16.85 11.70 44.30
CA ARG V 120 15.64 11.21 43.61
C ARG V 120 16.04 10.08 42.67
N PRO V 121 15.59 8.84 42.90
CA PRO V 121 16.00 7.71 42.05
C PRO V 121 15.26 7.64 40.72
N HIS V 122 16.00 7.35 39.65
CA HIS V 122 15.43 7.13 38.32
C HIS V 122 16.47 6.47 37.41
N LEU V 123 16.03 5.51 36.60
CA LEU V 123 16.88 4.88 35.59
C LEU V 123 16.28 5.00 34.19
N GLY V 124 17.04 5.51 33.25
CA GLY V 124 16.75 5.42 31.83
C GLY V 124 17.75 4.53 31.12
N TYR V 125 17.29 3.43 30.51
CA TYR V 125 18.14 2.36 30.00
C TYR V 125 17.81 2.09 28.55
N ASP V 126 18.82 2.15 27.69
CA ASP V 126 18.63 2.07 26.25
C ASP V 126 19.85 1.37 25.61
N LEU V 127 19.95 0.06 25.82
CA LEU V 127 20.99 -0.77 25.23
C LEU V 127 20.36 -1.88 24.41
N ASN V 128 21.11 -2.43 23.47
CA ASN V 128 20.61 -3.50 22.60
C ASN V 128 21.65 -4.62 22.52
N ILE V 129 21.56 -5.58 23.42
CA ILE V 129 22.57 -6.64 23.58
C ILE V 129 22.14 -7.85 22.76
N PRO V 130 22.89 -8.26 21.75
CA PRO V 130 22.39 -9.21 20.74
C PRO V 130 22.47 -10.71 21.05
N THR V 131 23.07 -11.17 22.15
CA THR V 131 23.05 -12.58 22.52
C THR V 131 22.51 -12.76 23.94
N GLN V 132 22.21 -14.00 24.30
CA GLN V 132 21.57 -14.28 25.59
C GLN V 132 22.58 -14.60 26.71
N ARG V 133 23.76 -15.09 26.38
CA ARG V 133 24.80 -15.45 27.35
C ARG V 133 26.15 -14.95 26.87
N VAL V 134 27.00 -14.49 27.80
CA VAL V 134 28.34 -14.07 27.40
C VAL V 134 29.30 -15.21 27.68
N GLY V 135 29.45 -15.61 28.92
CA GLY V 135 30.09 -16.88 29.22
C GLY V 135 29.08 -17.78 29.89
N LYS V 136 29.11 -17.85 31.21
CA LYS V 136 27.98 -18.37 31.96
C LYS V 136 26.99 -17.29 32.42
N TYR V 137 27.28 -16.00 32.22
CA TYR V 137 26.49 -14.89 32.75
C TYR V 137 25.29 -14.55 31.86
N ASP V 138 24.12 -14.42 32.48
CA ASP V 138 22.85 -14.10 31.81
C ASP V 138 22.75 -12.60 31.52
N THR V 139 22.41 -12.22 30.28
CA THR V 139 22.49 -10.81 29.87
C THR V 139 21.33 -9.91 30.32
N GLN V 140 20.19 -10.47 30.76
CA GLN V 140 19.16 -9.66 31.42
C GLN V 140 19.59 -9.12 32.78
N LEU V 141 20.67 -9.63 33.37
CA LEU V 141 21.08 -9.17 34.69
C LEU V 141 21.86 -7.84 34.67
N VAL V 142 22.27 -7.36 33.48
CA VAL V 142 22.92 -6.05 33.39
C VAL V 142 21.95 -4.94 33.77
N GLU V 143 20.73 -4.99 33.23
CA GLU V 143 19.73 -3.98 33.59
C GLU V 143 19.27 -4.09 35.05
N HIS V 144 19.17 -5.32 35.59
CA HIS V 144 18.75 -5.48 36.98
C HIS V 144 19.82 -4.95 37.95
N PHE V 145 21.10 -5.03 37.57
CA PHE V 145 22.18 -4.52 38.42
C PHE V 145 22.07 -3.01 38.62
N PHE V 146 21.87 -2.26 37.52
CA PHE V 146 21.80 -0.81 37.61
C PHE V 146 20.52 -0.31 38.28
N GLN V 147 19.40 -1.03 38.15
CA GLN V 147 18.15 -0.61 38.80
C GLN V 147 18.21 -0.76 40.32
N SER V 148 18.83 -1.83 40.83
CA SER V 148 19.03 -1.98 42.27
C SER V 148 20.03 -0.95 42.84
N LEU V 149 21.05 -0.56 42.07
CA LEU V 149 22.02 0.42 42.53
C LEU V 149 21.41 1.82 42.68
N VAL V 150 20.56 2.25 41.75
CA VAL V 150 19.99 3.58 41.89
C VAL V 150 18.90 3.64 42.98
N ASN V 151 18.27 2.51 43.35
CA ASN V 151 17.21 2.56 44.35
C ASN V 151 17.77 2.77 45.76
N THR V 152 18.93 2.19 46.10
CA THR V 152 19.48 2.41 47.42
C THR V 152 20.33 3.67 47.52
N SER V 153 20.97 4.12 46.44
CA SER V 153 21.81 5.31 46.47
C SER V 153 21.05 6.61 46.21
N GLY V 154 19.88 6.56 45.59
CA GLY V 154 19.15 7.78 45.25
C GLY V 154 19.72 8.65 44.15
N MET V 155 20.16 8.07 43.04
CA MET V 155 20.72 8.87 41.95
C MET V 155 19.85 8.82 40.69
N THR V 156 19.93 9.89 39.89
CA THR V 156 19.37 9.96 38.55
C THR V 156 20.42 9.48 37.53
N LEU V 157 20.07 8.50 36.70
CA LEU V 157 21.05 7.90 35.77
C LEU V 157 20.45 7.66 34.39
N HIS V 158 21.19 8.05 33.34
CA HIS V 158 20.79 7.83 31.94
C HIS V 158 21.94 7.15 31.18
N ILE V 159 21.63 6.07 30.43
CA ILE V 159 22.58 5.25 29.69
C ILE V 159 22.06 5.06 28.26
N ARG V 160 22.87 5.41 27.25
CA ARG V 160 22.41 5.36 25.85
C ARG V 160 23.48 4.90 24.86
N GLN V 161 23.14 3.93 23.99
CA GLN V 161 24.08 3.32 23.04
C GLN V 161 24.11 4.06 21.70
N PHE V 162 25.31 4.37 21.21
CA PHE V 162 25.53 5.02 19.91
C PHE V 162 25.89 4.06 18.78
N SER V 163 26.64 2.97 19.04
CA SER V 163 26.98 1.94 18.06
C SER V 163 27.49 0.69 18.80
N GLY V 164 27.67 -0.39 18.07
CA GLY V 164 28.29 -1.60 18.62
C GLY V 164 27.60 -2.88 18.18
N THR V 165 28.40 -3.97 18.12
CA THR V 165 28.00 -5.28 17.62
C THR V 165 28.34 -6.45 18.58
N ASN V 166 29.56 -6.49 19.13
CA ASN V 166 29.97 -7.59 20.03
C ASN V 166 29.44 -7.36 21.45
N SER V 167 28.87 -8.42 22.06
CA SER V 167 28.22 -8.29 23.38
C SER V 167 29.22 -8.02 24.51
N HIS V 168 30.39 -8.65 24.49
CA HIS V 168 31.42 -8.37 25.49
C HIS V 168 31.90 -6.92 25.39
N HIS V 169 32.03 -6.39 24.19
CA HIS V 169 32.49 -5.01 24.02
C HIS V 169 31.46 -3.99 24.55
N ILE V 170 30.16 -4.24 24.32
CA ILE V 170 29.11 -3.29 24.72
C ILE V 170 29.01 -3.15 26.24
N ILE V 171 29.03 -4.28 26.97
CA ILE V 171 28.90 -4.22 28.42
C ILE V 171 30.14 -3.59 29.07
N GLU V 172 31.35 -3.94 28.59
CA GLU V 172 32.57 -3.39 29.19
C GLU V 172 32.72 -1.89 28.92
N ALA V 173 32.16 -1.38 27.82
CA ALA V 173 32.21 0.06 27.56
C ALA V 173 31.24 0.85 28.43
N THR V 174 30.10 0.24 28.80
CA THR V 174 29.19 0.84 29.76
C THR V 174 29.86 1.06 31.12
N PHE V 175 30.54 0.02 31.64
CA PHE V 175 31.21 0.12 32.94
C PHE V 175 32.43 1.07 32.92
N LYS V 176 33.05 1.30 31.76
CA LYS V 176 34.11 2.29 31.66
C LYS V 176 33.58 3.72 31.71
N ALA V 177 32.54 4.02 30.92
CA ALA V 177 31.96 5.36 30.91
C ALA V 177 31.30 5.72 32.24
N PHE V 178 30.61 4.76 32.89
CA PHE V 178 30.03 4.98 34.22
C PHE V 178 31.11 5.35 35.25
N ALA V 179 32.28 4.71 35.19
CA ALA V 179 33.36 4.99 36.14
C ALA V 179 33.89 6.40 36.01
N ARG V 180 34.07 6.89 34.78
CA ARG V 180 34.61 8.22 34.59
C ARG V 180 33.58 9.31 34.92
N ALA V 181 32.29 9.05 34.70
CA ALA V 181 31.28 10.04 35.07
C ALA V 181 31.08 10.10 36.58
N LEU V 182 31.20 8.98 37.29
CA LEU V 182 31.06 9.01 38.74
C LEU V 182 32.26 9.70 39.41
N ARG V 183 33.46 9.54 38.84
CA ARG V 183 34.64 10.22 39.38
C ARG V 183 34.50 11.74 39.30
N GLN V 184 33.90 12.24 38.21
CA GLN V 184 33.68 13.67 38.05
C GLN V 184 32.71 14.23 39.09
N ALA V 185 31.63 13.51 39.38
CA ALA V 185 30.58 14.04 40.24
C ALA V 185 30.94 14.04 41.73
N THR V 186 31.88 13.22 42.17
CA THR V 186 32.26 13.14 43.58
C THR V 186 33.48 13.97 43.94
N GLU V 187 34.13 14.62 42.98
CA GLU V 187 35.29 15.44 43.31
C GLU V 187 34.90 16.84 43.79
N TYR V 188 35.79 17.44 44.58
CA TYR V 188 35.54 18.77 45.14
C TYR V 188 35.67 19.85 44.09
N ASP V 189 34.70 20.75 44.09
CA ASP V 189 34.66 21.91 43.19
C ASP V 189 35.40 23.07 43.82
N THR V 190 36.67 23.24 43.46
CA THR V 190 37.38 24.47 43.77
C THR V 190 36.77 25.60 42.94
N ARG V 191 36.29 26.66 43.61
CA ARG V 191 35.28 27.51 43.00
C ARG V 191 35.86 28.41 41.91
N ARG V 192 34.97 29.09 41.20
CA ARG V 192 35.38 29.98 40.14
C ARG V 192 35.99 31.27 40.70
N ALA W 9 -13.25 -65.72 -10.39
CA ALA W 9 -12.54 -64.54 -10.85
C ALA W 9 -13.54 -63.56 -11.50
N ARG W 10 -13.40 -62.29 -11.16
CA ARG W 10 -14.31 -61.25 -11.62
C ARG W 10 -13.72 -60.62 -12.88
N ILE W 11 -14.35 -60.88 -14.04
CA ILE W 11 -13.81 -60.48 -15.33
C ILE W 11 -14.83 -59.63 -16.08
N GLY W 12 -14.42 -58.46 -16.56
CA GLY W 12 -15.29 -57.57 -17.29
C GLY W 12 -14.76 -57.27 -18.68
N GLU W 13 -15.68 -57.00 -19.61
CA GLU W 13 -15.39 -56.88 -21.04
C GLU W 13 -16.20 -55.73 -21.65
N MET W 14 -15.73 -55.19 -22.77
CA MET W 14 -16.39 -54.10 -23.49
C MET W 14 -15.81 -53.97 -24.90
N LYS W 15 -16.68 -53.72 -25.89
CA LYS W 15 -16.29 -53.40 -27.25
C LYS W 15 -17.14 -52.23 -27.74
N ARG W 16 -16.51 -51.23 -28.35
CA ARG W 16 -17.20 -50.03 -28.81
C ARG W 16 -16.62 -49.59 -30.16
N VAL W 17 -17.48 -49.38 -31.14
CA VAL W 17 -17.08 -48.93 -32.48
C VAL W 17 -17.90 -47.71 -32.86
N THR W 18 -17.22 -46.63 -33.26
CA THR W 18 -17.87 -45.45 -33.81
C THR W 18 -17.16 -45.04 -35.09
N LYS W 19 -17.59 -43.91 -35.65
CA LYS W 19 -16.99 -43.34 -36.84
C LYS W 19 -15.62 -42.72 -36.57
N GLU W 20 -15.17 -42.62 -35.32
CA GLU W 20 -13.84 -42.13 -34.98
C GLU W 20 -12.86 -43.24 -34.61
N THR W 21 -13.30 -44.25 -33.86
CA THR W 21 -12.40 -45.18 -33.17
C THR W 21 -12.98 -46.60 -33.16
N ASN W 22 -12.11 -47.57 -32.86
CA ASN W 22 -12.46 -48.97 -32.65
C ASN W 22 -11.67 -49.47 -31.44
N VAL W 23 -12.36 -49.94 -30.39
CA VAL W 23 -11.75 -50.21 -29.08
C VAL W 23 -12.23 -51.56 -28.53
N SER W 24 -11.30 -52.37 -28.01
CA SER W 24 -11.60 -53.58 -27.23
C SER W 24 -10.80 -53.62 -25.92
N VAL W 25 -11.46 -54.00 -24.81
CA VAL W 25 -10.88 -53.91 -23.46
C VAL W 25 -11.29 -55.15 -22.64
N LYS W 26 -10.35 -55.68 -21.82
CA LYS W 26 -10.64 -56.77 -20.88
C LYS W 26 -9.84 -56.64 -19.58
N ILE W 27 -10.52 -56.77 -18.42
CA ILE W 27 -9.92 -56.56 -17.10
C ILE W 27 -10.26 -57.72 -16.15
N ASN W 28 -9.25 -58.22 -15.42
CA ASN W 28 -9.42 -59.24 -14.38
C ASN W 28 -9.04 -58.65 -13.03
N LEU W 29 -9.97 -58.69 -12.07
CA LEU W 29 -9.72 -58.10 -10.75
C LEU W 29 -8.95 -59.03 -9.81
N ASP W 30 -8.83 -60.32 -10.14
CA ASP W 30 -8.06 -61.23 -9.31
C ASP W 30 -6.85 -61.78 -10.05
N GLY W 31 -5.99 -60.90 -10.59
CA GLY W 31 -4.97 -61.29 -11.53
C GLY W 31 -3.59 -61.46 -10.91
N THR W 32 -2.60 -61.65 -11.80
CA THR W 32 -1.20 -61.78 -11.40
C THR W 32 -0.29 -60.73 -12.02
N GLY W 33 -0.86 -59.68 -12.60
CA GLY W 33 -0.05 -58.62 -13.19
C GLY W 33 0.42 -58.83 -14.62
N VAL W 34 -0.43 -59.38 -15.48
CA VAL W 34 -0.13 -59.56 -16.90
C VAL W 34 -0.63 -58.34 -17.66
N ALA W 35 0.23 -57.75 -18.49
CA ALA W 35 -0.09 -56.53 -19.23
C ALA W 35 0.10 -56.73 -20.72
N ASP W 36 -0.86 -56.29 -21.53
CA ASP W 36 -0.77 -56.37 -22.99
C ASP W 36 -1.55 -55.17 -23.57
N ASN W 37 -0.88 -54.04 -23.71
CA ASN W 37 -1.54 -52.75 -23.97
C ASN W 37 -1.01 -52.15 -25.26
N SER W 38 -1.87 -52.05 -26.26
CA SER W 38 -1.49 -51.58 -27.59
C SER W 38 -2.59 -50.62 -28.07
N SER W 39 -2.55 -49.41 -27.56
CA SER W 39 -3.38 -48.34 -28.09
C SER W 39 -2.57 -47.64 -29.17
N GLY W 40 -3.10 -46.57 -29.74
CA GLY W 40 -2.23 -45.85 -30.65
C GLY W 40 -1.29 -44.85 -30.00
N ILE W 41 -1.25 -44.76 -28.68
CA ILE W 41 -0.61 -43.68 -27.96
C ILE W 41 0.48 -44.27 -27.06
N PRO W 42 1.76 -44.11 -27.42
CA PRO W 42 2.84 -44.86 -26.72
C PRO W 42 3.05 -44.51 -25.26
N PHE W 43 2.93 -43.24 -24.88
CA PHE W 43 3.07 -42.85 -23.47
C PHE W 43 1.93 -43.37 -22.61
N LEU W 44 0.71 -43.44 -23.15
CA LEU W 44 -0.41 -44.00 -22.40
C LEU W 44 -0.25 -45.50 -22.18
N ASP W 45 0.40 -46.22 -23.11
CA ASP W 45 0.70 -47.64 -22.89
C ASP W 45 1.63 -47.84 -21.70
N HIS W 46 2.62 -46.95 -21.53
CA HIS W 46 3.55 -47.02 -20.41
C HIS W 46 2.84 -46.79 -19.06
N MET W 47 1.82 -45.92 -19.02
CA MET W 47 1.07 -45.71 -17.77
C MET W 47 0.13 -46.89 -17.46
N LEU W 48 -0.48 -47.49 -18.49
CA LEU W 48 -1.36 -48.64 -18.25
C LEU W 48 -0.60 -49.86 -17.75
N ASP W 49 0.69 -49.99 -18.08
CA ASP W 49 1.50 -51.06 -17.51
C ASP W 49 1.70 -50.90 -16.00
N GLN W 50 1.68 -49.66 -15.49
CA GLN W 50 1.81 -49.45 -14.05
C GLN W 50 0.58 -49.96 -13.32
N LEU W 51 -0.58 -49.89 -13.95
CA LEU W 51 -1.81 -50.36 -13.33
C LEU W 51 -1.78 -51.87 -13.14
N ALA W 52 -1.15 -52.60 -14.06
CA ALA W 52 -0.98 -54.04 -13.87
C ALA W 52 0.11 -54.37 -12.85
N SER W 53 1.20 -53.59 -12.86
CA SER W 53 2.38 -53.96 -12.09
C SER W 53 2.24 -53.67 -10.60
N HIS W 54 1.60 -52.56 -10.24
CA HIS W 54 1.45 -52.19 -8.85
C HIS W 54 0.09 -52.52 -8.26
N GLY W 55 -0.92 -52.74 -9.10
CA GLY W 55 -2.20 -53.17 -8.58
C GLY W 55 -2.48 -54.66 -8.69
N LEU W 56 -1.65 -55.38 -9.44
CA LEU W 56 -1.77 -56.82 -9.70
C LEU W 56 -3.05 -57.19 -10.47
N PHE W 57 -3.58 -56.30 -11.29
CA PHE W 57 -4.66 -56.63 -12.21
C PHE W 57 -4.10 -57.22 -13.52
N ASP W 58 -4.94 -57.95 -14.24
CA ASP W 58 -4.68 -58.29 -15.65
C ASP W 58 -5.41 -57.28 -16.54
N VAL W 59 -4.68 -56.62 -17.44
CA VAL W 59 -5.21 -55.53 -18.25
C VAL W 59 -4.83 -55.72 -19.72
N HIS W 60 -5.82 -55.63 -20.62
CA HIS W 60 -5.58 -55.81 -22.06
C HIS W 60 -6.37 -54.77 -22.86
N VAL W 61 -5.68 -53.94 -23.66
CA VAL W 61 -6.30 -52.88 -24.47
C VAL W 61 -5.82 -52.99 -25.92
N LYS W 62 -6.76 -52.91 -26.88
CA LYS W 62 -6.45 -52.79 -28.30
C LYS W 62 -7.28 -51.66 -28.93
N ALA W 63 -6.63 -50.74 -29.64
CA ALA W 63 -7.33 -49.57 -30.18
C ALA W 63 -6.67 -49.02 -31.44
N THR W 64 -7.51 -48.57 -32.37
CA THR W 64 -7.09 -47.75 -33.51
C THR W 64 -8.08 -46.60 -33.70
N GLY W 65 -7.59 -45.46 -34.19
CA GLY W 65 -8.39 -44.26 -34.26
C GLY W 65 -7.92 -43.24 -35.27
N ASP W 66 -8.26 -41.98 -35.01
CA ASP W 66 -8.02 -40.89 -35.96
C ASP W 66 -6.91 -39.96 -35.48
N THR W 67 -5.73 -40.52 -35.26
CA THR W 67 -4.65 -39.77 -34.63
C THR W 67 -3.97 -38.77 -35.55
N HIS W 68 -4.39 -38.62 -36.81
CA HIS W 68 -3.84 -37.55 -37.62
C HIS W 68 -4.53 -36.20 -37.40
N ILE W 69 -5.71 -36.16 -36.77
CA ILE W 69 -6.24 -34.91 -36.21
C ILE W 69 -5.44 -34.59 -34.94
N ASP W 70 -5.75 -35.27 -33.83
CA ASP W 70 -4.87 -35.34 -32.66
C ASP W 70 -5.11 -36.63 -31.88
N ASP W 71 -4.66 -36.70 -30.64
CA ASP W 71 -4.85 -37.87 -29.79
C ASP W 71 -6.12 -37.83 -28.93
N HIS W 72 -6.93 -36.76 -29.04
CA HIS W 72 -8.03 -36.49 -28.10
C HIS W 72 -9.13 -37.55 -28.17
N HIS W 73 -9.63 -37.87 -29.38
CA HIS W 73 -10.76 -38.79 -29.46
C HIS W 73 -10.37 -40.22 -29.07
N THR W 74 -9.15 -40.66 -29.41
CA THR W 74 -8.66 -41.98 -29.00
C THR W 74 -8.44 -42.06 -27.48
N ASN W 75 -7.96 -40.97 -26.85
CA ASN W 75 -7.77 -40.94 -25.39
C ASN W 75 -9.10 -41.02 -24.64
N GLU W 76 -10.12 -40.34 -25.14
CA GLU W 76 -11.45 -40.34 -24.52
C GLU W 76 -12.17 -41.69 -24.65
N ASP W 77 -12.13 -42.32 -25.83
CA ASP W 77 -12.89 -43.55 -26.02
C ASP W 77 -12.30 -44.74 -25.24
N VAL W 78 -10.97 -44.79 -25.11
CA VAL W 78 -10.33 -45.84 -24.31
C VAL W 78 -10.72 -45.72 -22.84
N ALA W 79 -10.74 -44.49 -22.31
CA ALA W 79 -11.09 -44.26 -20.90
C ALA W 79 -12.55 -44.65 -20.61
N LEU W 80 -13.47 -44.35 -21.52
CA LEU W 80 -14.86 -44.75 -21.34
C LEU W 80 -15.01 -46.27 -21.32
N ALA W 81 -14.24 -46.99 -22.15
CA ALA W 81 -14.35 -48.44 -22.22
C ALA W 81 -13.85 -49.11 -20.94
N ILE W 82 -12.79 -48.59 -20.33
CA ILE W 82 -12.27 -49.14 -19.07
C ILE W 82 -13.27 -48.95 -17.92
N GLY W 83 -13.99 -47.82 -17.89
CA GLY W 83 -14.97 -47.62 -16.83
C GLY W 83 -16.13 -48.59 -16.88
N THR W 84 -16.61 -48.88 -18.10
CA THR W 84 -17.71 -49.83 -18.29
C THR W 84 -17.31 -51.25 -17.87
N ALA W 85 -16.10 -51.68 -18.25
CA ALA W 85 -15.63 -53.03 -17.92
C ALA W 85 -15.42 -53.23 -16.42
N LEU W 86 -15.01 -52.18 -15.71
CA LEU W 86 -14.86 -52.25 -14.26
C LEU W 86 -16.22 -52.40 -13.58
N LEU W 87 -17.23 -51.68 -14.06
CA LEU W 87 -18.57 -51.78 -13.47
C LEU W 87 -19.19 -53.16 -13.71
N GLN W 88 -18.88 -53.81 -14.84
CA GLN W 88 -19.38 -55.15 -15.10
C GLN W 88 -18.65 -56.20 -14.26
N ALA W 89 -17.34 -56.01 -14.02
CA ALA W 89 -16.59 -56.95 -13.21
C ALA W 89 -17.01 -56.94 -11.73
N LEU W 90 -17.48 -55.80 -11.21
CA LEU W 90 -17.77 -55.69 -9.78
C LEU W 90 -19.11 -56.30 -9.40
N GLY W 91 -20.15 -56.14 -10.22
CA GLY W 91 -21.41 -56.82 -9.97
C GLY W 91 -22.17 -56.30 -8.77
N ASP W 92 -22.53 -57.23 -7.88
CA ASP W 92 -23.36 -56.90 -6.72
C ASP W 92 -22.64 -56.04 -5.69
N ARG W 93 -21.31 -56.24 -5.56
CA ARG W 93 -20.40 -55.58 -4.60
C ARG W 93 -20.65 -56.03 -3.15
N LYS W 94 -20.96 -57.30 -2.96
CA LYS W 94 -21.19 -57.85 -1.63
C LYS W 94 -19.86 -58.27 -1.00
N GLY W 95 -19.60 -57.78 0.21
CA GLY W 95 -18.45 -58.23 0.98
C GLY W 95 -17.10 -57.61 0.68
N ILE W 96 -17.03 -56.49 -0.02
CA ILE W 96 -15.75 -55.86 -0.36
C ILE W 96 -15.42 -54.77 0.66
N ASN W 97 -14.17 -54.30 0.62
CA ASN W 97 -13.72 -53.22 1.51
C ASN W 97 -14.38 -51.88 1.16
N ARG W 98 -14.60 -51.62 -0.13
CA ARG W 98 -15.30 -50.48 -0.72
C ARG W 98 -14.52 -49.15 -0.69
N PHE W 99 -13.60 -48.93 0.26
CA PHE W 99 -12.79 -47.71 0.36
C PHE W 99 -11.30 -48.02 0.18
N GLY W 100 -10.53 -47.06 -0.35
CA GLY W 100 -9.09 -47.20 -0.49
C GLY W 100 -8.35 -45.88 -0.41
N ASN W 101 -7.08 -45.93 0.02
CA ASN W 101 -6.32 -44.74 0.41
C ASN W 101 -4.82 -45.02 0.38
N PHE W 102 -4.02 -44.17 -0.30
CA PHE W 102 -2.57 -44.37 -0.41
C PHE W 102 -1.83 -43.13 -0.93
N SER W 103 -0.59 -42.93 -0.44
CA SER W 103 0.32 -41.89 -0.95
C SER W 103 1.63 -42.51 -1.46
N ALA W 104 2.07 -42.10 -2.65
CA ALA W 104 3.23 -42.70 -3.34
C ALA W 104 4.24 -41.70 -3.93
N PRO W 105 5.54 -41.88 -3.66
CA PRO W 105 6.56 -40.99 -4.24
C PRO W 105 7.29 -41.53 -5.46
N LEU W 106 7.90 -40.63 -6.24
CA LEU W 106 8.88 -40.98 -7.27
C LEU W 106 9.91 -39.84 -7.31
N ASP W 107 11.09 -40.10 -6.71
CA ASP W 107 12.12 -39.10 -6.41
C ASP W 107 11.53 -37.92 -5.63
N GLU W 108 11.50 -36.72 -6.22
CA GLU W 108 11.05 -35.51 -5.54
C GLU W 108 9.53 -35.27 -5.62
N ALA W 109 8.77 -36.09 -6.34
CA ALA W 109 7.32 -35.94 -6.43
C ALA W 109 6.60 -36.80 -5.38
N LEU W 110 5.39 -36.37 -4.98
CA LEU W 110 4.51 -37.10 -4.06
C LEU W 110 3.04 -36.71 -4.25
N VAL W 111 2.16 -37.72 -4.40
CA VAL W 111 0.73 -37.57 -4.70
C VAL W 111 -0.10 -38.45 -3.74
N HIS W 112 -1.23 -37.92 -3.24
CA HIS W 112 -2.15 -38.57 -2.32
C HIS W 112 -3.48 -38.88 -3.03
N VAL W 113 -4.00 -40.11 -2.88
CA VAL W 113 -5.22 -40.58 -3.54
C VAL W 113 -6.17 -41.22 -2.53
N SER W 114 -7.47 -40.84 -2.58
CA SER W 114 -8.51 -41.63 -1.90
C SER W 114 -9.80 -41.72 -2.72
N LEU W 115 -10.49 -42.86 -2.63
CA LEU W 115 -11.64 -43.17 -3.48
C LEU W 115 -12.68 -44.01 -2.73
N ASP W 116 -13.90 -44.08 -3.29
CA ASP W 116 -15.01 -44.84 -2.72
C ASP W 116 -15.92 -45.33 -3.84
N LEU W 117 -16.21 -46.64 -3.85
CA LEU W 117 -16.97 -47.27 -4.93
C LEU W 117 -18.47 -47.17 -4.61
N SER W 118 -19.02 -45.99 -4.87
CA SER W 118 -20.28 -45.56 -4.28
C SER W 118 -21.50 -45.67 -5.18
N GLY W 119 -21.35 -45.57 -6.50
CA GLY W 119 -22.46 -45.38 -7.40
C GLY W 119 -22.75 -43.93 -7.73
N ARG W 120 -22.01 -42.98 -7.17
CA ARG W 120 -22.18 -41.55 -7.42
C ARG W 120 -20.89 -40.97 -8.01
N PRO W 121 -20.90 -40.51 -9.25
CA PRO W 121 -19.66 -40.01 -9.88
C PRO W 121 -19.25 -38.61 -9.43
N HIS W 122 -17.95 -38.43 -9.18
CA HIS W 122 -17.38 -37.12 -8.85
C HIS W 122 -15.85 -37.16 -8.97
N LEU W 123 -15.27 -36.11 -9.53
CA LEU W 123 -13.81 -35.95 -9.60
C LEU W 123 -13.35 -34.66 -8.94
N GLY W 124 -12.41 -34.76 -8.01
CA GLY W 124 -11.64 -33.63 -7.51
C GLY W 124 -10.19 -33.72 -7.94
N TYR W 125 -9.70 -32.74 -8.70
CA TYR W 125 -8.42 -32.80 -9.38
C TYR W 125 -7.58 -31.58 -9.03
N ASP W 126 -6.37 -31.81 -8.53
CA ASP W 126 -5.53 -30.75 -8.01
C ASP W 126 -4.05 -31.09 -8.28
N LEU W 127 -3.64 -31.00 -9.53
CA LEU W 127 -2.26 -31.20 -9.96
C LEU W 127 -1.74 -29.95 -10.65
N ASN W 128 -0.43 -29.79 -10.69
CA ASN W 128 0.19 -28.63 -11.32
C ASN W 128 1.34 -29.08 -12.22
N ILE W 129 1.05 -29.36 -13.48
CA ILE W 129 2.00 -29.96 -14.42
C ILE W 129 2.68 -28.83 -15.20
N PRO W 130 4.00 -28.67 -15.08
CA PRO W 130 4.66 -27.44 -15.54
C PRO W 130 5.07 -27.34 -17.02
N THR W 131 4.91 -28.37 -17.86
CA THR W 131 5.17 -28.24 -19.30
C THR W 131 3.95 -28.69 -20.10
N GLN W 132 3.96 -28.40 -21.40
CA GLN W 132 2.79 -28.66 -22.25
C GLN W 132 2.85 -30.04 -22.94
N ARG W 133 4.03 -30.60 -23.15
CA ARG W 133 4.22 -31.88 -23.82
C ARG W 133 5.25 -32.71 -23.06
N VAL W 134 5.03 -34.03 -22.98
CA VAL W 134 6.03 -34.88 -22.33
C VAL W 134 6.90 -35.50 -23.42
N GLY W 135 6.34 -36.29 -24.30
CA GLY W 135 7.03 -36.65 -25.52
C GLY W 135 6.25 -36.10 -26.69
N LYS W 136 5.43 -36.94 -27.31
CA LYS W 136 4.38 -36.44 -28.19
C LYS W 136 3.03 -36.24 -27.49
N TYR W 137 2.89 -36.64 -26.22
CA TYR W 137 1.61 -36.65 -25.50
C TYR W 137 1.27 -35.28 -24.90
N ASP W 138 0.04 -34.83 -25.13
CA ASP W 138 -0.48 -33.54 -24.65
C ASP W 138 -0.91 -33.64 -23.18
N THR W 139 -0.46 -32.70 -22.33
CA THR W 139 -0.65 -32.84 -20.88
C THR W 139 -2.04 -32.47 -20.35
N GLN W 140 -2.89 -31.76 -21.12
CA GLN W 140 -4.29 -31.60 -20.74
C GLN W 140 -5.10 -32.90 -20.81
N LEU W 141 -4.57 -33.95 -21.45
CA LEU W 141 -5.33 -35.19 -21.57
C LEU W 141 -5.28 -36.07 -20.30
N VAL W 142 -4.41 -35.75 -19.33
CA VAL W 142 -4.39 -36.48 -18.07
C VAL W 142 -5.69 -36.27 -17.29
N GLU W 143 -6.13 -35.01 -17.20
CA GLU W 143 -7.39 -34.73 -16.51
C GLU W 143 -8.61 -35.27 -17.28
N HIS W 144 -8.59 -35.23 -18.61
CA HIS W 144 -9.72 -35.76 -19.39
C HIS W 144 -9.83 -37.29 -19.25
N PHE W 145 -8.71 -37.98 -19.07
CA PHE W 145 -8.73 -39.44 -18.89
C PHE W 145 -9.49 -39.84 -17.62
N PHE W 146 -9.17 -39.18 -16.49
CA PHE W 146 -9.80 -39.53 -15.23
C PHE W 146 -11.27 -39.11 -15.16
N GLN W 147 -11.66 -38.03 -15.83
CA GLN W 147 -13.07 -37.60 -15.82
C GLN W 147 -13.98 -38.56 -16.60
N SER W 148 -13.50 -39.09 -17.74
CA SER W 148 -14.26 -40.10 -18.48
C SER W 148 -14.34 -41.44 -17.72
N LEU W 149 -13.30 -41.81 -16.97
CA LEU W 149 -13.31 -43.06 -16.21
C LEU W 149 -14.33 -43.03 -15.06
N VAL W 150 -14.44 -41.91 -14.33
CA VAL W 150 -15.40 -41.90 -13.23
C VAL W 150 -16.85 -41.77 -13.73
N ASN W 151 -17.10 -41.27 -14.95
CA ASN W 151 -18.48 -41.12 -15.41
C ASN W 151 -19.11 -42.47 -15.78
N THR W 152 -18.34 -43.41 -16.36
CA THR W 152 -18.92 -44.69 -16.69
C THR W 152 -18.88 -45.69 -15.54
N SER W 153 -17.91 -45.59 -14.62
CA SER W 153 -17.81 -46.51 -13.50
C SER W 153 -18.61 -46.10 -12.26
N GLY W 154 -18.97 -44.83 -12.14
CA GLY W 154 -19.67 -44.36 -10.95
C GLY W 154 -18.89 -44.30 -9.65
N MET W 155 -17.66 -43.80 -9.67
CA MET W 155 -16.87 -43.73 -8.44
C MET W 155 -16.61 -42.28 -8.01
N THR W 156 -16.42 -42.09 -6.70
CA THR W 156 -15.94 -40.85 -6.10
C THR W 156 -14.40 -40.89 -6.02
N LEU W 157 -13.74 -39.88 -6.58
CA LEU W 157 -12.27 -39.88 -6.65
C LEU W 157 -11.67 -38.52 -6.32
N HIS W 158 -10.64 -38.50 -5.46
CA HIS W 158 -9.90 -37.28 -5.09
C HIS W 158 -8.39 -37.49 -5.30
N ILE W 159 -7.73 -36.54 -5.97
CA ILE W 159 -6.31 -36.60 -6.33
C ILE W 159 -5.65 -35.27 -5.92
N ARG W 160 -4.58 -35.32 -5.11
CA ARG W 160 -3.96 -34.09 -4.60
C ARG W 160 -2.43 -34.16 -4.51
N GLN W 161 -1.73 -33.14 -5.04
CA GLN W 161 -0.27 -33.10 -5.12
C GLN W 161 0.35 -32.46 -3.87
N PHE W 162 1.36 -33.12 -3.30
CA PHE W 162 2.12 -32.62 -2.14
C PHE W 162 3.45 -31.96 -2.50
N SER W 163 4.17 -32.42 -3.53
CA SER W 163 5.41 -31.82 -4.02
C SER W 163 5.72 -32.37 -5.42
N GLY W 164 6.71 -31.79 -6.07
CA GLY W 164 7.21 -32.30 -7.35
C GLY W 164 7.50 -31.21 -8.37
N THR W 165 8.46 -31.51 -9.26
CA THR W 165 9.00 -30.59 -10.26
C THR W 165 9.03 -31.17 -11.70
N ASN W 166 9.49 -32.41 -11.89
CA ASN W 166 9.58 -33.02 -13.23
C ASN W 166 8.21 -33.57 -13.67
N SER W 167 7.82 -33.27 -14.92
CA SER W 167 6.48 -33.64 -15.42
C SER W 167 6.30 -35.16 -15.58
N HIS W 168 7.32 -35.86 -16.07
CA HIS W 168 7.26 -37.32 -16.16
C HIS W 168 7.11 -37.96 -14.79
N HIS W 169 7.80 -37.43 -13.78
CA HIS W 169 7.71 -38.00 -12.43
C HIS W 169 6.31 -37.80 -11.81
N ILE W 170 5.68 -36.64 -12.03
CA ILE W 170 4.37 -36.33 -11.42
C ILE W 170 3.27 -37.23 -11.96
N ILE W 171 3.21 -37.44 -13.28
CA ILE W 171 2.16 -38.27 -13.86
C ILE W 171 2.34 -39.74 -13.48
N GLU W 172 3.57 -40.26 -13.50
CA GLU W 172 3.80 -41.67 -13.17
C GLU W 172 3.52 -41.97 -11.70
N ALA W 173 3.69 -40.99 -10.81
CA ALA W 173 3.37 -41.20 -9.39
C ALA W 173 1.87 -41.21 -9.13
N THR W 174 1.09 -40.45 -9.92
CA THR W 174 -0.36 -40.51 -9.85
C THR W 174 -0.88 -41.91 -10.19
N PHE W 175 -0.40 -42.50 -11.30
CA PHE W 175 -0.84 -43.83 -11.71
C PHE W 175 -0.36 -44.95 -10.76
N LYS W 176 0.73 -44.74 -10.02
CA LYS W 176 1.14 -45.71 -9.00
C LYS W 176 0.23 -45.68 -7.77
N ALA W 177 -0.05 -44.48 -7.24
CA ALA W 177 -0.92 -44.36 -6.07
C ALA W 177 -2.36 -44.79 -6.36
N PHE W 178 -2.89 -44.45 -7.55
CA PHE W 178 -4.22 -44.91 -7.97
C PHE W 178 -4.32 -46.43 -7.99
N ALA W 179 -3.26 -47.12 -8.46
CA ALA W 179 -3.27 -48.58 -8.54
C ALA W 179 -3.34 -49.23 -7.17
N ARG W 180 -2.60 -48.71 -6.19
CA ARG W 180 -2.60 -49.30 -4.87
C ARG W 180 -3.89 -49.00 -4.11
N ALA W 181 -4.52 -47.85 -4.34
CA ALA W 181 -5.79 -47.56 -3.68
C ALA W 181 -6.93 -48.37 -4.28
N LEU W 182 -6.90 -48.64 -5.59
CA LEU W 182 -7.96 -49.45 -6.19
C LEU W 182 -7.85 -50.92 -5.77
N ARG W 183 -6.62 -51.42 -5.58
CA ARG W 183 -6.44 -52.80 -5.12
C ARG W 183 -7.03 -53.00 -3.72
N GLN W 184 -6.90 -51.99 -2.85
CA GLN W 184 -7.46 -52.07 -1.51
C GLN W 184 -8.99 -52.13 -1.52
N ALA W 185 -9.64 -51.33 -2.37
CA ALA W 185 -11.09 -51.22 -2.33
C ALA W 185 -11.81 -52.42 -2.95
N THR W 186 -11.18 -53.20 -3.81
CA THR W 186 -11.82 -54.34 -4.46
C THR W 186 -11.55 -55.68 -3.77
N GLU W 187 -10.73 -55.71 -2.73
CA GLU W 187 -10.47 -56.97 -2.04
C GLU W 187 -11.55 -57.31 -1.02
N TYR W 188 -11.69 -58.61 -0.75
CA TYR W 188 -12.71 -59.09 0.19
C TYR W 188 -12.33 -58.79 1.62
N ASP W 189 -13.30 -58.27 2.37
CA ASP W 189 -13.15 -57.95 3.79
C ASP W 189 -13.50 -59.18 4.62
N THR W 190 -12.49 -59.93 5.02
CA THR W 190 -12.67 -60.95 6.05
C THR W 190 -12.94 -60.24 7.38
N ARG W 191 -14.08 -60.56 8.01
CA ARG W 191 -14.66 -59.62 8.97
C ARG W 191 -13.89 -59.59 10.28
N ARG W 192 -14.27 -58.64 11.13
CA ARG W 192 -13.63 -58.50 12.42
C ARG W 192 -14.05 -59.61 13.39
N ALA X 9 -12.17 66.62 4.12
CA ALA X 9 -11.86 65.39 4.84
C ALA X 9 -13.09 64.50 4.93
N ARG X 10 -12.90 63.22 4.66
CA ARG X 10 -13.98 62.25 4.64
C ARG X 10 -14.08 61.59 6.02
N ILE X 11 -15.16 61.91 6.75
CA ILE X 11 -15.31 61.50 8.14
C ILE X 11 -16.62 60.74 8.32
N GLY X 12 -16.55 59.55 8.92
CA GLY X 12 -17.73 58.74 9.14
C GLY X 12 -17.92 58.42 10.61
N GLU X 13 -19.19 58.23 11.01
CA GLU X 13 -19.60 58.11 12.40
C GLU X 13 -20.67 57.02 12.55
N MET X 14 -20.81 56.48 13.76
CA MET X 14 -21.80 55.44 14.06
C MET X 14 -21.95 55.30 15.58
N LYS X 15 -23.20 55.13 16.05
CA LYS X 15 -23.51 54.80 17.43
C LYS X 15 -24.56 53.70 17.45
N ARG X 16 -24.36 52.67 18.27
CA ARG X 16 -25.26 51.52 18.34
C ARG X 16 -25.40 51.07 19.79
N VAL X 17 -26.64 50.93 20.26
CA VAL X 17 -26.93 50.48 21.62
C VAL X 17 -27.91 49.32 21.56
N THR X 18 -27.57 48.21 22.21
CA THR X 18 -28.48 47.09 22.37
C THR X 18 -28.48 46.65 23.83
N LYS X 19 -29.19 45.56 24.10
CA LYS X 19 -29.24 44.96 25.43
C LYS X 19 -27.95 44.25 25.82
N GLU X 20 -26.98 44.10 24.92
CA GLU X 20 -25.68 43.52 25.23
C GLU X 20 -24.57 44.56 25.38
N THR X 21 -24.54 45.58 24.52
CA THR X 21 -23.36 46.44 24.35
C THR X 21 -23.78 47.89 24.09
N ASN X 22 -22.81 48.79 24.24
CA ASN X 22 -22.93 50.21 23.92
C ASN X 22 -21.64 50.64 23.23
N VAL X 23 -21.73 51.14 21.98
CA VAL X 23 -20.56 51.35 21.10
C VAL X 23 -20.64 52.72 20.42
N SER X 24 -19.52 53.46 20.41
CA SER X 24 -19.35 54.67 19.60
C SER X 24 -18.03 54.64 18.81
N VAL X 25 -18.07 55.03 17.52
CA VAL X 25 -16.93 54.89 16.59
C VAL X 25 -16.83 56.14 15.71
N LYS X 26 -15.59 56.59 15.42
CA LYS X 26 -15.34 57.68 14.47
C LYS X 26 -14.04 57.48 13.69
N ILE X 27 -14.09 57.64 12.35
CA ILE X 27 -12.96 57.37 11.46
C ILE X 27 -12.74 58.53 10.48
N ASN X 28 -11.47 58.95 10.31
CA ASN X 28 -11.07 59.96 9.33
C ASN X 28 -10.15 59.32 8.29
N LEU X 29 -10.52 59.41 7.02
CA LEU X 29 -9.73 58.78 5.96
C LEU X 29 -8.56 59.64 5.49
N ASP X 30 -8.52 60.93 5.87
CA ASP X 30 -7.39 61.78 5.50
C ASP X 30 -6.63 62.25 6.73
N GLY X 31 -6.18 61.33 7.58
CA GLY X 31 -5.68 61.67 8.90
C GLY X 31 -4.17 61.73 9.00
N THR X 32 -3.70 61.87 10.25
CA THR X 32 -2.27 61.91 10.55
C THR X 32 -1.82 60.80 11.50
N GLY X 33 -2.66 59.80 11.74
CA GLY X 33 -2.29 58.70 12.62
C GLY X 33 -2.53 58.90 14.10
N VAL X 34 -3.64 59.52 14.47
CA VAL X 34 -4.02 59.70 15.88
C VAL X 34 -4.90 58.53 16.29
N ALA X 35 -4.56 57.90 17.42
CA ALA X 35 -5.27 56.71 17.91
C ALA X 35 -5.78 56.93 19.32
N ASP X 36 -7.03 56.56 19.58
CA ASP X 36 -7.63 56.66 20.92
C ASP X 36 -8.67 55.53 21.05
N ASN X 37 -8.21 54.36 21.46
CA ASN X 37 -9.00 53.12 21.37
C ASN X 37 -9.17 52.51 22.75
N SER X 38 -10.41 52.48 23.23
CA SER X 38 -10.71 52.00 24.58
C SER X 38 -11.97 51.14 24.47
N SER X 39 -11.79 49.92 24.02
CA SER X 39 -12.83 48.91 24.09
C SER X 39 -12.67 48.18 25.41
N GLY X 40 -13.47 47.15 25.65
CA GLY X 40 -13.17 46.40 26.85
C GLY X 40 -12.11 45.32 26.70
N ILE X 41 -11.46 45.21 25.55
CA ILE X 41 -10.63 44.07 25.19
C ILE X 41 -9.22 44.58 24.90
N PRO X 42 -8.26 44.34 25.81
CA PRO X 42 -6.94 45.00 25.71
C PRO X 42 -6.09 44.61 24.50
N PHE X 43 -6.11 43.35 24.09
CA PHE X 43 -5.35 42.93 22.91
C PHE X 43 -5.93 43.52 21.62
N LEU X 44 -7.25 43.67 21.53
CA LEU X 44 -7.85 44.29 20.36
C LEU X 44 -7.51 45.78 20.27
N ASP X 45 -7.33 46.46 21.40
CA ASP X 45 -6.86 47.85 21.37
C ASP X 45 -5.47 47.97 20.75
N HIS X 46 -4.58 47.02 21.04
CA HIS X 46 -3.23 47.01 20.48
C HIS X 46 -3.25 46.80 18.96
N MET X 47 -4.18 46.00 18.44
CA MET X 47 -4.28 45.83 16.98
C MET X 47 -4.89 47.05 16.29
N LEU X 48 -5.87 47.71 16.92
CA LEU X 48 -6.46 48.91 16.32
C LEU X 48 -5.48 50.08 16.25
N ASP X 49 -4.48 50.12 17.14
CA ASP X 49 -3.42 51.13 17.03
C ASP X 49 -2.56 50.93 15.79
N GLN X 50 -2.42 49.69 15.31
CA GLN X 50 -1.66 49.44 14.09
C GLN X 50 -2.37 50.02 12.88
N LEU X 51 -3.69 50.04 12.90
CA LEU X 51 -4.45 50.58 11.78
C LEU X 51 -4.23 52.08 11.65
N ALA X 52 -4.06 52.78 12.78
CA ALA X 52 -3.73 54.20 12.71
C ALA X 52 -2.28 54.44 12.32
N SER X 53 -1.36 53.59 12.81
CA SER X 53 0.06 53.88 12.70
C SER X 53 0.60 53.57 11.30
N HIS X 54 0.13 52.50 10.67
CA HIS X 54 0.63 52.12 9.36
C HIS X 54 -0.28 52.52 8.21
N GLY X 55 -1.54 52.83 8.49
CA GLY X 55 -2.41 53.33 7.45
C GLY X 55 -2.61 54.84 7.43
N LEU X 56 -2.18 55.52 8.49
CA LEU X 56 -2.31 56.96 8.70
C LEU X 56 -3.77 57.43 8.78
N PHE X 57 -4.68 56.59 9.26
CA PHE X 57 -6.03 57.01 9.57
C PHE X 57 -6.11 57.58 11.00
N ASP X 58 -7.15 58.37 11.26
CA ASP X 58 -7.54 58.72 12.63
C ASP X 58 -8.67 57.78 13.07
N VAL X 59 -8.48 57.08 14.19
CA VAL X 59 -9.40 56.04 14.65
C VAL X 59 -9.74 56.24 16.13
N HIS X 60 -11.03 56.23 16.46
CA HIS X 60 -11.48 56.41 17.85
C HIS X 60 -12.62 55.44 18.17
N VAL X 61 -12.43 54.58 19.19
CA VAL X 61 -13.42 53.57 19.60
C VAL X 61 -13.67 53.67 21.11
N LYS X 62 -14.95 53.67 21.52
CA LYS X 62 -15.34 53.55 22.92
C LYS X 62 -16.44 52.50 23.08
N ALA X 63 -16.26 51.54 24.00
CA ALA X 63 -17.21 50.44 24.13
C ALA X 63 -17.25 49.86 25.54
N THR X 64 -18.45 49.48 25.97
CA THR X 64 -18.67 48.66 27.16
C THR X 64 -19.71 47.58 26.84
N GLY X 65 -19.58 46.42 27.49
CA GLY X 65 -20.40 45.27 27.16
C GLY X 65 -20.51 44.24 28.26
N ASP X 66 -20.78 43.00 27.85
CA ASP X 66 -21.08 41.91 28.78
C ASP X 66 -19.94 40.90 28.85
N THR X 67 -18.76 41.38 29.21
CA THR X 67 -17.56 40.55 29.15
C THR X 67 -17.45 39.51 30.26
N HIS X 68 -18.43 39.42 31.18
CA HIS X 68 -18.39 38.33 32.14
C HIS X 68 -18.98 37.03 31.60
N ILE X 69 -19.73 37.06 30.49
CA ILE X 69 -20.02 35.84 29.73
C ILE X 69 -18.75 35.44 28.97
N ASP X 70 -18.46 36.13 27.86
CA ASP X 70 -17.13 36.11 27.24
C ASP X 70 -16.90 37.41 26.45
N ASP X 71 -15.92 37.43 25.56
CA ASP X 71 -15.61 38.59 24.74
C ASP X 71 -16.33 38.62 23.39
N HIS X 72 -17.17 37.61 23.09
CA HIS X 72 -17.73 37.39 21.74
C HIS X 72 -18.67 38.53 21.31
N HIS X 73 -19.64 38.90 22.16
CA HIS X 73 -20.62 39.90 21.72
C HIS X 73 -19.99 41.29 21.58
N THR X 74 -19.05 41.65 22.46
CA THR X 74 -18.34 42.93 22.34
C THR X 74 -17.44 42.97 21.10
N ASN X 75 -16.79 41.84 20.74
CA ASN X 75 -15.95 41.77 19.54
C ASN X 75 -16.77 41.93 18.26
N GLU X 76 -17.94 41.32 18.22
CA GLU X 76 -18.83 41.41 17.05
C GLU X 76 -19.44 42.80 16.85
N ASP X 77 -19.90 43.44 17.93
CA ASP X 77 -20.58 44.73 17.77
C ASP X 77 -19.62 45.86 17.37
N VAL X 78 -18.39 45.83 17.87
CA VAL X 78 -17.38 46.82 17.48
C VAL X 78 -17.04 46.69 15.98
N ALA X 79 -16.90 45.46 15.49
CA ALA X 79 -16.57 45.24 14.07
C ALA X 79 -17.70 45.72 13.14
N LEU X 80 -18.95 45.49 13.52
CA LEU X 80 -20.07 45.98 12.72
C LEU X 80 -20.09 47.51 12.65
N ALA X 81 -19.75 48.18 13.76
CA ALA X 81 -19.79 49.64 13.80
C ALA X 81 -18.71 50.26 12.91
N ILE X 82 -17.52 49.66 12.85
CA ILE X 82 -16.43 50.14 12.00
C ILE X 82 -16.80 50.01 10.50
N GLY X 83 -17.49 48.93 10.12
CA GLY X 83 -17.88 48.77 8.73
C GLY X 83 -18.87 49.82 8.25
N THR X 84 -19.84 50.17 9.11
CA THR X 84 -20.84 51.18 8.78
C THR X 84 -20.19 52.57 8.62
N ALA X 85 -19.27 52.93 9.51
CA ALA X 85 -18.62 54.24 9.47
C ALA X 85 -17.72 54.40 8.24
N LEU X 86 -17.10 53.31 7.79
CA LEU X 86 -16.29 53.35 6.58
C LEU X 86 -17.16 53.57 5.34
N LEU X 87 -18.32 52.93 5.29
CA LEU X 87 -19.23 53.11 4.15
C LEU X 87 -19.79 54.53 4.09
N GLN X 88 -20.01 55.17 5.24
CA GLN X 88 -20.48 56.55 5.26
C GLN X 88 -19.37 57.54 4.88
N ALA X 89 -18.12 57.26 5.27
CA ALA X 89 -17.01 58.13 4.92
C ALA X 89 -16.70 58.13 3.42
N LEU X 90 -16.95 57.01 2.72
CA LEU X 90 -16.55 56.90 1.31
C LEU X 90 -17.51 57.59 0.36
N GLY X 91 -18.82 57.51 0.60
CA GLY X 91 -19.77 58.27 -0.19
C GLY X 91 -19.93 57.78 -1.62
N ASP X 92 -19.76 58.71 -2.56
CA ASP X 92 -19.98 58.43 -3.98
C ASP X 92 -18.93 57.50 -4.56
N ARG X 93 -17.67 57.61 -4.06
CA ARG X 93 -16.47 56.87 -4.50
C ARG X 93 -15.99 57.32 -5.89
N LYS X 94 -16.09 58.61 -6.18
CA LYS X 94 -15.64 59.15 -7.46
C LYS X 94 -14.14 59.46 -7.39
N GLY X 95 -13.39 58.94 -8.35
CA GLY X 95 -11.98 59.31 -8.49
C GLY X 95 -10.97 58.60 -7.61
N ILE X 96 -11.32 57.49 -6.97
CA ILE X 96 -10.37 56.79 -6.09
C ILE X 96 -9.69 55.65 -6.85
N ASN X 97 -8.63 55.10 -6.24
CA ASN X 97 -7.89 53.98 -6.84
C ASN X 97 -8.72 52.69 -6.86
N ARG X 98 -9.54 52.47 -5.83
CA ARG X 98 -10.50 51.38 -5.65
C ARG X 98 -9.88 50.01 -5.33
N PHE X 99 -8.65 49.71 -5.75
CA PHE X 99 -7.96 48.44 -5.48
C PHE X 99 -6.71 48.65 -4.62
N GLY X 100 -6.34 47.66 -3.82
CA GLY X 100 -5.13 47.70 -3.01
C GLY X 100 -4.53 46.33 -2.77
N ASN X 101 -3.21 46.29 -2.55
CA ASN X 101 -2.42 45.05 -2.57
C ASN X 101 -1.10 45.22 -1.84
N PHE X 102 -0.77 44.34 -0.88
CA PHE X 102 0.48 44.45 -0.10
C PHE X 102 0.81 43.17 0.67
N SER X 103 2.12 42.87 0.81
CA SER X 103 2.62 41.79 1.68
C SER X 103 3.57 42.32 2.74
N ALA X 104 3.39 41.90 4.00
CA ALA X 104 4.13 42.44 5.16
C ALA X 104 4.68 41.38 6.13
N PRO X 105 5.96 41.48 6.49
CA PRO X 105 6.53 40.53 7.47
C PRO X 105 6.65 41.04 8.90
N LEU X 106 6.77 40.11 9.86
CA LEU X 106 7.18 40.41 11.23
C LEU X 106 7.99 39.21 11.73
N ASP X 107 9.33 39.38 11.75
CA ASP X 107 10.32 38.31 11.94
C ASP X 107 10.07 37.16 10.96
N GLU X 108 9.70 35.97 11.45
CA GLU X 108 9.53 34.78 10.62
C GLU X 108 8.14 34.64 9.98
N ALA X 109 7.19 35.53 10.28
CA ALA X 109 5.86 35.48 9.68
C ALA X 109 5.76 36.37 8.44
N LEU X 110 4.86 36.01 7.51
CA LEU X 110 4.56 36.78 6.30
C LEU X 110 3.14 36.49 5.78
N VAL X 111 2.36 37.56 5.52
CA VAL X 111 0.95 37.51 5.11
C VAL X 111 0.72 38.43 3.89
N HIS X 112 -0.08 37.97 2.92
CA HIS X 112 -0.43 38.66 1.68
C HIS X 112 -1.90 39.07 1.70
N VAL X 113 -2.21 40.32 1.34
CA VAL X 113 -3.57 40.89 1.37
C VAL X 113 -3.90 41.57 0.05
N SER X 114 -5.09 41.28 -0.52
CA SER X 114 -5.64 42.13 -1.59
C SER X 114 -7.16 42.31 -1.46
N LEU X 115 -7.65 43.50 -1.85
CA LEU X 115 -9.04 43.91 -1.63
C LEU X 115 -9.55 44.80 -2.75
N ASP X 116 -10.88 44.96 -2.83
CA ASP X 116 -11.55 45.77 -3.84
C ASP X 116 -12.84 46.34 -3.26
N LEU X 117 -13.01 47.67 -3.36
CA LEU X 117 -14.15 48.36 -2.74
C LEU X 117 -15.33 48.36 -3.73
N SER X 118 -16.01 47.22 -3.77
CA SER X 118 -16.88 46.86 -4.89
C SER X 118 -18.37 47.07 -4.65
N GLY X 119 -18.85 46.98 -3.42
CA GLY X 119 -20.26 46.88 -3.14
C GLY X 119 -20.77 45.45 -3.00
N ARG X 120 -19.92 44.45 -3.17
CA ARG X 120 -20.28 43.03 -3.06
C ARG X 120 -19.44 42.39 -1.95
N PRO X 121 -20.06 41.93 -0.86
CA PRO X 121 -19.29 41.37 0.27
C PRO X 121 -18.82 39.94 0.03
N HIS X 122 -17.56 39.67 0.41
CA HIS X 122 -17.00 38.32 0.36
C HIS X 122 -15.71 38.27 1.18
N LEU X 123 -15.51 37.18 1.93
CA LEU X 123 -14.28 36.94 2.67
C LEU X 123 -13.64 35.61 2.28
N GLY X 124 -12.38 35.63 1.90
CA GLY X 124 -11.54 34.45 1.79
C GLY X 124 -10.45 34.44 2.85
N TYR X 125 -10.43 33.45 3.73
CA TYR X 125 -9.62 33.43 4.94
C TYR X 125 -8.80 32.16 4.99
N ASP X 126 -7.49 32.30 5.11
CA ASP X 126 -6.57 31.18 5.03
C ASP X 126 -5.36 31.43 5.95
N LEU X 127 -5.59 31.32 7.26
CA LEU X 127 -4.56 31.44 8.28
C LEU X 127 -4.50 30.17 9.11
N ASN X 128 -3.37 29.93 9.75
CA ASN X 128 -3.20 28.73 10.58
C ASN X 128 -2.56 29.13 11.92
N ILE X 129 -3.39 29.44 12.90
CA ILE X 129 -2.95 29.99 14.19
C ILE X 129 -2.78 28.84 15.17
N PRO X 130 -1.58 28.59 15.68
CA PRO X 130 -1.29 27.32 16.38
C PRO X 130 -1.62 27.22 17.87
N THR X 131 -2.08 28.27 18.56
CA THR X 131 -2.53 28.15 19.95
C THR X 131 -3.95 28.69 20.10
N GLN X 132 -4.56 28.42 21.25
CA GLN X 132 -5.97 28.77 21.46
C GLN X 132 -6.15 30.15 22.13
N ARG X 133 -5.17 30.64 22.87
CA ARG X 133 -5.23 31.92 23.57
C ARG X 133 -3.92 32.67 23.39
N VAL X 134 -3.98 33.99 23.24
CA VAL X 134 -2.74 34.76 23.15
C VAL X 134 -2.43 35.35 24.52
N GLY X 135 -3.29 36.19 25.05
CA GLY X 135 -3.22 36.52 26.46
C GLY X 135 -4.49 36.04 27.12
N LYS X 136 -5.45 36.94 27.31
CA LYS X 136 -6.82 36.53 27.59
C LYS X 136 -7.69 36.41 26.33
N TYR X 137 -7.21 36.80 25.15
CA TYR X 137 -8.00 36.88 23.92
C TYR X 137 -8.11 35.52 23.21
N ASP X 138 -9.33 35.15 22.84
CA ASP X 138 -9.65 33.90 22.15
C ASP X 138 -9.34 34.00 20.65
N THR X 139 -8.62 33.02 20.09
CA THR X 139 -8.10 33.15 18.72
C THR X 139 -9.10 32.86 17.60
N GLN X 140 -10.26 32.23 17.88
CA GLN X 140 -11.34 32.15 16.89
C GLN X 140 -11.99 33.50 16.60
N LEU X 141 -11.76 34.53 17.42
CA LEU X 141 -12.40 35.82 17.19
C LEU X 141 -11.70 36.66 16.12
N VAL X 142 -10.51 36.27 15.65
CA VAL X 142 -9.85 36.98 14.55
C VAL X 142 -10.66 36.84 13.27
N GLU X 143 -11.09 35.62 12.95
CA GLU X 143 -11.90 35.40 11.75
C GLU X 143 -13.29 36.04 11.87
N HIS X 144 -13.90 36.03 13.06
CA HIS X 144 -15.22 36.63 13.24
C HIS X 144 -15.15 38.17 13.08
N PHE X 145 -14.03 38.78 13.46
CA PHE X 145 -13.87 40.23 13.32
C PHE X 145 -13.92 40.66 11.85
N PHE X 146 -13.17 39.97 10.98
CA PHE X 146 -13.11 40.33 9.58
C PHE X 146 -14.40 40.01 8.82
N GLN X 147 -15.14 38.97 9.22
CA GLN X 147 -16.40 38.64 8.55
C GLN X 147 -17.50 39.67 8.83
N SER X 148 -17.58 40.18 10.07
CA SER X 148 -18.52 41.26 10.39
C SER X 148 -18.15 42.58 9.70
N LEU X 149 -16.86 42.87 9.53
CA LEU X 149 -16.44 44.11 8.87
C LEU X 149 -16.80 44.13 7.38
N VAL X 150 -16.63 43.01 6.67
CA VAL X 150 -16.97 43.04 5.25
C VAL X 150 -18.49 43.02 5.01
N ASN X 151 -19.31 42.55 5.96
CA ASN X 151 -20.75 42.50 5.72
C ASN X 151 -21.39 43.89 5.79
N THR X 152 -20.92 44.79 6.67
CA THR X 152 -21.50 46.12 6.71
C THR X 152 -20.86 47.08 5.73
N SER X 153 -19.59 46.91 5.37
CA SER X 153 -18.91 47.81 4.44
C SER X 153 -19.08 47.42 2.97
N GLY X 154 -19.42 46.18 2.67
CA GLY X 154 -19.52 45.74 1.28
C GLY X 154 -18.23 45.61 0.50
N MET X 155 -17.18 45.02 1.07
CA MET X 155 -15.92 44.88 0.35
C MET X 155 -15.59 43.41 0.07
N THR X 156 -14.83 43.19 -1.01
CA THR X 156 -14.21 41.91 -1.34
C THR X 156 -12.81 41.84 -0.69
N LEU X 157 -12.54 40.80 0.09
CA LEU X 157 -11.28 40.71 0.84
C LEU X 157 -10.69 39.30 0.80
N HIS X 158 -9.38 39.20 0.52
CA HIS X 158 -8.64 37.93 0.52
C HIS X 158 -7.40 38.05 1.40
N ILE X 159 -7.18 37.07 2.29
CA ILE X 159 -6.08 37.03 3.27
C ILE X 159 -5.40 35.66 3.20
N ARG X 160 -4.08 35.63 2.98
CA ARG X 160 -3.37 34.35 2.79
C ARG X 160 -1.98 34.32 3.43
N GLN X 161 -1.67 33.26 4.20
CA GLN X 161 -0.42 33.13 4.95
C GLN X 161 0.66 32.42 4.12
N PHE X 162 1.86 33.01 4.09
CA PHE X 162 3.03 32.45 3.41
C PHE X 162 4.00 31.70 4.33
N SER X 163 4.19 32.13 5.59
CA SER X 163 5.02 31.45 6.59
C SER X 163 4.68 32.00 7.99
N GLY X 164 5.21 31.37 9.02
CA GLY X 164 5.09 31.87 10.38
C GLY X 164 4.81 30.78 11.40
N THR X 165 5.26 31.03 12.65
CA THR X 165 5.21 30.09 13.77
C THR X 165 4.60 30.69 15.06
N ASN X 166 5.00 31.90 15.46
CA ASN X 166 4.50 32.53 16.70
C ASN X 166 3.12 33.17 16.47
N SER X 167 2.17 32.92 17.39
CA SER X 167 0.79 33.39 17.21
C SER X 167 0.65 34.91 17.30
N HIS X 168 1.38 35.56 18.21
CA HIS X 168 1.37 37.02 18.29
C HIS X 168 1.93 37.65 17.01
N HIS X 169 2.96 37.05 16.43
CA HIS X 169 3.55 37.60 15.20
C HIS X 169 2.59 37.49 14.00
N ILE X 170 1.85 36.37 13.89
CA ILE X 170 0.96 36.14 12.74
C ILE X 170 -0.21 37.12 12.71
N ILE X 171 -0.85 37.35 13.86
CA ILE X 171 -2.00 38.26 13.90
C ILE X 171 -1.57 39.71 13.67
N GLU X 172 -0.45 40.15 14.27
CA GLU X 172 -0.01 41.54 14.11
C GLU X 172 0.46 41.83 12.68
N ALA X 173 0.95 40.82 11.95
CA ALA X 173 1.34 41.03 10.55
C ALA X 173 0.14 41.13 9.62
N THR X 174 -0.97 40.45 9.95
CA THR X 174 -2.22 40.60 9.21
C THR X 174 -2.74 42.04 9.29
N PHE X 175 -2.78 42.61 10.51
CA PHE X 175 -3.28 43.97 10.69
C PHE X 175 -2.34 45.04 10.09
N LYS X 176 -1.05 44.76 9.93
CA LYS X 176 -0.15 45.67 9.25
C LYS X 176 -0.38 45.69 7.74
N ALA X 177 -0.46 44.50 7.11
CA ALA X 177 -0.69 44.41 5.67
C ALA X 177 -2.07 44.94 5.27
N PHE X 178 -3.12 44.66 6.07
CA PHE X 178 -4.45 45.21 5.83
C PHE X 178 -4.45 46.74 5.83
N ALA X 179 -3.69 47.36 6.74
CA ALA X 179 -3.64 48.83 6.84
C ALA X 179 -3.02 49.45 5.60
N ARG X 180 -1.95 48.87 5.07
CA ARG X 180 -1.29 49.44 3.91
C ARG X 180 -2.10 49.21 2.63
N ALA X 181 -2.84 48.11 2.53
CA ALA X 181 -3.67 47.89 1.34
C ALA X 181 -4.91 48.78 1.36
N LEU X 182 -5.47 49.08 2.54
CA LEU X 182 -6.63 49.97 2.59
C LEU X 182 -6.24 51.42 2.30
N ARG X 183 -5.03 51.83 2.70
CA ARG X 183 -4.57 53.19 2.40
C ARG X 183 -4.43 53.40 0.89
N GLN X 184 -3.98 52.37 0.17
CA GLN X 184 -3.84 52.46 -1.28
C GLN X 184 -5.19 52.62 -1.98
N ALA X 185 -6.21 51.89 -1.54
CA ALA X 185 -7.48 51.87 -2.25
C ALA X 185 -8.33 53.12 -2.02
N THR X 186 -8.12 53.88 -0.95
CA THR X 186 -8.91 55.07 -0.66
C THR X 186 -8.26 56.37 -1.12
N GLU X 187 -7.05 56.34 -1.66
CA GLU X 187 -6.42 57.56 -2.13
C GLU X 187 -6.88 57.96 -3.53
N TYR X 188 -6.79 59.26 -3.81
CA TYR X 188 -7.22 59.79 -5.11
C TYR X 188 -6.24 59.44 -6.21
N ASP X 189 -6.79 58.98 -7.32
CA ASP X 189 -6.02 58.63 -8.52
C ASP X 189 -5.86 59.86 -9.40
N THR X 190 -4.72 60.54 -9.27
CA THR X 190 -4.34 61.55 -10.25
C THR X 190 -4.01 60.83 -11.56
N ARG X 191 -4.70 61.22 -12.64
CA ARG X 191 -4.83 60.31 -13.78
C ARG X 191 -3.54 60.20 -14.58
N ARG X 192 -3.54 59.27 -15.52
CA ARG X 192 -2.39 59.06 -16.37
C ARG X 192 -2.24 60.18 -17.41
MN MN Y . 5.61 -34.96 27.62
MN MN Z . 13.32 -15.87 42.91
O4 IG2 AA . -21.24 -26.62 36.59
P6 IG2 AA . -22.65 -26.44 37.11
O6 IG2 AA . -22.92 -27.53 38.13
O5 IG2 AA . -22.83 -25.10 37.79
O3 IG2 AA . -23.69 -26.55 35.83
C1 IG2 AA . -23.24 -27.10 34.63
C2 IG2 AA . -24.40 -27.84 33.95
O2 IG2 AA . -23.99 -29.09 33.46
C3 IG2 AA . -25.07 -26.99 32.85
O1 IG2 AA . -25.64 -25.86 33.45
C4 IG2 AA . -24.22 -26.62 31.62
N1 IG2 AA . -24.45 -25.61 30.83
C6 IG2 AA . -23.56 -25.60 29.85
N3 IG2 AA . -22.74 -26.64 30.02
C5 IG2 AA . -23.14 -27.28 31.08
O4 IG2 BA . 9.45 -10.68 47.91
P6 IG2 BA . 9.63 -12.06 48.49
O6 IG2 BA . 10.02 -11.92 49.94
O5 IG2 BA . 8.34 -12.87 48.41
O3 IG2 BA . 10.81 -12.84 47.63
C1 IG2 BA . 11.66 -12.09 46.82
C2 IG2 BA . 13.04 -12.74 46.80
O2 IG2 BA . 14.07 -11.79 46.96
C3 IG2 BA . 13.26 -13.61 45.55
O1 IG2 BA . 12.35 -14.67 45.57
C4 IG2 BA . 13.28 -12.90 44.18
N1 IG2 BA . 13.04 -13.49 43.04
C6 IG2 BA . 13.18 -12.60 42.06
N3 IG2 BA . 13.53 -11.44 42.60
C5 IG2 BA . 13.62 -11.61 43.88
MN MN CA . 44.58 5.10 -1.80
MN MN DA . 37.71 28.41 6.40
O4 IG2 EA . 36.19 31.62 13.77
P6 IG2 EA . 37.65 31.46 13.47
O6 IG2 EA . 38.38 32.70 13.96
O5 IG2 EA . 38.25 30.25 14.17
O3 IG2 EA . 37.84 31.29 11.84
C1 IG2 EA . 36.78 31.63 10.99
C2 IG2 EA . 37.34 32.17 9.67
O2 IG2 EA . 36.67 33.33 9.27
C3 IG2 EA . 37.36 31.10 8.57
O1 IG2 EA . 38.22 30.07 8.95
C4 IG2 EA . 35.99 30.56 8.08
N1 IG2 EA . 35.82 29.41 7.49
C6 IG2 EA . 34.54 29.28 7.17
N3 IG2 EA . 33.89 30.37 7.56
C5 IG2 EA . 34.76 31.17 8.09
O4 IG2 FA . 42.17 -1.84 26.78
P6 IG2 FA . 42.28 -2.29 28.22
O6 IG2 FA . 43.74 -2.30 28.60
O5 IG2 FA . 41.55 -1.34 29.16
O3 IG2 FA . 41.62 -3.80 28.35
C1 IG2 FA . 41.40 -4.55 27.18
C2 IG2 FA . 41.60 -6.03 27.50
O2 IG2 FA . 42.36 -6.67 26.51
C3 IG2 FA . 40.26 -6.75 27.74
O1 IG2 FA . 39.65 -6.21 28.87
C4 IG2 FA . 39.28 -6.85 26.55
N1 IG2 FA . 37.99 -7.04 26.67
C6 IG2 FA . 37.45 -7.11 25.46
N3 IG2 FA . 38.42 -6.98 24.56
C5 IG2 FA . 39.54 -6.84 25.21
MN MN GA . -4.17 28.61 -34.37
MN MN HA . -18.87 40.35 -16.93
O4 IG2 IA . -17.37 45.60 -10.84
P6 IG2 IA . -17.38 46.24 -12.21
O6 IG2 IA . -18.10 47.57 -12.11
O5 IG2 IA . -15.97 46.50 -12.71
O3 IG2 IA . -18.15 45.23 -13.26
C1 IG2 IA . -18.94 44.19 -12.74
C2 IG2 IA . -20.12 43.94 -13.69
O2 IG2 IA . -21.32 43.80 -12.98
C3 IG2 IA . -19.87 42.75 -14.63
O1 IG2 IA . -18.78 43.05 -15.45
C4 IG2 IA . -19.73 41.35 -13.99
N1 IG2 IA . -19.12 40.34 -14.54
C6 IG2 IA . -19.23 39.28 -13.74
N3 IG2 IA . -19.92 39.64 -12.66
C5 IG2 IA . -20.25 40.89 -12.80
O4 IG2 JA . 17.70 42.26 -19.99
P6 IG2 JA . 18.88 43.04 -19.49
O6 IG2 JA . 19.15 44.18 -20.45
O5 IG2 JA . 18.63 43.64 -18.11
O3 IG2 JA . 20.19 42.03 -19.41
C1 IG2 JA . 20.14 40.81 -20.09
C2 IG2 JA . 21.54 40.44 -20.57
O2 IG2 JA . 21.52 39.99 -21.90
C3 IG2 JA . 22.24 39.45 -19.64
O1 IG2 JA . 22.42 40.05 -18.39
C4 IG2 JA . 21.63 38.03 -19.51
N1 IG2 JA . 21.82 37.23 -18.49
C6 IG2 JA . 21.18 36.09 -18.72
N3 IG2 JA . 20.58 36.17 -19.91
C5 IG2 JA . 20.86 37.34 -20.40
MN MN KA . -26.55 -36.22 -0.46
MN MN LA . -43.78 -17.94 -5.64
O4 IG2 MA . -46.26 -14.24 -12.51
P6 IG2 MA . -46.83 -15.62 -12.32
O6 IG2 MA . -48.29 -15.59 -12.72
O5 IG2 MA . -46.13 -16.65 -13.19
O3 IG2 MA . -46.67 -16.05 -10.73
C1 IG2 MA . -46.39 -15.05 -9.79
C2 IG2 MA . -47.05 -15.41 -8.46
O2 IG2 MA . -47.70 -14.31 -7.89
C3 IG2 MA . -46.07 -16.07 -7.48
O1 IG2 MA . -45.63 -17.28 -8.02
C4 IG2 MA . -44.89 -15.21 -6.96
N1 IG2 MA . -43.77 -15.70 -6.49
C6 IG2 MA . -43.00 -14.69 -6.11
N3 IG2 MA . -43.64 -13.55 -6.33
C5 IG2 MA . -44.80 -13.85 -6.84
O4 IG2 NA . -21.14 -34.44 -29.42
P6 IG2 NA . -20.90 -34.60 -30.90
O6 IG2 NA . -21.64 -35.84 -31.37
O5 IG2 NA . -21.41 -33.41 -31.69
O3 IG2 NA . -19.28 -34.77 -31.15
C1 IG2 NA . -18.45 -35.07 -30.06
C2 IG2 NA . -17.28 -35.93 -30.54
O2 IG2 NA . -17.05 -37.01 -29.68
C3 IG2 NA . -16.01 -35.11 -30.78
O1 IG2 NA . -16.24 -34.19 -31.81
C4 IG2 NA . -15.35 -34.43 -29.55
N1 IG2 NA . -14.56 -33.40 -29.61
C6 IG2 NA . -14.15 -33.10 -28.38
N3 IG2 NA . -14.69 -33.98 -27.54
C5 IG2 NA . -15.41 -34.80 -28.23
MN MN OA . -20.48 13.94 37.46
MN MN PA . -24.39 34.29 22.35
O4 IG2 QA . -44.10 3.30 23.30
P6 IG2 QA . -45.40 2.72 22.81
O6 IG2 QA . -46.46 2.94 23.87
O5 IG2 QA . -45.87 3.38 21.53
O3 IG2 QA . -45.18 1.10 22.54
C1 IG2 QA . -44.05 0.47 23.09
C2 IG2 QA . -44.41 -0.97 23.44
O2 IG2 QA . -43.93 -1.33 24.71
C3 IG2 QA . -43.96 -1.97 22.36
O1 IG2 QA . -44.65 -1.69 21.17
C4 IG2 QA . -42.44 -2.12 22.12
N1 IG2 QA . -41.91 -2.56 21.01
C6 IG2 QA . -40.59 -2.60 21.15
N3 IG2 QA . -40.29 -2.17 22.38
C5 IG2 QA . -41.40 -1.90 22.98
O4 IG2 RA . -30.06 36.24 16.79
P6 IG2 RA . -30.52 36.41 18.21
O6 IG2 RA . -31.31 37.70 18.31
O5 IG2 RA . -31.42 35.27 18.65
O3 IG2 RA . -29.19 36.47 19.19
C1 IG2 RA . -27.93 36.70 18.62
C2 IG2 RA . -27.07 37.49 19.60
O2 IG2 RA . -26.39 38.54 18.96
C3 IG2 RA . -26.11 36.59 20.39
O1 IG2 RA . -26.86 35.71 21.18
C4 IG2 RA . -25.01 35.85 19.60
N1 IG2 RA . -24.40 34.77 20.00
C6 IG2 RA . -23.49 34.43 19.10
N3 IG2 RA . -23.51 35.32 18.11
C5 IG2 RA . -24.42 36.20 18.41
O4 IG2 SA . 0.00 27.37 -41.83
P6 IG2 SA . -1.01 27.27 -42.94
O6 IG2 SA . -0.71 28.36 -43.96
O5 IG2 SA . -0.94 25.93 -43.65
O3 IG2 SA . -2.52 27.48 -42.30
C1 IG2 SA . -2.64 28.01 -41.01
C2 IG2 SA . -3.93 28.83 -40.94
O2 IG2 SA . -3.71 30.07 -40.30
C3 IG2 SA . -5.08 28.05 -40.29
O1 IG2 SA . -5.39 26.95 -41.10
C4 IG2 SA . -4.93 27.65 -38.81
N1 IG2 SA . -5.57 26.66 -38.24
C6 IG2 SA . -5.23 26.62 -36.96
N3 IG2 SA . -4.37 27.60 -36.71
C5 IG2 SA . -4.19 28.24 -37.82
MN MN TA . -22.55 5.08 -38.51
MN MN UA . -7.62 25.92 -39.25
O4 IG2 VA . 1.50 -8.23 -49.28
P6 IG2 VA . 2.57 -8.99 -50.01
O6 IG2 VA . 2.17 -9.10 -51.47
O5 IG2 VA . 3.91 -8.29 -49.95
O3 IG2 VA . 2.71 -10.49 -49.33
C1 IG2 VA . 1.68 -10.95 -48.49
C2 IG2 VA . 1.56 -12.46 -48.63
O2 IG2 VA . 0.22 -12.86 -48.75
C3 IG2 VA . 2.28 -13.22 -47.50
O1 IG2 VA . 3.65 -12.94 -47.58
C4 IG2 VA . 1.75 -13.03 -46.06
N1 IG2 VA . 2.45 -13.23 -44.98
C6 IG2 VA . 1.67 -13.02 -43.92
N3 IG2 VA . 0.45 -12.70 -44.35
C5 IG2 VA . 0.48 -12.72 -45.65
MN MN WA . 13.75 -40.41 -13.95
MN MN XA . 26.65 -25.39 -30.26
O4 IG2 YA . 36.26 -34.17 4.10
P6 IG2 YA . 37.42 -34.10 5.06
O6 IG2 YA . 38.21 -35.39 4.94
O5 IG2 YA . 38.35 -32.95 4.72
O3 IG2 YA . 36.84 -33.91 6.59
C1 IG2 YA . 35.49 -34.17 6.84
C2 IG2 YA . 35.34 -34.73 8.26
O2 IG2 YA . 34.48 -35.84 8.29
C3 IG2 YA . 34.91 -33.65 9.26
O1 IG2 YA . 35.91 -32.68 9.34
C4 IG2 YA . 33.51 -33.01 9.07
N1 IG2 YA . 33.16 -31.84 9.53
C6 IG2 YA . 31.89 -31.62 9.22
N3 IG2 YA . 31.43 -32.67 8.56
C5 IG2 YA . 32.39 -33.53 8.48
O4 IG2 ZA . 33.81 -21.46 -29.91
P6 IG2 ZA . 33.94 -22.94 -30.18
O6 IG2 ZA . 35.01 -23.14 -31.23
O5 IG2 ZA . 34.36 -23.70 -28.93
O3 IG2 ZA . 32.49 -23.51 -30.70
C1 IG2 ZA . 31.52 -22.59 -31.14
C2 IG2 ZA . 30.69 -23.24 -32.26
O2 IG2 ZA . 30.51 -22.36 -33.33
C3 IG2 ZA . 29.36 -23.80 -31.75
O1 IG2 ZA . 29.62 -24.83 -30.83
C4 IG2 ZA . 28.33 -22.79 -31.19
N1 IG2 ZA . 27.37 -23.10 -30.36
C6 IG2 ZA . 26.65 -22.01 -30.12
N3 IG2 ZA . 27.15 -21.00 -30.82
C5 IG2 ZA . 28.16 -21.47 -31.49
MN MN AB . -43.14 -11.46 -4.94
MN MN BB . -43.26 -3.93 19.58
O4 IG2 CB . -45.71 17.48 -10.18
P6 IG2 CB . -46.04 18.89 -10.60
O6 IG2 CB . -47.52 18.96 -10.92
O5 IG2 CB . -45.76 19.88 -9.48
O3 IG2 CB . -45.13 19.27 -11.92
C1 IG2 CB . -44.51 18.25 -12.64
C2 IG2 CB . -44.45 18.63 -14.12
O2 IG2 CB . -44.83 17.56 -14.94
C3 IG2 CB . -43.09 19.21 -14.52
O1 IG2 CB . -42.87 20.40 -13.81
C4 IG2 CB . -41.86 18.26 -14.44
N1 IG2 CB . -40.62 18.66 -14.33
C6 IG2 CB . -39.83 17.60 -14.33
N3 IG2 CB . -40.58 16.51 -14.45
C5 IG2 CB . -41.82 16.90 -14.54
O4 IG2 DB . 49.80 -1.40 -4.09
P6 IG2 DB . 50.60 -0.98 -5.30
O6 IG2 DB . 52.07 -1.07 -4.96
O5 IG2 DB . 50.33 -1.89 -6.49
O3 IG2 DB . 50.18 0.57 -5.70
C1 IG2 DB . 49.49 1.35 -4.76
C2 IG2 DB . 49.90 2.81 -4.92
O2 IG2 DB . 50.17 3.41 -3.68
C3 IG2 DB . 48.89 3.62 -5.74
O1 IG2 DB . 48.84 3.09 -7.04
C4 IG2 DB . 47.47 3.80 -5.15
N1 IG2 DB . 46.40 4.07 -5.85
C6 IG2 DB . 45.37 4.20 -5.02
N3 IG2 DB . 45.80 4.02 -3.78
C5 IG2 DB . 47.08 3.80 -3.84
MN MN EB . 32.94 8.04 -29.45
MN MN FB . 46.70 5.08 -8.01
O4 IG2 GB . 3.54 -43.01 25.23
P6 IG2 GB . 4.77 -43.87 25.32
O6 IG2 GB . 4.48 -45.01 26.28
O5 IG2 GB . 5.14 -44.47 23.98
O3 IG2 GB . 6.02 -42.95 25.87
C1 IG2 GB . 5.75 -41.72 26.47
C2 IG2 GB . 6.78 -41.44 27.56
O2 IG2 GB . 6.18 -40.96 28.73
C3 IG2 GB . 7.91 -40.51 27.07
O1 IG2 GB . 8.60 -41.14 26.04
C4 IG2 GB . 7.52 -39.06 26.70
N1 IG2 GB . 8.21 -38.29 25.90
C6 IG2 GB . 7.61 -37.11 25.82
N3 IG2 GB . 6.53 -37.13 26.60
C5 IG2 GB . 6.47 -38.30 27.15
O4 IG2 HB . 11.17 -47.68 -10.05
P6 IG2 HB . 10.47 -48.55 -11.06
O6 IG2 HB . 11.20 -49.87 -11.13
O5 IG2 HB . 9.03 -48.82 -10.67
O3 IG2 HB . 10.50 -47.79 -12.52
C1 IG2 HB . 11.39 -46.72 -12.72
C2 IG2 HB . 11.85 -46.70 -14.17
O2 IG2 HB . 13.24 -46.51 -14.27
C3 IG2 HB . 11.07 -45.69 -15.03
O1 IG2 HB . 9.73 -46.08 -15.06
C4 IG2 HB . 11.23 -44.20 -14.68
N1 IG2 HB . 10.36 -43.27 -14.99
C6 IG2 HB . 10.82 -42.10 -14.58
N3 IG2 HB . 12.01 -42.28 -14.01
C5 IG2 HB . 12.27 -43.55 -14.08
MN MN IB . 28.93 -33.25 8.60
MN MN JB . 10.54 -38.78 25.60
MN MN KB . 8.34 39.63 19.40
MN MN LB . 11.16 24.06 39.59
O4 IG2 MB . 17.38 19.66 42.55
P6 IG2 MB . 17.47 21.13 42.86
O6 IG2 MB . 17.94 21.28 44.29
O5 IG2 MB . 18.47 21.84 41.96
O3 IG2 MB . 15.98 21.80 42.66
C1 IG2 MB . 14.86 20.96 42.59
C2 IG2 MB . 13.66 21.68 43.20
O2 IG2 MB . 12.94 20.83 44.05
C3 IG2 MB . 12.75 22.32 42.14
O1 IG2 MB . 13.48 23.31 41.47
C4 IG2 MB . 12.03 21.38 41.15
N1 IG2 MB . 11.59 21.73 39.97
C6 IG2 MB . 10.99 20.69 39.41
N3 IG2 MB . 11.05 19.66 40.25
C5 IG2 MB . 11.66 20.07 41.31
O4 IG2 NB . -21.03 8.91 44.47
P6 IG2 NB . -20.37 9.62 45.62
O6 IG2 NB . -21.39 9.78 46.73
O5 IG2 NB . -19.20 8.82 46.18
O3 IG2 NB . -19.83 11.09 45.10
C1 IG2 NB . -20.32 11.60 43.89
C2 IG2 NB . -20.39 13.13 43.98
O2 IG2 NB . -21.60 13.61 43.47
C3 IG2 NB . -19.18 13.81 43.33
O1 IG2 NB . -18.02 13.45 44.04
C4 IG2 NB . -19.00 13.64 41.81
N1 IG2 NB . -17.86 13.77 41.18
C6 IG2 NB . -18.07 13.60 39.88
N3 IG2 NB . -19.36 13.36 39.69
C5 IG2 NB . -19.95 13.40 40.85
MN MN OB . 9.28 17.81 40.17
MN MN PB . -16.13 15.07 42.22
O4 IG2 QB . 31.31 9.24 -37.85
P6 IG2 QB . 31.83 10.60 -38.26
O6 IG2 QB . 32.84 10.42 -39.37
O5 IG2 QB . 30.71 11.49 -38.78
O3 IG2 QB . 32.53 11.31 -36.94
C1 IG2 QB . 32.85 10.52 -35.83
C2 IG2 QB . 34.11 11.08 -35.17
O2 IG2 QB . 35.02 10.07 -34.85
C3 IG2 QB . 33.78 11.96 -33.95
O1 IG2 QB . 33.05 13.07 -34.37
C4 IG2 QB . 33.11 11.27 -32.73
N1 IG2 QB . 32.40 11.89 -31.83
C6 IG2 QB . 32.01 11.01 -30.91
N3 IG2 QB . 32.50 9.82 -31.24
C5 IG2 QB . 33.18 9.96 -32.33
MN MN RB . 25.68 -19.04 -31.54
MN MN SB . 4.37 -14.66 -45.13
O4 IG2 TB . 8.35 46.99 14.87
P6 IG2 TB . 7.33 47.92 15.45
O6 IG2 TB . 8.02 49.20 15.87
O5 IG2 TB . 6.25 48.28 14.44
O3 IG2 TB . 6.62 47.18 16.75
C1 IG2 TB . 7.25 46.06 17.31
C2 IG2 TB . 6.98 46.04 18.82
O2 IG2 TB . 8.14 45.76 19.54
C3 IG2 TB . 5.82 45.10 19.19
O1 IG2 TB . 4.64 45.57 18.61
C4 IG2 TB . 6.02 43.59 18.94
N1 IG2 TB . 5.05 42.73 18.79
C6 IG2 TB . 5.57 41.52 18.62
N3 IG2 TB . 6.90 41.62 18.67
C5 IG2 TB . 7.18 42.87 18.88
MN MN UB . 31.75 31.12 6.37
MN MN VB . 23.77 37.58 -17.13
MN MN WB . -38.13 -2.94 23.54
MN MN XB . -26.68 -24.72 30.78
O4 IG2 YB . -28.34 -0.75 -41.17
P6 IG2 YB . -29.67 -0.08 -41.33
O6 IG2 YB . -30.13 -0.25 -42.77
O5 IG2 YB . -30.73 -0.69 -40.43
O3 IG2 YB . -29.50 1.52 -40.97
C1 IG2 YB . -28.21 2.07 -40.91
C2 IG2 YB . -28.26 3.53 -41.37
O2 IG2 YB . -27.22 3.83 -42.26
C3 IG2 YB . -28.30 4.51 -40.19
O1 IG2 YB . -29.48 4.30 -39.46
C4 IG2 YB . -27.06 4.56 -39.26
N1 IG2 YB . -27.08 4.99 -38.03
C6 IG2 YB . -25.84 4.93 -37.54
N3 IG2 YB . -25.03 4.47 -38.49
C5 IG2 YB . -25.76 4.26 -39.55
MN MN ZB . -1.61 -13.16 -42.91
MN MN AC . -13.42 -32.96 -31.68
MN MN BC . -21.26 37.90 -11.34
MN MN CC . -40.09 20.89 -15.05
MN MN DC . 38.19 -8.01 22.23
MN MN EC . 34.40 -30.94 11.39
O4 IG2 FC . -23.40 -44.17 0.78
P6 IG2 FC . -24.08 -44.78 1.98
O6 IG2 FC . -24.76 -46.06 1.54
O5 IG2 FC . -23.09 -45.13 3.08
O3 IG2 FC . -25.18 -43.70 2.56
C1 IG2 FC . -25.57 -42.62 1.76
C2 IG2 FC . -27.03 -42.28 2.05
O2 IG2 FC . -27.76 -42.08 0.87
C3 IG2 FC . -27.17 -41.10 3.02
O1 IG2 FC . -26.61 -41.45 4.25
C4 IG2 FC . -26.66 -39.72 2.54
N1 IG2 FC . -26.31 -38.74 3.33
C6 IG2 FC . -25.96 -37.69 2.59
N3 IG2 FC . -26.10 -38.02 1.31
C5 IG2 FC . -26.54 -39.24 1.26
MN MN GC . -21.54 -27.70 28.02
MN MN HC . -27.20 -38.73 5.56
MN MN IC . -39.63 14.37 -15.48
MN MN JC . -28.85 6.47 -37.37
MN MN KC . 20.10 34.06 -21.27
MN MN LC . 32.75 14.25 -31.54
MN MN MC . 14.87 -9.72 41.24
MN MN NC . 37.18 -8.03 28.70
MN MN OC . -13.54 -34.53 -25.32
MN MN PC . 8.86 -43.70 -16.81
MN MN QC . -21.43 35.76 16.69
MN MN RC . 2.90 43.28 19.71
#